data_8H2N
#
_entry.id   8H2N
#
_cell.length_a   118.158
_cell.length_b   128.910
_cell.length_c   136.758
_cell.angle_alpha   90.000
_cell.angle_beta   96.840
_cell.angle_gamma   90.000
#
_symmetry.space_group_name_H-M   'P 1 21 1'
#
loop_
_entity.id
_entity.type
_entity.pdbx_description
1 polymer 'Tape tail measure protein'
2 non-polymer 'MAGNESIUM ION'
#
_entity_poly.entity_id   1
_entity_poly.type   'polypeptide(L)'
_entity_poly.pdbx_seq_one_letter_code
;(MSE)AHHHHHHSAALEVLFQGPGRNNNKPFAQQTGRFHTIELQEEGSPDEFQELLRLQASTQGHVDETTLARLVVQKRA
TKAILKKLLETADRPEEQAVWRAAIERLVIGNTAYDLKDDESFAKLIELAKKHPLEKVVKNVREVQFSEKVTLSDKYAFV
PASNQGRIFLSHLRRENIYRTPTQRPLSLKVAEEGEGVRLKE(MSE)EEKALGDGALGILRPQSLGLPEDYTGVVQVRGE
LADPEGNVYAGLKGTVIVDPRAKEDFLNLNDLYRGDTVVDGKKYTKEEVDALIREKLKTGALQLNLGIHRVSTVEEAKVG
KQVFLRH(MSE)GGVPFNRGRISPSEAAKWAAQAKELKFLP(MSE)IAGRE(MSE)GLSHYQQIATLAKTFGVEVDEGQY
S(MSE)AASHTAYKELDPEIYRLLEEGVELDAEGRPIVPIVIGKE(MSE)AAKLGLKEGDIAFTFRNPV(MSE)GHGGAL
LQARVAAIRDRLNAVVVNQEYAKSTGVDFDGDTLVVLPKGLPVDPHRLEVFQTL(MSE)AHAGLAGGRKGGGSVEPSPGE
LRFKEQLEVYDKVLARLSKSRLAAELRNAGVEDLSNPFEVVRQLESLGEEELLKAFKGYLRKGFAKELGLDLKSEEDRAR
LNQYLFEGFLDYRKQFQDPRRVYKKLPL(MSE)PSAALAASLLQVEAHKKEYDPSDPVALAAGQLTTSFLGLSEKLAQDL
ETSIDFPKLAEAIRAYNQAYSSGNEEQVAKARAELVKVLNDPTVQKFSLSNLLYQIITDRKKRDYSLRVRTESGKTYEYR
NLYAVLNRL(MSE)QNLPVEEVADTVYDASGQAVEERVPLKQSATRSLVKGLLDLASGKVKEDPD
;
_entity_poly.pdbx_strand_id   A,B,C,D
#
loop_
_chem_comp.id
_chem_comp.type
_chem_comp.name
_chem_comp.formula
MG non-polymer 'MAGNESIUM ION' 'Mg 2'
#
# COMPACT_ATOMS: atom_id res chain seq x y z
N ASN A 24 -11.52 -17.30 6.27
CA ASN A 24 -11.17 -15.90 6.13
C ASN A 24 -11.86 -15.06 7.21
N LYS A 25 -13.13 -15.35 7.45
CA LYS A 25 -13.97 -14.60 8.39
C LYS A 25 -14.93 -15.57 9.05
N PRO A 26 -15.49 -15.21 10.20
CA PRO A 26 -16.31 -16.17 10.96
C PRO A 26 -17.58 -16.58 10.22
N PHE A 27 -18.00 -17.82 10.48
CA PHE A 27 -19.18 -18.40 9.83
C PHE A 27 -20.48 -17.78 10.31
N ALA A 28 -20.47 -17.02 11.42
CA ALA A 28 -21.66 -16.29 11.81
C ALA A 28 -21.96 -15.16 10.84
N GLN A 29 -20.93 -14.62 10.19
CA GLN A 29 -21.06 -13.49 9.27
C GLN A 29 -21.12 -13.92 7.80
N GLN A 30 -20.42 -14.99 7.44
CA GLN A 30 -20.38 -15.42 6.04
C GLN A 30 -21.70 -16.02 5.58
N THR A 31 -22.58 -16.42 6.51
CA THR A 31 -23.91 -16.94 6.16
C THR A 31 -25.05 -16.02 6.54
N GLY A 32 -24.83 -15.07 7.45
CA GLY A 32 -25.83 -14.10 7.83
C GLY A 32 -26.76 -14.54 8.95
N ARG A 33 -26.57 -15.73 9.51
CA ARG A 33 -27.45 -16.22 10.56
C ARG A 33 -27.42 -15.29 11.77
N PHE A 34 -26.22 -14.98 12.25
CA PHE A 34 -26.05 -14.22 13.49
C PHE A 34 -25.29 -12.93 13.23
N HIS A 35 -25.73 -11.86 13.88
CA HIS A 35 -24.92 -10.66 13.99
C HIS A 35 -23.93 -10.83 15.13
N THR A 36 -22.75 -10.24 14.99
CA THR A 36 -21.65 -10.48 15.90
C THR A 36 -21.10 -9.18 16.45
N ILE A 37 -20.88 -9.12 17.76
CA ILE A 37 -20.22 -8.00 18.41
C ILE A 37 -19.12 -8.56 19.30
N GLU A 38 -18.07 -7.78 19.51
CA GLU A 38 -16.92 -8.22 20.30
C GLU A 38 -17.15 -8.00 21.78
N LEU A 39 -16.66 -8.94 22.59
CA LEU A 39 -16.81 -8.82 24.03
C LEU A 39 -15.64 -8.10 24.69
N GLN A 40 -14.41 -8.37 24.23
CA GLN A 40 -13.23 -7.64 24.69
C GLN A 40 -12.81 -6.70 23.58
N GLU A 41 -12.72 -5.40 23.90
CA GLU A 41 -12.47 -4.37 22.92
C GLU A 41 -10.99 -4.37 22.48
N GLU A 42 -10.57 -3.30 21.82
CA GLU A 42 -9.33 -3.27 21.06
C GLU A 42 -8.12 -3.28 21.99
N GLY A 43 -7.47 -4.44 22.11
CA GLY A 43 -6.28 -4.61 22.92
C GLY A 43 -6.42 -4.25 24.39
N SER A 44 -7.61 -3.84 24.85
CA SER A 44 -7.89 -3.43 26.23
C SER A 44 -7.41 -4.44 27.26
N PRO A 45 -7.13 -4.03 28.49
CA PRO A 45 -6.62 -4.98 29.49
C PRO A 45 -7.63 -6.08 29.80
N ASP A 46 -7.10 -7.27 30.08
CA ASP A 46 -7.92 -8.41 30.49
C ASP A 46 -8.25 -8.23 31.96
N GLU A 47 -9.48 -7.76 32.24
CA GLU A 47 -9.88 -7.53 33.62
C GLU A 47 -10.09 -8.83 34.40
N PHE A 48 -10.10 -9.98 33.74
CA PHE A 48 -10.25 -11.24 34.46
C PHE A 48 -8.92 -11.74 35.01
N GLN A 49 -7.82 -11.47 34.30
CA GLN A 49 -6.51 -11.88 34.80
C GLN A 49 -6.12 -11.10 36.05
N GLU A 50 -6.64 -9.89 36.22
CA GLU A 50 -6.32 -9.09 37.40
C GLU A 50 -7.11 -9.54 38.62
N LEU A 51 -8.37 -9.92 38.44
CA LEU A 51 -9.13 -10.49 39.55
C LEU A 51 -8.55 -11.82 40.01
N LEU A 52 -7.74 -12.46 39.16
CA LEU A 52 -7.21 -13.78 39.45
C LEU A 52 -6.12 -13.79 40.52
N ARG A 53 -5.64 -12.62 40.95
CA ARG A 53 -4.72 -12.58 42.09
C ARG A 53 -5.43 -12.32 43.42
N LEU A 54 -6.74 -12.06 43.39
CA LEU A 54 -7.54 -12.22 44.60
C LEU A 54 -7.48 -13.65 45.10
N GLN A 55 -7.49 -14.61 44.17
CA GLN A 55 -7.27 -16.00 44.52
C GLN A 55 -5.83 -16.25 44.96
N ALA A 56 -4.88 -15.53 44.37
CA ALA A 56 -3.48 -15.70 44.77
C ALA A 56 -3.24 -15.11 46.16
N SER A 57 -3.88 -13.98 46.48
CA SER A 57 -3.74 -13.41 47.82
C SER A 57 -4.45 -14.26 48.86
N THR A 58 -5.80 -14.44 48.71
CA THR A 58 -6.67 -15.22 49.61
C THR A 58 -6.25 -16.75 49.69
N GLN A 59 -5.18 -17.20 49.07
CA GLN A 59 -4.70 -18.58 49.14
C GLN A 59 -5.74 -19.59 48.64
N GLY A 60 -6.70 -19.10 47.83
CA GLY A 60 -7.68 -19.94 47.18
C GLY A 60 -9.02 -20.04 47.89
N HIS A 61 -9.52 -18.93 48.42
CA HIS A 61 -10.83 -18.91 49.07
C HIS A 61 -11.72 -17.83 48.48
N VAL A 62 -11.63 -17.65 47.16
CA VAL A 62 -12.67 -17.02 46.36
C VAL A 62 -12.97 -17.96 45.20
N ASP A 63 -14.09 -17.70 44.52
CA ASP A 63 -14.57 -18.57 43.46
C ASP A 63 -14.17 -18.01 42.10
N GLU A 64 -13.49 -18.84 41.30
CA GLU A 64 -13.03 -18.42 39.98
C GLU A 64 -14.21 -18.18 39.03
N THR A 65 -15.15 -19.13 38.99
CA THR A 65 -16.28 -19.03 38.06
C THR A 65 -17.19 -17.86 38.41
N THR A 66 -17.27 -17.45 39.68
CA THR A 66 -18.04 -16.26 40.03
C THR A 66 -17.37 -14.99 39.50
N LEU A 67 -16.03 -14.92 39.62
CA LEU A 67 -15.29 -13.78 39.06
C LEU A 67 -15.48 -13.69 37.55
N ALA A 68 -15.51 -14.84 36.87
CA ALA A 68 -15.71 -14.85 35.43
C ALA A 68 -17.09 -14.29 35.07
N ARG A 69 -18.10 -14.61 35.88
CA ARG A 69 -19.46 -14.12 35.61
C ARG A 69 -19.51 -12.61 35.64
N LEU A 70 -18.91 -12.00 36.66
CA LEU A 70 -18.89 -10.54 36.77
C LEU A 70 -18.20 -9.91 35.57
N VAL A 71 -17.17 -10.58 35.03
CA VAL A 71 -16.49 -10.06 33.86
C VAL A 71 -17.37 -10.24 32.62
N VAL A 72 -17.97 -11.41 32.46
CA VAL A 72 -18.82 -11.68 31.30
C VAL A 72 -20.03 -10.76 31.31
N GLN A 73 -20.59 -10.50 32.50
CA GLN A 73 -21.75 -9.64 32.58
C GLN A 73 -21.42 -8.17 32.34
N LYS A 74 -20.17 -7.76 32.54
CA LYS A 74 -19.79 -6.38 32.29
C LYS A 74 -19.41 -6.16 30.83
N ARG A 75 -18.56 -7.03 30.28
CA ARG A 75 -18.19 -6.92 28.87
C ARG A 75 -19.41 -7.01 27.97
N ALA A 76 -20.32 -7.95 28.24
CA ALA A 76 -21.50 -8.11 27.40
C ALA A 76 -22.46 -6.95 27.56
N THR A 77 -22.69 -6.49 28.79
CA THR A 77 -23.55 -5.32 28.99
C THR A 77 -22.96 -4.07 28.34
N LYS A 78 -21.63 -3.98 28.27
CA LYS A 78 -21.02 -2.81 27.63
C LYS A 78 -21.04 -2.92 26.10
N ALA A 79 -21.00 -4.14 25.57
CA ALA A 79 -20.97 -4.35 24.13
C ALA A 79 -22.35 -4.27 23.50
N ILE A 80 -23.34 -4.92 24.10
CA ILE A 80 -24.71 -4.85 23.60
C ILE A 80 -25.21 -3.40 23.61
N LEU A 81 -24.80 -2.64 24.62
CA LEU A 81 -25.19 -1.24 24.71
C LEU A 81 -24.51 -0.39 23.65
N LYS A 82 -23.19 -0.56 23.49
CA LYS A 82 -22.47 0.25 22.51
C LYS A 82 -23.02 0.06 21.10
N LYS A 83 -23.60 -1.12 20.83
CA LYS A 83 -24.28 -1.32 19.55
C LYS A 83 -25.64 -0.64 19.53
N LEU A 84 -26.40 -0.71 20.63
CA LEU A 84 -27.75 -0.16 20.68
C LEU A 84 -27.81 1.35 20.46
N LEU A 85 -26.68 2.05 20.51
CA LEU A 85 -26.60 3.46 20.16
C LEU A 85 -26.01 3.72 18.79
N GLU A 86 -24.93 3.03 18.43
CA GLU A 86 -24.44 3.08 17.06
C GLU A 86 -25.49 2.56 16.08
N THR A 87 -26.50 1.86 16.57
CA THR A 87 -27.60 1.36 15.74
C THR A 87 -28.87 2.16 15.95
N ALA A 88 -28.81 3.31 16.62
CA ALA A 88 -29.94 4.23 16.58
C ALA A 88 -30.16 4.77 15.17
N ASP A 89 -29.16 4.68 14.31
CA ASP A 89 -29.25 5.11 12.92
C ASP A 89 -29.60 3.96 11.98
N ARG A 90 -29.30 2.72 12.36
CA ARG A 90 -29.77 1.55 11.64
C ARG A 90 -30.91 0.94 12.46
N PRO A 91 -32.08 1.57 12.49
CA PRO A 91 -33.03 1.27 13.58
C PRO A 91 -33.62 -0.12 13.52
N GLU A 92 -33.99 -0.61 12.33
CA GLU A 92 -34.57 -1.94 12.22
C GLU A 92 -33.53 -3.04 12.35
N GLU A 93 -32.25 -2.70 12.25
CA GLU A 93 -31.19 -3.62 12.66
C GLU A 93 -30.93 -3.54 14.15
N GLN A 94 -31.33 -2.45 14.80
CA GLN A 94 -31.21 -2.35 16.25
C GLN A 94 -32.18 -3.27 16.97
N ALA A 95 -33.38 -3.46 16.40
CA ALA A 95 -34.41 -4.24 17.07
C ALA A 95 -33.97 -5.66 17.40
N VAL A 96 -33.02 -6.22 16.65
CA VAL A 96 -32.51 -7.55 16.98
C VAL A 96 -31.60 -7.49 18.19
N TRP A 97 -30.91 -6.36 18.42
CA TRP A 97 -30.07 -6.21 19.60
C TRP A 97 -30.88 -5.81 20.84
N ARG A 98 -32.07 -5.25 20.65
CA ARG A 98 -32.97 -5.01 21.78
C ARG A 98 -33.20 -6.29 22.56
N ALA A 99 -33.72 -7.31 21.88
CA ALA A 99 -34.05 -8.59 22.50
C ALA A 99 -32.81 -9.44 22.78
N ALA A 100 -31.70 -8.81 23.14
CA ALA A 100 -30.56 -9.51 23.73
C ALA A 100 -30.49 -9.31 25.24
N ILE A 101 -31.17 -8.29 25.76
CA ILE A 101 -31.31 -8.05 27.19
C ILE A 101 -32.79 -7.86 27.48
N GLU A 102 -33.33 -8.69 28.37
CA GLU A 102 -34.73 -8.53 28.77
C GLU A 102 -34.86 -7.36 29.74
N ARG A 103 -34.29 -7.50 30.91
CA ARG A 103 -34.43 -6.55 32.00
C ARG A 103 -33.06 -6.07 32.46
N LEU A 104 -32.95 -4.76 32.69
CA LEU A 104 -31.69 -4.14 33.09
C LEU A 104 -31.97 -3.22 34.27
N VAL A 105 -31.31 -3.48 35.39
CA VAL A 105 -31.45 -2.66 36.59
C VAL A 105 -30.23 -1.74 36.69
N ILE A 106 -30.47 -0.44 36.60
CA ILE A 106 -29.42 0.57 36.63
C ILE A 106 -29.77 1.59 37.71
N GLY A 107 -29.00 1.59 38.80
CA GLY A 107 -29.31 2.42 39.95
C GLY A 107 -30.48 1.87 40.74
N ASN A 108 -31.65 2.51 40.59
CA ASN A 108 -32.88 2.02 41.20
C ASN A 108 -33.99 1.76 40.19
N THR A 109 -33.86 2.25 38.96
CA THR A 109 -34.87 2.06 37.93
C THR A 109 -34.64 0.75 37.18
N ALA A 110 -35.73 0.15 36.73
CA ALA A 110 -35.70 -1.14 36.05
C ALA A 110 -36.22 -0.99 34.64
N TYR A 111 -35.48 -1.52 33.67
CA TYR A 111 -35.77 -1.36 32.24
C TYR A 111 -36.13 -2.70 31.62
N ASP A 112 -37.40 -3.03 31.60
CA ASP A 112 -37.87 -4.19 30.83
C ASP A 112 -37.84 -3.79 29.36
N LEU A 113 -36.81 -4.25 28.64
CA LEU A 113 -36.57 -3.78 27.28
C LEU A 113 -37.67 -4.19 26.31
N LYS A 114 -38.48 -5.20 26.66
CA LYS A 114 -39.60 -5.56 25.81
C LYS A 114 -40.60 -4.42 25.66
N ASP A 115 -40.68 -3.55 26.67
CA ASP A 115 -41.60 -2.41 26.59
C ASP A 115 -41.04 -1.36 25.63
N ASP A 116 -41.91 -0.84 24.75
CA ASP A 116 -41.57 0.36 23.99
C ASP A 116 -41.36 1.55 24.91
N GLU A 117 -41.94 1.53 26.11
CA GLU A 117 -41.75 2.62 27.06
C GLU A 117 -40.37 2.56 27.72
N SER A 118 -40.10 1.47 28.45
CA SER A 118 -38.82 1.35 29.16
C SER A 118 -37.64 1.42 28.20
N PHE A 119 -37.77 0.77 27.03
CA PHE A 119 -36.66 0.82 26.07
C PHE A 119 -36.47 2.22 25.51
N ALA A 120 -37.56 2.98 25.35
CA ALA A 120 -37.41 4.38 24.96
C ALA A 120 -36.61 5.14 26.02
N LYS A 121 -36.89 4.86 27.30
CA LYS A 121 -36.14 5.49 28.38
C LYS A 121 -34.73 4.94 28.49
N LEU A 122 -34.53 3.66 28.15
CA LEU A 122 -33.20 3.07 28.23
C LEU A 122 -32.24 3.77 27.28
N ILE A 123 -32.66 3.96 26.03
CA ILE A 123 -31.83 4.67 25.06
C ILE A 123 -31.73 6.15 25.41
N GLU A 124 -32.63 6.66 26.25
CA GLU A 124 -32.61 8.07 26.64
C GLU A 124 -31.37 8.37 27.47
N LEU A 125 -31.25 7.75 28.66
CA LEU A 125 -30.08 8.00 29.49
C LEU A 125 -28.81 7.50 28.83
N ALA A 126 -28.94 6.67 27.80
CA ALA A 126 -27.78 6.17 27.07
C ALA A 126 -26.91 7.32 26.58
N LYS A 127 -27.51 8.26 25.85
CA LYS A 127 -26.74 9.37 25.31
C LYS A 127 -26.32 10.35 26.40
N LYS A 128 -27.22 10.61 27.36
CA LYS A 128 -26.96 11.69 28.32
C LYS A 128 -25.86 11.38 29.33
N HIS A 129 -25.30 10.18 29.30
CA HIS A 129 -24.28 9.75 30.25
C HIS A 129 -23.17 9.04 29.51
N PRO A 130 -21.95 9.06 30.05
CA PRO A 130 -20.80 8.44 29.35
C PRO A 130 -20.70 6.94 29.54
N LEU A 131 -19.52 6.38 29.29
CA LEU A 131 -19.31 4.94 29.25
C LEU A 131 -18.66 4.41 30.52
N GLU A 132 -18.11 3.19 30.40
CA GLU A 132 -17.47 2.38 31.43
C GLU A 132 -17.96 2.68 32.85
N LYS A 133 -17.57 3.84 33.41
CA LYS A 133 -17.86 4.13 34.81
C LYS A 133 -19.35 4.05 35.10
N VAL A 134 -20.17 4.36 34.09
CA VAL A 134 -21.60 4.22 34.28
C VAL A 134 -22.01 2.76 34.26
N VAL A 135 -21.32 1.93 33.46
CA VAL A 135 -21.62 0.51 33.41
C VAL A 135 -21.25 -0.15 34.74
N LYS A 136 -20.21 0.37 35.38
CA LYS A 136 -19.76 -0.08 36.69
C LYS A 136 -20.77 0.34 37.77
N ASN A 137 -22.03 0.54 37.36
CA ASN A 137 -23.06 0.98 38.29
C ASN A 137 -24.44 0.43 37.93
N VAL A 138 -24.52 -0.63 37.15
CA VAL A 138 -25.76 -1.39 37.05
C VAL A 138 -25.76 -2.38 38.20
N ARG A 139 -26.90 -3.00 38.46
CA ARG A 139 -27.04 -3.96 39.56
C ARG A 139 -27.38 -5.35 39.08
N GLU A 140 -28.40 -5.50 38.23
CA GLU A 140 -28.75 -6.79 37.67
C GLU A 140 -28.68 -6.72 36.15
N VAL A 141 -28.70 -7.90 35.53
CA VAL A 141 -28.90 -8.01 34.09
C VAL A 141 -29.29 -9.45 33.75
N GLN A 142 -30.35 -9.59 32.96
CA GLN A 142 -30.84 -10.89 32.54
C GLN A 142 -30.90 -10.91 31.02
N PHE A 143 -30.34 -11.93 30.41
CA PHE A 143 -30.20 -12.02 28.97
C PHE A 143 -31.33 -12.84 28.36
N SER A 144 -31.61 -12.57 27.09
CA SER A 144 -32.60 -13.34 26.36
C SER A 144 -32.10 -14.76 26.12
N GLU A 145 -33.03 -15.64 25.76
CA GLU A 145 -32.64 -16.93 25.21
C GLU A 145 -32.12 -16.80 23.79
N LYS A 146 -32.25 -15.61 23.19
CA LYS A 146 -31.80 -15.38 21.82
C LYS A 146 -30.30 -15.15 21.74
N VAL A 147 -29.66 -14.69 22.81
CA VAL A 147 -28.26 -14.31 22.78
C VAL A 147 -27.41 -15.47 23.26
N THR A 148 -26.30 -15.71 22.57
CA THR A 148 -25.36 -16.79 22.90
C THR A 148 -24.02 -16.17 23.24
N LEU A 149 -23.65 -16.24 24.52
CA LEU A 149 -22.44 -15.60 25.01
C LEU A 149 -21.26 -16.56 24.93
N SER A 150 -20.10 -16.03 24.52
CA SER A 150 -18.86 -16.79 24.52
C SER A 150 -17.74 -15.97 25.16
N ASP A 151 -16.51 -16.46 25.12
CA ASP A 151 -15.41 -15.73 25.73
C ASP A 151 -14.98 -14.53 24.89
N LYS A 152 -15.27 -14.54 23.59
CA LYS A 152 -14.79 -13.52 22.68
C LYS A 152 -15.88 -12.69 22.04
N TYR A 153 -17.03 -13.27 21.71
CA TYR A 153 -18.10 -12.56 21.03
C TYR A 153 -19.43 -12.76 21.77
N ALA A 154 -20.48 -12.18 21.17
CA ALA A 154 -21.86 -12.47 21.54
C ALA A 154 -22.67 -12.54 20.26
N PHE A 155 -23.49 -13.58 20.13
CA PHE A 155 -24.21 -13.85 18.90
C PHE A 155 -25.71 -13.66 19.11
N VAL A 156 -26.38 -13.16 18.08
CA VAL A 156 -27.83 -12.99 18.12
C VAL A 156 -28.36 -13.28 16.72
N PRO A 157 -29.47 -14.01 16.58
CA PRO A 157 -29.93 -14.40 15.24
C PRO A 157 -30.40 -13.19 14.45
N ALA A 158 -30.05 -13.16 13.16
CA ALA A 158 -30.40 -12.02 12.32
C ALA A 158 -31.91 -11.80 12.28
N SER A 159 -32.66 -12.84 11.91
CA SER A 159 -34.11 -12.73 11.75
C SER A 159 -34.79 -13.61 12.78
N ASN A 160 -35.69 -13.01 13.57
CA ASN A 160 -36.53 -13.78 14.49
C ASN A 160 -37.55 -14.64 13.78
N GLN A 161 -37.76 -14.42 12.47
CA GLN A 161 -38.72 -15.18 11.68
C GLN A 161 -38.47 -16.68 11.81
N GLY A 162 -37.33 -17.14 11.32
CA GLY A 162 -36.96 -18.53 11.45
C GLY A 162 -36.58 -18.89 12.87
N ARG A 163 -36.39 -20.18 13.09
CA ARG A 163 -35.95 -20.71 14.37
C ARG A 163 -34.75 -21.62 14.14
N ILE A 164 -33.83 -21.62 15.10
CA ILE A 164 -32.54 -22.30 14.98
C ILE A 164 -32.51 -23.44 15.99
N PHE A 165 -32.41 -24.66 15.49
CA PHE A 165 -32.59 -25.88 16.29
C PHE A 165 -31.26 -26.44 16.78
N LEU A 166 -30.49 -25.65 17.54
CA LEU A 166 -29.34 -26.21 18.20
C LEU A 166 -28.95 -25.36 19.40
N SER A 167 -28.31 -25.99 20.37
CA SER A 167 -28.05 -25.38 21.67
C SER A 167 -26.98 -24.29 21.56
N HIS A 168 -26.85 -23.51 22.63
CA HIS A 168 -25.89 -22.41 22.66
C HIS A 168 -24.46 -22.90 22.47
N LEU A 169 -24.11 -24.02 23.09
CA LEU A 169 -22.76 -24.57 22.93
C LEU A 169 -22.48 -24.92 21.47
N ARG A 170 -23.45 -25.54 20.80
CA ARG A 170 -23.25 -25.92 19.41
C ARG A 170 -23.26 -24.71 18.48
N ARG A 171 -24.02 -23.67 18.82
CA ARG A 171 -23.90 -22.41 18.07
C ARG A 171 -22.49 -21.86 18.17
N GLU A 172 -21.95 -21.81 19.40
CA GLU A 172 -20.60 -21.32 19.59
C GLU A 172 -19.57 -22.23 18.93
N ASN A 173 -19.81 -23.54 18.97
CA ASN A 173 -18.87 -24.48 18.35
C ASN A 173 -18.85 -24.30 16.84
N ILE A 174 -20.00 -24.10 16.22
CA ILE A 174 -20.11 -24.16 14.77
C ILE A 174 -19.89 -22.79 14.12
N TYR A 175 -20.47 -21.73 14.67
CA TYR A 175 -20.55 -20.45 13.97
C TYR A 175 -19.43 -19.48 14.30
N ARG A 176 -18.61 -19.74 15.31
CA ARG A 176 -17.52 -18.83 15.65
C ARG A 176 -16.25 -19.09 14.87
N THR A 177 -16.14 -20.23 14.20
CA THR A 177 -14.95 -20.62 13.46
C THR A 177 -14.85 -19.84 12.14
N PRO A 178 -13.67 -19.33 11.81
CA PRO A 178 -13.49 -18.64 10.52
C PRO A 178 -13.44 -19.62 9.36
N THR A 179 -14.28 -19.37 8.35
CA THR A 179 -14.30 -20.18 7.13
C THR A 179 -14.34 -19.24 5.92
N GLN A 180 -13.89 -19.73 4.78
CA GLN A 180 -14.01 -18.92 3.56
C GLN A 180 -15.44 -19.03 3.02
N ARG A 181 -15.67 -18.36 1.89
CA ARG A 181 -17.02 -18.07 1.44
C ARG A 181 -17.86 -19.34 1.33
N PRO A 182 -19.04 -19.37 1.94
CA PRO A 182 -19.82 -20.61 2.01
C PRO A 182 -20.51 -20.93 0.71
N LEU A 183 -20.75 -22.22 0.52
CA LEU A 183 -21.40 -22.75 -0.66
C LEU A 183 -22.85 -23.10 -0.33
N SER A 184 -23.58 -23.58 -1.34
CA SER A 184 -24.99 -23.94 -1.17
C SER A 184 -25.25 -25.20 -1.97
N LEU A 185 -25.39 -26.33 -1.27
CA LEU A 185 -25.58 -27.64 -1.88
C LEU A 185 -26.99 -28.13 -1.62
N LYS A 186 -27.64 -28.63 -2.66
CA LYS A 186 -28.98 -29.18 -2.52
C LYS A 186 -28.95 -30.44 -1.69
N VAL A 187 -29.98 -30.65 -0.89
CA VAL A 187 -30.15 -31.85 -0.09
C VAL A 187 -31.41 -32.55 -0.57
N ALA A 188 -31.24 -33.69 -1.25
CA ALA A 188 -32.35 -34.49 -1.73
C ALA A 188 -31.96 -35.96 -1.64
N GLU A 189 -32.98 -36.81 -1.57
CA GLU A 189 -32.76 -38.25 -1.53
C GLU A 189 -32.60 -38.85 -2.92
N GLU A 190 -33.35 -38.36 -3.89
CA GLU A 190 -33.30 -38.84 -5.27
C GLU A 190 -33.01 -37.66 -6.18
N GLY A 191 -32.16 -37.90 -7.19
CA GLY A 191 -31.79 -36.86 -8.13
C GLY A 191 -30.38 -36.34 -7.89
N GLU A 192 -30.21 -35.02 -7.96
CA GLU A 192 -28.90 -34.39 -7.79
C GLU A 192 -28.90 -33.61 -6.50
N GLY A 193 -27.92 -33.88 -5.64
CA GLY A 193 -27.80 -33.18 -4.38
C GLY A 193 -27.04 -34.03 -3.38
N VAL A 194 -27.15 -33.63 -2.12
CA VAL A 194 -26.50 -34.30 -1.00
C VAL A 194 -27.53 -35.18 -0.31
N ARG A 195 -27.20 -36.46 -0.13
CA ARG A 195 -28.05 -37.38 0.59
C ARG A 195 -27.63 -37.44 2.06
N LEU A 196 -28.59 -37.82 2.91
CA LEU A 196 -28.42 -37.82 4.36
C LEU A 196 -28.62 -39.25 4.87
N LYS A 197 -27.52 -40.00 4.96
CA LYS A 197 -27.59 -41.37 5.47
C LYS A 197 -27.63 -41.38 6.98
N GLU A 198 -28.31 -42.40 7.52
CA GLU A 198 -28.45 -42.60 8.97
C GLU A 198 -27.61 -43.82 9.36
N MSE A 199 -26.34 -43.58 9.61
CA MSE A 199 -25.42 -44.65 9.98
C MSE A 199 -25.12 -44.65 11.47
O MSE A 199 -25.65 -43.82 12.23
CB MSE A 199 -24.10 -44.53 9.21
CG MSE A 199 -24.15 -44.85 7.73
SE MSE A 199 -22.36 -44.81 6.96
CE MSE A 199 -21.74 -43.12 7.72
N GLU A 200 -24.26 -45.57 11.87
CA GLU A 200 -23.67 -45.55 13.20
C GLU A 200 -23.01 -44.21 13.47
N GLU A 201 -23.08 -43.76 14.71
CA GLU A 201 -22.39 -42.54 15.10
C GLU A 201 -20.89 -42.76 15.03
N LYS A 202 -20.18 -41.79 14.45
CA LYS A 202 -18.73 -41.84 14.24
C LYS A 202 -18.32 -42.98 13.31
N ALA A 203 -19.21 -43.43 12.43
CA ALA A 203 -18.92 -44.57 11.58
C ALA A 203 -17.75 -44.30 10.65
N LEU A 204 -17.60 -43.05 10.20
CA LEU A 204 -16.49 -42.64 9.35
C LEU A 204 -15.31 -42.12 10.15
N GLY A 205 -15.29 -42.34 11.46
CA GLY A 205 -14.38 -41.65 12.33
C GLY A 205 -15.09 -40.60 13.16
N ASP A 206 -14.45 -40.21 14.26
CA ASP A 206 -15.08 -39.31 15.23
C ASP A 206 -15.33 -37.95 14.61
N GLY A 207 -14.26 -37.24 14.29
CA GLY A 207 -14.37 -35.90 13.74
C GLY A 207 -14.86 -35.81 12.31
N ALA A 208 -15.14 -36.94 11.67
CA ALA A 208 -15.66 -36.92 10.31
C ALA A 208 -17.17 -37.01 10.34
N LEU A 209 -17.80 -36.46 9.30
CA LEU A 209 -19.27 -36.46 9.25
C LEU A 209 -19.84 -36.55 7.85
N GLY A 210 -19.06 -36.97 6.85
CA GLY A 210 -19.58 -37.10 5.49
C GLY A 210 -18.53 -37.40 4.45
N ILE A 211 -18.98 -37.91 3.30
CA ILE A 211 -18.11 -38.12 2.15
C ILE A 211 -18.78 -37.47 0.94
N LEU A 212 -18.07 -36.52 0.31
CA LEU A 212 -18.53 -35.92 -0.93
C LEU A 212 -17.35 -35.75 -1.88
N ARG A 213 -17.66 -35.43 -3.13
CA ARG A 213 -16.64 -35.40 -4.16
C ARG A 213 -15.98 -34.02 -4.25
N PRO A 214 -14.75 -33.95 -4.77
CA PRO A 214 -14.07 -32.65 -4.86
C PRO A 214 -14.79 -31.66 -5.76
N GLN A 215 -15.37 -32.15 -6.85
CA GLN A 215 -16.03 -31.27 -7.81
C GLN A 215 -17.39 -30.77 -7.32
N SER A 216 -17.94 -31.34 -6.24
CA SER A 216 -19.22 -30.89 -5.70
C SER A 216 -19.12 -29.65 -4.83
N LEU A 217 -18.02 -29.49 -4.09
CA LEU A 217 -17.75 -28.25 -3.37
C LEU A 217 -16.61 -27.47 -3.99
N GLY A 218 -16.54 -27.50 -5.32
CA GLY A 218 -15.64 -26.62 -6.06
C GLY A 218 -14.17 -26.79 -5.76
N LEU A 219 -13.71 -28.01 -5.63
CA LEU A 219 -12.29 -28.10 -5.39
C LEU A 219 -11.54 -28.34 -6.70
N PRO A 220 -10.25 -28.00 -6.75
CA PRO A 220 -9.44 -28.36 -7.93
C PRO A 220 -9.62 -29.82 -8.29
N GLU A 221 -9.83 -30.06 -9.59
CA GLU A 221 -10.17 -31.34 -10.17
C GLU A 221 -9.58 -32.54 -9.45
N ASP A 222 -10.40 -33.58 -9.29
CA ASP A 222 -10.07 -34.86 -8.65
C ASP A 222 -9.16 -34.73 -7.43
N TYR A 223 -9.42 -33.73 -6.57
CA TYR A 223 -8.77 -33.71 -5.26
C TYR A 223 -9.17 -34.95 -4.49
N THR A 224 -8.23 -35.47 -3.69
CA THR A 224 -8.46 -36.72 -2.96
C THR A 224 -7.77 -36.62 -1.59
N GLY A 225 -8.54 -36.19 -0.60
CA GLY A 225 -8.04 -36.06 0.76
C GLY A 225 -9.13 -35.86 1.79
N VAL A 226 -9.02 -34.81 2.59
CA VAL A 226 -9.99 -34.53 3.65
C VAL A 226 -9.98 -33.02 3.91
N VAL A 227 -11.16 -32.45 4.12
CA VAL A 227 -11.30 -31.01 4.29
C VAL A 227 -12.22 -30.74 5.48
N GLN A 228 -11.90 -29.68 6.22
CA GLN A 228 -12.57 -29.34 7.47
C GLN A 228 -13.62 -28.26 7.21
N VAL A 229 -14.87 -28.55 7.57
CA VAL A 229 -16.01 -27.72 7.21
C VAL A 229 -16.79 -27.33 8.46
N ARG A 230 -17.71 -26.36 8.28
CA ARG A 230 -18.60 -25.84 9.32
C ARG A 230 -19.94 -25.52 8.66
N GLY A 231 -20.67 -26.56 8.27
CA GLY A 231 -21.90 -26.37 7.52
C GLY A 231 -23.13 -26.27 8.40
N GLU A 232 -24.19 -25.70 7.80
CA GLU A 232 -25.51 -25.69 8.40
C GLU A 232 -26.50 -26.32 7.41
N LEU A 233 -27.62 -26.77 7.95
CA LEU A 233 -28.64 -27.49 7.17
C LEU A 233 -29.95 -26.72 7.34
N ALA A 234 -30.27 -25.87 6.38
CA ALA A 234 -31.36 -24.90 6.50
C ALA A 234 -32.43 -25.15 5.45
N ASP A 235 -33.50 -24.36 5.54
CA ASP A 235 -34.57 -24.31 4.55
C ASP A 235 -34.69 -22.87 4.05
N PRO A 236 -35.51 -22.59 3.03
CA PRO A 236 -35.67 -21.19 2.61
C PRO A 236 -36.19 -20.25 3.69
N GLU A 237 -37.04 -20.73 4.61
CA GLU A 237 -37.72 -19.83 5.55
C GLU A 237 -36.82 -19.32 6.67
N GLY A 238 -35.54 -19.69 6.70
CA GLY A 238 -34.62 -19.22 7.71
C GLY A 238 -34.41 -20.16 8.88
N ASN A 239 -35.16 -21.26 8.94
CA ASN A 239 -34.92 -22.27 9.95
C ASN A 239 -33.72 -23.12 9.56
N VAL A 240 -32.90 -23.48 10.53
CA VAL A 240 -31.75 -24.36 10.35
C VAL A 240 -31.88 -25.49 11.36
N TYR A 241 -31.97 -26.74 10.86
CA TYR A 241 -32.30 -27.89 11.68
C TYR A 241 -31.09 -28.58 12.29
N ALA A 242 -29.92 -28.45 11.65
CA ALA A 242 -28.72 -29.10 12.16
C ALA A 242 -27.50 -28.34 11.69
N GLY A 243 -26.49 -28.30 12.54
CA GLY A 243 -25.19 -27.75 12.19
C GLY A 243 -24.15 -28.85 12.31
N LEU A 244 -23.22 -28.87 11.37
CA LEU A 244 -22.18 -29.90 11.33
C LEU A 244 -20.83 -29.26 11.62
N LYS A 245 -20.10 -29.86 12.56
CA LYS A 245 -18.74 -29.45 12.88
C LYS A 245 -17.84 -30.67 12.77
N GLY A 246 -16.81 -30.56 11.94
CA GLY A 246 -15.89 -31.64 11.71
C GLY A 246 -15.39 -31.61 10.28
N THR A 247 -14.93 -32.75 9.80
CA THR A 247 -14.38 -32.87 8.47
C THR A 247 -15.25 -33.77 7.60
N VAL A 248 -15.18 -33.54 6.29
CA VAL A 248 -15.69 -34.48 5.30
C VAL A 248 -14.49 -35.07 4.58
N ILE A 249 -14.73 -36.19 3.91
CA ILE A 249 -13.70 -36.86 3.12
C ILE A 249 -14.00 -36.62 1.65
N VAL A 250 -13.04 -36.04 0.95
CA VAL A 250 -13.19 -35.70 -0.46
C VAL A 250 -12.49 -36.76 -1.30
N ASP A 251 -13.20 -37.27 -2.30
CA ASP A 251 -12.71 -38.33 -3.16
C ASP A 251 -13.66 -38.54 -4.34
N PRO A 252 -13.17 -38.40 -5.58
CA PRO A 252 -14.04 -38.67 -6.74
C PRO A 252 -14.44 -40.13 -6.89
N ARG A 253 -13.84 -41.03 -6.13
CA ARG A 253 -14.07 -42.47 -6.30
C ARG A 253 -15.39 -42.94 -5.68
N ALA A 254 -16.02 -42.13 -4.83
CA ALA A 254 -17.34 -42.44 -4.29
C ALA A 254 -18.42 -41.85 -5.17
N LYS A 255 -19.59 -42.52 -5.19
CA LYS A 255 -20.67 -42.10 -6.06
C LYS A 255 -21.31 -40.80 -5.60
N GLU A 256 -22.00 -40.85 -4.47
CA GLU A 256 -22.90 -39.79 -4.05
C GLU A 256 -22.28 -38.92 -2.96
N ASP A 257 -22.55 -37.62 -3.03
CA ASP A 257 -22.31 -36.75 -1.90
C ASP A 257 -23.32 -37.11 -0.81
N PHE A 258 -22.82 -37.59 0.34
CA PHE A 258 -23.71 -38.02 1.40
C PHE A 258 -23.18 -37.56 2.74
N LEU A 259 -24.11 -37.13 3.59
CA LEU A 259 -23.83 -36.68 4.95
C LEU A 259 -24.45 -37.67 5.93
N ASN A 260 -23.69 -38.05 6.95
CA ASN A 260 -24.17 -38.92 8.03
C ASN A 260 -24.94 -38.08 9.05
N LEU A 261 -26.23 -38.38 9.19
CA LEU A 261 -27.08 -37.55 10.04
C LEU A 261 -26.63 -37.59 11.48
N ASN A 262 -26.26 -38.78 11.98
CA ASN A 262 -25.94 -38.98 13.39
C ASN A 262 -24.60 -38.40 13.80
N ASP A 263 -23.93 -37.62 12.95
CA ASP A 263 -22.69 -36.95 13.32
C ASP A 263 -22.84 -35.44 13.28
N LEU A 264 -24.05 -34.93 13.08
CA LEU A 264 -24.35 -33.50 13.08
C LEU A 264 -24.98 -33.11 14.41
N TYR A 265 -24.76 -31.88 14.83
CA TYR A 265 -25.31 -31.38 16.08
C TYR A 265 -26.73 -30.90 15.84
N ARG A 266 -27.69 -31.55 16.51
CA ARG A 266 -29.10 -31.29 16.27
C ARG A 266 -29.87 -31.45 17.56
N GLY A 267 -30.94 -30.68 17.70
CA GLY A 267 -31.82 -30.80 18.85
C GLY A 267 -31.16 -30.44 20.16
N ASP A 268 -31.79 -30.91 21.25
CA ASP A 268 -31.32 -30.69 22.61
C ASP A 268 -31.27 -29.20 22.93
N THR A 269 -32.38 -28.51 22.68
CA THR A 269 -32.49 -27.08 22.99
C THR A 269 -33.97 -26.74 23.09
N VAL A 270 -34.24 -25.46 23.34
CA VAL A 270 -35.59 -24.99 23.64
C VAL A 270 -35.98 -23.95 22.60
N VAL A 271 -37.03 -24.25 21.85
CA VAL A 271 -37.58 -23.32 20.85
C VAL A 271 -39.05 -23.09 21.18
N ASP A 272 -39.41 -21.83 21.44
CA ASP A 272 -40.78 -21.43 21.74
C ASP A 272 -41.34 -22.15 22.96
N GLY A 273 -40.48 -22.51 23.91
CA GLY A 273 -40.89 -23.06 25.19
C GLY A 273 -40.79 -24.57 25.30
N LYS A 274 -40.77 -25.29 24.18
CA LYS A 274 -40.71 -26.75 24.19
C LYS A 274 -39.30 -27.22 23.87
N LYS A 275 -38.90 -28.32 24.51
CA LYS A 275 -37.59 -28.93 24.27
C LYS A 275 -37.71 -29.96 23.16
N TYR A 276 -37.04 -29.69 22.03
CA TYR A 276 -37.00 -30.60 20.88
C TYR A 276 -35.78 -31.50 21.04
N THR A 277 -36.02 -32.80 21.23
CA THR A 277 -34.92 -33.73 21.41
C THR A 277 -34.22 -33.98 20.07
N LYS A 278 -33.09 -34.70 20.15
CA LYS A 278 -32.37 -35.09 18.94
C LYS A 278 -33.27 -35.86 17.98
N GLU A 279 -34.11 -36.75 18.51
CA GLU A 279 -34.99 -37.53 17.66
C GLU A 279 -36.11 -36.66 17.09
N GLU A 280 -36.60 -35.71 17.89
CA GLU A 280 -37.72 -34.87 17.44
C GLU A 280 -37.32 -33.98 16.28
N VAL A 281 -36.08 -33.53 16.23
CA VAL A 281 -35.64 -32.73 15.09
C VAL A 281 -35.38 -33.61 13.88
N ASP A 282 -34.91 -34.85 14.11
CA ASP A 282 -34.63 -35.76 12.99
C ASP A 282 -35.88 -36.00 12.15
N ALA A 283 -37.06 -35.94 12.76
CA ALA A 283 -38.30 -36.15 11.99
C ALA A 283 -38.64 -34.95 11.13
N LEU A 284 -38.42 -33.73 11.64
CA LEU A 284 -38.66 -32.53 10.85
C LEU A 284 -37.79 -32.51 9.59
N ILE A 285 -36.57 -33.01 9.71
CA ILE A 285 -35.67 -33.06 8.55
C ILE A 285 -36.18 -34.06 7.52
N ARG A 286 -36.48 -35.29 7.98
CA ARG A 286 -37.00 -36.31 7.08
C ARG A 286 -38.23 -35.83 6.33
N GLU A 287 -39.03 -34.98 6.96
CA GLU A 287 -40.20 -34.41 6.30
C GLU A 287 -39.81 -33.32 5.30
N LYS A 288 -38.83 -32.49 5.65
CA LYS A 288 -38.38 -31.43 4.75
C LYS A 288 -37.56 -31.98 3.60
N LEU A 289 -36.70 -32.97 3.89
CA LEU A 289 -35.89 -33.59 2.84
C LEU A 289 -36.78 -34.25 1.77
N LYS A 290 -37.89 -34.84 2.19
CA LYS A 290 -38.81 -35.45 1.23
C LYS A 290 -39.40 -34.42 0.28
N THR A 291 -39.58 -33.19 0.75
CA THR A 291 -40.20 -32.12 -0.03
C THR A 291 -39.20 -31.33 -0.88
N GLY A 292 -37.94 -31.79 -0.95
CA GLY A 292 -36.94 -31.17 -1.81
C GLY A 292 -36.61 -29.73 -1.47
N ALA A 293 -37.04 -29.32 -0.28
CA ALA A 293 -36.83 -27.96 0.20
C ALA A 293 -35.92 -28.02 1.42
N LEU A 294 -34.69 -28.50 1.18
CA LEU A 294 -33.67 -28.61 2.21
C LEU A 294 -32.32 -28.42 1.54
N GLN A 295 -31.55 -27.45 2.00
CA GLN A 295 -30.25 -27.13 1.44
C GLN A 295 -29.15 -27.40 2.47
N LEU A 296 -27.91 -27.20 2.04
CA LEU A 296 -26.73 -27.36 2.88
C LEU A 296 -25.81 -26.18 2.63
N ASN A 297 -25.81 -25.21 3.56
CA ASN A 297 -24.90 -24.08 3.50
C ASN A 297 -23.62 -24.48 4.22
N LEU A 298 -22.56 -24.73 3.45
CA LEU A 298 -21.33 -25.29 3.97
C LEU A 298 -20.18 -24.36 3.63
N GLY A 299 -19.25 -24.21 4.57
CA GLY A 299 -18.07 -23.38 4.37
C GLY A 299 -16.80 -24.13 4.71
N ILE A 300 -15.74 -23.82 3.93
CA ILE A 300 -14.46 -24.50 4.05
C ILE A 300 -13.57 -23.70 4.99
N HIS A 301 -12.90 -24.41 5.91
CA HIS A 301 -11.95 -23.83 6.84
C HIS A 301 -10.49 -24.16 6.54
N ARG A 302 -10.19 -25.38 6.09
CA ARG A 302 -8.82 -25.71 5.71
C ARG A 302 -8.83 -26.92 4.80
N VAL A 303 -8.22 -26.79 3.62
CA VAL A 303 -8.05 -27.89 2.70
C VAL A 303 -6.71 -28.57 3.00
N SER A 304 -6.71 -29.89 3.12
CA SER A 304 -5.52 -30.61 3.59
C SER A 304 -4.46 -30.63 2.51
N THR A 305 -3.38 -29.90 2.73
CA THR A 305 -2.16 -29.99 1.93
C THR A 305 -1.14 -30.88 2.65
N VAL A 306 -0.14 -31.32 1.91
CA VAL A 306 1.01 -32.01 2.47
C VAL A 306 2.14 -30.99 2.51
N GLU A 307 2.41 -30.46 3.71
CA GLU A 307 3.36 -29.38 3.89
C GLU A 307 4.38 -29.76 4.95
N GLU A 308 5.59 -29.22 4.81
CA GLU A 308 6.70 -29.60 5.66
C GLU A 308 6.52 -29.04 7.07
N ALA A 309 7.37 -29.52 7.98
CA ALA A 309 7.34 -29.10 9.37
C ALA A 309 8.71 -29.22 10.02
N GLU A 377 13.17 -31.87 10.49
CA GLU A 377 12.49 -32.01 9.21
C GLU A 377 11.03 -32.41 9.44
N GLY A 378 10.43 -33.09 8.47
CA GLY A 378 9.11 -33.65 8.65
C GLY A 378 8.08 -32.95 7.78
N GLN A 379 7.03 -33.71 7.43
CA GLN A 379 5.87 -33.21 6.71
C GLN A 379 4.62 -33.64 7.47
N TYR A 380 3.50 -32.99 7.18
CA TYR A 380 2.27 -33.31 7.91
C TYR A 380 1.05 -32.99 7.04
N SER A 381 -0.05 -33.68 7.38
CA SER A 381 -1.35 -33.42 6.80
C SER A 381 -2.39 -33.94 7.78
N MSE A 382 -3.66 -33.78 7.44
CA MSE A 382 -4.75 -34.21 8.33
C MSE A 382 -4.82 -35.72 8.48
O MSE A 382 -4.21 -36.46 7.71
CB MSE A 382 -6.09 -33.68 7.80
CG MSE A 382 -6.28 -32.18 7.99
SE MSE A 382 -8.09 -31.61 7.57
CE MSE A 382 -7.91 -29.71 7.99
N ALA A 383 -5.57 -36.17 9.48
CA ALA A 383 -5.73 -37.60 9.76
C ALA A 383 -7.15 -38.02 9.46
N ALA A 384 -7.29 -39.20 8.85
CA ALA A 384 -8.59 -39.78 8.56
C ALA A 384 -8.64 -41.20 9.11
N SER A 385 -9.82 -41.59 9.57
CA SER A 385 -10.00 -42.95 10.06
C SER A 385 -10.06 -43.91 8.89
N HIS A 386 -9.46 -45.09 9.07
CA HIS A 386 -9.61 -46.13 8.07
C HIS A 386 -11.05 -46.55 7.91
N THR A 387 -11.89 -46.34 8.94
CA THR A 387 -13.27 -46.79 8.90
C THR A 387 -14.08 -46.12 7.79
N ALA A 388 -13.58 -45.02 7.23
CA ALA A 388 -14.30 -44.27 6.22
C ALA A 388 -13.85 -44.64 4.80
N TYR A 389 -13.05 -45.68 4.65
CA TYR A 389 -12.67 -46.20 3.36
C TYR A 389 -13.23 -47.59 3.10
N LYS A 390 -13.99 -48.14 4.04
CA LYS A 390 -14.78 -49.36 3.88
C LYS A 390 -15.37 -49.42 2.48
N GLU A 391 -16.11 -48.37 2.12
CA GLU A 391 -16.74 -48.28 0.81
C GLU A 391 -15.70 -48.09 -0.29
N LEU A 392 -15.05 -46.94 -0.31
CA LEU A 392 -14.14 -46.54 -1.38
C LEU A 392 -12.71 -46.83 -0.97
N ASP A 393 -11.99 -47.57 -1.82
CA ASP A 393 -10.64 -48.07 -1.56
C ASP A 393 -10.64 -48.96 -0.32
N PRO A 394 -11.27 -50.14 -0.38
CA PRO A 394 -11.31 -51.01 0.80
C PRO A 394 -9.96 -51.56 1.22
N GLU A 395 -8.99 -51.64 0.31
CA GLU A 395 -7.68 -52.17 0.70
C GLU A 395 -7.07 -51.35 1.83
N ILE A 396 -7.27 -50.03 1.79
CA ILE A 396 -6.79 -49.17 2.88
C ILE A 396 -7.44 -49.59 4.20
N TYR A 397 -8.74 -49.90 4.18
CA TYR A 397 -9.42 -50.33 5.39
C TYR A 397 -8.89 -51.68 5.88
N ARG A 398 -8.89 -52.68 4.99
CA ARG A 398 -8.49 -54.02 5.42
C ARG A 398 -7.05 -54.04 5.92
N LEU A 399 -6.18 -53.22 5.31
CA LEU A 399 -4.81 -53.11 5.77
C LEU A 399 -4.75 -52.70 7.24
N LEU A 400 -5.47 -51.64 7.61
CA LEU A 400 -5.37 -51.04 8.93
C LEU A 400 -6.33 -51.67 9.93
N GLU A 401 -7.11 -52.68 9.54
CA GLU A 401 -8.02 -53.34 10.46
C GLU A 401 -7.45 -54.62 11.06
N GLU A 402 -6.40 -55.18 10.46
CA GLU A 402 -5.89 -56.48 10.84
C GLU A 402 -4.84 -56.39 11.95
N GLY A 403 -4.76 -55.26 12.64
CA GLY A 403 -4.06 -55.18 13.91
C GLY A 403 -2.75 -54.40 13.84
N VAL A 404 -2.12 -54.32 15.01
CA VAL A 404 -0.81 -53.71 15.20
C VAL A 404 0.10 -54.74 15.87
N GLU A 405 1.41 -54.55 15.71
CA GLU A 405 2.37 -55.45 16.33
C GLU A 405 3.35 -54.69 17.21
N LEU A 406 3.67 -55.28 18.35
CA LEU A 406 4.70 -54.76 19.24
C LEU A 406 6.04 -55.33 18.81
N ASP A 407 7.08 -54.49 18.84
CA ASP A 407 8.40 -54.93 18.41
C ASP A 407 9.08 -55.70 19.54
N ALA A 408 10.37 -55.97 19.38
CA ALA A 408 11.10 -56.75 20.36
C ALA A 408 11.26 -56.01 21.69
N GLU A 409 11.13 -54.70 21.69
CA GLU A 409 11.24 -53.91 22.91
C GLU A 409 9.88 -53.43 23.42
N GLY A 410 8.80 -53.70 22.70
CA GLY A 410 7.48 -53.30 23.11
C GLY A 410 6.98 -52.00 22.52
N ARG A 411 7.65 -51.48 21.49
CA ARG A 411 7.23 -50.24 20.84
C ARG A 411 6.23 -50.58 19.74
N PRO A 412 4.96 -50.18 19.87
CA PRO A 412 3.97 -50.57 18.86
C PRO A 412 4.22 -49.87 17.53
N ILE A 413 3.98 -50.61 16.45
CA ILE A 413 4.19 -50.13 15.09
C ILE A 413 2.83 -50.10 14.41
N VAL A 414 2.31 -48.90 14.18
CA VAL A 414 0.94 -48.73 13.72
C VAL A 414 0.91 -48.64 12.19
N PRO A 415 -0.10 -49.22 11.54
CA PRO A 415 -0.20 -49.11 10.08
C PRO A 415 -0.85 -47.80 9.67
N ILE A 416 -0.20 -47.10 8.76
CA ILE A 416 -0.73 -45.85 8.20
C ILE A 416 -0.78 -45.99 6.70
N VAL A 417 -1.49 -45.06 6.07
CA VAL A 417 -1.55 -44.96 4.61
C VAL A 417 -1.32 -43.50 4.24
N ILE A 418 -0.25 -43.25 3.47
CA ILE A 418 0.11 -41.89 3.08
C ILE A 418 0.02 -41.74 1.57
N GLY A 419 0.30 -40.53 1.08
CA GLY A 419 0.19 -40.21 -0.32
C GLY A 419 1.53 -40.06 -1.02
N LYS A 420 1.44 -39.80 -2.33
CA LYS A 420 2.62 -39.78 -3.19
C LYS A 420 3.57 -38.64 -2.81
N GLU A 421 3.03 -37.43 -2.65
CA GLU A 421 3.86 -36.27 -2.32
C GLU A 421 4.65 -36.50 -1.04
N MSE A 422 3.96 -36.86 0.03
CA MSE A 422 4.57 -37.10 1.32
C MSE A 422 5.59 -38.24 1.29
O MSE A 422 6.69 -38.12 1.84
CB MSE A 422 3.49 -37.39 2.36
CG MSE A 422 4.02 -37.89 3.68
SE MSE A 422 2.68 -37.79 5.06
CE MSE A 422 2.42 -35.85 5.07
N ALA A 423 5.22 -39.36 0.65
CA ALA A 423 6.14 -40.49 0.54
C ALA A 423 7.42 -40.11 -0.17
N ALA A 424 7.32 -39.22 -1.17
CA ALA A 424 8.51 -38.75 -1.87
C ALA A 424 9.34 -37.86 -0.96
N LYS A 425 8.74 -36.77 -0.46
CA LYS A 425 9.50 -35.80 0.33
C LYS A 425 10.08 -36.42 1.60
N LEU A 426 9.44 -37.46 2.12
CA LEU A 426 9.93 -38.15 3.31
C LEU A 426 10.67 -39.44 2.98
N GLY A 427 10.89 -39.73 1.70
CA GLY A 427 11.70 -40.84 1.27
C GLY A 427 11.26 -42.18 1.79
N LEU A 428 10.01 -42.55 1.53
CA LEU A 428 9.44 -43.77 2.09
C LEU A 428 8.71 -44.54 1.00
N LYS A 429 8.85 -45.87 1.03
CA LYS A 429 8.08 -46.77 0.20
C LYS A 429 7.38 -47.77 1.11
N GLU A 430 6.53 -48.60 0.50
CA GLU A 430 5.70 -49.52 1.28
C GLU A 430 6.55 -50.50 2.06
N GLY A 431 6.18 -50.71 3.32
CA GLY A 431 6.93 -51.54 4.23
C GLY A 431 7.90 -50.79 5.14
N ASP A 432 8.26 -49.56 4.78
CA ASP A 432 9.19 -48.78 5.58
C ASP A 432 8.61 -48.49 6.96
N ILE A 433 9.51 -48.34 7.93
CA ILE A 433 9.13 -47.96 9.29
C ILE A 433 9.46 -46.48 9.49
N ALA A 434 8.50 -45.72 9.95
CA ALA A 434 8.68 -44.29 10.16
C ALA A 434 8.14 -43.92 11.55
N PHE A 435 7.91 -42.63 11.76
CA PHE A 435 7.41 -42.15 13.03
C PHE A 435 6.32 -41.13 12.78
N THR A 436 5.38 -41.03 13.72
CA THR A 436 4.24 -40.16 13.52
C THR A 436 3.70 -39.69 14.86
N PHE A 437 3.20 -38.46 14.88
CA PHE A 437 2.65 -37.84 16.09
C PHE A 437 1.65 -36.77 15.68
N ARG A 438 0.78 -36.41 16.62
CA ARG A 438 -0.20 -35.34 16.43
C ARG A 438 0.40 -34.03 16.88
N ASN A 439 0.29 -33.01 16.02
CA ASN A 439 0.88 -31.70 16.25
C ASN A 439 0.65 -31.16 17.67
N ALA A 447 2.04 -38.23 22.30
CA ALA A 447 2.88 -39.42 22.23
C ALA A 447 3.40 -39.64 20.81
N LEU A 448 4.57 -40.25 20.71
CA LEU A 448 5.22 -40.53 19.44
C LEU A 448 5.28 -42.05 19.24
N LEU A 449 4.75 -42.50 18.12
CA LEU A 449 4.68 -43.93 17.82
C LEU A 449 5.45 -44.23 16.53
N GLN A 450 5.99 -45.44 16.45
CA GLN A 450 6.50 -45.94 15.20
C GLN A 450 5.36 -46.29 14.26
N ALA A 451 5.57 -46.06 12.97
CA ALA A 451 4.55 -46.29 11.97
C ALA A 451 5.07 -47.25 10.90
N ARG A 452 4.19 -48.12 10.43
CA ARG A 452 4.47 -49.03 9.32
C ARG A 452 3.67 -48.57 8.11
N VAL A 453 4.37 -48.23 7.04
CA VAL A 453 3.70 -47.88 5.79
C VAL A 453 3.10 -49.17 5.21
N ALA A 454 1.77 -49.24 5.18
CA ALA A 454 1.10 -50.40 4.60
C ALA A 454 0.66 -50.16 3.17
N ALA A 455 0.58 -48.90 2.74
CA ALA A 455 0.16 -48.58 1.38
C ALA A 455 0.62 -47.18 1.04
N ILE A 456 0.71 -46.91 -0.27
CA ILE A 456 0.99 -45.59 -0.81
C ILE A 456 0.02 -45.36 -1.96
N ARG A 457 -0.71 -44.25 -1.90
CA ARG A 457 -1.67 -43.91 -2.93
C ARG A 457 -1.10 -42.84 -3.85
N ASP A 458 -1.78 -42.64 -4.98
CA ASP A 458 -1.26 -41.76 -6.02
C ASP A 458 -1.62 -40.30 -5.74
N ARG A 459 -2.88 -40.04 -5.33
CA ARG A 459 -3.37 -38.69 -5.16
C ARG A 459 -3.80 -38.36 -3.73
N LEU A 460 -3.45 -39.21 -2.77
CA LEU A 460 -3.90 -38.99 -1.40
C LEU A 460 -3.05 -37.93 -0.71
N ASN A 461 -3.71 -37.03 0.01
CA ASN A 461 -3.04 -36.04 0.86
C ASN A 461 -3.71 -35.99 2.23
N ALA A 462 -3.88 -37.15 2.84
CA ALA A 462 -4.20 -37.30 4.24
C ALA A 462 -3.23 -38.33 4.83
N VAL A 463 -3.30 -38.53 6.15
CA VAL A 463 -2.55 -39.59 6.81
C VAL A 463 -3.58 -40.54 7.40
N VAL A 464 -3.93 -41.59 6.65
CA VAL A 464 -5.01 -42.48 7.02
C VAL A 464 -4.49 -43.50 8.02
N VAL A 465 -5.12 -43.57 9.19
CA VAL A 465 -4.72 -44.48 10.25
C VAL A 465 -5.97 -45.12 10.85
N ASN A 466 -5.79 -46.31 11.41
CA ASN A 466 -6.77 -46.83 12.35
C ASN A 466 -6.69 -46.01 13.63
N GLN A 467 -7.85 -45.62 14.16
CA GLN A 467 -7.84 -44.78 15.35
C GLN A 467 -7.70 -45.56 16.65
N GLU A 468 -8.23 -46.78 16.70
CA GLU A 468 -8.12 -47.57 17.91
C GLU A 468 -6.67 -47.89 18.29
N TYR A 469 -5.77 -47.84 17.31
CA TYR A 469 -4.35 -48.13 17.54
C TYR A 469 -3.52 -46.87 17.73
N ALA A 470 -4.12 -45.70 17.56
CA ALA A 470 -3.46 -44.43 17.84
C ALA A 470 -4.18 -43.65 18.95
N LYS A 471 -5.05 -44.33 19.70
CA LYS A 471 -5.68 -43.70 20.86
C LYS A 471 -4.65 -43.19 21.86
N SER A 472 -3.43 -43.70 21.80
CA SER A 472 -2.34 -43.24 22.66
C SER A 472 -1.83 -41.86 22.25
N THR A 473 -2.21 -41.36 21.07
CA THR A 473 -1.88 -40.00 20.67
C THR A 473 -3.13 -39.14 20.48
N GLY A 474 -4.30 -39.64 20.85
CA GLY A 474 -5.51 -38.85 20.90
C GLY A 474 -5.88 -38.15 19.61
N VAL A 475 -5.86 -38.87 18.49
CA VAL A 475 -6.20 -38.28 17.21
C VAL A 475 -7.71 -38.24 17.05
N ASP A 476 -8.28 -37.04 16.99
CA ASP A 476 -9.68 -36.84 16.65
C ASP A 476 -9.75 -36.20 15.26
N PHE A 477 -10.57 -36.78 14.40
CA PHE A 477 -10.53 -36.47 12.96
C PHE A 477 -11.30 -35.20 12.59
N ASP A 478 -11.25 -34.16 13.42
CA ASP A 478 -11.82 -32.86 13.06
C ASP A 478 -10.70 -31.84 12.87
N GLY A 479 -9.72 -32.16 12.05
CA GLY A 479 -8.66 -31.25 11.71
C GLY A 479 -7.36 -31.42 12.45
N ASP A 480 -7.05 -32.63 12.93
CA ASP A 480 -5.78 -32.86 13.60
C ASP A 480 -4.74 -33.30 12.57
N THR A 481 -3.57 -32.67 12.63
CA THR A 481 -2.51 -32.87 11.65
C THR A 481 -1.51 -33.89 12.16
N LEU A 482 -1.39 -35.01 11.44
CA LEU A 482 -0.41 -36.04 11.76
C LEU A 482 0.89 -35.76 11.02
N VAL A 483 1.98 -35.65 11.76
CA VAL A 483 3.30 -35.41 11.17
C VAL A 483 3.97 -36.75 10.95
N VAL A 484 4.71 -36.86 9.85
CA VAL A 484 5.45 -38.07 9.54
C VAL A 484 6.92 -37.70 9.35
N LEU A 485 7.81 -38.56 9.84
CA LEU A 485 9.24 -38.33 9.76
C LEU A 485 9.93 -39.48 9.03
N PRO A 486 11.05 -39.23 8.37
CA PRO A 486 11.70 -40.28 7.59
C PRO A 486 12.18 -41.42 8.47
N LYS A 487 12.65 -42.48 7.80
CA LYS A 487 13.13 -43.69 8.47
C LYS A 487 14.39 -43.49 9.29
N GLY A 488 14.93 -42.27 9.42
CA GLY A 488 16.25 -42.10 9.99
C GLY A 488 16.33 -42.48 11.45
N LEU A 489 15.19 -42.48 12.14
CA LEU A 489 15.06 -42.76 13.57
C LEU A 489 16.18 -42.13 14.40
N PRO A 490 16.27 -40.79 14.46
CA PRO A 490 17.28 -40.15 15.33
C PRO A 490 16.73 -39.82 16.71
N VAL A 491 16.00 -40.75 17.31
CA VAL A 491 15.36 -40.50 18.60
C VAL A 491 14.98 -41.83 19.25
N ASP A 492 14.60 -41.79 20.52
CA ASP A 492 14.15 -42.95 21.26
C ASP A 492 12.62 -42.93 21.32
N PRO A 493 11.92 -43.73 20.51
CA PRO A 493 10.47 -43.84 20.69
C PRO A 493 10.16 -44.61 21.95
N HIS A 494 9.09 -44.19 22.62
CA HIS A 494 8.79 -44.73 23.94
C HIS A 494 7.97 -46.01 23.86
N ARG A 495 8.11 -46.82 24.90
CA ARG A 495 7.56 -48.16 24.94
C ARG A 495 6.11 -48.14 25.41
N LEU A 496 5.34 -49.14 24.97
CA LEU A 496 3.91 -49.16 25.26
C LEU A 496 3.62 -49.13 26.75
N GLU A 497 4.37 -49.91 27.53
CA GLU A 497 4.17 -49.89 28.97
C GLU A 497 4.41 -48.50 29.55
N VAL A 498 5.38 -47.77 29.01
CA VAL A 498 5.83 -46.49 29.56
C VAL A 498 4.69 -45.48 29.59
N PHE A 499 4.23 -45.05 28.40
CA PHE A 499 3.25 -43.98 28.36
C PHE A 499 1.85 -44.45 28.73
N GLN A 500 1.48 -45.69 28.39
CA GLN A 500 0.19 -46.23 28.82
C GLN A 500 0.07 -46.29 30.35
N THR A 501 1.20 -46.39 31.05
CA THR A 501 1.18 -46.39 32.51
C THR A 501 1.02 -44.98 33.06
N LEU A 502 1.81 -44.03 32.55
CA LEU A 502 1.70 -42.64 33.00
C LEU A 502 0.33 -42.07 32.68
N MSE A 503 -0.16 -42.32 31.46
CA MSE A 503 -1.48 -41.90 30.98
C MSE A 503 -2.58 -42.43 31.90
O MSE A 503 -3.67 -41.87 31.98
CB MSE A 503 -1.69 -42.40 29.55
CG MSE A 503 -2.85 -41.76 28.78
SE MSE A 503 -3.23 -42.76 27.14
CE MSE A 503 -1.40 -42.93 26.46
N ALA A 504 -2.28 -43.55 32.57
CA ALA A 504 -3.18 -44.18 33.53
C ALA A 504 -3.03 -43.61 34.93
N HIS A 505 -1.79 -43.32 35.34
CA HIS A 505 -1.55 -42.64 36.61
C HIS A 505 -2.19 -41.26 36.66
N ALA A 506 -2.50 -40.69 35.49
CA ALA A 506 -3.17 -39.40 35.40
C ALA A 506 -4.63 -39.53 34.98
N GLY A 507 -5.20 -40.73 35.04
CA GLY A 507 -6.63 -40.91 34.79
C GLY A 507 -7.10 -40.53 33.40
N LEU A 508 -6.27 -40.72 32.38
CA LEU A 508 -6.63 -40.41 31.00
C LEU A 508 -6.73 -41.67 30.13
N ALA A 509 -6.81 -42.83 30.76
CA ALA A 509 -6.87 -44.09 30.01
C ALA A 509 -8.23 -44.27 29.36
N VAL A 518 -9.77 -49.83 34.25
CA VAL A 518 -8.36 -50.04 33.96
C VAL A 518 -7.84 -51.26 34.72
N GLU A 519 -7.78 -52.39 34.02
CA GLU A 519 -7.43 -53.67 34.60
C GLU A 519 -6.45 -54.39 33.69
N PRO A 520 -5.55 -55.21 34.26
CA PRO A 520 -4.55 -55.89 33.42
C PRO A 520 -5.17 -56.94 32.52
N SER A 521 -5.22 -56.67 31.23
CA SER A 521 -5.76 -57.61 30.27
C SER A 521 -4.72 -57.84 29.17
N PRO A 522 -4.42 -59.09 28.83
CA PRO A 522 -3.55 -59.34 27.67
C PRO A 522 -4.29 -59.02 26.38
N GLY A 523 -3.51 -58.92 25.31
CA GLY A 523 -4.06 -58.58 24.02
C GLY A 523 -4.82 -59.75 23.39
N GLU A 524 -5.23 -59.53 22.15
CA GLU A 524 -5.84 -60.56 21.32
C GLU A 524 -4.91 -60.84 20.15
N LEU A 525 -4.29 -62.02 20.16
CA LEU A 525 -3.38 -62.39 19.08
C LEU A 525 -4.13 -62.49 17.77
N ARG A 526 -3.74 -61.66 16.80
CA ARG A 526 -4.37 -61.68 15.48
C ARG A 526 -4.23 -63.05 14.82
N PHE A 527 -3.18 -63.78 15.14
CA PHE A 527 -2.92 -65.11 14.58
C PHE A 527 -2.90 -66.17 15.66
N LYS A 528 -3.87 -66.11 16.58
CA LYS A 528 -3.93 -67.07 17.69
C LYS A 528 -4.07 -68.50 17.18
N GLU A 529 -5.14 -68.76 16.42
CA GLU A 529 -5.42 -70.14 16.01
C GLU A 529 -4.38 -70.66 15.03
N GLN A 530 -3.88 -69.79 14.15
CA GLN A 530 -2.91 -70.23 13.14
C GLN A 530 -1.58 -70.62 13.77
N LEU A 531 -1.10 -69.84 14.73
CA LEU A 531 0.19 -70.14 15.34
C LEU A 531 0.12 -71.39 16.21
N GLU A 532 -1.03 -71.67 16.81
CA GLU A 532 -1.21 -72.96 17.50
C GLU A 532 -0.96 -74.12 16.54
N VAL A 533 -1.65 -74.09 15.40
CA VAL A 533 -1.52 -75.15 14.41
C VAL A 533 -0.09 -75.25 13.89
N TYR A 534 0.57 -74.10 13.73
CA TYR A 534 1.94 -74.11 13.24
C TYR A 534 2.90 -74.69 14.26
N ASP A 535 2.63 -74.50 15.55
CA ASP A 535 3.53 -75.03 16.57
C ASP A 535 3.42 -76.54 16.69
N LYS A 536 2.25 -77.11 16.41
CA LYS A 536 2.13 -78.57 16.41
C LYS A 536 2.90 -79.18 15.24
N VAL A 537 2.82 -78.54 14.07
CA VAL A 537 3.59 -79.01 12.91
C VAL A 537 5.08 -78.84 13.17
N LEU A 538 5.48 -77.73 13.77
CA LEU A 538 6.90 -77.44 13.98
C LEU A 538 7.56 -78.47 14.89
N ALA A 539 6.83 -78.97 15.88
CA ALA A 539 7.37 -80.04 16.72
C ALA A 539 7.82 -81.23 15.86
N ARG A 540 7.08 -81.50 14.78
CA ARG A 540 7.48 -82.56 13.87
C ARG A 540 8.47 -82.05 12.82
N LEU A 541 8.31 -80.79 12.39
CA LEU A 541 9.20 -80.23 11.37
C LEU A 541 10.61 -80.09 11.90
N SER A 542 10.77 -79.57 13.13
CA SER A 542 12.10 -79.35 13.68
C SER A 542 12.88 -80.66 13.82
N LYS A 543 12.17 -81.78 13.93
CA LYS A 543 12.82 -83.09 14.02
C LYS A 543 13.19 -83.65 12.65
N SER A 544 12.55 -83.18 11.58
CA SER A 544 12.68 -83.79 10.27
C SER A 544 14.00 -83.42 9.60
N ARG A 545 14.33 -84.20 8.55
CA ARG A 545 15.49 -83.88 7.72
C ARG A 545 15.34 -82.53 7.04
N LEU A 546 14.10 -82.14 6.71
CA LEU A 546 13.89 -80.87 6.02
C LEU A 546 14.36 -79.71 6.87
N ALA A 547 14.19 -79.80 8.20
CA ALA A 547 14.68 -78.75 9.09
C ALA A 547 16.18 -78.58 8.97
N ALA A 548 16.91 -79.68 8.78
CA ALA A 548 18.36 -79.59 8.58
C ALA A 548 18.69 -78.93 7.25
N GLU A 549 17.95 -79.27 6.19
CA GLU A 549 18.13 -78.60 4.91
C GLU A 549 18.02 -77.10 5.06
N LEU A 550 17.02 -76.63 5.80
CA LEU A 550 16.82 -75.20 5.99
C LEU A 550 17.97 -74.58 6.77
N ARG A 551 18.32 -75.18 7.92
CA ARG A 551 19.40 -74.65 8.74
C ARG A 551 20.74 -74.72 8.01
N ASN A 552 20.86 -75.55 6.98
CA ASN A 552 22.07 -75.57 6.17
C ASN A 552 22.07 -74.45 5.13
N ALA A 553 20.90 -73.96 4.74
CA ALA A 553 20.79 -72.87 3.79
C ALA A 553 20.83 -71.50 4.45
N GLY A 554 20.93 -71.45 5.78
CA GLY A 554 21.04 -70.21 6.52
C GLY A 554 19.87 -69.93 7.44
N VAL A 555 18.79 -70.70 7.36
CA VAL A 555 17.59 -70.47 8.15
C VAL A 555 17.65 -71.39 9.35
N GLU A 556 18.19 -70.89 10.47
CA GLU A 556 18.41 -71.70 11.66
C GLU A 556 17.27 -71.61 12.68
N ASP A 557 16.69 -70.43 12.88
CA ASP A 557 15.54 -70.29 13.78
C ASP A 557 14.27 -70.54 12.99
N LEU A 558 13.66 -71.71 13.19
CA LEU A 558 12.45 -72.10 12.48
C LEU A 558 11.18 -71.78 13.27
N SER A 559 11.24 -70.83 14.19
CA SER A 559 10.09 -70.50 15.01
C SER A 559 9.21 -69.42 14.39
N ASN A 560 9.79 -68.54 13.56
CA ASN A 560 9.04 -67.46 12.95
C ASN A 560 8.67 -67.85 11.52
N PRO A 561 7.41 -68.19 11.24
CA PRO A 561 7.05 -68.57 9.87
C PRO A 561 7.23 -67.46 8.86
N PHE A 562 7.02 -66.20 9.27
CA PHE A 562 7.16 -65.09 8.35
C PHE A 562 8.61 -64.78 8.05
N GLU A 563 9.53 -65.17 8.93
CA GLU A 563 10.96 -64.96 8.71
C GLU A 563 11.57 -66.06 7.85
N VAL A 564 11.18 -67.31 8.08
CA VAL A 564 11.72 -68.43 7.28
C VAL A 564 11.35 -68.25 5.81
N VAL A 565 10.10 -67.87 5.54
CA VAL A 565 9.67 -67.65 4.16
C VAL A 565 10.35 -66.41 3.58
N ARG A 566 10.54 -65.37 4.39
CA ARG A 566 11.23 -64.18 3.90
C ARG A 566 12.72 -64.46 3.69
N GLN A 567 13.36 -65.15 4.65
CA GLN A 567 14.79 -65.43 4.53
C GLN A 567 15.09 -66.47 3.44
N LEU A 568 14.09 -67.19 2.95
CA LEU A 568 14.30 -68.14 1.86
C LEU A 568 14.20 -67.46 0.50
N GLU A 569 13.08 -66.78 0.23
CA GLU A 569 12.96 -66.05 -1.03
C GLU A 569 13.95 -64.89 -1.11
N SER A 570 14.62 -64.54 -0.01
CA SER A 570 15.67 -63.54 -0.07
C SER A 570 16.92 -64.13 -0.74
N LEU A 571 17.34 -65.33 -0.31
CA LEU A 571 18.55 -65.95 -0.85
C LEU A 571 18.25 -67.15 -1.75
N GLY A 572 17.42 -66.92 -2.78
CA GLY A 572 17.12 -67.97 -3.74
C GLY A 572 16.36 -69.13 -3.15
N GLU A 573 17.03 -70.28 -3.04
CA GLU A 573 16.49 -71.51 -2.48
C GLU A 573 15.01 -71.72 -2.82
N GLU A 574 14.68 -71.65 -4.11
CA GLU A 574 13.29 -71.86 -4.51
C GLU A 574 12.81 -73.25 -4.17
N GLU A 575 13.72 -74.23 -4.19
CA GLU A 575 13.31 -75.60 -3.90
C GLU A 575 13.08 -75.81 -2.41
N LEU A 576 13.90 -75.17 -1.56
CA LEU A 576 13.70 -75.25 -0.13
C LEU A 576 12.49 -74.44 0.34
N LEU A 577 11.90 -73.62 -0.54
CA LEU A 577 10.66 -72.94 -0.22
C LEU A 577 9.45 -73.77 -0.65
N LYS A 578 9.53 -74.42 -1.82
CA LYS A 578 8.47 -75.33 -2.22
C LYS A 578 8.30 -76.46 -1.22
N ALA A 579 9.40 -76.96 -0.64
CA ALA A 579 9.30 -77.99 0.37
C ALA A 579 8.70 -77.46 1.66
N PHE A 580 9.07 -76.23 2.03
CA PHE A 580 8.52 -75.63 3.25
C PHE A 580 7.04 -75.32 3.08
N LYS A 581 6.67 -74.69 1.96
CA LYS A 581 5.26 -74.43 1.69
C LYS A 581 4.49 -75.72 1.50
N GLY A 582 5.16 -76.78 1.03
CA GLY A 582 4.50 -78.06 0.87
C GLY A 582 4.40 -78.85 2.17
N TYR A 583 5.39 -78.73 3.04
CA TYR A 583 5.33 -79.39 4.34
C TYR A 583 4.24 -78.77 5.21
N LEU A 584 4.16 -77.44 5.24
CA LEU A 584 3.11 -76.79 6.01
C LEU A 584 1.73 -77.07 5.43
N ARG A 585 1.63 -77.35 4.13
CA ARG A 585 0.35 -77.77 3.58
C ARG A 585 -0.07 -79.12 4.13
N LYS A 586 0.83 -80.11 4.07
CA LYS A 586 0.53 -81.44 4.61
C LYS A 586 0.28 -81.38 6.11
N GLY A 587 0.98 -80.49 6.81
CA GLY A 587 0.85 -80.37 8.25
C GLY A 587 -0.43 -79.68 8.69
N PHE A 588 -0.80 -78.59 8.01
CA PHE A 588 -2.02 -77.86 8.36
C PHE A 588 -3.28 -78.60 7.91
N ALA A 589 -3.27 -79.15 6.69
CA ALA A 589 -4.38 -80.00 6.25
C ALA A 589 -4.58 -81.15 7.22
N LYS A 590 -3.48 -81.77 7.65
CA LYS A 590 -3.49 -82.69 8.77
C LYS A 590 -4.15 -82.02 9.97
N GLU A 591 -3.51 -80.97 10.49
CA GLU A 591 -3.92 -80.36 11.75
C GLU A 591 -5.33 -79.78 11.71
N LEU A 592 -5.89 -79.49 10.53
CA LEU A 592 -7.24 -78.98 10.43
C LEU A 592 -8.20 -79.98 9.81
N GLY A 593 -7.72 -81.17 9.47
CA GLY A 593 -8.60 -82.22 8.97
C GLY A 593 -9.20 -81.95 7.61
N LEU A 594 -8.43 -81.32 6.73
CA LEU A 594 -8.85 -81.11 5.36
C LEU A 594 -8.28 -82.20 4.47
N ASP A 595 -9.10 -82.70 3.54
CA ASP A 595 -8.66 -83.72 2.59
C ASP A 595 -7.96 -83.03 1.43
N LEU A 596 -6.66 -83.24 1.30
CA LEU A 596 -5.85 -82.50 0.34
C LEU A 596 -6.18 -82.84 -1.11
N LYS A 597 -7.05 -83.83 -1.35
CA LYS A 597 -7.42 -84.22 -2.70
C LYS A 597 -8.63 -83.44 -3.22
N SER A 598 -9.69 -83.36 -2.43
CA SER A 598 -10.89 -82.61 -2.81
C SER A 598 -10.51 -81.19 -3.19
N GLU A 599 -10.79 -80.82 -4.45
CA GLU A 599 -10.26 -79.59 -5.00
C GLU A 599 -10.93 -78.34 -4.44
N GLU A 600 -12.02 -78.48 -3.69
CA GLU A 600 -12.54 -77.38 -2.89
C GLU A 600 -12.04 -77.39 -1.46
N ASP A 601 -11.80 -78.57 -0.90
CA ASP A 601 -11.13 -78.67 0.39
C ASP A 601 -9.67 -78.27 0.28
N ARG A 602 -9.02 -78.58 -0.85
CA ARG A 602 -7.65 -78.13 -1.06
C ARG A 602 -7.59 -76.61 -1.20
N ALA A 603 -8.58 -76.02 -1.89
CA ALA A 603 -8.65 -74.58 -2.02
C ALA A 603 -8.93 -73.88 -0.70
N ARG A 604 -9.37 -74.63 0.32
CA ARG A 604 -9.55 -74.07 1.66
C ARG A 604 -8.23 -74.04 2.44
N LEU A 605 -7.30 -74.95 2.13
CA LEU A 605 -5.98 -74.87 2.76
C LEU A 605 -5.29 -73.58 2.39
N ASN A 606 -4.99 -73.40 1.10
CA ASN A 606 -4.34 -72.20 0.61
C ASN A 606 -5.12 -70.93 0.93
N GLN A 607 -6.40 -71.03 1.29
CA GLN A 607 -7.16 -69.85 1.69
C GLN A 607 -6.93 -69.50 3.15
N TYR A 608 -6.50 -70.47 3.95
CA TYR A 608 -6.24 -70.28 5.38
C TYR A 608 -4.76 -70.08 5.68
N LEU A 609 -3.90 -70.79 4.98
CA LEU A 609 -2.47 -70.81 5.30
C LEU A 609 -1.74 -69.62 4.68
N PHE A 610 -2.00 -69.34 3.40
CA PHE A 610 -1.35 -68.22 2.70
C PHE A 610 -2.21 -66.96 2.82
N GLU A 611 -3.38 -66.99 2.20
CA GLU A 611 -4.26 -65.82 2.14
C GLU A 611 -4.52 -65.24 3.52
N GLY A 612 -4.88 -66.09 4.49
CA GLY A 612 -5.17 -65.66 5.84
C GLY A 612 -3.99 -65.56 6.78
N PHE A 613 -2.83 -66.10 6.41
CA PHE A 613 -1.71 -66.16 7.36
C PHE A 613 -0.39 -65.76 6.70
N LEU A 614 0.14 -66.63 5.83
CA LEU A 614 1.51 -66.44 5.34
C LEU A 614 1.65 -65.19 4.48
N ASP A 615 0.60 -64.80 3.75
CA ASP A 615 0.71 -63.62 2.90
C ASP A 615 0.94 -62.34 3.69
N TYR A 616 0.59 -62.33 4.97
CA TYR A 616 0.79 -61.16 5.82
C TYR A 616 2.23 -60.99 6.28
N ARG A 617 3.17 -61.73 5.71
CA ARG A 617 4.59 -61.50 5.97
C ARG A 617 5.06 -60.16 5.42
N LYS A 618 4.27 -59.51 4.56
CA LYS A 618 4.64 -58.25 3.94
C LYS A 618 4.38 -57.03 4.82
N GLN A 619 3.50 -57.16 5.82
CA GLN A 619 3.23 -56.08 6.74
C GLN A 619 3.86 -56.28 8.11
N PHE A 620 3.99 -57.52 8.57
CA PHE A 620 4.42 -57.83 9.91
C PHE A 620 5.70 -58.66 9.90
N GLN A 621 6.54 -58.43 10.92
CA GLN A 621 7.81 -59.15 11.06
C GLN A 621 7.63 -60.45 11.82
N ASP A 622 6.97 -60.39 12.98
CA ASP A 622 6.72 -61.57 13.80
C ASP A 622 5.22 -61.75 13.96
N PRO A 623 4.65 -62.87 13.52
CA PRO A 623 3.22 -63.11 13.76
C PRO A 623 2.88 -63.37 15.21
N ARG A 624 3.87 -63.71 16.04
CA ARG A 624 3.62 -63.94 17.46
C ARG A 624 3.47 -62.65 18.25
N ARG A 625 3.79 -61.49 17.67
CA ARG A 625 3.70 -60.21 18.35
C ARG A 625 2.70 -59.25 17.73
N VAL A 626 1.84 -59.72 16.83
CA VAL A 626 0.82 -58.87 16.23
C VAL A 626 -0.50 -59.15 16.94
N TYR A 627 -1.14 -58.09 17.43
CA TYR A 627 -2.38 -58.20 18.20
C TYR A 627 -3.53 -57.59 17.41
N LYS A 628 -4.75 -57.99 17.80
CA LYS A 628 -5.96 -57.37 17.25
C LYS A 628 -6.57 -56.34 18.20
N LYS A 629 -6.48 -56.58 19.50
CA LYS A 629 -6.79 -55.58 20.53
C LYS A 629 -5.57 -55.46 21.44
N LEU A 630 -4.96 -54.28 21.45
CA LEU A 630 -3.71 -54.09 22.20
C LEU A 630 -3.94 -54.28 23.70
N PRO A 631 -2.99 -54.89 24.41
CA PRO A 631 -3.21 -55.20 25.84
C PRO A 631 -3.13 -53.95 26.70
N LEU A 632 -3.52 -54.13 27.96
CA LEU A 632 -3.36 -53.14 29.00
C LEU A 632 -2.35 -53.69 29.99
N MSE A 633 -1.16 -53.10 30.00
CA MSE A 633 -0.07 -53.57 30.86
C MSE A 633 -0.45 -53.46 32.32
O MSE A 633 -1.10 -52.49 32.73
CB MSE A 633 1.21 -52.78 30.57
CG MSE A 633 1.73 -52.97 29.15
SE MSE A 633 1.52 -54.81 28.55
CE MSE A 633 2.40 -54.67 26.82
N PRO A 634 -0.05 -54.45 33.13
CA PRO A 634 -0.43 -54.43 34.55
C PRO A 634 0.08 -53.22 35.30
N SER A 635 1.22 -52.65 34.88
CA SER A 635 1.71 -51.43 35.52
C SER A 635 0.75 -50.26 35.32
N ALA A 636 0.04 -50.24 34.19
CA ALA A 636 -0.94 -49.19 33.95
C ALA A 636 -2.18 -49.39 34.81
N ALA A 637 -2.62 -50.64 34.98
CA ALA A 637 -3.73 -50.91 35.90
C ALA A 637 -3.31 -50.63 37.34
N LEU A 638 -2.05 -50.90 37.67
CA LEU A 638 -1.52 -50.50 38.97
C LEU A 638 -1.50 -48.98 39.11
N ALA A 639 -0.95 -48.29 38.10
CA ALA A 639 -0.75 -46.85 38.22
C ALA A 639 -2.07 -46.10 38.38
N ALA A 640 -3.18 -46.68 37.92
CA ALA A 640 -4.47 -46.02 37.97
C ALA A 640 -5.18 -46.18 39.31
N SER A 641 -4.74 -47.13 40.13
CA SER A 641 -5.30 -47.31 41.46
C SER A 641 -4.49 -46.61 42.54
N LEU A 642 -3.34 -46.03 42.20
CA LEU A 642 -2.54 -45.29 43.17
C LEU A 642 -2.93 -43.82 43.25
N LEU A 643 -3.20 -43.19 42.10
CA LEU A 643 -3.75 -41.85 42.03
C LEU A 643 -5.22 -41.98 41.65
N GLN A 644 -6.10 -41.60 42.57
CA GLN A 644 -7.54 -41.74 42.35
C GLN A 644 -8.11 -40.42 41.85
N VAL A 645 -7.67 -40.06 40.64
CA VAL A 645 -7.99 -38.77 40.02
C VAL A 645 -8.81 -39.04 38.77
N GLU A 646 -9.89 -38.28 38.60
CA GLU A 646 -10.76 -38.44 37.45
C GLU A 646 -11.34 -37.09 37.06
N ALA A 647 -11.77 -37.00 35.79
CA ALA A 647 -12.36 -35.79 35.24
C ALA A 647 -13.87 -35.98 35.12
N HIS A 648 -14.60 -35.30 36.01
CA HIS A 648 -16.05 -35.47 36.12
C HIS A 648 -16.77 -34.55 35.14
N LYS A 649 -17.76 -35.09 34.44
CA LYS A 649 -18.44 -34.36 33.36
C LYS A 649 -19.73 -33.73 33.86
N LYS A 650 -19.94 -32.47 33.49
CA LYS A 650 -21.19 -31.78 33.75
C LYS A 650 -21.37 -30.68 32.71
N GLU A 651 -22.60 -30.53 32.23
CA GLU A 651 -22.90 -29.52 31.22
C GLU A 651 -23.10 -28.16 31.86
N TYR A 652 -22.59 -27.12 31.20
CA TYR A 652 -22.93 -25.76 31.60
C TYR A 652 -24.43 -25.57 31.52
N ASP A 653 -24.96 -24.72 32.41
CA ASP A 653 -26.37 -24.39 32.46
C ASP A 653 -26.84 -23.98 31.06
N PRO A 654 -27.64 -24.81 30.39
CA PRO A 654 -28.07 -24.45 29.03
C PRO A 654 -29.07 -23.31 29.00
N SER A 655 -29.66 -22.95 30.14
CA SER A 655 -30.65 -21.88 30.13
C SER A 655 -29.99 -20.52 30.30
N ASP A 656 -28.95 -20.44 31.12
CA ASP A 656 -28.26 -19.19 31.36
C ASP A 656 -27.12 -19.04 30.36
N PRO A 657 -27.14 -18.01 29.50
CA PRO A 657 -26.05 -17.86 28.51
C PRO A 657 -24.74 -17.40 29.11
N VAL A 658 -24.71 -16.98 30.38
CA VAL A 658 -23.47 -16.59 31.01
C VAL A 658 -22.60 -17.81 31.31
N ALA A 659 -23.23 -18.94 31.68
CA ALA A 659 -22.50 -20.09 32.20
C ALA A 659 -21.42 -20.57 31.23
N LEU A 660 -21.73 -20.63 29.94
CA LEU A 660 -20.74 -21.08 28.97
C LEU A 660 -19.60 -20.07 28.83
N ALA A 661 -19.95 -18.81 28.54
CA ALA A 661 -18.94 -17.76 28.41
C ALA A 661 -18.14 -17.63 29.70
N ALA A 662 -18.80 -17.66 30.85
CA ALA A 662 -18.09 -17.61 32.12
C ALA A 662 -17.15 -18.79 32.27
N GLY A 663 -17.58 -19.97 31.84
CA GLY A 663 -16.70 -21.13 31.89
C GLY A 663 -15.52 -21.00 30.94
N GLN A 664 -15.72 -20.34 29.80
CA GLN A 664 -14.65 -20.20 28.83
C GLN A 664 -13.59 -19.19 29.27
N LEU A 665 -13.95 -18.25 30.16
CA LEU A 665 -12.96 -17.33 30.69
C LEU A 665 -12.00 -18.04 31.62
N THR A 666 -12.49 -19.05 32.35
CA THR A 666 -11.72 -19.79 33.35
C THR A 666 -10.69 -20.66 32.66
N THR A 667 -10.66 -20.60 31.33
CA THR A 667 -9.69 -21.31 30.54
C THR A 667 -8.48 -20.47 30.17
N SER A 668 -8.53 -19.16 30.40
CA SER A 668 -7.45 -18.25 29.99
C SER A 668 -6.15 -18.44 30.78
N PHE A 669 -5.98 -19.48 31.60
CA PHE A 669 -4.69 -19.75 32.23
C PHE A 669 -4.22 -21.18 31.93
N LEU A 670 -4.67 -21.75 30.81
CA LEU A 670 -4.19 -23.05 30.38
C LEU A 670 -2.69 -23.09 30.20
N GLY A 671 -2.06 -21.93 29.91
CA GLY A 671 -0.62 -21.90 29.75
C GLY A 671 0.12 -22.21 31.04
N LEU A 672 -0.38 -21.71 32.17
CA LEU A 672 0.23 -22.02 33.45
C LEU A 672 0.07 -23.50 33.80
N SER A 673 -0.98 -24.13 33.28
CA SER A 673 -1.10 -25.58 33.42
C SER A 673 -0.06 -26.31 32.58
N GLU A 674 0.30 -25.74 31.44
CA GLU A 674 1.26 -26.40 30.54
C GLU A 674 2.70 -26.22 31.02
N LYS A 675 3.04 -25.01 31.49
CA LYS A 675 4.37 -24.80 32.06
C LYS A 675 4.60 -25.69 33.28
N LEU A 676 3.55 -25.96 34.07
CA LEU A 676 3.71 -26.85 35.21
C LEU A 676 4.08 -28.26 34.78
N ALA A 677 3.46 -28.75 33.72
CA ALA A 677 3.79 -30.08 33.20
C ALA A 677 5.22 -30.12 32.69
N GLN A 678 5.60 -29.13 31.87
CA GLN A 678 6.96 -29.08 31.36
C GLN A 678 7.97 -28.90 32.48
N ASP A 679 7.69 -27.99 33.42
CA ASP A 679 8.60 -27.76 34.52
C ASP A 679 8.68 -28.95 35.47
N LEU A 680 7.73 -29.89 35.38
CA LEU A 680 7.72 -31.04 36.28
C LEU A 680 8.40 -32.27 35.67
N GLU A 681 8.25 -32.49 34.36
CA GLU A 681 8.80 -33.70 33.76
C GLU A 681 10.31 -33.67 33.65
N THR A 682 10.94 -32.49 33.76
CA THR A 682 12.39 -32.43 33.81
C THR A 682 12.96 -33.09 35.05
N SER A 683 12.14 -33.27 36.10
CA SER A 683 12.61 -33.88 37.33
C SER A 683 12.53 -35.40 37.28
N ILE A 684 11.50 -35.95 36.63
CA ILE A 684 11.26 -37.40 36.71
C ILE A 684 12.32 -38.13 35.90
N ASP A 685 12.97 -39.10 36.54
CA ASP A 685 14.00 -39.91 35.89
C ASP A 685 13.32 -40.96 35.03
N PHE A 686 13.16 -40.64 33.75
CA PHE A 686 12.56 -41.60 32.82
C PHE A 686 13.30 -42.93 32.73
N PRO A 687 14.65 -42.99 32.83
CA PRO A 687 15.30 -44.31 32.92
C PRO A 687 14.77 -45.19 34.05
N LYS A 688 14.78 -44.69 35.29
CA LYS A 688 14.34 -45.51 36.41
C LYS A 688 12.87 -45.87 36.31
N LEU A 689 12.03 -44.96 35.79
CA LEU A 689 10.62 -45.26 35.65
C LEU A 689 10.39 -46.39 34.65
N ALA A 690 11.10 -46.37 33.52
CA ALA A 690 10.92 -47.40 32.50
C ALA A 690 11.35 -48.77 33.01
N GLU A 691 12.48 -48.84 33.70
CA GLU A 691 12.91 -50.11 34.25
C GLU A 691 12.01 -50.57 35.40
N ALA A 692 11.54 -49.62 36.21
CA ALA A 692 10.59 -49.96 37.27
C ALA A 692 9.30 -50.52 36.70
N ILE A 693 8.91 -50.07 35.51
CA ILE A 693 7.70 -50.59 34.87
C ILE A 693 7.97 -51.92 34.19
N ARG A 694 9.05 -51.97 33.40
CA ARG A 694 9.39 -53.21 32.70
C ARG A 694 9.63 -54.36 33.67
N ALA A 695 10.12 -54.05 34.87
CA ALA A 695 10.34 -55.09 35.87
C ALA A 695 9.02 -55.63 36.39
N TYR A 696 8.07 -54.74 36.71
CA TYR A 696 6.80 -55.20 37.27
C TYR A 696 6.01 -56.01 36.25
N ASN A 697 5.98 -55.57 35.00
CA ASN A 697 5.22 -56.29 33.99
C ASN A 697 5.79 -57.67 33.73
N GLN A 698 7.12 -57.80 33.80
CA GLN A 698 7.75 -59.10 33.67
C GLN A 698 7.42 -59.98 34.87
N ALA A 699 7.77 -59.51 36.08
CA ALA A 699 7.52 -60.27 37.31
C ALA A 699 6.05 -60.57 37.53
N TYR A 700 5.15 -59.84 36.87
CA TYR A 700 3.73 -60.13 36.95
C TYR A 700 3.37 -61.29 36.03
N SER A 701 3.86 -61.25 34.79
CA SER A 701 3.46 -62.25 33.79
C SER A 701 3.88 -63.65 34.21
N SER A 702 5.19 -63.88 34.36
CA SER A 702 5.74 -65.19 34.67
C SER A 702 6.76 -65.11 35.79
N GLY A 703 6.48 -64.27 36.80
CA GLY A 703 7.36 -64.13 37.94
C GLY A 703 6.87 -64.94 39.13
N ASN A 704 7.76 -65.12 40.09
CA ASN A 704 7.44 -65.88 41.29
C ASN A 704 6.43 -65.12 42.14
N GLU A 705 5.96 -65.77 43.20
CA GLU A 705 5.03 -65.11 44.10
C GLU A 705 5.71 -64.02 44.92
N GLU A 706 7.03 -64.11 45.08
CA GLU A 706 7.74 -63.06 45.82
C GLU A 706 7.83 -61.77 45.00
N GLN A 707 8.29 -61.86 43.75
CA GLN A 707 8.60 -60.66 42.99
C GLN A 707 7.35 -59.91 42.56
N VAL A 708 6.23 -60.59 42.35
CA VAL A 708 4.98 -59.90 42.09
C VAL A 708 4.58 -59.01 43.26
N ALA A 709 5.11 -59.30 44.47
CA ALA A 709 4.88 -58.44 45.62
C ALA A 709 5.92 -57.34 45.73
N LYS A 710 7.19 -57.67 45.57
CA LYS A 710 8.24 -56.67 45.74
C LYS A 710 8.26 -55.68 44.58
N ALA A 711 8.12 -56.16 43.35
CA ALA A 711 8.02 -55.25 42.22
C ALA A 711 6.80 -54.34 42.35
N ARG A 712 5.76 -54.79 43.06
CA ARG A 712 4.61 -53.94 43.29
C ARG A 712 4.93 -52.83 44.27
N ALA A 713 5.53 -53.18 45.41
CA ALA A 713 5.84 -52.20 46.44
C ALA A 713 6.87 -51.17 45.98
N GLU A 714 7.72 -51.51 45.02
CA GLU A 714 8.72 -50.54 44.54
C GLU A 714 8.10 -49.55 43.57
N LEU A 715 7.32 -50.05 42.61
CA LEU A 715 6.64 -49.16 41.67
C LEU A 715 5.62 -48.28 42.38
N VAL A 716 5.02 -48.78 43.47
CA VAL A 716 4.05 -47.98 44.21
C VAL A 716 4.71 -46.78 44.86
N LYS A 717 5.90 -46.96 45.43
CA LYS A 717 6.59 -45.85 46.08
C LYS A 717 7.13 -44.84 45.08
N VAL A 718 7.36 -45.24 43.82
CA VAL A 718 7.74 -44.28 42.81
C VAL A 718 6.53 -43.46 42.36
N LEU A 719 5.35 -44.06 42.34
CA LEU A 719 4.15 -43.36 41.91
C LEU A 719 3.46 -42.59 43.03
N ASN A 720 3.72 -42.93 44.30
CA ASN A 720 3.29 -42.11 45.42
C ASN A 720 4.23 -40.94 45.67
N ASP A 721 5.26 -40.77 44.83
CA ASP A 721 6.28 -39.73 44.95
C ASP A 721 5.69 -38.39 44.52
N PRO A 722 6.01 -37.31 45.25
CA PRO A 722 5.39 -36.01 44.92
C PRO A 722 5.73 -35.50 43.53
N THR A 723 7.00 -35.61 43.11
CA THR A 723 7.38 -35.13 41.79
C THR A 723 6.63 -35.88 40.69
N VAL A 724 6.39 -37.18 40.90
CA VAL A 724 5.67 -37.97 39.91
C VAL A 724 4.18 -37.69 39.98
N GLN A 725 3.63 -37.64 41.19
CA GLN A 725 2.20 -37.38 41.35
C GLN A 725 1.83 -36.02 40.79
N LYS A 726 2.67 -35.01 41.01
CA LYS A 726 2.34 -33.67 40.54
C LYS A 726 2.41 -33.57 39.02
N PHE A 727 3.34 -34.31 38.39
CA PHE A 727 3.42 -34.29 36.94
C PHE A 727 2.20 -34.95 36.32
N SER A 728 1.75 -36.08 36.87
CA SER A 728 0.55 -36.71 36.35
C SER A 728 -0.69 -35.87 36.64
N LEU A 729 -0.76 -35.26 37.84
CA LEU A 729 -1.88 -34.39 38.15
C LEU A 729 -1.90 -33.16 37.25
N SER A 730 -0.73 -32.61 36.95
CA SER A 730 -0.65 -31.51 35.98
C SER A 730 -1.19 -31.95 34.63
N ASN A 731 -0.81 -33.15 34.17
CA ASN A 731 -1.30 -33.64 32.88
C ASN A 731 -2.82 -33.74 32.87
N LEU A 732 -3.41 -34.11 34.00
CA LEU A 732 -4.87 -34.17 34.10
C LEU A 732 -5.47 -32.77 34.01
N LEU A 733 -4.95 -31.82 34.79
CA LEU A 733 -5.51 -30.47 34.80
C LEU A 733 -5.47 -29.84 33.42
N TYR A 734 -4.45 -30.16 32.62
CA TYR A 734 -4.38 -29.62 31.27
C TYR A 734 -5.56 -30.09 30.43
N GLN A 735 -5.96 -31.35 30.58
CA GLN A 735 -7.09 -31.87 29.83
C GLN A 735 -8.41 -31.33 30.36
N ILE A 736 -8.53 -31.22 31.69
CA ILE A 736 -9.77 -30.68 32.26
C ILE A 736 -9.97 -29.23 31.82
N ILE A 737 -8.91 -28.42 31.93
CA ILE A 737 -9.01 -27.01 31.54
C ILE A 737 -9.39 -26.89 30.07
N THR A 738 -8.77 -27.70 29.21
CA THR A 738 -9.10 -27.64 27.78
C THR A 738 -10.56 -28.02 27.55
N ASP A 739 -11.05 -29.03 28.28
CA ASP A 739 -12.43 -29.47 28.09
C ASP A 739 -13.43 -28.49 28.69
N ARG A 740 -13.03 -27.69 29.68
CA ARG A 740 -13.95 -26.71 30.22
C ARG A 740 -14.35 -25.65 29.21
N LYS A 741 -13.66 -25.59 28.06
CA LYS A 741 -14.09 -24.72 26.96
C LYS A 741 -15.35 -25.23 26.28
N LYS A 742 -15.93 -26.32 26.75
CA LYS A 742 -17.20 -26.84 26.28
C LYS A 742 -18.19 -27.14 27.41
N ARG A 743 -17.71 -27.64 28.55
CA ARG A 743 -18.60 -28.10 29.62
C ARG A 743 -18.01 -27.73 30.97
N ASP A 744 -18.82 -27.92 32.02
CA ASP A 744 -18.42 -27.58 33.39
C ASP A 744 -17.73 -28.77 34.06
N TYR A 745 -16.66 -29.23 33.43
CA TYR A 745 -15.89 -30.35 33.96
C TYR A 745 -15.30 -29.99 35.32
N SER A 746 -15.05 -31.01 36.13
CA SER A 746 -14.47 -30.80 37.46
C SER A 746 -13.44 -31.88 37.75
N LEU A 747 -12.55 -31.56 38.68
CA LEU A 747 -11.55 -32.51 39.14
C LEU A 747 -12.07 -33.24 40.37
N ARG A 748 -11.77 -34.53 40.45
CA ARG A 748 -12.20 -35.36 41.56
C ARG A 748 -11.04 -36.25 42.02
N VAL A 749 -10.73 -36.22 43.31
CA VAL A 749 -9.58 -36.91 43.87
C VAL A 749 -10.00 -37.67 45.13
N ARG A 750 -9.64 -38.95 45.20
CA ARG A 750 -9.95 -39.80 46.36
C ARG A 750 -8.65 -40.09 47.09
N THR A 751 -8.57 -39.65 48.34
CA THR A 751 -7.32 -39.61 49.08
C THR A 751 -7.23 -40.75 50.09
N GLU A 752 -6.22 -40.69 50.96
CA GLU A 752 -6.03 -41.72 51.98
C GLU A 752 -7.11 -41.67 53.05
N SER A 753 -7.85 -40.57 53.16
CA SER A 753 -8.94 -40.46 54.12
C SER A 753 -10.18 -41.25 53.70
N GLY A 754 -10.19 -41.82 52.50
CA GLY A 754 -11.39 -42.42 51.95
C GLY A 754 -12.33 -41.45 51.29
N LYS A 755 -12.23 -40.16 51.59
CA LYS A 755 -13.10 -39.14 51.03
C LYS A 755 -12.67 -38.80 49.59
N THR A 756 -13.57 -38.11 48.89
CA THR A 756 -13.30 -37.64 47.53
C THR A 756 -13.60 -36.14 47.48
N TYR A 757 -12.67 -35.36 46.94
CA TYR A 757 -12.79 -33.91 46.85
C TYR A 757 -13.04 -33.50 45.40
N GLU A 758 -13.88 -32.48 45.21
CA GLU A 758 -14.23 -31.99 43.88
C GLU A 758 -13.84 -30.53 43.76
N TYR A 759 -13.25 -30.16 42.63
CA TYR A 759 -12.70 -28.83 42.45
C TYR A 759 -13.23 -28.19 41.18
N ARG A 760 -13.60 -26.91 41.27
CA ARG A 760 -13.86 -26.09 40.10
C ARG A 760 -13.13 -24.75 40.21
N ASN A 761 -12.11 -24.67 41.05
CA ASN A 761 -11.22 -23.54 41.15
C ASN A 761 -9.81 -24.01 40.80
N LEU A 762 -9.61 -24.37 39.52
CA LEU A 762 -8.38 -25.03 39.12
C LEU A 762 -7.18 -24.10 39.16
N TYR A 763 -7.38 -22.79 39.11
CA TYR A 763 -6.26 -21.87 39.28
C TYR A 763 -5.71 -21.94 40.70
N ALA A 764 -6.61 -21.99 41.69
CA ALA A 764 -6.17 -22.19 43.07
C ALA A 764 -5.46 -23.53 43.23
N VAL A 765 -5.99 -24.59 42.60
CA VAL A 765 -5.30 -25.87 42.57
C VAL A 765 -3.94 -25.72 41.90
N LEU A 766 -3.90 -24.97 40.80
CA LEU A 766 -2.65 -24.76 40.09
C LEU A 766 -1.63 -24.02 40.94
N ASN A 767 -2.09 -23.15 41.83
CA ASN A 767 -1.18 -22.45 42.74
C ASN A 767 -0.70 -23.38 43.85
N ARG A 768 -1.59 -24.23 44.38
CA ARG A 768 -1.23 -25.09 45.50
C ARG A 768 -0.20 -26.13 45.09
N LEU A 769 -0.34 -26.70 43.89
CA LEU A 769 0.67 -27.63 43.38
C LEU A 769 2.01 -26.93 43.18
N MSE A 770 1.99 -25.70 42.68
CA MSE A 770 3.21 -24.94 42.39
C MSE A 770 4.06 -24.75 43.65
O MSE A 770 5.14 -25.30 43.76
CB MSE A 770 2.86 -23.59 41.77
CG MSE A 770 3.01 -23.53 40.26
SE MSE A 770 1.91 -22.13 39.45
CE MSE A 770 2.51 -20.61 40.51
N GLN A 771 3.55 -23.96 44.60
CA GLN A 771 4.31 -23.72 45.83
C GLN A 771 4.27 -24.90 46.79
N ASN A 772 3.87 -26.08 46.31
CA ASN A 772 3.91 -27.33 47.08
C ASN A 772 3.06 -27.24 48.34
N LEU A 773 1.80 -26.84 48.16
CA LEU A 773 0.87 -26.63 49.25
C LEU A 773 -0.21 -27.69 49.26
N PRO A 774 -0.82 -27.96 50.42
CA PRO A 774 -1.96 -28.89 50.45
C PRO A 774 -3.12 -28.32 49.65
N VAL A 775 -3.67 -29.13 48.75
CA VAL A 775 -4.63 -28.67 47.76
C VAL A 775 -6.09 -28.82 48.22
N GLU A 776 -6.32 -29.30 49.44
CA GLU A 776 -7.68 -29.65 49.85
C GLU A 776 -8.50 -28.46 50.34
N GLU A 777 -7.87 -27.33 50.65
CA GLU A 777 -8.60 -26.22 51.24
C GLU A 777 -9.31 -25.37 50.19
N VAL A 778 -8.76 -25.29 48.98
CA VAL A 778 -9.40 -24.53 47.90
C VAL A 778 -10.54 -25.31 47.28
N ALA A 779 -10.83 -26.49 47.81
CA ALA A 779 -11.84 -27.34 47.19
C ALA A 779 -13.20 -26.65 47.23
N ASP A 780 -14.13 -27.23 46.47
CA ASP A 780 -15.49 -26.73 46.32
C ASP A 780 -16.53 -27.62 46.99
N THR A 781 -16.39 -28.94 46.92
CA THR A 781 -17.29 -29.85 47.61
C THR A 781 -16.53 -31.10 48.03
N VAL A 782 -16.96 -31.67 49.16
CA VAL A 782 -16.31 -32.86 49.72
C VAL A 782 -17.37 -33.93 49.94
N TYR A 783 -16.99 -35.19 49.72
CA TYR A 783 -17.90 -36.31 49.83
C TYR A 783 -17.33 -37.37 50.77
N ASP A 784 -18.22 -38.10 51.43
CA ASP A 784 -17.81 -39.05 52.47
C ASP A 784 -17.89 -40.47 51.89
N ALA A 785 -16.85 -40.83 51.14
CA ALA A 785 -16.74 -42.15 50.52
C ALA A 785 -18.00 -42.49 49.75
N SER A 786 -18.93 -43.20 50.39
CA SER A 786 -20.23 -43.46 49.78
C SER A 786 -21.16 -42.26 49.95
N GLY A 787 -21.33 -41.83 51.21
CA GLY A 787 -22.10 -40.64 51.49
C GLY A 787 -21.53 -39.42 50.82
N GLN A 788 -22.38 -38.39 50.68
CA GLN A 788 -22.07 -37.27 49.82
C GLN A 788 -22.52 -35.97 50.47
N ALA A 789 -21.95 -34.86 49.98
CA ALA A 789 -22.35 -33.50 50.34
C ALA A 789 -22.17 -33.22 51.84
N VAL A 790 -20.98 -33.51 52.36
CA VAL A 790 -20.69 -33.23 53.76
C VAL A 790 -20.38 -31.76 53.95
N GLU A 791 -19.44 -31.22 53.20
CA GLU A 791 -19.19 -29.79 53.12
C GLU A 791 -19.59 -29.29 51.74
N GLU A 792 -20.37 -28.22 51.71
CA GLU A 792 -20.71 -27.54 50.46
C GLU A 792 -20.14 -26.14 50.56
N ARG A 793 -18.86 -26.01 50.22
CA ARG A 793 -18.13 -24.75 50.37
C ARG A 793 -18.47 -23.72 49.30
N VAL A 794 -19.17 -24.11 48.24
CA VAL A 794 -19.36 -23.27 47.06
C VAL A 794 -20.16 -22.00 47.37
N PRO A 795 -21.32 -22.08 48.04
CA PRO A 795 -22.09 -20.84 48.28
C PRO A 795 -21.33 -19.78 49.06
N LEU A 796 -20.43 -20.18 49.97
CA LEU A 796 -19.69 -19.21 50.77
C LEU A 796 -18.70 -18.42 49.91
N LYS A 797 -17.84 -19.14 49.16
CA LYS A 797 -16.85 -18.49 48.31
C LYS A 797 -17.48 -17.53 47.31
N GLN A 798 -18.73 -17.75 46.93
CA GLN A 798 -19.36 -16.90 45.92
C GLN A 798 -19.76 -15.53 46.47
N SER A 799 -20.57 -15.52 47.53
CA SER A 799 -21.04 -14.23 48.05
C SER A 799 -19.91 -13.43 48.68
N ALA A 800 -18.90 -14.10 49.23
CA ALA A 800 -17.71 -13.37 49.68
C ALA A 800 -16.96 -12.78 48.50
N THR A 801 -16.96 -13.47 47.36
CA THR A 801 -16.37 -12.92 46.15
C THR A 801 -17.09 -11.65 45.72
N ARG A 802 -18.42 -11.74 45.56
CA ARG A 802 -19.19 -10.56 45.20
C ARG A 802 -19.08 -9.46 46.25
N SER A 803 -18.80 -9.82 47.50
CA SER A 803 -18.59 -8.81 48.53
C SER A 803 -17.22 -8.18 48.39
N LEU A 804 -16.17 -9.01 48.36
CA LEU A 804 -14.79 -8.49 48.21
C LEU A 804 -14.62 -7.73 46.90
N VAL A 805 -15.42 -8.04 45.87
CA VAL A 805 -15.43 -7.25 44.65
C VAL A 805 -15.95 -5.84 44.97
N LYS A 806 -17.22 -5.75 45.40
CA LYS A 806 -17.86 -4.48 45.72
C LYS A 806 -17.00 -3.67 46.66
N GLY A 807 -16.24 -4.34 47.53
CA GLY A 807 -15.26 -3.67 48.36
C GLY A 807 -14.13 -3.05 47.57
N LEU A 808 -13.43 -3.89 46.81
CA LEU A 808 -12.25 -3.41 46.07
C LEU A 808 -12.60 -2.31 45.10
N LEU A 809 -13.84 -2.26 44.61
CA LEU A 809 -14.28 -1.29 43.60
C LEU A 809 -14.45 0.11 44.18
N ASP A 810 -15.45 0.32 45.03
CA ASP A 810 -15.75 1.64 45.56
C ASP A 810 -14.78 2.08 46.65
N LEU A 811 -13.83 1.21 47.03
CA LEU A 811 -12.74 1.61 47.91
C LEU A 811 -11.63 2.30 47.13
N ALA A 812 -11.31 1.77 45.95
CA ALA A 812 -10.39 2.44 45.04
C ALA A 812 -10.99 3.71 44.45
N SER A 813 -12.27 3.96 44.68
CA SER A 813 -12.93 5.18 44.20
C SER A 813 -13.49 6.03 45.34
N GLY A 814 -13.05 5.81 46.58
CA GLY A 814 -13.46 6.66 47.69
C GLY A 814 -14.75 6.32 48.41
N ASN B 24 44.98 4.55 6.38
CA ASN B 24 46.16 3.74 6.66
C ASN B 24 47.07 4.42 7.69
N LYS B 25 47.22 5.74 7.53
CA LYS B 25 47.98 6.59 8.43
C LYS B 25 47.25 7.92 8.55
N PRO B 26 47.46 8.66 9.64
CA PRO B 26 46.71 9.91 9.84
C PRO B 26 46.90 10.89 8.69
N PHE B 27 45.83 11.63 8.40
CA PHE B 27 45.84 12.59 7.29
C PHE B 27 46.77 13.76 7.52
N ALA B 28 47.33 13.91 8.73
CA ALA B 28 48.32 14.95 8.97
C ALA B 28 49.68 14.58 8.40
N GLN B 29 50.02 13.30 8.41
CA GLN B 29 51.27 12.82 7.83
C GLN B 29 51.14 12.46 6.37
N GLN B 30 49.93 12.06 5.93
CA GLN B 30 49.71 11.71 4.53
C GLN B 30 49.77 12.93 3.61
N THR B 31 49.49 14.13 4.13
CA THR B 31 49.58 15.35 3.34
C THR B 31 50.74 16.26 3.73
N GLY B 32 51.30 16.09 4.92
CA GLY B 32 52.46 16.85 5.35
C GLY B 32 52.15 18.19 5.98
N ARG B 33 50.88 18.56 6.14
CA ARG B 33 50.52 19.85 6.69
C ARG B 33 51.10 20.04 8.09
N PHE B 34 50.91 19.06 8.96
CA PHE B 34 51.35 19.16 10.34
C PHE B 34 52.30 18.03 10.67
N HIS B 35 53.14 18.26 11.66
CA HIS B 35 53.96 17.21 12.25
C HIS B 35 53.27 16.70 13.50
N THR B 36 53.40 15.40 13.75
CA THR B 36 52.62 14.70 14.76
C THR B 36 53.56 14.06 15.77
N ILE B 37 53.48 14.51 17.02
CA ILE B 37 54.15 13.86 18.15
C ILE B 37 53.06 13.27 19.03
N GLU B 38 53.36 12.12 19.63
CA GLU B 38 52.38 11.47 20.50
C GLU B 38 52.42 12.08 21.90
N LEU B 39 51.25 12.11 22.54
CA LEU B 39 51.12 12.71 23.86
C LEU B 39 51.17 11.69 24.99
N GLN B 40 50.57 10.52 24.82
CA GLN B 40 50.69 9.43 25.77
C GLN B 40 51.63 8.39 25.19
N GLU B 41 52.75 8.17 25.87
CA GLU B 41 53.84 7.36 25.32
C GLU B 41 53.45 5.88 25.33
N GLU B 42 54.44 5.02 25.10
CA GLU B 42 54.23 3.62 24.80
C GLU B 42 53.71 2.90 26.04
N GLY B 43 52.40 2.65 26.05
CA GLY B 43 51.76 1.85 27.09
C GLY B 43 51.90 2.40 28.50
N SER B 44 52.47 3.59 28.63
CA SER B 44 52.68 4.20 29.94
C SER B 44 51.34 4.44 30.65
N PRO B 45 51.35 4.49 31.98
CA PRO B 45 50.07 4.53 32.72
C PRO B 45 49.29 5.80 32.44
N ASP B 46 47.98 5.70 32.61
CA ASP B 46 47.09 6.86 32.49
C ASP B 46 47.05 7.55 33.85
N GLU B 47 47.80 8.65 33.98
CA GLU B 47 47.83 9.37 35.24
C GLU B 47 46.51 10.06 35.54
N PHE B 48 45.73 10.38 34.50
CA PHE B 48 44.46 11.05 34.74
C PHE B 48 43.47 10.13 35.45
N GLN B 49 43.36 8.88 34.97
CA GLN B 49 42.50 7.92 35.66
C GLN B 49 42.92 7.73 37.11
N GLU B 50 44.22 7.89 37.41
CA GLU B 50 44.68 7.79 38.78
C GLU B 50 44.31 9.05 39.57
N LEU B 51 44.37 10.22 38.93
CA LEU B 51 43.94 11.43 39.61
C LEU B 51 42.43 11.50 39.73
N LEU B 52 41.71 10.67 38.97
CA LEU B 52 40.25 10.71 38.98
C LEU B 52 39.66 10.16 40.27
N ARG B 53 40.39 9.31 40.99
CA ARG B 53 39.89 8.83 42.28
C ARG B 53 40.10 9.85 43.40
N LEU B 54 40.68 11.01 43.11
CA LEU B 54 40.55 12.14 44.02
C LEU B 54 39.11 12.64 44.04
N GLN B 55 38.44 12.58 42.89
CA GLN B 55 37.01 12.84 42.85
C GLN B 55 36.24 11.82 43.68
N ALA B 56 36.69 10.56 43.70
CA ALA B 56 35.97 9.54 44.44
C ALA B 56 36.20 9.68 45.94
N SER B 57 37.42 10.01 46.36
CA SER B 57 37.70 10.15 47.79
C SER B 57 37.01 11.38 48.36
N THR B 58 37.02 12.47 47.61
CA THR B 58 36.45 13.75 48.05
C THR B 58 34.94 13.81 47.91
N GLN B 59 34.29 12.71 47.55
CA GLN B 59 32.83 12.66 47.34
C GLN B 59 32.37 13.66 46.28
N GLY B 60 33.25 14.04 45.37
CA GLY B 60 32.89 14.91 44.26
C GLY B 60 33.21 16.38 44.43
N HIS B 61 34.21 16.72 45.22
CA HIS B 61 34.52 18.11 45.54
C HIS B 61 35.82 18.59 44.93
N VAL B 62 36.27 17.95 43.85
CA VAL B 62 37.34 18.47 43.02
C VAL B 62 36.81 18.67 41.61
N ASP B 63 37.55 19.45 40.82
CA ASP B 63 37.14 19.83 39.47
C ASP B 63 37.81 18.92 38.46
N GLU B 64 37.00 18.23 37.65
CA GLU B 64 37.53 17.27 36.68
C GLU B 64 38.29 17.95 35.56
N THR B 65 37.74 19.03 35.01
CA THR B 65 38.42 19.70 33.91
C THR B 65 39.73 20.35 34.33
N THR B 66 39.90 20.68 35.61
CA THR B 66 41.18 21.21 36.08
C THR B 66 42.23 20.11 36.17
N LEU B 67 41.86 18.97 36.75
CA LEU B 67 42.71 17.79 36.71
C LEU B 67 43.16 17.46 35.29
N ALA B 68 42.29 17.69 34.30
CA ALA B 68 42.64 17.40 32.92
C ALA B 68 43.66 18.39 32.38
N ARG B 69 43.54 19.67 32.75
CA ARG B 69 44.49 20.66 32.29
C ARG B 69 45.91 20.31 32.73
N LEU B 70 46.08 20.01 34.02
CA LEU B 70 47.40 19.66 34.55
C LEU B 70 48.01 18.49 33.79
N VAL B 71 47.21 17.45 33.51
CA VAL B 71 47.72 16.32 32.74
C VAL B 71 48.07 16.76 31.32
N VAL B 72 47.19 17.54 30.69
CA VAL B 72 47.43 18.01 29.33
C VAL B 72 48.68 18.88 29.27
N GLN B 73 48.92 19.68 30.31
CA GLN B 73 50.09 20.56 30.31
C GLN B 73 51.37 19.79 30.60
N LYS B 74 51.30 18.64 31.28
CA LYS B 74 52.50 17.86 31.50
C LYS B 74 52.82 16.99 30.29
N ARG B 75 51.84 16.23 29.79
CA ARG B 75 52.09 15.37 28.65
C ARG B 75 52.55 16.13 27.41
N ALA B 76 52.09 17.38 27.26
CA ALA B 76 52.51 18.17 26.11
C ALA B 76 53.90 18.78 26.30
N THR B 77 54.19 19.26 27.51
CA THR B 77 55.50 19.83 27.78
C THR B 77 56.59 18.78 27.61
N LYS B 78 56.41 17.61 28.22
CA LYS B 78 57.40 16.54 28.12
C LYS B 78 57.60 16.09 26.68
N ALA B 79 56.53 16.06 25.88
CA ALA B 79 56.64 15.58 24.50
C ALA B 79 57.33 16.59 23.60
N ILE B 80 56.95 17.86 23.70
CA ILE B 80 57.61 18.91 22.92
C ILE B 80 59.08 18.99 23.28
N LEU B 81 59.41 18.77 24.56
CA LEU B 81 60.79 18.78 25.00
C LEU B 81 61.59 17.63 24.39
N LYS B 82 61.10 16.40 24.59
CA LYS B 82 61.79 15.22 24.05
C LYS B 82 62.02 15.37 22.55
N LYS B 83 61.06 15.94 21.83
CA LYS B 83 61.28 16.25 20.41
C LYS B 83 62.30 17.36 20.25
N LEU B 84 62.23 18.40 21.10
CA LEU B 84 63.19 19.49 21.04
C LEU B 84 64.62 19.05 21.28
N LEU B 85 64.83 17.84 21.81
CA LEU B 85 66.17 17.28 21.94
C LEU B 85 66.51 16.31 20.81
N GLU B 86 65.56 15.45 20.43
CA GLU B 86 65.76 14.49 19.35
C GLU B 86 65.95 15.22 18.03
N THR B 87 65.62 16.51 18.04
CA THR B 87 65.71 17.34 16.85
C THR B 87 66.85 18.35 16.92
N ALA B 88 67.77 18.20 17.88
CA ALA B 88 68.99 19.00 17.81
C ALA B 88 69.83 18.60 16.61
N ASP B 89 69.58 17.43 16.03
CA ASP B 89 70.30 16.92 14.86
C ASP B 89 69.60 17.25 13.54
N ARG B 90 68.28 17.38 13.54
CA ARG B 90 67.55 17.95 12.42
C ARG B 90 67.22 19.39 12.77
N PRO B 91 68.20 20.30 12.72
CA PRO B 91 68.04 21.59 13.43
C PRO B 91 67.02 22.52 12.80
N GLU B 92 66.82 22.46 11.48
CA GLU B 92 65.83 23.29 10.83
C GLU B 92 64.43 22.69 10.87
N GLU B 93 64.32 21.39 11.14
CA GLU B 93 63.03 20.80 11.48
C GLU B 93 62.68 21.02 12.94
N GLN B 94 63.66 21.37 13.77
CA GLN B 94 63.40 21.67 15.17
C GLN B 94 62.73 23.01 15.33
N ALA B 95 63.04 23.98 14.45
CA ALA B 95 62.55 25.34 14.61
C ALA B 95 61.03 25.41 14.63
N VAL B 96 60.36 24.49 13.93
CA VAL B 96 58.90 24.50 13.97
C VAL B 96 58.39 24.03 15.32
N TRP B 97 59.09 23.10 15.96
CA TRP B 97 58.72 22.70 17.32
C TRP B 97 59.08 23.76 18.35
N ARG B 98 59.96 24.70 18.00
CA ARG B 98 60.25 25.82 18.89
C ARG B 98 58.99 26.62 19.17
N ALA B 99 58.31 27.07 18.12
CA ALA B 99 57.17 27.96 18.24
C ALA B 99 55.86 27.23 18.53
N ALA B 100 55.93 26.16 19.33
CA ALA B 100 54.75 25.59 19.95
C ALA B 100 54.56 26.08 21.38
N ILE B 101 55.65 26.37 22.07
CA ILE B 101 55.64 26.96 23.40
C ILE B 101 56.23 28.35 23.31
N GLU B 102 55.55 29.34 23.90
CA GLU B 102 56.09 30.69 23.92
C GLU B 102 57.04 30.88 25.10
N ARG B 103 56.53 30.64 26.32
CA ARG B 103 57.24 30.96 27.54
C ARG B 103 57.15 29.78 28.51
N LEU B 104 58.25 29.52 29.21
CA LEU B 104 58.32 28.43 30.17
C LEU B 104 58.99 28.92 31.44
N VAL B 105 58.33 28.71 32.58
CA VAL B 105 58.87 29.03 33.90
C VAL B 105 59.24 27.72 34.58
N ILE B 106 60.53 27.47 34.70
CA ILE B 106 61.05 26.26 35.34
C ILE B 106 61.73 26.70 36.62
N GLY B 107 61.14 26.37 37.76
CA GLY B 107 61.62 26.85 39.05
C GLY B 107 61.41 28.35 39.18
N ASN B 108 62.49 29.11 39.10
CA ASN B 108 62.43 30.57 39.11
C ASN B 108 62.82 31.21 37.79
N THR B 109 63.73 30.60 37.04
CA THR B 109 64.09 31.11 35.72
C THR B 109 62.91 30.95 34.76
N ALA B 110 62.81 31.89 33.83
CA ALA B 110 61.73 31.90 32.84
C ALA B 110 62.31 31.93 31.44
N TYR B 111 61.84 31.01 30.59
CA TYR B 111 62.40 30.81 29.25
C TYR B 111 61.38 31.28 28.21
N ASP B 112 61.56 32.49 27.72
CA ASP B 112 60.81 32.99 26.56
C ASP B 112 61.45 32.40 25.31
N LEU B 113 60.79 31.38 24.73
CA LEU B 113 61.41 30.60 23.66
C LEU B 113 61.63 31.41 22.39
N LYS B 114 60.96 32.54 22.23
CA LYS B 114 61.17 33.34 21.01
C LYS B 114 62.56 33.95 20.98
N ASP B 115 63.15 34.22 22.14
CA ASP B 115 64.51 34.75 22.19
C ASP B 115 65.49 33.68 21.72
N ASP B 116 66.39 34.06 20.81
CA ASP B 116 67.55 33.21 20.52
C ASP B 116 68.38 32.94 21.77
N GLU B 117 68.27 33.82 22.77
CA GLU B 117 69.03 33.67 24.02
C GLU B 117 68.41 32.59 24.90
N SER B 118 67.15 32.80 25.35
CA SER B 118 66.54 31.91 26.32
C SER B 118 66.42 30.49 25.79
N PHE B 119 66.12 30.35 24.50
CA PHE B 119 66.04 29.02 23.91
C PHE B 119 67.40 28.31 23.96
N ALA B 120 68.49 29.06 23.88
CA ALA B 120 69.81 28.44 23.96
C ALA B 120 70.07 27.88 25.35
N LYS B 121 69.69 28.63 26.40
CA LYS B 121 69.80 28.15 27.77
C LYS B 121 68.76 27.07 28.08
N LEU B 122 67.62 27.09 27.38
CA LEU B 122 66.61 26.04 27.57
C LEU B 122 67.17 24.67 27.18
N ILE B 123 67.63 24.54 25.93
CA ILE B 123 68.23 23.29 25.46
C ILE B 123 69.53 22.99 26.20
N GLU B 124 70.13 23.99 26.84
CA GLU B 124 71.32 23.76 27.64
C GLU B 124 71.03 22.82 28.80
N LEU B 125 70.08 23.20 29.66
CA LEU B 125 69.70 22.33 30.76
C LEU B 125 68.88 21.12 30.30
N ALA B 126 68.45 21.11 29.04
CA ALA B 126 67.67 19.97 28.55
C ALA B 126 68.51 18.70 28.55
N LYS B 127 69.74 18.77 28.05
CA LYS B 127 70.61 17.60 28.07
C LYS B 127 71.21 17.36 29.45
N LYS B 128 71.52 18.44 30.18
CA LYS B 128 72.23 18.30 31.44
C LYS B 128 71.35 17.74 32.56
N HIS B 129 70.04 17.78 32.40
CA HIS B 129 69.15 17.31 33.45
C HIS B 129 68.20 16.25 32.91
N PRO B 130 67.78 15.31 33.77
CA PRO B 130 66.76 14.34 33.37
C PRO B 130 65.50 15.01 32.86
N LEU B 131 64.84 14.35 31.91
CA LEU B 131 63.61 14.89 31.31
C LEU B 131 62.53 15.08 32.36
N GLU B 132 62.15 14.00 33.05
CA GLU B 132 61.07 14.10 34.03
C GLU B 132 61.45 15.02 35.19
N LYS B 133 62.75 15.16 35.48
CA LYS B 133 63.17 16.19 36.43
C LYS B 133 62.81 17.58 35.91
N VAL B 134 62.96 17.79 34.60
CA VAL B 134 62.64 19.09 34.01
C VAL B 134 61.13 19.32 34.00
N VAL B 135 60.36 18.27 33.70
CA VAL B 135 58.91 18.44 33.65
C VAL B 135 58.31 18.47 35.05
N LYS B 136 58.94 17.79 36.02
CA LYS B 136 58.48 17.86 37.40
C LYS B 136 58.50 19.30 37.92
N ASN B 137 59.46 20.09 37.45
CA ASN B 137 59.68 21.44 37.97
C ASN B 137 58.92 22.52 37.22
N VAL B 138 58.21 22.18 36.14
CA VAL B 138 57.57 23.24 35.34
C VAL B 138 56.48 23.90 36.18
N ARG B 139 56.60 25.20 36.38
CA ARG B 139 55.62 25.99 37.13
C ARG B 139 54.51 26.49 36.22
N GLU B 140 54.87 27.13 35.12
CA GLU B 140 53.91 27.63 34.14
C GLU B 140 54.33 27.15 32.75
N VAL B 141 53.40 27.27 31.81
CA VAL B 141 53.69 26.99 30.40
C VAL B 141 52.64 27.70 29.56
N GLN B 142 53.09 28.30 28.47
CA GLN B 142 52.21 29.06 27.58
C GLN B 142 52.47 28.60 26.14
N PHE B 143 51.43 28.07 25.50
CA PHE B 143 51.56 27.53 24.16
C PHE B 143 51.27 28.59 23.12
N SER B 144 51.81 28.37 21.92
CA SER B 144 51.55 29.28 20.83
C SER B 144 50.14 29.08 20.28
N GLU B 145 49.72 30.01 19.42
CA GLU B 145 48.52 29.80 18.63
C GLU B 145 48.76 28.85 17.46
N LYS B 146 50.03 28.49 17.20
CA LYS B 146 50.34 27.55 16.14
C LYS B 146 50.01 26.11 16.53
N VAL B 147 50.26 25.75 17.79
CA VAL B 147 50.12 24.36 18.22
C VAL B 147 48.66 24.07 18.52
N THR B 148 48.22 22.86 18.18
CA THR B 148 46.86 22.40 18.43
C THR B 148 46.92 21.08 19.18
N LEU B 149 46.42 21.09 20.41
CA LEU B 149 46.54 19.95 21.31
C LEU B 149 45.28 19.10 21.29
N SER B 150 45.48 17.79 21.45
CA SER B 150 44.39 16.81 21.52
C SER B 150 44.67 15.86 22.69
N ASP B 151 43.81 14.85 22.84
CA ASP B 151 44.01 13.85 23.90
C ASP B 151 45.07 12.84 23.53
N LYS B 152 45.38 12.68 22.25
CA LYS B 152 46.33 11.69 21.78
C LYS B 152 47.57 12.29 21.12
N TYR B 153 47.43 13.37 20.36
CA TYR B 153 48.55 13.94 19.62
C TYR B 153 48.71 15.42 19.94
N ALA B 154 49.77 16.00 19.39
CA ALA B 154 50.00 17.44 19.37
C ALA B 154 50.47 17.81 17.97
N PHE B 155 49.74 18.71 17.32
CA PHE B 155 49.99 19.05 15.93
C PHE B 155 50.56 20.46 15.82
N VAL B 156 51.43 20.65 14.83
CA VAL B 156 52.01 21.97 14.57
C VAL B 156 52.25 22.08 13.07
N PRO B 157 51.97 23.23 12.45
CA PRO B 157 52.07 23.33 10.99
C PRO B 157 53.49 23.09 10.50
N ALA B 158 53.60 22.48 9.31
CA ALA B 158 54.90 22.14 8.75
C ALA B 158 55.71 23.39 8.43
N SER B 159 55.28 24.15 7.43
CA SER B 159 55.95 25.39 7.06
C SER B 159 55.14 26.57 7.57
N ASN B 160 55.79 27.43 8.36
CA ASN B 160 55.16 28.68 8.77
C ASN B 160 54.84 29.59 7.58
N GLN B 161 55.25 29.22 6.37
CA GLN B 161 54.95 29.98 5.17
C GLN B 161 53.46 30.27 5.01
N GLY B 162 52.68 29.23 4.71
CA GLY B 162 51.26 29.41 4.51
C GLY B 162 50.51 29.69 5.81
N ARG B 163 49.24 30.03 5.64
CA ARG B 163 48.33 30.26 6.76
C ARG B 163 47.13 29.33 6.61
N ILE B 164 46.67 28.79 7.73
CA ILE B 164 45.65 27.75 7.75
C ILE B 164 44.38 28.35 8.35
N PHE B 165 43.33 28.42 7.54
CA PHE B 165 42.13 29.19 7.88
C PHE B 165 41.05 28.29 8.49
N LEU B 166 41.36 27.66 9.62
CA LEU B 166 40.34 26.97 10.40
C LEU B 166 40.85 26.78 11.83
N SER B 167 39.91 26.67 12.76
CA SER B 167 40.21 26.74 14.19
C SER B 167 40.81 25.43 14.69
N HIS B 168 41.23 25.45 15.97
CA HIS B 168 41.91 24.29 16.56
C HIS B 168 41.02 23.07 16.62
N LEU B 169 39.72 23.26 16.85
CA LEU B 169 38.80 22.11 16.87
C LEU B 169 38.72 21.44 15.51
N ARG B 170 38.63 22.23 14.44
CA ARG B 170 38.49 21.65 13.11
C ARG B 170 39.81 21.09 12.59
N ARG B 171 40.94 21.68 13.00
CA ARG B 171 42.23 21.06 12.70
C ARG B 171 42.28 19.64 13.24
N GLU B 172 41.86 19.46 14.49
CA GLU B 172 41.86 18.14 15.09
C GLU B 172 40.85 17.22 14.42
N ASN B 173 39.70 17.77 14.02
CA ASN B 173 38.65 16.96 13.42
C ASN B 173 39.11 16.31 12.12
N ILE B 174 39.74 17.10 11.24
CA ILE B 174 39.98 16.66 9.88
C ILE B 174 41.27 15.85 9.77
N TYR B 175 42.32 16.24 10.50
CA TYR B 175 43.66 15.76 10.23
C TYR B 175 44.10 14.58 11.07
N ARG B 176 43.46 14.31 12.22
CA ARG B 176 43.88 13.17 13.03
C ARG B 176 43.36 11.84 12.50
N THR B 177 42.42 11.88 11.56
CA THR B 177 41.79 10.67 11.04
C THR B 177 42.71 9.95 10.07
N PRO B 178 42.93 8.65 10.24
CA PRO B 178 43.78 7.90 9.30
C PRO B 178 43.07 7.67 7.97
N THR B 179 43.63 8.24 6.91
CA THR B 179 43.18 8.03 5.54
C THR B 179 44.34 7.45 4.73
N GLN B 180 44.02 6.87 3.58
CA GLN B 180 45.04 6.32 2.71
C GLN B 180 45.53 7.42 1.75
N ARG B 181 46.55 7.07 0.94
CA ARG B 181 47.29 7.94 0.03
C ARG B 181 46.41 9.05 -0.55
N PRO B 182 46.64 10.30 -0.16
CA PRO B 182 45.76 11.38 -0.58
C PRO B 182 45.93 11.70 -2.05
N LEU B 183 44.84 12.13 -2.66
CA LEU B 183 44.80 12.48 -4.07
C LEU B 183 44.95 14.00 -4.20
N SER B 184 44.82 14.50 -5.43
CA SER B 184 44.89 15.93 -5.67
C SER B 184 44.01 16.25 -6.88
N LEU B 185 42.93 16.99 -6.65
CA LEU B 185 41.95 17.28 -7.68
C LEU B 185 41.90 18.78 -7.95
N LYS B 186 41.88 19.13 -9.23
CA LYS B 186 41.81 20.53 -9.62
C LYS B 186 40.46 21.13 -9.25
N VAL B 187 40.47 22.37 -8.80
CA VAL B 187 39.26 23.11 -8.47
C VAL B 187 39.15 24.28 -9.42
N ALA B 188 38.15 24.25 -10.29
CA ALA B 188 37.88 25.35 -11.21
C ALA B 188 36.38 25.43 -11.44
N GLU B 189 35.93 26.60 -11.87
CA GLU B 189 34.52 26.79 -12.23
C GLU B 189 34.24 26.44 -13.67
N GLU B 190 35.27 26.47 -14.52
CA GLU B 190 35.14 26.12 -15.93
C GLU B 190 36.36 25.32 -16.36
N GLY B 191 36.11 24.23 -17.07
CA GLY B 191 37.15 23.35 -17.54
C GLY B 191 37.01 21.95 -16.94
N GLU B 192 38.15 21.31 -16.68
CA GLU B 192 38.18 20.02 -16.03
C GLU B 192 38.66 20.21 -14.59
N GLY B 193 37.90 19.68 -13.65
CA GLY B 193 38.22 19.82 -12.24
C GLY B 193 36.97 19.66 -11.41
N VAL B 194 37.03 20.21 -10.19
CA VAL B 194 35.95 20.15 -9.22
C VAL B 194 35.36 21.54 -9.05
N ARG B 195 34.04 21.64 -9.16
CA ARG B 195 33.33 22.90 -9.00
C ARG B 195 32.81 23.05 -7.59
N LEU B 196 32.64 24.30 -7.17
CA LEU B 196 32.29 24.64 -5.79
C LEU B 196 30.93 25.36 -5.81
N LYS B 197 29.87 24.62 -5.50
CA LYS B 197 28.53 25.19 -5.48
C LYS B 197 28.22 25.77 -4.10
N GLU B 198 27.32 26.76 -4.09
CA GLU B 198 26.90 27.47 -2.89
C GLU B 198 25.42 27.18 -2.66
N MSE B 199 25.13 26.10 -1.94
CA MSE B 199 23.76 25.70 -1.70
C MSE B 199 23.41 25.75 -0.22
O MSE B 199 24.22 26.18 0.62
CB MSE B 199 23.50 24.29 -2.21
CG MSE B 199 24.03 24.02 -3.61
SE MSE B 199 23.75 22.16 -4.14
CE MSE B 199 24.52 21.28 -2.57
N GLU B 200 22.19 25.31 0.09
CA GLU B 200 21.75 25.18 1.47
C GLU B 200 22.73 24.30 2.24
N GLU B 201 22.93 24.62 3.52
CA GLU B 201 23.79 23.82 4.35
C GLU B 201 23.18 22.44 4.56
N LYS B 202 24.02 21.40 4.46
CA LYS B 202 23.62 20.00 4.61
C LYS B 202 22.64 19.54 3.55
N ALA B 203 22.63 20.21 2.38
CA ALA B 203 21.58 19.96 1.40
C ALA B 203 21.60 18.52 0.90
N LEU B 204 22.78 17.89 0.89
CA LEU B 204 22.92 16.49 0.49
C LEU B 204 22.79 15.54 1.67
N GLY B 205 22.23 16.00 2.78
CA GLY B 205 22.31 15.29 4.03
C GLY B 205 23.37 15.88 4.95
N ASP B 206 23.29 15.49 6.23
CA ASP B 206 24.12 16.12 7.25
C ASP B 206 25.61 15.88 6.99
N GLY B 207 26.08 14.67 7.24
CA GLY B 207 27.46 14.32 7.02
C GLY B 207 27.91 14.27 5.58
N ALA B 208 27.07 14.65 4.62
CA ALA B 208 27.45 14.62 3.22
C ALA B 208 27.91 15.99 2.75
N LEU B 209 28.86 16.01 1.80
CA LEU B 209 29.39 17.30 1.38
C LEU B 209 29.80 17.35 -0.08
N GLY B 210 29.46 16.36 -0.90
CA GLY B 210 29.83 16.40 -2.30
C GLY B 210 29.34 15.19 -3.04
N ILE B 211 29.28 15.34 -4.36
CA ILE B 211 28.98 14.27 -5.30
C ILE B 211 30.02 14.35 -6.41
N LEU B 212 30.88 13.35 -6.49
CA LEU B 212 31.87 13.25 -7.56
C LEU B 212 31.84 11.86 -8.16
N ARG B 213 32.52 11.70 -9.31
CA ARG B 213 32.52 10.49 -10.12
C ARG B 213 33.56 9.50 -9.63
N PRO B 214 33.27 8.19 -9.74
CA PRO B 214 34.25 7.18 -9.30
C PRO B 214 35.57 7.29 -10.03
N GLN B 215 35.52 7.60 -11.32
CA GLN B 215 36.74 7.73 -12.10
C GLN B 215 37.52 8.98 -11.74
N SER B 216 36.89 9.93 -11.05
CA SER B 216 37.58 11.20 -10.78
C SER B 216 38.49 11.09 -9.56
N LEU B 217 38.06 10.37 -8.53
CA LEU B 217 38.96 9.97 -7.46
C LEU B 217 39.38 8.50 -7.57
N GLY B 218 39.46 8.00 -8.80
CA GLY B 218 40.19 6.76 -9.06
C GLY B 218 39.59 5.51 -8.47
N LEU B 219 38.29 5.46 -8.34
CA LEU B 219 37.71 4.22 -7.85
C LEU B 219 37.58 3.22 -8.99
N PRO B 220 37.54 1.92 -8.68
CA PRO B 220 37.22 0.92 -9.71
C PRO B 220 35.97 1.33 -10.46
N GLU B 221 36.02 1.14 -11.78
CA GLU B 221 35.06 1.61 -12.78
C GLU B 221 33.63 1.73 -12.27
N ASP B 222 33.03 2.90 -12.50
CA ASP B 222 31.59 3.17 -12.30
C ASP B 222 31.09 2.70 -10.93
N TYR B 223 31.90 2.93 -9.89
CA TYR B 223 31.43 2.73 -8.52
C TYR B 223 30.21 3.61 -8.27
N THR B 224 29.21 3.02 -7.62
CA THR B 224 27.95 3.73 -7.33
C THR B 224 27.62 3.51 -5.85
N GLY B 225 28.12 4.42 -5.00
CA GLY B 225 27.84 4.36 -3.58
C GLY B 225 28.22 5.64 -2.85
N VAL B 226 29.01 5.50 -1.79
CA VAL B 226 29.40 6.64 -0.97
C VAL B 226 30.75 6.31 -0.34
N VAL B 227 31.62 7.32 -0.24
CA VAL B 227 32.96 7.13 0.32
C VAL B 227 33.26 8.27 1.28
N GLN B 228 33.82 7.92 2.43
CA GLN B 228 34.13 8.86 3.51
C GLN B 228 35.55 9.39 3.36
N VAL B 229 35.70 10.71 3.35
CA VAL B 229 36.95 11.36 3.01
C VAL B 229 37.35 12.37 4.08
N ARG B 230 38.59 12.85 3.97
CA ARG B 230 39.17 13.88 4.84
C ARG B 230 40.04 14.75 3.95
N GLY B 231 39.43 15.80 3.38
CA GLY B 231 40.08 16.61 2.38
C GLY B 231 40.41 18.02 2.85
N GLU B 232 41.23 18.70 2.04
CA GLU B 232 41.58 20.10 2.26
C GLU B 232 41.54 20.84 0.93
N LEU B 233 41.38 22.16 1.02
CA LEU B 233 41.25 23.03 -0.15
C LEU B 233 42.36 24.07 -0.07
N ALA B 234 43.44 23.85 -0.83
CA ALA B 234 44.67 24.62 -0.68
C ALA B 234 45.06 25.29 -2.01
N ASP B 235 46.14 26.06 -1.94
CA ASP B 235 46.76 26.70 -3.08
C ASP B 235 48.23 26.30 -3.13
N PRO B 236 48.94 26.63 -4.21
CA PRO B 236 50.37 26.30 -4.26
C PRO B 236 51.20 26.89 -3.14
N GLU B 237 50.83 28.08 -2.63
CA GLU B 237 51.67 28.78 -1.65
C GLU B 237 51.60 28.19 -0.25
N GLY B 238 50.81 27.15 -0.01
CA GLY B 238 50.74 26.52 1.29
C GLY B 238 49.57 26.93 2.15
N ASN B 239 48.79 27.93 1.74
CA ASN B 239 47.58 28.27 2.45
C ASN B 239 46.48 27.26 2.14
N VAL B 240 45.63 27.00 3.13
CA VAL B 240 44.48 26.11 2.98
C VAL B 240 43.26 26.84 3.54
N TYR B 241 42.27 27.07 2.67
CA TYR B 241 41.14 27.92 3.01
C TYR B 241 39.96 27.15 3.59
N ALA B 242 39.91 25.84 3.42
CA ALA B 242 38.81 25.05 3.96
C ALA B 242 39.23 23.60 4.03
N GLY B 243 38.69 22.91 5.02
CA GLY B 243 38.86 21.47 5.13
C GLY B 243 37.50 20.81 5.27
N LEU B 244 37.38 19.61 4.71
CA LEU B 244 36.12 18.89 4.67
C LEU B 244 36.23 17.60 5.46
N LYS B 245 35.24 17.35 6.31
CA LYS B 245 35.09 16.10 7.03
C LYS B 245 33.69 15.57 6.79
N GLY B 246 33.59 14.32 6.34
CA GLY B 246 32.30 13.76 6.01
C GLY B 246 32.41 12.80 4.84
N THR B 247 31.32 12.66 4.09
CA THR B 247 31.26 11.73 2.97
C THR B 247 30.92 12.46 1.68
N VAL B 248 31.39 11.90 0.58
CA VAL B 248 30.95 12.28 -0.75
C VAL B 248 30.18 11.11 -1.33
N ILE B 249 29.28 11.42 -2.27
CA ILE B 249 28.48 10.41 -2.94
C ILE B 249 29.08 10.16 -4.31
N VAL B 250 29.54 8.95 -4.53
CA VAL B 250 30.14 8.56 -5.80
C VAL B 250 29.07 7.93 -6.68
N ASP B 251 29.00 8.37 -7.94
CA ASP B 251 28.03 7.87 -8.90
C ASP B 251 28.38 8.40 -10.28
N PRO B 252 28.68 7.52 -11.25
CA PRO B 252 28.98 8.00 -12.61
C PRO B 252 27.82 8.71 -13.27
N ARG B 253 26.61 8.64 -12.69
CA ARG B 253 25.42 9.19 -13.31
C ARG B 253 25.30 10.71 -13.18
N ALA B 254 26.08 11.34 -12.31
CA ALA B 254 26.16 12.79 -12.28
C ALA B 254 27.26 13.27 -13.20
N LYS B 255 27.06 14.47 -13.76
CA LYS B 255 28.01 14.99 -14.74
C LYS B 255 29.31 15.43 -14.08
N GLU B 256 29.24 16.47 -13.25
CA GLU B 256 30.42 17.18 -12.78
C GLU B 256 30.79 16.76 -11.36
N ASP B 257 32.08 16.71 -11.09
CA ASP B 257 32.57 16.59 -9.73
C ASP B 257 32.39 17.94 -9.04
N PHE B 258 31.59 17.98 -7.98
CA PHE B 258 31.30 19.25 -7.32
C PHE B 258 31.21 19.05 -5.82
N LEU B 259 31.54 20.12 -5.10
CA LEU B 259 31.53 20.15 -3.64
C LEU B 259 30.62 21.30 -3.20
N ASN B 260 29.90 21.09 -2.10
CA ASN B 260 29.04 22.09 -1.49
C ASN B 260 29.85 22.89 -0.45
N LEU B 261 30.05 24.18 -0.74
CA LEU B 261 30.91 24.99 0.11
C LEU B 261 30.33 25.10 1.52
N ASN B 262 29.02 25.37 1.63
CA ASN B 262 28.39 25.60 2.93
C ASN B 262 28.42 24.37 3.85
N ASP B 263 28.99 23.26 3.42
CA ASP B 263 29.15 22.07 4.26
C ASP B 263 30.59 21.87 4.69
N LEU B 264 31.47 22.83 4.42
CA LEU B 264 32.88 22.73 4.75
C LEU B 264 33.20 23.62 5.96
N TYR B 265 34.21 23.22 6.71
CA TYR B 265 34.66 23.99 7.87
C TYR B 265 35.65 25.05 7.42
N ARG B 266 35.28 26.31 7.60
CA ARG B 266 36.10 27.43 7.15
C ARG B 266 35.92 28.60 8.10
N GLY B 267 36.94 29.46 8.15
CA GLY B 267 36.92 30.69 8.91
C GLY B 267 36.77 30.46 10.41
N ASP B 268 36.35 31.53 11.09
CA ASP B 268 36.10 31.51 12.52
C ASP B 268 37.37 31.17 13.31
N THR B 269 38.45 31.86 12.98
CA THR B 269 39.72 31.67 13.66
C THR B 269 40.56 32.93 13.51
N VAL B 270 41.69 32.95 14.19
CA VAL B 270 42.55 34.14 14.28
C VAL B 270 43.84 33.85 13.55
N VAL B 271 44.01 34.46 12.37
CA VAL B 271 45.23 34.36 11.59
C VAL B 271 45.91 35.72 11.61
N ASP B 272 47.11 35.77 12.19
CA ASP B 272 47.89 37.01 12.29
C ASP B 272 47.11 38.09 13.04
N GLY B 273 46.43 37.70 14.11
CA GLY B 273 45.73 38.63 14.97
C GLY B 273 44.28 38.89 14.61
N LYS B 274 43.94 38.84 13.32
CA LYS B 274 42.60 39.16 12.85
C LYS B 274 41.76 37.89 12.77
N LYS B 275 40.49 38.01 13.17
CA LYS B 275 39.57 36.89 13.10
C LYS B 275 38.87 36.91 11.74
N TYR B 276 39.14 35.91 10.92
CA TYR B 276 38.51 35.77 9.62
C TYR B 276 37.22 34.97 9.77
N THR B 277 36.09 35.62 9.53
CA THR B 277 34.83 34.92 9.67
C THR B 277 34.65 33.91 8.53
N LYS B 278 33.60 33.09 8.68
CA LYS B 278 33.27 32.08 7.67
C LYS B 278 33.17 32.71 6.28
N GLU B 279 32.43 33.82 6.18
CA GLU B 279 32.23 34.46 4.88
C GLU B 279 33.45 35.26 4.44
N GLU B 280 34.28 35.72 5.38
CA GLU B 280 35.51 36.41 5.00
C GLU B 280 36.42 35.47 4.23
N VAL B 281 36.59 34.24 4.73
CA VAL B 281 37.37 33.25 4.01
C VAL B 281 36.68 32.86 2.71
N ASP B 282 35.34 32.89 2.71
CA ASP B 282 34.60 32.57 1.50
C ASP B 282 34.97 33.50 0.35
N ALA B 283 35.12 34.79 0.63
CA ALA B 283 35.53 35.73 -0.43
C ALA B 283 36.91 35.40 -0.95
N LEU B 284 37.79 34.89 -0.08
CA LEU B 284 39.15 34.53 -0.49
C LEU B 284 39.13 33.38 -1.48
N ILE B 285 38.22 32.43 -1.29
CA ILE B 285 38.18 31.24 -2.15
C ILE B 285 37.64 31.61 -3.51
N ARG B 286 36.61 32.47 -3.57
CA ARG B 286 36.03 32.87 -4.84
C ARG B 286 37.08 33.51 -5.74
N GLU B 287 37.99 34.28 -5.16
CA GLU B 287 39.02 34.98 -5.93
C GLU B 287 40.12 34.01 -6.38
N LYS B 288 40.49 33.06 -5.52
CA LYS B 288 41.48 32.06 -5.92
C LYS B 288 40.90 31.12 -6.97
N LEU B 289 39.63 30.75 -6.82
CA LEU B 289 38.98 29.83 -7.75
C LEU B 289 38.94 30.41 -9.16
N LYS B 290 38.69 31.72 -9.27
CA LYS B 290 38.60 32.36 -10.58
C LYS B 290 39.95 32.41 -11.28
N THR B 291 41.04 32.57 -10.53
CA THR B 291 42.37 32.60 -11.11
C THR B 291 42.90 31.22 -11.47
N GLY B 292 42.12 30.16 -11.27
CA GLY B 292 42.56 28.82 -11.60
C GLY B 292 43.73 28.32 -10.79
N ALA B 293 43.88 28.80 -9.54
CA ALA B 293 44.95 28.39 -8.63
C ALA B 293 44.33 27.95 -7.30
N LEU B 294 43.55 26.87 -7.35
CA LEU B 294 42.93 26.29 -6.16
C LEU B 294 42.77 24.79 -6.42
N GLN B 295 43.26 23.96 -5.52
CA GLN B 295 43.26 22.52 -5.69
C GLN B 295 42.46 21.86 -4.56
N LEU B 296 42.34 20.55 -4.64
CA LEU B 296 41.61 19.76 -3.64
C LEU B 296 42.42 18.52 -3.32
N ASN B 297 43.02 18.50 -2.13
CA ASN B 297 43.76 17.33 -1.65
C ASN B 297 42.82 16.50 -0.79
N LEU B 298 42.43 15.33 -1.30
CA LEU B 298 41.42 14.49 -0.70
C LEU B 298 42.03 13.15 -0.33
N GLY B 299 41.78 12.70 0.90
CA GLY B 299 42.24 11.40 1.36
C GLY B 299 41.05 10.52 1.70
N ILE B 300 41.03 9.33 1.13
CA ILE B 300 39.94 8.39 1.35
C ILE B 300 40.19 7.61 2.63
N HIS B 301 39.15 7.47 3.46
CA HIS B 301 39.25 6.72 4.71
C HIS B 301 38.53 5.38 4.68
N ARG B 302 37.39 5.30 4.00
CA ARG B 302 36.65 4.04 3.91
C ARG B 302 35.68 4.11 2.74
N VAL B 303 35.72 3.11 1.88
CA VAL B 303 34.81 2.98 0.74
C VAL B 303 33.70 2.01 1.12
N SER B 304 32.46 2.35 0.78
CA SER B 304 31.29 1.59 1.23
C SER B 304 31.14 0.30 0.43
N THR B 305 31.42 -0.82 1.09
CA THR B 305 31.11 -2.14 0.56
C THR B 305 29.78 -2.58 1.16
N VAL B 306 29.30 -3.75 0.73
CA VAL B 306 28.17 -4.40 1.35
C VAL B 306 28.69 -5.68 1.96
N GLU B 307 28.77 -5.72 3.30
CA GLU B 307 29.39 -6.81 4.02
C GLU B 307 28.46 -7.31 5.11
N GLU B 308 28.66 -8.57 5.50
CA GLU B 308 27.80 -9.26 6.45
C GLU B 308 28.20 -8.95 7.90
N ALA B 309 27.33 -9.38 8.82
CA ALA B 309 27.54 -9.17 10.25
C ALA B 309 26.89 -10.28 11.07
N GLU B 377 22.90 -12.97 11.73
CA GLU B 377 23.05 -12.70 10.30
C GLU B 377 23.05 -11.19 10.08
N GLY B 378 22.74 -10.77 8.86
CA GLY B 378 22.61 -9.37 8.53
C GLY B 378 23.73 -8.88 7.62
N GLN B 379 23.45 -7.75 6.95
CA GLN B 379 24.41 -7.07 6.09
C GLN B 379 24.29 -5.57 6.31
N TYR B 380 25.34 -4.82 5.99
CA TYR B 380 25.36 -3.40 6.28
C TYR B 380 26.25 -2.67 5.28
N SER B 381 26.00 -1.36 5.15
CA SER B 381 26.86 -0.45 4.40
C SER B 381 26.61 0.95 4.93
N MSE B 382 27.15 1.95 4.24
CA MSE B 382 27.00 3.34 4.69
C MSE B 382 25.64 3.93 4.34
O MSE B 382 24.90 3.36 3.53
CB MSE B 382 28.12 4.21 4.10
CG MSE B 382 29.45 4.07 4.81
SE MSE B 382 30.74 5.43 4.26
CE MSE B 382 32.26 4.84 5.32
N ALA B 383 25.31 5.08 4.93
CA ALA B 383 24.01 5.71 4.78
C ALA B 383 24.15 7.00 3.98
N ALA B 384 23.34 7.14 2.94
CA ALA B 384 23.24 8.37 2.17
C ALA B 384 21.85 8.96 2.34
N SER B 385 21.77 10.28 2.28
CA SER B 385 20.48 10.95 2.37
C SER B 385 19.80 10.93 1.01
N HIS B 386 18.48 10.74 1.02
CA HIS B 386 17.72 10.76 -0.23
C HIS B 386 17.70 12.15 -0.85
N THR B 387 17.99 13.18 -0.05
CA THR B 387 18.07 14.55 -0.58
C THR B 387 19.21 14.71 -1.57
N ALA B 388 20.15 13.75 -1.62
CA ALA B 388 21.27 13.80 -2.53
C ALA B 388 21.05 12.96 -3.78
N TYR B 389 19.80 12.64 -4.10
CA TYR B 389 19.45 11.97 -5.35
C TYR B 389 18.39 12.73 -6.14
N LYS B 390 17.98 13.91 -5.67
CA LYS B 390 17.04 14.74 -6.39
C LYS B 390 17.51 15.03 -7.82
N GLU B 391 18.82 15.15 -8.01
CA GLU B 391 19.41 15.31 -9.34
C GLU B 391 19.44 13.98 -10.06
N LEU B 392 20.45 13.16 -9.73
CA LEU B 392 20.66 11.87 -10.36
C LEU B 392 19.81 10.83 -9.66
N ASP B 393 19.02 10.09 -10.45
CA ASP B 393 18.03 9.12 -10.00
C ASP B 393 16.90 9.82 -9.24
N PRO B 394 16.10 10.66 -9.92
CA PRO B 394 15.04 11.39 -9.20
C PRO B 394 13.95 10.49 -8.67
N GLU B 395 13.96 9.20 -9.00
CA GLU B 395 12.98 8.28 -8.43
C GLU B 395 13.30 7.98 -6.97
N ILE B 396 14.58 7.80 -6.65
CA ILE B 396 14.99 7.50 -5.28
C ILE B 396 14.56 8.62 -4.34
N TYR B 397 14.64 9.87 -4.81
CA TYR B 397 14.20 11.01 -4.02
C TYR B 397 12.68 10.98 -3.83
N ARG B 398 11.94 11.10 -4.93
CA ARG B 398 10.49 11.24 -4.85
C ARG B 398 9.85 10.09 -4.07
N LEU B 399 10.50 8.92 -4.08
CA LEU B 399 10.02 7.79 -3.29
C LEU B 399 10.07 8.12 -1.81
N LEU B 400 11.29 8.34 -1.29
CA LEU B 400 11.50 8.51 0.14
C LEU B 400 10.98 9.84 0.68
N GLU B 401 10.48 10.72 -0.19
CA GLU B 401 9.90 11.97 0.25
C GLU B 401 8.42 11.84 0.63
N GLU B 402 7.72 10.86 0.07
CA GLU B 402 6.26 10.78 0.17
C GLU B 402 5.79 10.11 1.47
N GLY B 403 6.62 10.10 2.51
CA GLY B 403 6.14 9.84 3.86
C GLY B 403 6.43 8.43 4.34
N VAL B 404 5.97 8.20 5.56
CA VAL B 404 6.09 6.92 6.26
C VAL B 404 4.72 6.55 6.81
N GLU B 405 4.49 5.25 6.98
CA GLU B 405 3.23 4.77 7.53
C GLU B 405 3.47 4.01 8.82
N LEU B 406 2.67 4.33 9.84
CA LEU B 406 2.59 3.53 11.06
C LEU B 406 1.74 2.31 10.77
N ASP B 407 2.17 1.15 11.27
CA ASP B 407 1.37 -0.05 11.05
C ASP B 407 0.21 -0.08 12.03
N ALA B 408 -0.37 -1.26 12.24
CA ALA B 408 -1.55 -1.37 13.07
C ALA B 408 -1.24 -1.17 14.55
N GLU B 409 0.00 -1.41 14.98
CA GLU B 409 0.38 -1.33 16.38
C GLU B 409 1.15 -0.07 16.73
N GLY B 410 1.47 0.77 15.74
CA GLY B 410 2.22 1.98 15.98
C GLY B 410 3.70 1.90 15.63
N ARG B 411 4.15 0.76 15.09
CA ARG B 411 5.54 0.61 14.67
C ARG B 411 5.72 1.22 13.28
N PRO B 412 6.47 2.30 13.16
CA PRO B 412 6.63 2.93 11.84
C PRO B 412 7.39 2.04 10.88
N ILE B 413 7.03 2.13 9.60
CA ILE B 413 7.63 1.36 8.53
C ILE B 413 8.25 2.36 7.56
N VAL B 414 9.58 2.36 7.47
CA VAL B 414 10.29 3.43 6.76
C VAL B 414 10.74 2.94 5.37
N PRO B 415 10.70 3.81 4.35
CA PRO B 415 11.16 3.39 3.02
C PRO B 415 12.66 3.57 2.84
N ILE B 416 13.33 2.51 2.36
CA ILE B 416 14.76 2.52 2.12
C ILE B 416 15.03 2.17 0.67
N VAL B 417 16.24 2.45 0.23
CA VAL B 417 16.69 2.13 -1.12
C VAL B 417 18.03 1.41 -0.99
N ILE B 418 18.05 0.11 -1.29
CA ILE B 418 19.25 -0.69 -1.18
C ILE B 418 19.73 -1.05 -2.57
N GLY B 419 20.80 -1.84 -2.65
CA GLY B 419 21.35 -2.28 -3.91
C GLY B 419 21.11 -3.76 -4.17
N LYS B 420 21.73 -4.23 -5.25
CA LYS B 420 21.51 -5.60 -5.69
C LYS B 420 22.18 -6.60 -4.76
N GLU B 421 23.47 -6.40 -4.48
CA GLU B 421 24.23 -7.32 -3.63
C GLU B 421 23.50 -7.57 -2.32
N MSE B 422 23.09 -6.51 -1.64
CA MSE B 422 22.45 -6.62 -0.35
C MSE B 422 21.07 -7.27 -0.48
O MSE B 422 20.71 -8.12 0.34
CB MSE B 422 22.31 -5.24 0.29
CG MSE B 422 21.53 -5.24 1.59
SE MSE B 422 21.87 -3.66 2.69
CE MSE B 422 23.78 -3.94 3.02
N ALA B 423 20.33 -6.89 -1.52
CA ALA B 423 18.99 -7.45 -1.72
C ALA B 423 19.03 -8.96 -1.89
N ALA B 424 20.15 -9.50 -2.37
CA ALA B 424 20.28 -10.94 -2.57
C ALA B 424 20.62 -11.64 -1.27
N LYS B 425 21.71 -11.24 -0.61
CA LYS B 425 22.20 -11.94 0.57
C LYS B 425 21.18 -11.94 1.71
N LEU B 426 20.27 -10.98 1.76
CA LEU B 426 19.24 -10.92 2.78
C LEU B 426 17.88 -11.37 2.27
N GLY B 427 17.78 -11.77 1.00
CA GLY B 427 16.56 -12.31 0.44
C GLY B 427 15.39 -11.35 0.47
N LEU B 428 15.55 -10.19 -0.18
CA LEU B 428 14.54 -9.14 -0.17
C LEU B 428 14.32 -8.62 -1.58
N LYS B 429 13.04 -8.42 -1.93
CA LYS B 429 12.65 -7.82 -3.19
C LYS B 429 11.80 -6.59 -2.90
N GLU B 430 11.43 -5.88 -3.97
CA GLU B 430 10.70 -4.63 -3.82
C GLU B 430 9.36 -4.87 -3.14
N GLY B 431 9.13 -4.15 -2.04
CA GLY B 431 7.94 -4.30 -1.24
C GLY B 431 8.16 -5.00 0.09
N ASP B 432 9.27 -5.71 0.24
CA ASP B 432 9.51 -6.50 1.44
C ASP B 432 9.76 -5.60 2.65
N ILE B 433 9.16 -5.98 3.78
CA ILE B 433 9.40 -5.30 5.05
C ILE B 433 10.63 -5.92 5.69
N ALA B 434 11.66 -5.11 5.89
CA ALA B 434 12.85 -5.52 6.61
C ALA B 434 12.97 -4.71 7.89
N PHE B 435 14.08 -4.91 8.59
CA PHE B 435 14.40 -4.14 9.78
C PHE B 435 15.74 -3.44 9.55
N THR B 436 16.02 -2.44 10.39
CA THR B 436 17.24 -1.68 10.19
C THR B 436 17.56 -0.93 11.48
N PHE B 437 18.85 -0.71 11.69
CA PHE B 437 19.34 0.03 12.84
C PHE B 437 20.77 0.48 12.59
N ARG B 438 21.16 1.56 13.24
CA ARG B 438 22.49 2.13 13.11
C ARG B 438 23.46 1.43 14.06
N ASN B 439 24.61 1.00 13.52
CA ASN B 439 25.63 0.26 14.27
C ASN B 439 25.93 0.84 15.65
N ALA B 447 17.97 2.53 18.16
CA ALA B 447 16.59 2.13 17.93
C ALA B 447 16.48 1.23 16.71
N LEU B 448 15.56 0.27 16.77
CA LEU B 448 15.35 -0.73 15.73
C LEU B 448 14.00 -0.46 15.08
N LEU B 449 14.01 -0.10 13.80
CA LEU B 449 12.81 0.26 13.07
C LEU B 449 12.53 -0.77 11.99
N GLN B 450 11.26 -0.82 11.56
CA GLN B 450 10.85 -1.64 10.44
C GLN B 450 11.10 -0.89 9.14
N ALA B 451 11.72 -1.58 8.18
CA ALA B 451 12.12 -0.97 6.92
C ALA B 451 11.30 -1.55 5.78
N ARG B 452 10.59 -0.69 5.07
CA ARG B 452 9.89 -1.05 3.85
C ARG B 452 10.81 -0.79 2.66
N VAL B 453 11.16 -1.85 1.94
CA VAL B 453 11.97 -1.67 0.74
C VAL B 453 11.13 -1.01 -0.35
N ALA B 454 11.59 0.12 -0.85
CA ALA B 454 10.87 0.88 -1.86
C ALA B 454 11.50 0.80 -3.25
N ALA B 455 12.77 0.41 -3.33
CA ALA B 455 13.44 0.26 -4.62
C ALA B 455 14.70 -0.57 -4.41
N ILE B 456 15.09 -1.27 -5.47
CA ILE B 456 16.33 -2.04 -5.51
C ILE B 456 17.13 -1.56 -6.70
N ARG B 457 18.35 -1.08 -6.44
CA ARG B 457 19.21 -0.58 -7.49
C ARG B 457 20.24 -1.63 -7.89
N ASP B 458 20.74 -1.51 -9.12
CA ASP B 458 21.64 -2.50 -9.67
C ASP B 458 23.06 -2.36 -9.10
N ARG B 459 23.55 -1.13 -8.94
CA ARG B 459 24.93 -0.91 -8.55
C ARG B 459 25.06 -0.20 -7.20
N LEU B 460 24.01 -0.17 -6.40
CA LEU B 460 24.04 0.53 -5.13
C LEU B 460 24.65 -0.34 -4.05
N ASN B 461 25.65 0.19 -3.32
CA ASN B 461 26.13 -0.41 -2.09
C ASN B 461 26.11 0.59 -0.96
N ALA B 462 25.08 1.42 -0.94
CA ALA B 462 24.72 2.25 0.20
C ALA B 462 23.28 1.90 0.58
N VAL B 463 22.83 2.44 1.71
CA VAL B 463 21.45 2.31 2.13
C VAL B 463 20.86 3.72 2.15
N VAL B 464 20.08 4.05 1.13
CA VAL B 464 19.56 5.40 0.93
C VAL B 464 18.23 5.52 1.68
N VAL B 465 18.18 6.43 2.64
CA VAL B 465 17.01 6.62 3.49
C VAL B 465 16.70 8.10 3.63
N ASN B 466 15.45 8.38 4.03
CA ASN B 466 15.07 9.71 4.49
C ASN B 466 15.46 9.85 5.95
N GLN B 467 16.14 10.94 6.29
CA GLN B 467 16.69 11.07 7.64
C GLN B 467 15.64 11.55 8.64
N GLU B 468 14.75 12.45 8.22
CA GLU B 468 13.71 12.93 9.11
C GLU B 468 12.81 11.79 9.62
N TYR B 469 12.75 10.68 8.87
CA TYR B 469 12.00 9.50 9.29
C TYR B 469 12.85 8.51 10.08
N ALA B 470 14.18 8.58 9.92
CA ALA B 470 15.09 7.77 10.71
C ALA B 470 15.80 8.58 11.79
N LYS B 471 15.30 9.78 12.10
CA LYS B 471 15.87 10.56 13.18
C LYS B 471 15.71 9.87 14.52
N SER B 472 14.87 8.83 14.59
CA SER B 472 14.74 8.03 15.80
C SER B 472 15.87 7.04 15.98
N THR B 473 16.71 6.83 14.96
CA THR B 473 17.90 6.01 15.10
C THR B 473 19.18 6.81 14.91
N GLY B 474 19.08 8.14 14.83
CA GLY B 474 20.24 9.01 14.74
C GLY B 474 21.27 8.62 13.70
N VAL B 475 20.98 8.88 12.43
CA VAL B 475 21.82 8.45 11.32
C VAL B 475 22.32 9.70 10.60
N ASP B 476 23.48 10.19 11.03
CA ASP B 476 24.17 11.28 10.37
C ASP B 476 25.17 10.70 9.38
N PHE B 477 25.20 11.27 8.17
CA PHE B 477 25.80 10.59 7.04
C PHE B 477 27.31 10.83 6.92
N ASP B 478 28.02 10.94 8.04
CA ASP B 478 29.48 11.06 7.99
C ASP B 478 30.11 9.77 8.51
N GLY B 479 29.77 8.66 7.84
CA GLY B 479 30.37 7.37 8.11
C GLY B 479 29.46 6.35 8.75
N ASP B 480 28.26 6.75 9.19
CA ASP B 480 27.38 5.82 9.87
C ASP B 480 26.98 4.68 8.93
N THR B 481 26.98 3.47 9.48
CA THR B 481 26.64 2.25 8.73
C THR B 481 25.30 1.72 9.22
N LEU B 482 24.38 1.53 8.28
CA LEU B 482 23.05 0.99 8.57
C LEU B 482 23.00 -0.49 8.24
N VAL B 483 22.41 -1.26 9.15
CA VAL B 483 22.33 -2.70 9.01
C VAL B 483 20.91 -3.08 8.62
N VAL B 484 20.77 -4.04 7.70
CA VAL B 484 19.47 -4.56 7.29
C VAL B 484 19.44 -6.05 7.56
N LEU B 485 18.28 -6.54 7.97
CA LEU B 485 18.06 -7.95 8.26
C LEU B 485 16.95 -8.51 7.37
N PRO B 486 16.95 -9.83 7.09
CA PRO B 486 15.93 -10.39 6.19
C PRO B 486 14.52 -10.25 6.72
N LYS B 487 13.53 -10.61 5.91
CA LYS B 487 12.13 -10.59 6.34
C LYS B 487 11.83 -11.51 7.53
N GLY B 488 12.80 -12.19 8.12
CA GLY B 488 12.47 -13.18 9.15
C GLY B 488 11.81 -12.61 10.40
N LEU B 489 11.94 -11.30 10.65
CA LEU B 489 11.45 -10.57 11.83
C LEU B 489 11.43 -11.40 13.11
N PRO B 490 12.60 -11.91 13.58
CA PRO B 490 12.66 -12.68 14.83
C PRO B 490 12.90 -11.81 16.05
N VAL B 491 12.19 -10.69 16.13
CA VAL B 491 12.35 -9.72 17.20
C VAL B 491 11.09 -8.88 17.29
N ASP B 492 10.93 -8.18 18.42
CA ASP B 492 9.86 -7.22 18.65
C ASP B 492 10.38 -5.82 18.33
N PRO B 493 10.02 -5.27 17.18
CA PRO B 493 10.33 -3.87 16.91
C PRO B 493 9.46 -2.98 17.79
N HIS B 494 10.07 -1.93 18.32
CA HIS B 494 9.36 -1.14 19.31
C HIS B 494 8.39 -0.16 18.65
N ARG B 495 7.38 0.22 19.42
CA ARG B 495 6.34 1.11 18.95
C ARG B 495 6.79 2.57 19.04
N LEU B 496 6.23 3.40 18.16
CA LEU B 496 6.65 4.80 18.11
C LEU B 496 6.45 5.50 19.45
N GLU B 497 5.44 5.08 20.22
CA GLU B 497 5.18 5.75 21.50
C GLU B 497 6.24 5.39 22.54
N VAL B 498 6.87 4.22 22.41
CA VAL B 498 7.71 3.71 23.49
C VAL B 498 9.03 4.48 23.56
N PHE B 499 9.88 4.36 22.52
CA PHE B 499 11.20 5.01 22.56
C PHE B 499 11.12 6.53 22.42
N GLN B 500 10.14 7.03 21.66
CA GLN B 500 9.99 8.48 21.52
C GLN B 500 9.64 9.13 22.85
N THR B 501 8.95 8.41 23.72
CA THR B 501 8.72 8.88 25.08
C THR B 501 9.97 8.73 25.94
N LEU B 502 10.73 7.64 25.74
CA LEU B 502 11.96 7.43 26.52
C LEU B 502 13.04 8.43 26.13
N MSE B 503 13.19 8.70 24.83
CA MSE B 503 14.17 9.65 24.32
C MSE B 503 13.82 11.07 24.77
O MSE B 503 14.69 11.93 24.89
CB MSE B 503 14.24 9.58 22.79
CG MSE B 503 15.60 9.86 22.19
SE MSE B 503 15.49 10.07 20.25
CE MSE B 503 14.35 8.54 19.85
N ALA B 504 12.53 11.31 25.02
CA ALA B 504 12.08 12.63 25.44
C ALA B 504 12.23 12.82 26.95
N HIS B 505 12.04 11.76 27.74
CA HIS B 505 12.33 11.80 29.17
C HIS B 505 13.82 11.93 29.45
N ALA B 506 14.67 11.79 28.42
CA ALA B 506 16.11 11.92 28.55
C ALA B 506 16.64 13.13 27.78
N GLY B 507 15.78 14.08 27.44
CA GLY B 507 16.24 15.33 26.83
C GLY B 507 16.92 15.21 25.49
N LEU B 508 16.56 14.20 24.68
CA LEU B 508 17.17 13.98 23.37
C LEU B 508 16.15 14.08 22.24
N ALA B 509 15.04 14.77 22.46
CA ALA B 509 14.00 14.92 21.44
C ALA B 509 14.43 15.90 20.35
N VAL B 518 8.80 20.54 23.01
CA VAL B 518 8.14 19.23 23.03
C VAL B 518 6.71 19.39 23.50
N GLU B 519 5.79 19.34 22.55
CA GLU B 519 4.37 19.55 22.79
C GLU B 519 3.57 18.56 21.96
N PRO B 520 2.42 18.10 22.46
CA PRO B 520 1.67 17.06 21.75
C PRO B 520 1.03 17.59 20.47
N SER B 521 1.47 17.07 19.32
CA SER B 521 0.95 17.49 18.03
C SER B 521 0.60 16.27 17.19
N PRO B 522 -0.60 16.22 16.61
CA PRO B 522 -0.89 15.16 15.64
C PRO B 522 -0.03 15.32 14.40
N GLY B 523 0.10 14.24 13.65
CA GLY B 523 0.96 14.22 12.50
C GLY B 523 0.43 15.07 11.35
N GLU B 524 1.15 14.99 10.23
CA GLU B 524 0.70 15.57 8.97
C GLU B 524 0.48 14.40 8.00
N LEU B 525 -0.78 14.00 7.84
CA LEU B 525 -1.09 12.84 7.02
C LEU B 525 -0.77 13.14 5.57
N ARG B 526 -0.11 12.16 4.92
CA ARG B 526 0.27 12.32 3.52
C ARG B 526 -0.95 12.48 2.61
N PHE B 527 -2.08 11.89 3.00
CA PHE B 527 -3.29 11.92 2.18
C PHE B 527 -4.46 12.52 2.96
N LYS B 528 -4.18 13.58 3.74
CA LYS B 528 -5.21 14.24 4.52
C LYS B 528 -6.38 14.69 3.65
N GLU B 529 -6.10 15.54 2.66
CA GLU B 529 -7.17 16.05 1.83
C GLU B 529 -7.79 14.94 0.98
N GLN B 530 -6.97 13.98 0.55
CA GLN B 530 -7.49 12.89 -0.27
C GLN B 530 -8.44 12.00 0.52
N LEU B 531 -8.13 11.75 1.80
CA LEU B 531 -8.95 10.84 2.58
C LEU B 531 -10.23 11.48 3.07
N GLU B 532 -10.24 12.80 3.26
CA GLU B 532 -11.48 13.50 3.58
C GLU B 532 -12.51 13.34 2.48
N VAL B 533 -12.07 13.54 1.23
CA VAL B 533 -12.99 13.43 0.09
C VAL B 533 -13.56 12.03 0.00
N TYR B 534 -12.71 11.01 0.19
CA TYR B 534 -13.17 9.64 0.09
C TYR B 534 -14.26 9.33 1.11
N ASP B 535 -14.16 9.91 2.31
CA ASP B 535 -15.12 9.63 3.37
C ASP B 535 -16.47 10.27 3.08
N LYS B 536 -16.48 11.48 2.52
CA LYS B 536 -17.76 12.07 2.09
C LYS B 536 -18.42 11.19 1.04
N VAL B 537 -17.64 10.76 0.04
CA VAL B 537 -18.16 9.86 -0.99
C VAL B 537 -18.52 8.50 -0.37
N LEU B 538 -17.72 8.02 0.57
CA LEU B 538 -17.98 6.72 1.18
C LEU B 538 -19.30 6.71 1.94
N ALA B 539 -19.72 7.86 2.46
CA ALA B 539 -21.03 7.96 3.11
C ALA B 539 -22.13 7.56 2.16
N ARG B 540 -22.05 8.04 0.91
CA ARG B 540 -23.03 7.67 -0.11
C ARG B 540 -22.76 6.30 -0.68
N LEU B 541 -21.48 5.96 -0.89
CA LEU B 541 -21.14 4.68 -1.50
C LEU B 541 -21.55 3.52 -0.61
N SER B 542 -21.37 3.66 0.71
CA SER B 542 -21.74 2.60 1.64
C SER B 542 -23.24 2.32 1.63
N LYS B 543 -24.03 3.21 1.05
CA LYS B 543 -25.47 3.08 0.98
C LYS B 543 -25.97 2.61 -0.39
N SER B 544 -25.10 2.58 -1.40
CA SER B 544 -25.52 2.32 -2.79
C SER B 544 -25.56 0.83 -3.09
N ARG B 545 -26.21 0.49 -4.22
CA ARG B 545 -26.26 -0.90 -4.65
C ARG B 545 -24.87 -1.42 -4.98
N LEU B 546 -23.99 -0.54 -5.47
CA LEU B 546 -22.64 -0.96 -5.81
C LEU B 546 -21.89 -1.51 -4.60
N ALA B 547 -22.25 -1.05 -3.40
CA ALA B 547 -21.56 -1.52 -2.20
C ALA B 547 -21.87 -2.99 -1.92
N ALA B 548 -23.13 -3.39 -2.08
CA ALA B 548 -23.49 -4.80 -1.90
C ALA B 548 -22.84 -5.68 -2.96
N GLU B 549 -22.64 -5.13 -4.17
CA GLU B 549 -21.95 -5.88 -5.21
C GLU B 549 -20.52 -6.21 -4.78
N LEU B 550 -19.79 -5.21 -4.28
CA LEU B 550 -18.43 -5.43 -3.83
C LEU B 550 -18.37 -6.36 -2.62
N ARG B 551 -19.30 -6.19 -1.68
CA ARG B 551 -19.31 -7.07 -0.51
C ARG B 551 -19.67 -8.50 -0.88
N ASN B 552 -20.52 -8.69 -1.89
CA ASN B 552 -20.79 -10.04 -2.38
C ASN B 552 -19.58 -10.63 -3.11
N ALA B 553 -18.65 -9.80 -3.56
CA ALA B 553 -17.46 -10.26 -4.26
C ALA B 553 -16.24 -10.39 -3.35
N GLY B 554 -16.36 -10.03 -2.07
CA GLY B 554 -15.32 -10.27 -1.08
C GLY B 554 -14.77 -9.03 -0.40
N VAL B 555 -14.89 -7.87 -1.02
CA VAL B 555 -14.41 -6.64 -0.42
C VAL B 555 -15.46 -6.18 0.60
N GLU B 556 -15.23 -6.50 1.87
CA GLU B 556 -16.22 -6.20 2.91
C GLU B 556 -15.96 -4.85 3.55
N ASP B 557 -14.72 -4.55 3.91
CA ASP B 557 -14.36 -3.25 4.49
C ASP B 557 -14.01 -2.30 3.35
N LEU B 558 -14.87 -1.30 3.14
CA LEU B 558 -14.67 -0.32 2.09
C LEU B 558 -14.00 0.95 2.58
N SER B 559 -13.42 0.93 3.78
CA SER B 559 -12.81 2.13 4.33
C SER B 559 -11.41 2.36 3.78
N ASN B 560 -10.71 1.31 3.40
CA ASN B 560 -9.37 1.43 2.84
C ASN B 560 -9.46 1.36 1.32
N PRO B 561 -9.39 2.48 0.61
CA PRO B 561 -9.50 2.41 -0.86
C PRO B 561 -8.36 1.64 -1.48
N PHE B 562 -7.17 1.73 -0.89
CA PHE B 562 -6.03 0.99 -1.42
C PHE B 562 -6.28 -0.51 -1.35
N GLU B 563 -6.90 -0.97 -0.26
CA GLU B 563 -7.21 -2.39 -0.15
C GLU B 563 -8.34 -2.78 -1.09
N VAL B 564 -9.36 -1.93 -1.22
CA VAL B 564 -10.48 -2.22 -2.11
C VAL B 564 -9.97 -2.42 -3.53
N VAL B 565 -9.12 -1.51 -4.00
CA VAL B 565 -8.58 -1.64 -5.35
C VAL B 565 -7.63 -2.83 -5.43
N ARG B 566 -6.79 -3.03 -4.42
CA ARG B 566 -5.88 -4.16 -4.41
C ARG B 566 -6.63 -5.48 -4.32
N GLN B 567 -7.61 -5.55 -3.41
CA GLN B 567 -8.38 -6.78 -3.26
C GLN B 567 -9.29 -7.05 -4.45
N LEU B 568 -9.55 -6.04 -5.30
CA LEU B 568 -10.36 -6.25 -6.50
C LEU B 568 -9.54 -6.79 -7.66
N GLU B 569 -8.46 -6.08 -8.02
CA GLU B 569 -7.56 -6.58 -9.06
C GLU B 569 -6.91 -7.90 -8.66
N SER B 570 -7.00 -8.28 -7.37
CA SER B 570 -6.42 -9.55 -6.92
C SER B 570 -7.28 -10.73 -7.39
N LEU B 571 -8.59 -10.63 -7.23
CA LEU B 571 -9.49 -11.74 -7.58
C LEU B 571 -10.36 -11.43 -8.79
N GLY B 572 -9.72 -11.20 -9.94
CA GLY B 572 -10.47 -10.89 -11.14
C GLY B 572 -11.30 -9.64 -10.95
N GLU B 573 -12.61 -9.80 -11.05
CA GLU B 573 -13.60 -8.74 -10.82
C GLU B 573 -13.16 -7.42 -11.47
N GLU B 574 -12.97 -7.49 -12.78
CA GLU B 574 -12.60 -6.29 -13.53
C GLU B 574 -13.81 -5.42 -13.86
N GLU B 575 -15.02 -5.95 -13.69
CA GLU B 575 -16.23 -5.17 -13.91
C GLU B 575 -16.58 -4.34 -12.66
N LEU B 576 -16.38 -4.91 -11.48
CA LEU B 576 -16.61 -4.18 -10.23
C LEU B 576 -15.52 -3.16 -9.94
N LEU B 577 -14.32 -3.36 -10.47
CA LEU B 577 -13.24 -2.37 -10.34
C LEU B 577 -13.51 -1.16 -11.22
N LYS B 578 -13.98 -1.38 -12.44
CA LYS B 578 -14.46 -0.28 -13.27
C LYS B 578 -15.62 0.45 -12.58
N ALA B 579 -16.50 -0.32 -11.94
CA ALA B 579 -17.61 0.29 -11.22
C ALA B 579 -17.12 1.06 -10.00
N PHE B 580 -16.10 0.54 -9.32
CA PHE B 580 -15.55 1.25 -8.17
C PHE B 580 -14.71 2.44 -8.60
N LYS B 581 -13.85 2.27 -9.61
CA LYS B 581 -13.05 3.38 -10.10
C LYS B 581 -13.91 4.42 -10.79
N GLY B 582 -14.95 3.99 -11.50
CA GLY B 582 -15.85 4.94 -12.13
C GLY B 582 -16.67 5.71 -11.11
N TYR B 583 -17.07 5.07 -10.01
CA TYR B 583 -17.85 5.74 -8.99
C TYR B 583 -17.05 6.85 -8.32
N LEU B 584 -15.83 6.52 -7.88
CA LEU B 584 -14.99 7.52 -7.23
C LEU B 584 -14.62 8.65 -8.17
N ARG B 585 -14.58 8.38 -9.49
CA ARG B 585 -14.43 9.46 -10.46
C ARG B 585 -15.57 10.45 -10.34
N LYS B 586 -16.82 9.95 -10.38
CA LYS B 586 -17.97 10.82 -10.26
C LYS B 586 -18.02 11.48 -8.88
N GLY B 587 -17.65 10.73 -7.83
CA GLY B 587 -17.72 11.28 -6.48
C GLY B 587 -16.74 12.40 -6.23
N PHE B 588 -15.50 12.24 -6.71
CA PHE B 588 -14.48 13.27 -6.49
C PHE B 588 -14.75 14.49 -7.36
N ALA B 589 -15.10 14.29 -8.63
CA ALA B 589 -15.35 15.41 -9.53
C ALA B 589 -16.45 16.31 -9.00
N LYS B 590 -17.50 15.72 -8.41
CA LYS B 590 -18.47 16.50 -7.66
C LYS B 590 -17.78 17.24 -6.52
N GLU B 591 -17.07 16.49 -5.67
CA GLU B 591 -16.58 17.02 -4.40
C GLU B 591 -15.58 18.15 -4.57
N LEU B 592 -14.95 18.27 -5.74
CA LEU B 592 -13.96 19.32 -5.98
C LEU B 592 -14.42 20.32 -7.05
N GLY B 593 -15.67 20.24 -7.50
CA GLY B 593 -16.18 21.22 -8.42
C GLY B 593 -15.57 21.15 -9.81
N LEU B 594 -15.21 19.95 -10.26
CA LEU B 594 -14.70 19.75 -11.61
C LEU B 594 -15.84 19.37 -12.53
N ASP B 595 -15.96 20.08 -13.65
CA ASP B 595 -16.88 19.70 -14.71
C ASP B 595 -16.27 18.52 -15.46
N LEU B 596 -16.91 17.37 -15.35
CA LEU B 596 -16.31 16.13 -15.86
C LEU B 596 -16.18 16.12 -17.38
N LYS B 597 -16.81 17.06 -18.08
CA LYS B 597 -16.75 17.09 -19.54
C LYS B 597 -15.43 17.68 -20.03
N SER B 598 -15.07 18.86 -19.54
CA SER B 598 -13.86 19.55 -19.99
C SER B 598 -12.67 18.62 -19.94
N GLU B 599 -12.19 18.20 -21.12
CA GLU B 599 -11.17 17.16 -21.19
C GLU B 599 -9.87 17.56 -20.51
N GLU B 600 -9.66 18.86 -20.29
CA GLU B 600 -8.57 19.31 -19.44
C GLU B 600 -8.97 19.37 -17.97
N ASP B 601 -10.26 19.52 -17.69
CA ASP B 601 -10.76 19.34 -16.33
C ASP B 601 -10.85 17.85 -15.98
N ARG B 602 -11.24 17.02 -16.95
CA ARG B 602 -11.25 15.57 -16.74
C ARG B 602 -9.84 15.06 -16.43
N ALA B 603 -8.87 15.44 -17.28
CA ALA B 603 -7.49 15.02 -17.06
C ALA B 603 -6.95 15.54 -15.74
N ARG B 604 -7.56 16.57 -15.17
CA ARG B 604 -7.18 17.00 -13.83
C ARG B 604 -7.70 16.04 -12.76
N LEU B 605 -8.81 15.35 -13.03
CA LEU B 605 -9.31 14.38 -12.07
C LEU B 605 -8.30 13.25 -11.90
N ASN B 606 -8.06 12.49 -12.98
CA ASN B 606 -7.18 11.32 -12.93
C ASN B 606 -5.80 11.65 -12.39
N GLN B 607 -5.38 12.92 -12.53
CA GLN B 607 -4.10 13.36 -12.00
C GLN B 607 -4.11 13.46 -10.48
N TYR B 608 -5.28 13.72 -9.87
CA TYR B 608 -5.41 13.86 -8.42
C TYR B 608 -5.77 12.53 -7.76
N LEU B 609 -6.79 11.83 -8.29
CA LEU B 609 -7.28 10.60 -7.67
C LEU B 609 -6.34 9.43 -7.91
N PHE B 610 -5.85 9.25 -9.13
CA PHE B 610 -4.95 8.13 -9.44
C PHE B 610 -3.49 8.51 -9.23
N GLU B 611 -2.99 9.46 -10.01
CA GLU B 611 -1.57 9.83 -9.94
C GLU B 611 -1.19 10.35 -8.56
N GLY B 612 -2.10 11.08 -7.91
CA GLY B 612 -1.82 11.68 -6.62
C GLY B 612 -2.34 10.95 -5.41
N PHE B 613 -2.99 9.79 -5.59
CA PHE B 613 -3.60 9.12 -4.45
C PHE B 613 -3.65 7.60 -4.63
N LEU B 614 -4.44 7.13 -5.60
CA LEU B 614 -4.76 5.69 -5.64
C LEU B 614 -3.56 4.86 -6.08
N ASP B 615 -2.72 5.39 -6.96
CA ASP B 615 -1.59 4.61 -7.46
C ASP B 615 -0.62 4.23 -6.34
N TYR B 616 -0.62 5.00 -5.25
CA TYR B 616 0.26 4.71 -4.12
C TYR B 616 -0.15 3.47 -3.36
N ARG B 617 -1.12 2.68 -3.85
CA ARG B 617 -1.45 1.42 -3.22
C ARG B 617 -0.30 0.42 -3.29
N LYS B 618 0.66 0.66 -4.18
CA LYS B 618 1.81 -0.24 -4.33
C LYS B 618 2.84 -0.04 -3.23
N GLN B 619 2.86 1.13 -2.61
CA GLN B 619 3.82 1.41 -1.53
C GLN B 619 3.24 1.14 -0.16
N PHE B 620 2.07 1.71 0.15
CA PHE B 620 1.52 1.72 1.49
C PHE B 620 0.38 0.71 1.64
N GLN B 621 0.19 0.25 2.87
CA GLN B 621 -0.90 -0.68 3.17
C GLN B 621 -2.20 0.08 3.46
N ASP B 622 -2.12 1.14 4.26
CA ASP B 622 -3.28 1.93 4.63
C ASP B 622 -2.98 3.40 4.39
N PRO B 623 -3.78 4.11 3.60
CA PRO B 623 -3.56 5.56 3.43
C PRO B 623 -3.86 6.35 4.69
N ARG B 624 -4.72 5.85 5.57
CA ARG B 624 -5.06 6.56 6.79
C ARG B 624 -3.94 6.55 7.81
N ARG B 625 -2.87 5.80 7.56
CA ARG B 625 -1.79 5.66 8.52
C ARG B 625 -0.44 6.14 7.98
N VAL B 626 -0.39 6.69 6.77
CA VAL B 626 0.86 7.17 6.20
C VAL B 626 0.98 8.67 6.47
N TYR B 627 2.07 9.06 7.13
CA TYR B 627 2.30 10.42 7.60
C TYR B 627 3.37 11.10 6.75
N LYS B 628 3.24 12.41 6.59
CA LYS B 628 4.29 13.23 5.98
C LYS B 628 5.25 13.74 7.04
N LYS B 629 4.74 14.33 8.11
CA LYS B 629 5.50 14.64 9.32
C LYS B 629 4.96 13.75 10.44
N LEU B 630 5.80 12.87 10.96
CA LEU B 630 5.36 11.93 11.98
C LEU B 630 4.91 12.68 13.23
N PRO B 631 3.91 12.17 13.94
CA PRO B 631 3.38 12.90 15.10
C PRO B 631 4.27 12.77 16.33
N LEU B 632 3.97 13.61 17.32
CA LEU B 632 4.60 13.56 18.64
C LEU B 632 3.53 13.12 19.63
N MSE B 633 3.63 11.88 20.09
CA MSE B 633 2.66 11.32 21.03
C MSE B 633 2.59 12.13 22.32
O MSE B 633 3.63 12.57 22.82
CB MSE B 633 3.00 9.85 21.32
CG MSE B 633 3.02 8.96 20.08
SE MSE B 633 1.27 8.60 19.33
CE MSE B 633 1.80 8.02 17.55
N PRO B 634 1.39 12.32 22.86
CA PRO B 634 1.25 13.16 24.06
C PRO B 634 2.01 12.63 25.26
N SER B 635 2.33 11.33 25.29
CA SER B 635 3.12 10.78 26.39
C SER B 635 4.55 11.30 26.38
N ALA B 636 5.08 11.64 25.20
CA ALA B 636 6.45 12.14 25.10
C ALA B 636 6.53 13.60 25.55
N ALA B 637 5.53 14.40 25.21
CA ALA B 637 5.48 15.77 25.73
C ALA B 637 5.28 15.75 27.24
N LEU B 638 4.47 14.83 27.75
CA LEU B 638 4.37 14.63 29.18
C LEU B 638 5.71 14.22 29.77
N ALA B 639 6.35 13.22 29.16
CA ALA B 639 7.61 12.69 29.70
C ALA B 639 8.71 13.75 29.72
N ALA B 640 8.66 14.69 28.78
CA ALA B 640 9.67 15.74 28.74
C ALA B 640 9.46 16.78 29.83
N SER B 641 8.24 16.92 30.34
CA SER B 641 7.94 17.85 31.42
C SER B 641 8.15 17.24 32.80
N LEU B 642 8.45 15.94 32.88
CA LEU B 642 8.69 15.29 34.17
C LEU B 642 10.16 15.32 34.57
N LEU B 643 11.07 15.23 33.60
CA LEU B 643 12.50 15.38 33.84
C LEU B 643 12.98 16.61 33.09
N GLN B 644 13.45 17.60 33.83
CA GLN B 644 13.89 18.87 33.24
C GLN B 644 15.40 18.85 33.02
N VAL B 645 15.82 17.91 32.18
CA VAL B 645 17.24 17.66 31.90
C VAL B 645 17.53 18.05 30.46
N GLU B 646 18.66 18.71 30.24
CA GLU B 646 19.04 19.16 28.91
C GLU B 646 20.56 19.13 28.81
N ALA B 647 21.04 19.24 27.57
CA ALA B 647 22.48 19.25 27.26
C ALA B 647 22.86 20.65 26.78
N HIS B 648 23.38 21.47 27.67
CA HIS B 648 23.71 22.85 27.35
C HIS B 648 25.00 22.92 26.54
N LYS B 649 25.02 23.79 25.52
CA LYS B 649 26.13 23.88 24.59
C LYS B 649 26.99 25.11 24.87
N LYS B 650 28.30 24.91 24.93
CA LYS B 650 29.26 25.99 25.08
C LYS B 650 30.58 25.57 24.43
N GLU B 651 31.22 26.50 23.74
CA GLU B 651 32.44 26.18 23.01
C GLU B 651 33.65 26.15 23.93
N TYR B 652 34.57 25.22 23.66
CA TYR B 652 35.88 25.26 24.29
C TYR B 652 36.62 26.52 23.85
N ASP B 653 37.42 27.08 24.76
CA ASP B 653 38.23 28.26 24.51
C ASP B 653 39.07 28.07 23.25
N PRO B 654 38.76 28.75 22.15
CA PRO B 654 39.53 28.53 20.92
C PRO B 654 40.93 29.12 20.97
N SER B 655 41.15 30.14 21.81
CA SER B 655 42.49 30.70 21.97
C SER B 655 43.38 29.79 22.82
N ASP B 656 42.81 29.13 23.82
CA ASP B 656 43.55 28.23 24.70
C ASP B 656 43.55 26.83 24.10
N PRO B 657 44.68 26.34 23.56
CA PRO B 657 44.70 24.99 23.00
C PRO B 657 44.55 23.89 24.04
N VAL B 658 44.81 24.19 25.31
CA VAL B 658 44.63 23.20 26.37
C VAL B 658 43.16 22.84 26.53
N ALA B 659 42.26 23.82 26.42
CA ALA B 659 40.85 23.61 26.75
C ALA B 659 40.22 22.49 25.90
N LEU B 660 40.64 22.36 24.64
CA LEU B 660 40.10 21.30 23.81
C LEU B 660 40.59 19.93 24.28
N ALA B 661 41.92 19.77 24.37
CA ALA B 661 42.48 18.49 24.78
C ALA B 661 42.03 18.11 26.19
N ALA B 662 42.03 19.08 27.11
CA ALA B 662 41.61 18.79 28.48
C ALA B 662 40.17 18.29 28.53
N GLY B 663 39.30 18.86 27.70
CA GLY B 663 37.94 18.37 27.63
C GLY B 663 37.86 16.94 27.11
N GLN B 664 38.77 16.59 26.19
CA GLN B 664 38.72 15.25 25.61
C GLN B 664 39.20 14.19 26.61
N LEU B 665 40.08 14.58 27.55
CA LEU B 665 40.47 13.66 28.62
C LEU B 665 39.29 13.34 29.53
N THR B 666 38.47 14.34 29.83
CA THR B 666 37.26 14.13 30.61
C THR B 666 36.24 13.22 29.93
N THR B 667 36.53 12.72 28.73
CA THR B 667 35.68 11.75 28.05
C THR B 667 36.13 10.32 28.26
N SER B 668 37.27 10.11 28.91
CA SER B 668 37.90 8.81 29.06
C SER B 668 37.20 7.91 30.10
N PHE B 669 35.94 8.20 30.43
CA PHE B 669 35.16 7.26 31.23
C PHE B 669 33.75 7.07 30.68
N LEU B 670 33.55 7.32 29.38
CA LEU B 670 32.26 7.10 28.74
C LEU B 670 31.79 5.64 28.85
N GLY B 671 32.71 4.71 29.14
CA GLY B 671 32.29 3.33 29.32
C GLY B 671 31.49 3.13 30.59
N LEU B 672 31.82 3.88 31.65
CA LEU B 672 31.04 3.79 32.88
C LEU B 672 29.64 4.36 32.69
N SER B 673 29.51 5.41 31.87
CA SER B 673 28.18 5.92 31.55
C SER B 673 27.39 4.91 30.74
N GLU B 674 28.07 4.06 29.97
CA GLU B 674 27.37 3.03 29.21
C GLU B 674 27.01 1.84 30.08
N LYS B 675 27.93 1.42 30.97
CA LYS B 675 27.60 0.34 31.90
C LYS B 675 26.56 0.76 32.93
N LEU B 676 26.44 2.06 33.23
CA LEU B 676 25.37 2.51 34.10
C LEU B 676 24.02 2.37 33.41
N ALA B 677 23.96 2.68 32.11
CA ALA B 677 22.72 2.52 31.37
C ALA B 677 22.37 1.05 31.18
N GLN B 678 23.37 0.21 30.89
CA GLN B 678 23.11 -1.22 30.70
C GLN B 678 22.67 -1.87 31.99
N ASP B 679 23.32 -1.53 33.10
CA ASP B 679 22.93 -2.09 34.40
C ASP B 679 21.58 -1.58 34.87
N LEU B 680 21.09 -0.47 34.31
CA LEU B 680 19.82 0.12 34.73
C LEU B 680 18.62 -0.45 33.98
N GLU B 681 18.75 -0.72 32.67
CA GLU B 681 17.58 -1.11 31.89
C GLU B 681 17.12 -2.54 32.16
N THR B 682 17.96 -3.37 32.80
CA THR B 682 17.51 -4.70 33.17
C THR B 682 16.42 -4.66 34.22
N SER B 683 16.26 -3.53 34.91
CA SER B 683 15.28 -3.42 35.99
C SER B 683 13.93 -2.92 35.50
N ILE B 684 13.90 -1.93 34.60
CA ILE B 684 12.63 -1.34 34.21
C ILE B 684 11.79 -2.37 33.48
N ASP B 685 10.51 -2.44 33.84
CA ASP B 685 9.58 -3.39 33.25
C ASP B 685 8.99 -2.76 31.99
N PHE B 686 9.62 -3.05 30.84
CA PHE B 686 9.12 -2.52 29.58
C PHE B 686 7.67 -2.87 29.28
N PRO B 687 7.12 -4.04 29.68
CA PRO B 687 5.68 -4.26 29.51
C PRO B 687 4.79 -3.19 30.13
N LYS B 688 4.90 -2.97 31.45
CA LYS B 688 4.09 -1.94 32.12
C LYS B 688 4.34 -0.57 31.52
N LEU B 689 5.58 -0.29 31.09
CA LEU B 689 5.89 0.98 30.45
C LEU B 689 5.07 1.15 29.17
N ALA B 690 5.03 0.11 28.34
CA ALA B 690 4.37 0.23 27.04
C ALA B 690 2.87 0.40 27.20
N GLU B 691 2.27 -0.27 28.18
CA GLU B 691 0.82 -0.18 28.36
C GLU B 691 0.42 1.16 28.97
N ALA B 692 1.23 1.66 29.92
CA ALA B 692 0.91 2.94 30.56
C ALA B 692 0.98 4.09 29.56
N ILE B 693 1.84 3.98 28.56
CA ILE B 693 1.89 4.99 27.51
C ILE B 693 0.67 4.87 26.60
N ARG B 694 0.47 3.68 26.02
CA ARG B 694 -0.66 3.46 25.11
C ARG B 694 -1.98 3.73 25.80
N ALA B 695 -2.02 3.59 27.14
CA ALA B 695 -3.21 4.01 27.88
C ALA B 695 -3.38 5.51 27.82
N TYR B 696 -2.29 6.25 28.04
CA TYR B 696 -2.39 7.71 28.08
C TYR B 696 -2.61 8.30 26.70
N ASN B 697 -1.97 7.73 25.67
CA ASN B 697 -2.14 8.26 24.33
C ASN B 697 -3.55 7.98 23.81
N GLN B 698 -4.12 6.83 24.16
CA GLN B 698 -5.50 6.54 23.81
C GLN B 698 -6.45 7.51 24.52
N ALA B 699 -6.34 7.59 25.85
CA ALA B 699 -7.24 8.43 26.63
C ALA B 699 -7.05 9.91 26.36
N TYR B 700 -5.88 10.33 25.87
CA TYR B 700 -5.72 11.73 25.51
C TYR B 700 -6.41 12.03 24.18
N SER B 701 -6.30 11.12 23.21
CA SER B 701 -6.89 11.35 21.90
C SER B 701 -8.41 11.38 21.99
N SER B 702 -9.01 10.30 22.48
CA SER B 702 -10.46 10.12 22.45
C SER B 702 -10.92 9.40 23.72
N GLY B 703 -10.67 10.04 24.87
CA GLY B 703 -11.02 9.45 26.14
C GLY B 703 -11.83 10.38 27.02
N ASN B 704 -12.51 9.76 27.99
CA ASN B 704 -13.29 10.51 28.97
C ASN B 704 -12.37 11.37 29.84
N GLU B 705 -13.00 12.23 30.65
CA GLU B 705 -12.26 13.09 31.57
C GLU B 705 -11.68 12.31 32.75
N GLU B 706 -12.23 11.14 33.06
CA GLU B 706 -11.76 10.37 34.21
C GLU B 706 -10.46 9.63 33.91
N GLN B 707 -10.29 9.14 32.68
CA GLN B 707 -9.10 8.35 32.36
C GLN B 707 -7.91 9.22 31.93
N VAL B 708 -8.16 10.39 31.36
CA VAL B 708 -7.07 11.31 31.04
C VAL B 708 -6.35 11.76 32.31
N ALA B 709 -6.98 11.59 33.47
CA ALA B 709 -6.32 11.84 34.75
C ALA B 709 -5.71 10.57 35.33
N LYS B 710 -6.39 9.43 35.18
CA LYS B 710 -5.87 8.18 35.72
C LYS B 710 -4.72 7.63 34.88
N ALA B 711 -4.92 7.56 33.56
CA ALA B 711 -3.82 7.15 32.69
C ALA B 711 -2.65 8.13 32.78
N ARG B 712 -2.94 9.40 33.09
CA ARG B 712 -1.86 10.35 33.38
C ARG B 712 -1.14 9.95 34.67
N ALA B 713 -1.90 9.81 35.76
CA ALA B 713 -1.31 9.44 37.05
C ALA B 713 -0.64 8.07 37.00
N GLU B 714 -1.18 7.14 36.22
CA GLU B 714 -0.55 5.83 36.08
C GLU B 714 0.75 5.94 35.32
N LEU B 715 0.75 6.65 34.18
CA LEU B 715 1.97 6.83 33.40
C LEU B 715 3.00 7.68 34.15
N VAL B 716 2.56 8.64 34.95
CA VAL B 716 3.48 9.51 35.66
C VAL B 716 4.26 8.74 36.73
N LYS B 717 3.61 7.77 37.39
CA LYS B 717 4.26 7.04 38.48
C LYS B 717 5.26 6.00 37.97
N VAL B 718 5.14 5.55 36.72
CA VAL B 718 6.18 4.71 36.15
C VAL B 718 7.37 5.55 35.68
N LEU B 719 7.17 6.85 35.43
CA LEU B 719 8.23 7.70 34.94
C LEU B 719 9.05 8.34 36.05
N ASN B 720 8.44 8.66 37.19
CA ASN B 720 9.18 9.16 38.35
C ASN B 720 9.81 8.03 39.14
N ASP B 721 9.68 6.79 38.70
CA ASP B 721 10.28 5.66 39.39
C ASP B 721 11.81 5.82 39.37
N PRO B 722 12.50 5.51 40.47
CA PRO B 722 13.94 5.81 40.54
C PRO B 722 14.77 5.10 39.49
N THR B 723 14.54 3.81 39.27
CA THR B 723 15.30 3.09 38.25
C THR B 723 15.00 3.59 36.85
N VAL B 724 13.91 4.34 36.67
CA VAL B 724 13.58 4.92 35.38
C VAL B 724 14.22 6.30 35.21
N GLN B 725 14.14 7.15 36.24
CA GLN B 725 14.74 8.47 36.16
C GLN B 725 16.25 8.38 36.01
N LYS B 726 16.88 7.41 36.67
CA LYS B 726 18.32 7.25 36.55
C LYS B 726 18.71 6.67 35.19
N PHE B 727 17.88 5.79 34.64
CA PHE B 727 18.19 5.22 33.32
C PHE B 727 18.15 6.29 32.25
N SER B 728 17.09 7.10 32.23
CA SER B 728 17.03 8.20 31.27
C SER B 728 18.17 9.18 31.47
N LEU B 729 18.54 9.45 32.73
CA LEU B 729 19.63 10.37 32.99
C LEU B 729 20.96 9.75 32.57
N SER B 730 21.11 8.42 32.74
CA SER B 730 22.32 7.75 32.26
C SER B 730 22.49 7.94 30.75
N ASN B 731 21.38 7.89 30.02
CA ASN B 731 21.45 8.07 28.56
C ASN B 731 21.88 9.49 28.20
N LEU B 732 21.40 10.50 28.93
CA LEU B 732 21.80 11.87 28.65
C LEU B 732 23.29 12.06 28.91
N LEU B 733 23.81 11.49 30.00
CA LEU B 733 25.23 11.64 30.30
C LEU B 733 26.08 11.04 29.19
N TYR B 734 25.66 9.89 28.67
CA TYR B 734 26.39 9.25 27.56
C TYR B 734 26.53 10.20 26.38
N GLN B 735 25.43 10.85 26.01
CA GLN B 735 25.46 11.79 24.89
C GLN B 735 26.25 13.05 25.24
N ILE B 736 26.11 13.54 26.47
CA ILE B 736 26.88 14.71 26.88
C ILE B 736 28.37 14.39 26.88
N ILE B 737 28.75 13.28 27.50
CA ILE B 737 30.15 12.88 27.53
C ILE B 737 30.68 12.71 26.11
N THR B 738 29.88 12.09 25.23
CA THR B 738 30.28 11.96 23.83
C THR B 738 30.47 13.33 23.19
N ASP B 739 29.50 14.22 23.38
CA ASP B 739 29.55 15.53 22.73
C ASP B 739 30.63 16.41 23.34
N ARG B 740 31.01 16.18 24.59
CA ARG B 740 32.12 16.94 25.18
C ARG B 740 33.44 16.65 24.48
N LYS B 741 33.51 15.61 23.66
CA LYS B 741 34.65 15.44 22.76
C LYS B 741 34.70 16.48 21.66
N LYS B 742 33.82 17.46 21.68
CA LYS B 742 33.84 18.58 20.74
C LYS B 742 33.70 19.93 21.43
N ARG B 743 32.83 20.06 22.42
CA ARG B 743 32.55 21.35 23.03
C ARG B 743 32.39 21.17 24.54
N ASP B 744 32.53 22.29 25.26
CA ASP B 744 32.39 22.29 26.70
C ASP B 744 30.93 22.12 27.10
N TYR B 745 30.29 21.06 26.61
CA TYR B 745 28.92 20.77 26.98
C TYR B 745 28.81 20.58 28.49
N SER B 746 27.60 20.83 29.00
CA SER B 746 27.32 20.66 30.43
C SER B 746 25.90 20.15 30.59
N LEU B 747 25.64 19.54 31.75
CA LEU B 747 24.33 19.06 32.12
C LEU B 747 23.61 20.10 32.96
N ARG B 748 22.32 20.28 32.70
CA ARG B 748 21.49 21.18 33.47
C ARG B 748 20.22 20.45 33.91
N VAL B 749 19.82 20.67 35.16
CA VAL B 749 18.68 19.99 35.77
C VAL B 749 17.87 21.00 36.56
N ARG B 750 16.56 21.04 36.33
CA ARG B 750 15.66 21.95 37.02
C ARG B 750 14.80 21.13 37.97
N THR B 751 14.92 21.40 39.27
CA THR B 751 14.35 20.56 40.31
C THR B 751 13.06 21.17 40.86
N GLU B 752 12.48 20.48 41.85
CA GLU B 752 11.25 20.95 42.49
C GLU B 752 11.46 22.26 43.23
N SER B 753 12.72 22.60 43.58
CA SER B 753 13.03 23.87 44.20
C SER B 753 12.79 25.05 43.28
N GLY B 754 12.53 24.81 42.00
CA GLY B 754 12.49 25.85 41.00
C GLY B 754 13.84 26.25 40.46
N LYS B 755 14.92 25.83 41.12
CA LYS B 755 16.28 26.16 40.70
C LYS B 755 16.72 25.26 39.56
N THR B 756 17.85 25.63 38.95
CA THR B 756 18.49 24.82 37.93
C THR B 756 19.98 24.69 38.28
N TYR B 757 20.47 23.44 38.32
CA TYR B 757 21.85 23.15 38.63
C TYR B 757 22.63 22.81 37.37
N GLU B 758 23.89 23.23 37.31
CA GLU B 758 24.74 22.99 36.14
C GLU B 758 25.97 22.18 36.56
N TYR B 759 26.36 21.22 35.71
CA TYR B 759 27.41 20.28 36.03
C TYR B 759 28.44 20.21 34.91
N ARG B 760 29.72 20.36 35.25
CA ARG B 760 30.83 19.99 34.37
C ARG B 760 31.78 19.01 35.06
N ASN B 761 31.31 18.35 36.12
CA ASN B 761 32.04 17.28 36.79
C ASN B 761 31.21 16.01 36.68
N LEU B 762 31.10 15.50 35.45
CA LEU B 762 30.19 14.39 35.17
C LEU B 762 30.65 13.08 35.79
N TYR B 763 31.95 12.92 36.08
CA TYR B 763 32.37 11.71 36.77
C TYR B 763 31.88 11.68 38.20
N ALA B 764 31.82 12.85 38.85
CA ALA B 764 31.18 12.93 40.15
C ALA B 764 29.69 12.61 40.06
N VAL B 765 29.03 13.07 39.00
CA VAL B 765 27.63 12.75 38.78
C VAL B 765 27.45 11.26 38.59
N LEU B 766 28.30 10.65 37.76
CA LEU B 766 28.16 9.23 37.44
C LEU B 766 28.34 8.36 38.68
N ASN B 767 29.17 8.80 39.62
CA ASN B 767 29.29 8.08 40.89
C ASN B 767 28.08 8.32 41.78
N ARG B 768 27.58 9.56 41.83
CA ARG B 768 26.39 9.87 42.62
C ARG B 768 25.20 9.04 42.15
N LEU B 769 25.00 8.94 40.83
CA LEU B 769 23.96 8.07 40.31
C LEU B 769 24.19 6.62 40.69
N MSE B 770 25.45 6.20 40.71
CA MSE B 770 25.81 4.80 40.97
C MSE B 770 25.48 4.37 42.40
O MSE B 770 24.83 3.35 42.61
CB MSE B 770 27.30 4.58 40.69
CG MSE B 770 27.60 3.87 39.38
SE MSE B 770 29.38 4.28 38.70
CE MSE B 770 30.43 3.76 40.26
N GLN B 771 25.91 5.15 43.41
CA GLN B 771 25.62 4.83 44.80
C GLN B 771 24.40 5.56 45.34
N ASN B 772 23.52 6.03 44.45
CA ASN B 772 22.20 6.56 44.83
C ASN B 772 22.33 7.69 45.87
N LEU B 773 23.24 8.54 45.65
CA LEU B 773 23.37 9.71 46.51
C LEU B 773 22.73 10.92 45.85
N PRO B 774 22.26 11.91 46.61
CA PRO B 774 21.73 13.13 45.98
C PRO B 774 22.81 13.83 45.17
N VAL B 775 22.40 14.38 44.03
CA VAL B 775 23.33 14.82 42.99
C VAL B 775 23.54 16.33 42.99
N GLU B 776 22.97 17.06 43.96
CA GLU B 776 23.00 18.52 43.91
C GLU B 776 24.32 19.12 44.35
N GLU B 777 25.17 18.37 45.06
CA GLU B 777 26.34 18.97 45.70
C GLU B 777 27.55 19.05 44.78
N VAL B 778 27.71 18.10 43.85
CA VAL B 778 28.83 18.17 42.91
C VAL B 778 28.58 19.18 41.80
N ALA B 779 27.49 19.93 41.89
CA ALA B 779 27.18 20.93 40.89
C ALA B 779 28.29 21.98 40.83
N ASP B 780 28.40 22.62 39.68
CA ASP B 780 29.44 23.62 39.45
C ASP B 780 28.93 25.04 39.59
N THR B 781 27.67 25.28 39.18
CA THR B 781 27.02 26.58 39.37
C THR B 781 25.53 26.33 39.61
N VAL B 782 24.91 27.22 40.39
CA VAL B 782 23.51 27.09 40.76
C VAL B 782 22.78 28.38 40.38
N TYR B 783 21.61 28.23 39.76
CA TYR B 783 20.80 29.35 39.31
C TYR B 783 19.45 29.35 40.04
N ASP B 784 18.86 30.54 40.15
CA ASP B 784 17.65 30.76 40.95
C ASP B 784 16.49 31.04 40.00
N ALA B 785 15.89 29.97 39.46
CA ALA B 785 14.76 30.08 38.55
C ALA B 785 15.03 31.10 37.46
N SER B 786 14.49 32.32 37.62
CA SER B 786 14.82 33.40 36.70
C SER B 786 16.24 33.91 36.97
N GLY B 787 16.52 34.29 38.21
CA GLY B 787 17.84 34.77 38.57
C GLY B 787 18.90 33.72 38.34
N GLN B 788 20.16 34.18 38.33
CA GLN B 788 21.27 33.34 37.93
C GLN B 788 22.46 33.59 38.84
N ALA B 789 23.38 32.62 38.86
CA ALA B 789 24.68 32.74 39.51
C ALA B 789 24.54 32.96 41.02
N VAL B 790 23.72 32.12 41.66
CA VAL B 790 23.60 32.18 43.11
C VAL B 790 24.83 31.58 43.77
N GLU B 791 25.17 30.34 43.40
CA GLU B 791 26.41 29.70 43.82
C GLU B 791 27.24 29.42 42.58
N GLU B 792 28.44 29.96 42.54
CA GLU B 792 29.41 29.65 41.49
C GLU B 792 30.55 28.89 42.16
N ARG B 793 30.41 27.56 42.24
CA ARG B 793 31.42 26.74 42.88
C ARG B 793 32.64 26.49 42.00
N VAL B 794 32.58 26.87 40.71
CA VAL B 794 33.74 26.57 39.86
C VAL B 794 34.99 27.29 40.27
N PRO B 795 35.01 28.61 40.49
CA PRO B 795 36.27 29.26 40.90
C PRO B 795 36.87 28.69 42.16
N LEU B 796 36.02 28.30 43.11
CA LEU B 796 36.50 27.65 44.34
C LEU B 796 37.21 26.34 44.03
N LYS B 797 36.57 25.48 43.22
CA LYS B 797 37.12 24.17 42.90
C LYS B 797 38.48 24.27 42.22
N GLN B 798 38.68 25.29 41.39
CA GLN B 798 39.92 25.38 40.61
C GLN B 798 41.12 25.66 41.51
N SER B 799 41.06 26.75 42.28
CA SER B 799 42.19 27.11 43.14
C SER B 799 42.42 26.06 44.21
N ALA B 800 41.34 25.47 44.74
CA ALA B 800 41.49 24.39 45.71
C ALA B 800 42.21 23.20 45.07
N THR B 801 41.93 22.94 43.80
CA THR B 801 42.63 21.87 43.10
C THR B 801 44.12 22.19 42.99
N ARG B 802 44.45 23.38 42.49
CA ARG B 802 45.85 23.78 42.36
C ARG B 802 46.54 23.83 43.72
N SER B 803 45.78 24.05 44.79
CA SER B 803 46.37 24.00 46.14
C SER B 803 46.63 22.55 46.54
N LEU B 804 45.66 21.67 46.30
CA LEU B 804 45.80 20.27 46.70
C LEU B 804 46.92 19.58 45.93
N VAL B 805 47.16 19.98 44.68
CA VAL B 805 48.22 19.37 43.89
C VAL B 805 49.59 19.73 44.46
N LYS B 806 49.80 21.01 44.76
CA LYS B 806 51.05 21.42 45.39
C LYS B 806 51.19 20.80 46.78
N GLY B 807 50.06 20.61 47.48
CA GLY B 807 50.11 19.92 48.76
C GLY B 807 50.47 18.45 48.60
N LEU B 808 49.80 17.75 47.69
CA LEU B 808 50.11 16.35 47.42
C LEU B 808 51.56 16.17 46.98
N LEU B 809 52.11 17.16 46.26
CA LEU B 809 53.44 17.00 45.67
C LEU B 809 54.55 17.15 46.72
N ASP B 810 54.59 18.28 47.42
CA ASP B 810 55.68 18.51 48.37
C ASP B 810 55.40 17.94 49.76
N LEU B 811 54.21 17.35 49.97
CA LEU B 811 54.06 16.42 51.09
C LEU B 811 54.60 15.04 50.72
N ALA B 812 54.54 14.68 49.43
CA ALA B 812 55.15 13.46 48.92
C ALA B 812 56.63 13.62 48.59
N SER B 813 57.25 14.76 48.94
CA SER B 813 58.67 14.97 48.76
C SER B 813 59.35 15.53 50.00
N GLY B 814 58.66 15.57 51.14
CA GLY B 814 59.24 16.05 52.38
C GLY B 814 59.04 17.54 52.63
N ASN C 24 32.95 -12.36 -36.77
CA ASN C 24 34.41 -12.46 -36.84
C ASN C 24 34.83 -13.53 -37.84
N LYS C 25 34.18 -14.69 -37.77
CA LYS C 25 34.49 -15.84 -38.63
C LYS C 25 33.18 -16.55 -38.95
N PRO C 26 33.15 -17.37 -40.01
CA PRO C 26 31.88 -17.96 -40.45
C PRO C 26 31.24 -18.86 -39.40
N PHE C 27 29.91 -18.87 -39.40
CA PHE C 27 29.14 -19.68 -38.47
C PHE C 27 29.24 -21.18 -38.77
N ALA C 28 29.72 -21.55 -39.95
CA ALA C 28 30.04 -22.95 -40.19
C ALA C 28 31.26 -23.37 -39.39
N GLN C 29 32.20 -22.45 -39.14
CA GLN C 29 33.41 -22.74 -38.38
C GLN C 29 33.29 -22.41 -36.89
N GLN C 30 32.39 -21.50 -36.53
CA GLN C 30 32.23 -21.13 -35.13
C GLN C 30 31.34 -22.11 -34.36
N THR C 31 30.53 -22.91 -35.04
CA THR C 31 29.73 -23.95 -34.41
C THR C 31 30.22 -25.37 -34.69
N GLY C 32 30.92 -25.58 -35.80
CA GLY C 32 31.51 -26.86 -36.10
C GLY C 32 30.65 -27.80 -36.93
N ARG C 33 29.49 -27.34 -37.42
CA ARG C 33 28.60 -28.20 -38.17
C ARG C 33 29.24 -28.65 -39.48
N PHE C 34 29.91 -27.74 -40.18
CA PHE C 34 30.44 -28.02 -41.51
C PHE C 34 31.91 -27.65 -41.57
N HIS C 35 32.66 -28.45 -42.34
CA HIS C 35 34.01 -28.11 -42.73
C HIS C 35 33.97 -27.26 -43.99
N THR C 36 34.86 -26.28 -44.07
CA THR C 36 34.82 -25.29 -45.13
C THR C 36 36.11 -25.34 -45.95
N ILE C 37 35.97 -25.41 -47.28
CA ILE C 37 37.09 -25.21 -48.20
C ILE C 37 36.69 -24.09 -49.15
N GLU C 38 37.69 -23.33 -49.59
CA GLU C 38 37.43 -22.19 -50.48
C GLU C 38 37.29 -22.66 -51.92
N LEU C 39 36.36 -22.02 -52.64
CA LEU C 39 36.15 -22.39 -54.03
C LEU C 39 37.05 -21.59 -54.97
N GLN C 40 37.15 -20.27 -54.76
CA GLN C 40 38.05 -19.43 -55.52
C GLN C 40 39.29 -19.15 -54.68
N GLU C 41 40.44 -19.53 -55.21
CA GLU C 41 41.69 -19.46 -54.46
C GLU C 41 42.16 -18.00 -54.35
N GLU C 42 43.39 -17.82 -53.88
CA GLU C 42 43.87 -16.53 -53.40
C GLU C 42 44.06 -15.56 -54.56
N GLY C 43 43.15 -14.59 -54.70
CA GLY C 43 43.27 -13.53 -55.68
C GLY C 43 43.29 -13.98 -57.12
N SER C 44 43.12 -15.28 -57.35
CA SER C 44 43.18 -15.86 -58.67
C SER C 44 42.13 -15.23 -59.60
N PRO C 45 42.36 -15.30 -60.91
CA PRO C 45 41.45 -14.63 -61.85
C PRO C 45 40.07 -15.27 -61.85
N ASP C 46 39.09 -14.46 -62.24
CA ASP C 46 37.71 -14.91 -62.36
C ASP C 46 37.52 -15.47 -63.76
N GLU C 47 37.55 -16.81 -63.88
CA GLU C 47 37.37 -17.46 -65.17
C GLU C 47 35.96 -17.28 -65.71
N PHE C 48 35.00 -16.92 -64.87
CA PHE C 48 33.64 -16.69 -65.34
C PHE C 48 33.48 -15.30 -65.95
N GLN C 49 34.19 -14.30 -65.43
CA GLN C 49 34.19 -12.99 -66.08
C GLN C 49 34.83 -13.07 -67.47
N GLU C 50 35.68 -14.07 -67.69
CA GLU C 50 36.30 -14.25 -69.00
C GLU C 50 35.38 -14.99 -69.96
N LEU C 51 34.71 -16.03 -69.49
CA LEU C 51 33.73 -16.72 -70.33
C LEU C 51 32.52 -15.86 -70.63
N LEU C 52 32.38 -14.72 -69.95
CA LEU C 52 31.20 -13.88 -70.13
C LEU C 52 31.28 -13.00 -71.37
N ARG C 53 32.44 -12.91 -72.02
CA ARG C 53 32.54 -12.22 -73.30
C ARG C 53 32.37 -13.15 -74.50
N LEU C 54 32.28 -14.46 -74.27
CA LEU C 54 31.65 -15.32 -75.26
C LEU C 54 30.22 -14.88 -75.49
N GLN C 55 29.50 -14.54 -74.42
CA GLN C 55 28.17 -13.95 -74.54
C GLN C 55 28.23 -12.59 -75.20
N ALA C 56 29.31 -11.84 -74.95
CA ALA C 56 29.46 -10.54 -75.61
C ALA C 56 29.80 -10.70 -77.08
N SER C 57 30.61 -11.71 -77.43
CA SER C 57 30.96 -11.94 -78.83
C SER C 57 29.76 -12.44 -79.62
N THR C 58 29.18 -13.57 -79.20
CA THR C 58 28.08 -14.25 -79.88
C THR C 58 26.77 -13.42 -79.90
N GLN C 59 26.77 -12.17 -79.45
CA GLN C 59 25.56 -11.33 -79.44
C GLN C 59 24.44 -11.97 -78.63
N GLY C 60 24.80 -12.82 -77.68
CA GLY C 60 23.84 -13.40 -76.75
C GLY C 60 23.24 -14.72 -77.18
N HIS C 61 24.07 -15.67 -77.63
CA HIS C 61 23.55 -16.96 -78.07
C HIS C 61 24.35 -18.10 -77.46
N VAL C 62 24.90 -17.88 -76.26
CA VAL C 62 25.35 -18.97 -75.38
C VAL C 62 24.61 -18.81 -74.06
N ASP C 63 24.74 -19.81 -73.20
CA ASP C 63 24.00 -19.86 -71.95
C ASP C 63 24.90 -19.48 -70.78
N GLU C 64 24.55 -18.39 -70.09
CA GLU C 64 25.35 -17.94 -68.95
C GLU C 64 25.39 -19.00 -67.85
N THR C 65 24.22 -19.51 -67.47
CA THR C 65 24.17 -20.46 -66.37
C THR C 65 24.90 -21.75 -66.72
N THR C 66 24.91 -22.13 -68.01
CA THR C 66 25.75 -23.25 -68.43
C THR C 66 27.23 -22.89 -68.32
N LEU C 67 27.58 -21.65 -68.69
CA LEU C 67 28.93 -21.16 -68.44
C LEU C 67 29.24 -21.14 -66.96
N ALA C 68 28.23 -20.91 -66.11
CA ALA C 68 28.44 -20.90 -64.68
C ALA C 68 28.64 -22.31 -64.13
N ARG C 69 28.04 -23.32 -64.77
CA ARG C 69 28.18 -24.69 -64.28
C ARG C 69 29.60 -25.21 -64.48
N LEU C 70 30.15 -25.02 -65.69
CA LEU C 70 31.51 -25.48 -65.97
C LEU C 70 32.52 -24.90 -65.00
N VAL C 71 32.28 -23.68 -64.52
CA VAL C 71 33.18 -23.07 -63.55
C VAL C 71 32.98 -23.66 -62.17
N VAL C 72 31.73 -23.84 -61.76
CA VAL C 72 31.46 -24.38 -60.43
C VAL C 72 31.96 -25.81 -60.31
N GLN C 73 31.79 -26.61 -61.37
CA GLN C 73 32.30 -27.98 -61.36
C GLN C 73 33.81 -28.05 -61.35
N LYS C 74 34.50 -27.02 -61.86
CA LYS C 74 35.96 -27.00 -61.87
C LYS C 74 36.54 -26.50 -60.54
N ARG C 75 36.02 -25.39 -60.02
CA ARG C 75 36.53 -24.86 -58.76
C ARG C 75 36.32 -25.85 -57.62
N ALA C 76 35.17 -26.54 -57.62
CA ALA C 76 34.84 -27.45 -56.53
C ALA C 76 35.66 -28.73 -56.61
N THR C 77 35.70 -29.36 -57.79
CA THR C 77 36.45 -30.60 -57.95
C THR C 77 37.94 -30.40 -57.65
N LYS C 78 38.47 -29.19 -57.90
CA LYS C 78 39.85 -28.92 -57.54
C LYS C 78 40.03 -28.58 -56.07
N ALA C 79 39.03 -27.92 -55.47
CA ALA C 79 39.09 -27.56 -54.06
C ALA C 79 38.91 -28.79 -53.18
N ILE C 80 37.96 -29.66 -53.52
CA ILE C 80 37.78 -30.91 -52.77
C ILE C 80 38.99 -31.81 -52.95
N LEU C 81 39.61 -31.79 -54.13
CA LEU C 81 40.78 -32.62 -54.40
C LEU C 81 41.99 -32.12 -53.62
N LYS C 82 42.29 -30.82 -53.72
CA LYS C 82 43.42 -30.25 -52.99
C LYS C 82 43.29 -30.52 -51.49
N LYS C 83 42.07 -30.49 -50.95
CA LYS C 83 41.85 -30.87 -49.56
C LYS C 83 42.04 -32.37 -49.38
N LEU C 84 41.68 -33.18 -50.37
CA LEU C 84 41.78 -34.62 -50.28
C LEU C 84 43.22 -35.13 -50.27
N LEU C 85 44.19 -34.25 -50.55
CA LEU C 85 45.61 -34.59 -50.50
C LEU C 85 46.33 -33.99 -49.30
N GLU C 86 46.02 -32.74 -48.95
CA GLU C 86 46.54 -32.15 -47.72
C GLU C 86 45.99 -32.85 -46.49
N THR C 87 44.97 -33.70 -46.65
CA THR C 87 44.35 -34.42 -45.55
C THR C 87 44.66 -35.92 -45.60
N ALA C 88 45.64 -36.33 -46.40
CA ALA C 88 46.18 -37.68 -46.27
C ALA C 88 46.92 -37.86 -44.95
N ASP C 89 47.18 -36.77 -44.23
CA ASP C 89 47.83 -36.79 -42.93
C ASP C 89 46.83 -36.68 -41.78
N ARG C 90 45.62 -36.18 -42.02
CA ARG C 90 44.53 -36.17 -41.06
C ARG C 90 43.43 -37.07 -41.60
N PRO C 91 43.65 -38.40 -41.60
CA PRO C 91 42.86 -39.28 -42.49
C PRO C 91 41.43 -39.52 -42.03
N GLU C 92 41.19 -39.45 -40.72
CA GLU C 92 39.83 -39.59 -40.23
C GLU C 92 39.04 -38.28 -40.37
N GLU C 93 39.73 -37.15 -40.50
CA GLU C 93 39.11 -35.92 -40.97
C GLU C 93 38.98 -35.90 -42.48
N GLN C 94 39.73 -36.75 -43.18
CA GLN C 94 39.61 -36.86 -44.64
C GLN C 94 38.33 -37.59 -45.04
N ALA C 95 37.90 -38.58 -44.25
CA ALA C 95 36.77 -39.42 -44.62
C ALA C 95 35.51 -38.60 -44.88
N VAL C 96 35.40 -37.41 -44.31
CA VAL C 96 34.21 -36.58 -44.56
C VAL C 96 34.27 -35.95 -45.94
N TRP C 97 35.46 -35.64 -46.45
CA TRP C 97 35.58 -35.07 -47.79
C TRP C 97 35.54 -36.13 -48.89
N ARG C 98 35.73 -37.41 -48.54
CA ARG C 98 35.52 -38.48 -49.49
C ARG C 98 34.11 -38.42 -50.07
N ALA C 99 33.11 -38.44 -49.19
CA ALA C 99 31.70 -38.43 -49.58
C ALA C 99 31.19 -37.04 -49.93
N ALA C 100 32.02 -36.20 -50.54
CA ALA C 100 31.57 -35.00 -51.23
C ALA C 100 31.48 -35.20 -52.73
N ILE C 101 32.17 -36.21 -53.26
CA ILE C 101 32.07 -36.63 -54.65
C ILE C 101 31.78 -38.12 -54.66
N GLU C 102 30.71 -38.51 -55.34
CA GLU C 102 30.38 -39.93 -55.46
C GLU C 102 31.27 -40.60 -56.50
N ARG C 103 31.16 -40.16 -57.75
CA ARG C 103 31.81 -40.79 -58.88
C ARG C 103 32.54 -39.74 -59.71
N LEU C 104 33.76 -40.08 -60.12
CA LEU C 104 34.62 -39.18 -60.87
C LEU C 104 35.16 -39.92 -62.09
N VAL C 105 34.89 -39.40 -63.27
CA VAL C 105 35.38 -39.96 -64.52
C VAL C 105 36.56 -39.11 -64.99
N ILE C 106 37.75 -39.70 -64.99
CA ILE C 106 38.98 -38.99 -65.33
C ILE C 106 39.64 -39.76 -66.47
N GLY C 107 39.68 -39.15 -67.65
CA GLY C 107 40.14 -39.85 -68.84
C GLY C 107 39.13 -40.90 -69.26
N ASN C 108 39.50 -42.17 -69.16
CA ASN C 108 38.58 -43.27 -69.42
C ASN C 108 38.19 -44.04 -68.15
N THR C 109 38.87 -43.81 -67.03
CA THR C 109 38.64 -44.56 -65.80
C THR C 109 37.59 -43.87 -64.94
N ALA C 110 36.76 -44.68 -64.29
CA ALA C 110 35.65 -44.20 -63.47
C ALA C 110 35.95 -44.52 -62.00
N TYR C 111 35.92 -43.50 -61.16
CA TYR C 111 36.28 -43.62 -59.75
C TYR C 111 35.03 -43.45 -58.89
N ASP C 112 34.38 -44.57 -58.58
CA ASP C 112 33.31 -44.56 -57.59
C ASP C 112 33.97 -44.41 -56.23
N LEU C 113 33.95 -43.18 -55.69
CA LEU C 113 34.72 -42.90 -54.48
C LEU C 113 34.23 -43.70 -53.28
N LYS C 114 32.97 -44.12 -53.28
CA LYS C 114 32.45 -44.93 -52.18
C LYS C 114 33.25 -46.22 -52.02
N ASP C 115 33.78 -46.76 -53.11
CA ASP C 115 34.64 -47.94 -53.02
C ASP C 115 35.95 -47.57 -52.32
N ASP C 116 36.36 -48.41 -51.37
CA ASP C 116 37.71 -48.31 -50.83
C ASP C 116 38.76 -48.61 -51.90
N GLU C 117 38.39 -49.35 -52.94
CA GLU C 117 39.29 -49.65 -54.05
C GLU C 117 39.45 -48.44 -54.96
N SER C 118 38.35 -48.00 -55.57
CA SER C 118 38.41 -46.88 -56.53
C SER C 118 38.92 -45.61 -55.86
N PHE C 119 38.55 -45.38 -54.59
CA PHE C 119 39.09 -44.22 -53.89
C PHE C 119 40.57 -44.37 -53.59
N ALA C 120 41.05 -45.60 -53.37
CA ALA C 120 42.48 -45.81 -53.21
C ALA C 120 43.21 -45.43 -54.49
N LYS C 121 42.69 -45.87 -55.64
CA LYS C 121 43.28 -45.51 -56.92
C LYS C 121 43.12 -44.02 -57.22
N LEU C 122 42.05 -43.39 -56.74
CA LEU C 122 41.86 -41.97 -56.95
C LEU C 122 42.99 -41.17 -56.30
N ILE C 123 43.30 -41.47 -55.03
CA ILE C 123 44.40 -40.80 -54.35
C ILE C 123 45.75 -41.20 -54.92
N GLU C 124 45.82 -42.33 -55.61
CA GLU C 124 47.08 -42.77 -56.21
C GLU C 124 47.55 -41.81 -57.29
N LEU C 125 46.76 -41.65 -58.36
CA LEU C 125 47.14 -40.69 -59.39
C LEU C 125 47.09 -39.25 -58.89
N ALA C 126 46.46 -39.01 -57.74
CA ALA C 126 46.41 -37.66 -57.18
C ALA C 126 47.82 -37.12 -56.95
N LYS C 127 48.68 -37.93 -56.34
CA LYS C 127 50.05 -37.50 -56.11
C LYS C 127 50.88 -37.58 -57.39
N LYS C 128 50.71 -38.63 -58.18
CA LYS C 128 51.59 -38.88 -59.31
C LYS C 128 51.41 -37.87 -60.44
N HIS C 129 50.41 -37.01 -60.37
CA HIS C 129 50.18 -35.99 -61.38
C HIS C 129 49.88 -34.65 -60.71
N PRO C 130 50.25 -33.55 -61.36
CA PRO C 130 49.94 -32.22 -60.80
C PRO C 130 48.45 -31.94 -60.83
N LEU C 131 48.05 -30.92 -60.07
CA LEU C 131 46.62 -30.70 -59.83
C LEU C 131 45.89 -30.24 -61.09
N GLU C 132 46.37 -29.18 -61.73
CA GLU C 132 45.65 -28.61 -62.87
C GLU C 132 45.60 -29.55 -64.07
N LYS C 133 46.45 -30.58 -64.10
CA LYS C 133 46.37 -31.57 -65.15
C LYS C 133 45.27 -32.60 -64.88
N VAL C 134 45.08 -32.97 -63.61
CA VAL C 134 44.00 -33.89 -63.26
C VAL C 134 42.65 -33.20 -63.40
N VAL C 135 42.59 -31.89 -63.15
CA VAL C 135 41.35 -31.14 -63.36
C VAL C 135 41.05 -30.99 -64.84
N LYS C 136 42.10 -30.93 -65.66
CA LYS C 136 41.96 -30.82 -67.11
C LYS C 136 41.26 -32.03 -67.74
N ASN C 137 41.20 -33.16 -67.03
CA ASN C 137 40.81 -34.43 -67.64
C ASN C 137 39.54 -35.04 -67.09
N VAL C 138 38.90 -34.41 -66.10
CA VAL C 138 37.65 -34.93 -65.54
C VAL C 138 36.52 -34.69 -66.54
N ARG C 139 35.93 -35.78 -67.03
CA ARG C 139 34.82 -35.67 -67.98
C ARG C 139 33.51 -35.42 -67.25
N GLU C 140 33.24 -36.18 -66.19
CA GLU C 140 32.06 -36.01 -65.37
C GLU C 140 32.49 -35.77 -63.93
N VAL C 141 31.51 -35.36 -63.11
CA VAL C 141 31.68 -35.32 -61.67
C VAL C 141 30.30 -35.25 -61.03
N GLN C 142 30.03 -36.17 -60.10
CA GLN C 142 28.75 -36.23 -59.42
C GLN C 142 28.98 -36.07 -57.93
N PHE C 143 28.27 -35.11 -57.32
CA PHE C 143 28.46 -34.75 -55.93
C PHE C 143 27.42 -35.45 -55.05
N SER C 144 27.75 -35.58 -53.77
CA SER C 144 26.84 -36.20 -52.83
C SER C 144 25.71 -35.25 -52.45
N GLU C 145 24.72 -35.80 -51.76
CA GLU C 145 23.71 -34.97 -51.11
C GLU C 145 24.25 -34.32 -49.83
N LYS C 146 25.45 -34.69 -49.41
CA LYS C 146 26.06 -34.13 -48.20
C LYS C 146 26.69 -32.76 -48.45
N VAL C 147 27.15 -32.49 -49.68
CA VAL C 147 27.92 -31.29 -49.96
C VAL C 147 26.98 -30.19 -50.46
N THR C 148 27.21 -28.98 -49.97
CA THR C 148 26.41 -27.80 -50.34
C THR C 148 27.35 -26.78 -50.97
N LEU C 149 27.09 -26.46 -52.23
CA LEU C 149 27.94 -25.57 -53.00
C LEU C 149 27.39 -24.15 -53.00
N SER C 150 28.30 -23.18 -52.93
CA SER C 150 27.94 -21.76 -52.99
C SER C 150 28.90 -21.09 -53.96
N ASP C 151 28.79 -19.76 -54.07
CA ASP C 151 29.66 -19.01 -54.96
C ASP C 151 31.06 -18.85 -54.38
N LYS C 152 31.22 -19.06 -53.08
CA LYS C 152 32.48 -18.81 -52.40
C LYS C 152 33.07 -20.01 -51.70
N TYR C 153 32.24 -20.88 -51.11
CA TYR C 153 32.72 -22.01 -50.33
C TYR C 153 32.09 -23.31 -50.79
N ALA C 154 32.47 -24.40 -50.13
CA ALA C 154 31.81 -25.69 -50.26
C ALA C 154 31.73 -26.30 -48.87
N PHE C 155 30.52 -26.52 -48.37
CA PHE C 155 30.31 -27.00 -47.02
C PHE C 155 30.02 -28.50 -47.03
N VAL C 156 30.30 -29.15 -45.91
CA VAL C 156 30.07 -30.59 -45.77
C VAL C 156 29.94 -30.89 -44.27
N PRO C 157 28.99 -31.73 -43.86
CA PRO C 157 28.74 -31.91 -42.42
C PRO C 157 29.92 -32.57 -41.72
N ALA C 158 30.29 -32.01 -40.56
CA ALA C 158 31.46 -32.51 -39.83
C ALA C 158 31.28 -33.97 -39.45
N SER C 159 30.17 -34.31 -38.78
CA SER C 159 29.90 -35.66 -38.33
C SER C 159 28.69 -36.20 -39.07
N ASN C 160 28.86 -37.34 -39.76
CA ASN C 160 27.75 -38.04 -40.37
C ASN C 160 26.80 -38.64 -39.34
N GLN C 161 27.18 -38.64 -38.06
CA GLN C 161 26.33 -39.21 -37.02
C GLN C 161 24.96 -38.52 -37.00
N GLY C 162 24.93 -37.23 -36.74
CA GLY C 162 23.70 -36.49 -36.75
C GLY C 162 23.18 -36.24 -38.14
N ARG C 163 21.94 -35.77 -38.19
CA ARG C 163 21.28 -35.40 -39.43
C ARG C 163 20.82 -33.95 -39.33
N ILE C 164 21.01 -33.21 -40.43
CA ILE C 164 20.73 -31.78 -40.47
C ILE C 164 19.49 -31.55 -41.32
N PHE C 165 18.46 -30.98 -40.71
CA PHE C 165 17.12 -30.91 -41.29
C PHE C 165 16.86 -29.56 -41.97
N LEU C 166 17.68 -29.20 -42.94
CA LEU C 166 17.35 -28.04 -43.76
C LEU C 166 18.06 -28.12 -45.10
N SER C 167 17.46 -27.48 -46.10
CA SER C 167 17.89 -27.62 -47.48
C SER C 167 19.20 -26.89 -47.72
N HIS C 168 19.78 -27.15 -48.90
CA HIS C 168 21.08 -26.59 -49.26
C HIS C 168 21.05 -25.07 -49.26
N LEU C 169 19.99 -24.47 -49.81
CA LEU C 169 19.89 -23.01 -49.80
C LEU C 169 19.92 -22.46 -48.39
N ARG C 170 19.16 -23.09 -47.48
CA ARG C 170 19.13 -22.62 -46.11
C ARG C 170 20.43 -22.89 -45.39
N ARG C 171 21.16 -23.94 -45.77
CA ARG C 171 22.50 -24.15 -45.22
C ARG C 171 23.42 -23.01 -45.60
N GLU C 172 23.42 -22.64 -46.88
CA GLU C 172 24.28 -21.54 -47.34
C GLU C 172 23.83 -20.23 -46.74
N ASN C 173 22.52 -20.03 -46.55
CA ASN C 173 22.03 -18.80 -45.96
C ASN C 173 22.51 -18.65 -44.52
N ILE C 174 22.42 -19.74 -43.73
CA ILE C 174 22.63 -19.63 -42.29
C ILE C 174 24.11 -19.70 -41.94
N TYR C 175 24.85 -20.61 -42.56
CA TYR C 175 26.18 -20.98 -42.10
C TYR C 175 27.32 -20.28 -42.84
N ARG C 176 27.04 -19.51 -43.89
CA ARG C 176 28.12 -18.79 -44.57
C ARG C 176 28.35 -17.40 -44.01
N THR C 177 27.39 -16.85 -43.25
CA THR C 177 27.51 -15.51 -42.69
C THR C 177 28.47 -15.52 -41.49
N PRO C 178 29.39 -14.56 -41.41
CA PRO C 178 30.31 -14.50 -40.27
C PRO C 178 29.63 -13.94 -39.03
N THR C 179 29.78 -14.64 -37.91
CA THR C 179 29.33 -14.19 -36.60
C THR C 179 30.46 -14.37 -35.60
N GLN C 180 30.37 -13.68 -34.47
CA GLN C 180 31.35 -13.88 -33.41
C GLN C 180 30.97 -15.14 -32.62
N ARG C 181 31.65 -15.36 -31.51
CA ARG C 181 31.61 -16.66 -30.84
C ARG C 181 30.18 -17.01 -30.41
N PRO C 182 29.67 -18.17 -30.81
CA PRO C 182 28.27 -18.51 -30.52
C PRO C 182 28.07 -18.89 -29.07
N LEU C 183 26.85 -18.67 -28.60
CA LEU C 183 26.46 -18.98 -27.24
C LEU C 183 25.64 -20.28 -27.24
N SER C 184 25.29 -20.74 -26.05
CA SER C 184 24.50 -21.96 -25.88
C SER C 184 23.37 -21.68 -24.90
N LEU C 185 22.14 -21.64 -25.41
CA LEU C 185 20.96 -21.32 -24.62
C LEU C 185 20.06 -22.55 -24.55
N LYS C 186 19.54 -22.80 -23.36
CA LYS C 186 18.62 -23.91 -23.15
C LYS C 186 17.27 -23.59 -23.77
N VAL C 187 16.66 -24.61 -24.39
CA VAL C 187 15.33 -24.49 -24.96
C VAL C 187 14.41 -25.41 -24.19
N ALA C 188 13.42 -24.82 -23.54
CA ALA C 188 12.46 -25.58 -22.74
C ALA C 188 11.16 -24.79 -22.68
N GLU C 189 10.12 -25.46 -22.22
CA GLU C 189 8.79 -24.87 -22.11
C GLU C 189 8.48 -24.37 -20.71
N GLU C 190 8.97 -25.06 -19.68
CA GLU C 190 8.77 -24.68 -18.29
C GLU C 190 10.12 -24.66 -17.59
N GLY C 191 10.49 -23.51 -17.04
CA GLY C 191 11.76 -23.38 -16.34
C GLY C 191 12.61 -22.22 -16.83
N GLU C 192 13.91 -22.44 -16.87
CA GLU C 192 14.87 -21.42 -17.31
C GLU C 192 15.42 -21.82 -18.68
N GLY C 193 15.14 -21.00 -19.68
CA GLY C 193 15.58 -21.30 -21.02
C GLY C 193 14.78 -20.49 -22.04
N VAL C 194 14.83 -20.94 -23.29
CA VAL C 194 14.17 -20.27 -24.40
C VAL C 194 12.93 -21.08 -24.78
N ARG C 195 11.77 -20.42 -24.77
CA ARG C 195 10.54 -21.06 -25.20
C ARG C 195 10.35 -20.90 -26.70
N LEU C 196 9.52 -21.78 -27.27
CA LEU C 196 9.27 -21.84 -28.70
C LEU C 196 7.78 -21.64 -28.94
N LYS C 197 7.37 -20.38 -29.07
CA LYS C 197 6.00 -20.06 -29.41
C LYS C 197 5.75 -20.29 -30.90
N GLU C 198 4.48 -20.53 -31.23
CA GLU C 198 4.05 -20.80 -32.61
C GLU C 198 3.02 -19.76 -32.98
N MSE C 199 3.48 -18.65 -33.51
CA MSE C 199 2.59 -17.54 -33.87
C MSE C 199 2.42 -17.44 -35.39
O MSE C 199 2.95 -18.25 -36.15
CB MSE C 199 3.10 -16.22 -33.32
CG MSE C 199 3.34 -16.17 -31.81
SE MSE C 199 4.00 -14.43 -31.24
CE MSE C 199 5.56 -14.30 -32.40
N GLU C 200 1.66 -16.43 -35.80
CA GLU C 200 1.57 -16.07 -37.21
C GLU C 200 2.96 -15.92 -37.80
N GLU C 201 3.12 -16.30 -39.05
CA GLU C 201 4.41 -16.11 -39.72
C GLU C 201 4.68 -14.62 -39.86
N LYS C 202 5.94 -14.24 -39.60
CA LYS C 202 6.39 -12.85 -39.65
C LYS C 202 5.70 -11.98 -38.59
N ALA C 203 5.20 -12.60 -37.51
CA ALA C 203 4.41 -11.86 -36.54
C ALA C 203 5.20 -10.73 -35.90
N LEU C 204 6.48 -10.93 -35.66
CA LEU C 204 7.34 -9.90 -35.08
C LEU C 204 8.00 -9.04 -36.15
N GLY C 205 7.40 -8.95 -37.33
CA GLY C 205 8.08 -8.38 -38.47
C GLY C 205 8.82 -9.43 -39.27
N ASP C 206 9.15 -9.07 -40.50
CA ASP C 206 9.68 -10.03 -41.47
C ASP C 206 10.99 -10.63 -41.00
N GLY C 207 12.06 -9.82 -41.01
CA GLY C 207 13.37 -10.31 -40.67
C GLY C 207 13.61 -10.54 -39.19
N ALA C 208 12.55 -10.52 -38.40
CA ALA C 208 12.65 -10.77 -36.97
C ALA C 208 12.08 -12.15 -36.65
N LEU C 209 12.63 -12.78 -35.61
CA LEU C 209 12.19 -14.13 -35.29
C LEU C 209 12.20 -14.42 -33.79
N GLY C 210 12.44 -13.44 -32.92
CA GLY C 210 12.43 -13.69 -31.49
C GLY C 210 12.66 -12.44 -30.65
N ILE C 211 12.13 -12.46 -29.44
CA ILE C 211 12.38 -11.41 -28.45
C ILE C 211 13.00 -12.11 -27.24
N LEU C 212 14.26 -11.81 -26.98
CA LEU C 212 14.92 -12.30 -25.78
C LEU C 212 15.51 -11.12 -25.02
N ARG C 213 15.91 -11.38 -23.80
CA ARG C 213 16.43 -10.33 -22.93
C ARG C 213 17.94 -10.16 -23.12
N PRO C 214 18.46 -8.96 -22.89
CA PRO C 214 19.90 -8.74 -23.10
C PRO C 214 20.79 -9.58 -22.21
N GLN C 215 20.36 -9.83 -20.97
CA GLN C 215 21.18 -10.57 -20.02
C GLN C 215 21.26 -12.05 -20.34
N SER C 216 20.43 -12.55 -21.26
CA SER C 216 20.43 -13.98 -21.57
C SER C 216 21.52 -14.34 -22.58
N LEU C 217 21.72 -13.53 -23.61
CA LEU C 217 22.83 -13.74 -24.55
C LEU C 217 24.01 -12.83 -24.25
N GLY C 218 24.29 -12.60 -22.96
CA GLY C 218 25.54 -12.00 -22.54
C GLY C 218 25.74 -10.57 -23.00
N LEU C 219 24.68 -9.83 -23.20
CA LEU C 219 24.84 -8.45 -23.63
C LEU C 219 25.01 -7.53 -22.43
N PRO C 220 25.67 -6.38 -22.61
CA PRO C 220 25.77 -5.41 -21.52
C PRO C 220 24.40 -5.08 -20.97
N GLU C 221 24.38 -4.75 -19.67
CA GLU C 221 23.15 -4.63 -18.89
C GLU C 221 22.08 -3.80 -19.62
N ASP C 222 20.86 -4.32 -19.60
CA ASP C 222 19.65 -3.64 -20.08
C ASP C 222 19.86 -2.93 -21.42
N TYR C 223 20.44 -3.65 -22.37
CA TYR C 223 20.39 -3.22 -23.76
C TYR C 223 18.95 -3.24 -24.27
N THR C 224 18.62 -2.27 -25.12
CA THR C 224 17.24 -2.12 -25.63
C THR C 224 17.30 -1.76 -27.10
N GLY C 225 17.18 -2.77 -27.97
CA GLY C 225 17.19 -2.56 -29.40
C GLY C 225 16.88 -3.80 -30.20
N VAL C 226 17.84 -4.25 -31.00
CA VAL C 226 17.65 -5.39 -31.90
C VAL C 226 19.01 -5.84 -32.38
N VAL C 227 19.23 -7.15 -32.40
CA VAL C 227 20.52 -7.72 -32.76
C VAL C 227 20.31 -8.81 -33.80
N GLN C 228 21.18 -8.81 -34.81
CA GLN C 228 21.12 -9.75 -35.92
C GLN C 228 21.91 -11.00 -35.60
N VAL C 229 21.26 -12.17 -35.68
CA VAL C 229 21.83 -13.43 -35.25
C VAL C 229 21.72 -14.46 -36.39
N ARG C 230 22.37 -15.63 -36.16
CA ARG C 230 22.44 -16.76 -37.10
C ARG C 230 22.55 -18.03 -36.25
N GLY C 231 21.42 -18.44 -35.65
CA GLY C 231 21.44 -19.53 -34.71
C GLY C 231 21.03 -20.86 -35.32
N GLU C 232 21.20 -21.91 -34.52
CA GLU C 232 20.77 -23.26 -34.86
C GLU C 232 20.08 -23.89 -33.65
N LEU C 233 19.25 -24.89 -33.91
CA LEU C 233 18.47 -25.57 -32.88
C LEU C 233 18.83 -27.05 -32.94
N ALA C 234 19.72 -27.48 -32.04
CA ALA C 234 20.31 -28.80 -32.09
C ALA C 234 19.99 -29.59 -30.82
N ASP C 235 20.35 -30.87 -30.85
CA ASP C 235 20.25 -31.77 -29.70
C ASP C 235 21.65 -32.27 -29.35
N PRO C 236 21.83 -32.99 -28.24
CA PRO C 236 23.16 -33.56 -27.95
C PRO C 236 23.68 -34.51 -29.02
N GLU C 237 22.80 -35.27 -29.68
CA GLU C 237 23.26 -36.30 -30.62
C GLU C 237 23.77 -35.72 -31.94
N GLY C 238 23.77 -34.40 -32.11
CA GLY C 238 24.29 -33.77 -33.30
C GLY C 238 23.25 -33.42 -34.35
N ASN C 239 22.01 -33.83 -34.18
CA ASN C 239 20.95 -33.43 -35.10
C ASN C 239 20.55 -31.98 -34.82
N VAL C 240 20.40 -31.19 -35.88
CA VAL C 240 19.92 -29.82 -35.79
C VAL C 240 18.64 -29.73 -36.59
N TYR C 241 17.56 -29.32 -35.93
CA TYR C 241 16.23 -29.38 -36.51
C TYR C 241 15.77 -28.05 -37.10
N ALA C 242 16.42 -26.94 -36.75
CA ALA C 242 16.01 -25.65 -37.30
C ALA C 242 17.17 -24.68 -37.15
N GLY C 243 17.40 -23.92 -38.21
CA GLY C 243 18.34 -22.80 -38.18
C GLY C 243 17.60 -21.50 -38.43
N LEU C 244 18.06 -20.44 -37.77
CA LEU C 244 17.40 -19.15 -37.83
C LEU C 244 18.31 -18.09 -38.43
N LYS C 245 17.75 -17.28 -39.32
CA LYS C 245 18.41 -16.14 -39.94
C LYS C 245 17.52 -14.91 -39.82
N GLY C 246 18.07 -13.84 -39.28
CA GLY C 246 17.33 -12.63 -39.07
C GLY C 246 17.81 -11.95 -37.80
N THR C 247 16.95 -11.11 -37.25
CA THR C 247 17.23 -10.37 -36.04
C THR C 247 16.32 -10.82 -34.91
N VAL C 248 16.81 -10.68 -33.68
CA VAL C 248 15.98 -10.78 -32.50
C VAL C 248 15.90 -9.40 -31.87
N ILE C 249 14.75 -9.11 -31.25
CA ILE C 249 14.59 -7.86 -30.53
C ILE C 249 14.99 -8.09 -29.09
N VAL C 250 16.02 -7.38 -28.64
CA VAL C 250 16.50 -7.48 -27.28
C VAL C 250 15.81 -6.44 -26.42
N ASP C 251 15.26 -6.87 -25.28
CA ASP C 251 14.54 -5.97 -24.39
C ASP C 251 14.34 -6.62 -23.01
N PRO C 252 14.87 -6.01 -21.95
CA PRO C 252 14.61 -6.57 -20.61
C PRO C 252 13.16 -6.51 -20.20
N ARG C 253 12.37 -5.58 -20.77
CA ARG C 253 10.99 -5.42 -20.37
C ARG C 253 10.14 -6.63 -20.70
N ALA C 254 10.61 -7.51 -21.59
CA ALA C 254 9.93 -8.76 -21.87
C ALA C 254 10.33 -9.80 -20.83
N LYS C 255 9.35 -10.53 -20.32
CA LYS C 255 9.62 -11.52 -19.28
C LYS C 255 10.54 -12.61 -19.79
N GLU C 256 10.06 -13.40 -20.75
CA GLU C 256 10.75 -14.61 -21.18
C GLU C 256 11.47 -14.37 -22.50
N ASP C 257 12.56 -15.12 -22.69
CA ASP C 257 13.21 -15.20 -23.99
C ASP C 257 12.44 -16.20 -24.83
N PHE C 258 11.97 -15.77 -26.01
CA PHE C 258 11.13 -16.62 -26.83
C PHE C 258 11.46 -16.45 -28.30
N LEU C 259 11.39 -17.56 -29.02
CA LEU C 259 11.61 -17.62 -30.47
C LEU C 259 10.29 -18.05 -31.13
N ASN C 260 9.95 -17.37 -32.23
CA ASN C 260 8.76 -17.71 -33.03
C ASN C 260 9.10 -18.83 -34.01
N LEU C 261 8.47 -19.99 -33.80
CA LEU C 261 8.84 -21.16 -34.58
C LEU C 261 8.60 -20.94 -36.07
N ASN C 262 7.46 -20.35 -36.42
CA ASN C 262 7.11 -20.15 -37.82
C ASN C 262 8.02 -19.14 -38.54
N ASP C 263 9.05 -18.61 -37.88
CA ASP C 263 10.00 -17.71 -38.52
C ASP C 263 11.38 -18.33 -38.66
N LEU C 264 11.47 -19.66 -38.56
CA LEU C 264 12.72 -20.39 -38.66
C LEU C 264 12.73 -21.26 -39.91
N TYR C 265 13.92 -21.52 -40.43
CA TYR C 265 14.06 -22.37 -41.61
C TYR C 265 14.11 -23.82 -41.16
N ARG C 266 13.09 -24.60 -41.55
CA ARG C 266 13.00 -25.99 -41.16
C ARG C 266 12.39 -26.79 -42.31
N GLY C 267 12.82 -28.04 -42.43
CA GLY C 267 12.24 -28.98 -43.37
C GLY C 267 12.47 -28.58 -44.82
N ASP C 268 11.64 -29.16 -45.68
CA ASP C 268 11.70 -28.97 -47.14
C ASP C 268 13.04 -29.47 -47.68
N THR C 269 13.41 -30.68 -47.28
CA THR C 269 14.66 -31.29 -47.73
C THR C 269 14.53 -32.81 -47.55
N VAL C 270 15.60 -33.52 -47.92
CA VAL C 270 15.58 -34.98 -47.98
C VAL C 270 16.66 -35.52 -47.04
N VAL C 271 16.28 -36.36 -46.09
CA VAL C 271 17.19 -37.04 -45.19
C VAL C 271 16.94 -38.53 -45.29
N ASP C 272 17.96 -39.29 -45.69
CA ASP C 272 17.89 -40.74 -45.76
C ASP C 272 16.80 -41.22 -46.72
N GLY C 273 16.61 -40.48 -47.82
CA GLY C 273 15.72 -40.88 -48.88
C GLY C 273 14.31 -40.34 -48.79
N LYS C 274 13.85 -39.96 -47.60
CA LYS C 274 12.51 -39.43 -47.42
C LYS C 274 12.55 -37.92 -47.28
N LYS C 275 11.56 -37.24 -47.86
CA LYS C 275 11.44 -35.80 -47.74
C LYS C 275 10.61 -35.46 -46.51
N TYR C 276 11.22 -34.74 -45.57
CA TYR C 276 10.55 -34.29 -44.36
C TYR C 276 9.97 -32.90 -44.58
N THR C 277 8.67 -32.75 -44.42
CA THR C 277 8.04 -31.46 -44.65
C THR C 277 8.24 -30.55 -43.45
N LYS C 278 7.90 -29.27 -43.64
CA LYS C 278 7.96 -28.29 -42.56
C LYS C 278 7.17 -28.76 -41.35
N GLU C 279 6.03 -29.42 -41.57
CA GLU C 279 5.19 -29.88 -40.48
C GLU C 279 5.77 -31.11 -39.80
N GLU C 280 6.39 -32.02 -40.56
CA GLU C 280 6.90 -33.25 -39.98
C GLU C 280 8.05 -32.97 -39.02
N VAL C 281 8.87 -31.96 -39.31
CA VAL C 281 9.97 -31.63 -38.41
C VAL C 281 9.44 -30.95 -37.15
N ASP C 282 8.42 -30.10 -37.29
CA ASP C 282 7.85 -29.43 -36.13
C ASP C 282 7.32 -30.43 -35.11
N ALA C 283 6.81 -31.57 -35.57
CA ALA C 283 6.41 -32.62 -34.63
C ALA C 283 7.62 -33.20 -33.90
N LEU C 284 8.75 -33.33 -34.61
CA LEU C 284 9.99 -33.78 -33.97
C LEU C 284 10.47 -32.79 -32.93
N ILE C 285 10.26 -31.48 -33.16
CA ILE C 285 10.72 -30.48 -32.21
C ILE C 285 9.89 -30.53 -30.93
N ARG C 286 8.56 -30.60 -31.08
CA ARG C 286 7.67 -30.65 -29.92
C ARG C 286 7.95 -31.86 -29.03
N GLU C 287 8.60 -32.89 -29.56
CA GLU C 287 8.90 -34.10 -28.80
C GLU C 287 10.22 -33.99 -28.04
N LYS C 288 11.28 -33.52 -28.71
CA LYS C 288 12.55 -33.29 -28.02
C LYS C 288 12.42 -32.17 -26.99
N LEU C 289 11.69 -31.11 -27.35
CA LEU C 289 11.44 -30.02 -26.41
C LEU C 289 10.76 -30.51 -25.14
N LYS C 290 9.84 -31.48 -25.28
CA LYS C 290 9.18 -32.02 -24.10
C LYS C 290 10.14 -32.80 -23.21
N THR C 291 11.20 -33.36 -23.79
CA THR C 291 12.15 -34.16 -23.05
C THR C 291 13.31 -33.35 -22.46
N GLY C 292 13.31 -32.03 -22.64
CA GLY C 292 14.36 -31.21 -22.09
C GLY C 292 15.73 -31.44 -22.68
N ALA C 293 15.80 -31.96 -23.89
CA ALA C 293 17.07 -32.21 -24.59
C ALA C 293 17.04 -31.48 -25.93
N LEU C 294 17.05 -30.15 -25.86
CA LEU C 294 17.01 -29.30 -27.05
C LEU C 294 17.65 -27.97 -26.71
N GLN C 295 18.71 -27.61 -27.43
CA GLN C 295 19.49 -26.41 -27.17
C GLN C 295 19.40 -25.45 -28.35
N LEU C 296 19.94 -24.25 -28.12
CA LEU C 296 19.97 -23.19 -29.13
C LEU C 296 21.39 -22.63 -29.20
N ASN C 297 22.10 -22.97 -30.27
CA ASN C 297 23.46 -22.47 -30.51
C ASN C 297 23.34 -21.25 -31.40
N LEU C 298 23.45 -20.06 -30.80
CA LEU C 298 23.19 -18.80 -31.47
C LEU C 298 24.46 -17.96 -31.53
N GLY C 299 24.67 -17.30 -32.66
CA GLY C 299 25.81 -16.42 -32.82
C GLY C 299 25.37 -15.03 -33.25
N ILE C 300 26.02 -14.03 -32.67
CA ILE C 300 25.69 -12.62 -32.93
C ILE C 300 26.52 -12.12 -34.10
N HIS C 301 25.86 -11.46 -35.05
CA HIS C 301 26.51 -10.89 -36.23
C HIS C 301 26.77 -9.40 -36.14
N ARG C 302 25.79 -8.62 -35.68
CA ARG C 302 26.01 -7.19 -35.48
C ARG C 302 24.99 -6.69 -34.48
N VAL C 303 25.46 -5.93 -33.49
CA VAL C 303 24.58 -5.30 -32.50
C VAL C 303 24.24 -3.90 -32.97
N SER C 304 22.96 -3.54 -32.86
CA SER C 304 22.48 -2.26 -33.38
C SER C 304 23.02 -1.12 -32.54
N THR C 305 24.08 -0.48 -33.03
CA THR C 305 24.53 0.78 -32.47
C THR C 305 23.86 1.93 -33.22
N VAL C 306 23.81 3.10 -32.58
CA VAL C 306 23.37 4.33 -33.21
C VAL C 306 24.65 5.07 -33.62
N GLU C 307 25.01 4.94 -34.90
CA GLU C 307 26.26 5.50 -35.40
C GLU C 307 25.96 6.47 -36.54
N GLU C 308 26.84 7.46 -36.67
CA GLU C 308 26.64 8.52 -37.65
C GLU C 308 26.87 8.02 -39.06
N ALA C 309 26.46 8.83 -40.03
CA ALA C 309 26.60 8.48 -41.45
C ALA C 309 26.79 9.74 -42.28
N GLU C 377 24.94 14.93 -43.49
CA GLU C 377 24.96 14.51 -42.09
C GLU C 377 24.19 13.19 -41.94
N GLY C 378 23.76 12.88 -40.71
CA GLY C 378 22.88 11.75 -40.49
C GLY C 378 23.40 10.68 -39.54
N GLN C 379 22.46 9.96 -38.92
CA GLN C 379 22.77 8.82 -38.08
C GLN C 379 21.88 7.64 -38.50
N TYR C 380 22.25 6.45 -38.05
CA TYR C 380 21.50 5.27 -38.50
C TYR C 380 21.65 4.15 -37.48
N SER C 381 20.68 3.22 -37.54
CA SER C 381 20.72 1.99 -36.75
C SER C 381 19.75 1.01 -37.41
N MSE C 382 19.62 -0.17 -36.81
CA MSE C 382 18.77 -1.22 -37.36
C MSE C 382 17.28 -0.88 -37.30
O MSE C 382 16.86 0.05 -36.63
CB MSE C 382 19.00 -2.55 -36.63
CG MSE C 382 20.26 -3.27 -37.06
SE MSE C 382 20.36 -5.07 -36.30
CE MSE C 382 22.14 -5.53 -36.97
N ALA C 383 16.49 -1.69 -38.01
CA ALA C 383 15.05 -1.49 -38.11
C ALA C 383 14.33 -2.65 -37.45
N ALA C 384 13.37 -2.33 -36.59
CA ALA C 384 12.48 -3.32 -36.01
C ALA C 384 11.04 -2.95 -36.36
N SER C 385 10.19 -3.97 -36.47
CA SER C 385 8.79 -3.74 -36.78
C SER C 385 8.02 -3.32 -35.54
N HIS C 386 7.02 -2.46 -35.74
CA HIS C 386 6.18 -2.03 -34.62
C HIS C 386 5.32 -3.18 -34.09
N THR C 387 5.08 -4.22 -34.88
CA THR C 387 4.27 -5.34 -34.44
C THR C 387 4.93 -6.14 -33.32
N ALA C 388 6.24 -5.99 -33.13
CA ALA C 388 6.98 -6.72 -32.11
C ALA C 388 7.08 -5.96 -30.79
N TYR C 389 6.31 -4.88 -30.63
CA TYR C 389 6.18 -4.20 -29.35
C TYR C 389 4.73 -4.21 -28.87
N LYS C 390 3.86 -4.93 -29.58
CA LYS C 390 2.47 -5.09 -29.16
C LYS C 390 2.39 -5.70 -27.77
N GLU C 391 3.36 -6.54 -27.39
CA GLU C 391 3.44 -7.07 -26.03
C GLU C 391 4.09 -6.06 -25.09
N LEU C 392 5.33 -5.66 -25.41
CA LEU C 392 6.15 -4.83 -24.55
C LEU C 392 6.26 -3.43 -25.13
N ASP C 393 5.92 -2.42 -24.31
CA ASP C 393 5.80 -1.03 -24.74
C ASP C 393 4.75 -0.93 -25.85
N PRO C 394 3.47 -1.16 -25.54
CA PRO C 394 2.44 -1.11 -26.59
C PRO C 394 2.16 0.29 -27.11
N GLU C 395 2.55 1.34 -26.40
CA GLU C 395 2.37 2.69 -26.94
C GLU C 395 3.14 2.83 -28.25
N ILE C 396 4.30 2.18 -28.34
CA ILE C 396 5.04 2.14 -29.61
C ILE C 396 4.20 1.48 -30.69
N TYR C 397 3.42 0.46 -30.33
CA TYR C 397 2.57 -0.21 -31.31
C TYR C 397 1.40 0.67 -31.71
N ARG C 398 0.61 1.14 -30.74
CA ARG C 398 -0.61 1.87 -31.05
C ARG C 398 -0.33 3.14 -31.84
N LEU C 399 0.84 3.74 -31.64
CA LEU C 399 1.20 4.96 -32.37
C LEU C 399 1.31 4.69 -33.86
N LEU C 400 2.11 3.71 -34.25
CA LEU C 400 2.40 3.47 -35.67
C LEU C 400 1.31 2.69 -36.37
N GLU C 401 0.30 2.20 -35.65
CA GLU C 401 -0.78 1.46 -36.28
C GLU C 401 -1.88 2.36 -36.83
N GLU C 402 -2.04 3.56 -36.27
CA GLU C 402 -3.18 4.42 -36.57
C GLU C 402 -3.01 5.23 -37.85
N GLY C 403 -2.05 4.88 -38.69
CA GLY C 403 -2.04 5.31 -40.08
C GLY C 403 -0.90 6.27 -40.41
N VAL C 404 -0.95 6.76 -41.65
CA VAL C 404 -0.03 7.76 -42.17
C VAL C 404 -0.85 8.84 -42.85
N GLU C 405 -0.28 10.05 -42.92
CA GLU C 405 -0.93 11.16 -43.60
C GLU C 405 -0.06 11.66 -44.74
N LEU C 406 -0.72 12.04 -45.83
CA LEU C 406 -0.06 12.73 -46.93
C LEU C 406 -0.18 14.23 -46.70
N ASP C 407 0.90 14.96 -46.99
CA ASP C 407 0.90 16.39 -46.74
C ASP C 407 0.15 17.11 -47.87
N ALA C 408 0.26 18.44 -47.89
CA ALA C 408 -0.49 19.21 -48.88
C ALA C 408 0.00 18.93 -50.29
N GLU C 409 1.25 18.49 -50.43
CA GLU C 409 1.83 18.19 -51.73
C GLU C 409 1.77 16.71 -52.09
N GLY C 410 1.44 15.83 -51.14
CA GLY C 410 1.35 14.41 -51.39
C GLY C 410 2.51 13.57 -50.89
N ARG C 411 3.45 14.15 -50.13
CA ARG C 411 4.62 13.42 -49.65
C ARG C 411 4.27 12.69 -48.36
N PRO C 412 4.24 11.36 -48.33
CA PRO C 412 3.79 10.65 -47.12
C PRO C 412 4.73 10.89 -45.95
N ILE C 413 4.13 11.21 -44.80
CA ILE C 413 4.87 11.45 -43.57
C ILE C 413 4.62 10.27 -42.64
N VAL C 414 5.61 9.39 -42.53
CA VAL C 414 5.44 8.11 -41.83
C VAL C 414 5.83 8.27 -40.37
N PRO C 415 5.19 7.55 -39.45
CA PRO C 415 5.57 7.66 -38.03
C PRO C 415 6.70 6.71 -37.68
N ILE C 416 7.71 7.22 -36.97
CA ILE C 416 8.84 6.42 -36.50
C ILE C 416 9.02 6.68 -35.01
N VAL C 417 9.82 5.82 -34.38
CA VAL C 417 10.16 5.97 -32.97
C VAL C 417 11.67 5.81 -32.84
N ILE C 418 12.32 6.82 -32.27
CA ILE C 418 13.78 6.83 -32.13
C ILE C 418 14.13 6.88 -30.65
N GLY C 419 15.40 6.64 -30.37
CA GLY C 419 15.90 6.66 -29.01
C GLY C 419 16.49 8.00 -28.63
N LYS C 420 17.02 8.04 -27.41
CA LYS C 420 17.57 9.28 -26.88
C LYS C 420 18.81 9.72 -27.65
N GLU C 421 19.77 8.80 -27.82
CA GLU C 421 21.03 9.13 -28.49
C GLU C 421 20.78 9.78 -29.85
N MSE C 422 20.01 9.09 -30.70
CA MSE C 422 19.71 9.58 -32.03
C MSE C 422 18.95 10.91 -31.99
O MSE C 422 19.29 11.84 -32.72
CB MSE C 422 18.90 8.53 -32.78
CG MSE C 422 18.38 8.99 -34.13
SE MSE C 422 17.81 7.50 -35.24
CE MSE C 422 19.56 6.68 -35.53
N ALA C 423 17.94 10.99 -31.11
CA ALA C 423 17.16 12.21 -30.99
C ALA C 423 18.03 13.41 -30.64
N ALA C 424 19.03 13.19 -29.77
CA ALA C 424 19.97 14.25 -29.43
C ALA C 424 20.85 14.59 -30.62
N LYS C 425 21.60 13.59 -31.13
CA LYS C 425 22.59 13.85 -32.17
C LYS C 425 21.96 14.46 -33.41
N LEU C 426 20.69 14.16 -33.68
CA LEU C 426 19.99 14.72 -34.83
C LEU C 426 19.08 15.88 -34.45
N GLY C 427 19.12 16.32 -33.19
CA GLY C 427 18.38 17.48 -32.74
C GLY C 427 16.90 17.39 -33.00
N LEU C 428 16.24 16.40 -32.43
CA LEU C 428 14.82 16.15 -32.68
C LEU C 428 14.10 15.83 -31.39
N LYS C 429 12.88 16.33 -31.26
CA LYS C 429 11.98 16.00 -30.16
C LYS C 429 10.67 15.49 -30.73
N GLU C 430 9.75 15.12 -29.84
CA GLU C 430 8.51 14.48 -30.24
C GLU C 430 7.65 15.44 -31.08
N GLY C 431 7.28 14.99 -32.28
CA GLY C 431 6.51 15.78 -33.21
C GLY C 431 7.30 16.31 -34.39
N ASP C 432 8.62 16.32 -34.31
CA ASP C 432 9.44 16.89 -35.37
C ASP C 432 9.32 16.07 -36.65
N ILE C 433 9.41 16.75 -37.78
CA ILE C 433 9.42 16.12 -39.09
C ILE C 433 10.86 15.99 -39.55
N ALA C 434 11.24 14.78 -39.97
CA ALA C 434 12.60 14.51 -40.44
C ALA C 434 12.51 13.70 -41.73
N PHE C 435 13.60 13.03 -42.09
CA PHE C 435 13.67 12.24 -43.31
C PHE C 435 14.38 10.93 -43.02
N THR C 436 13.98 9.89 -43.75
CA THR C 436 14.55 8.58 -43.53
C THR C 436 14.56 7.79 -44.82
N PHE C 437 15.50 6.84 -44.90
CA PHE C 437 15.67 6.00 -46.08
C PHE C 437 16.50 4.80 -45.67
N ARG C 438 16.44 3.75 -46.49
CA ARG C 438 17.21 2.53 -46.26
C ARG C 438 18.53 2.62 -47.02
N ASN C 439 19.62 2.28 -46.33
CA ASN C 439 20.97 2.36 -46.87
C ASN C 439 21.10 1.81 -48.29
N ALA C 447 13.99 4.54 -51.56
CA ALA C 447 13.19 5.76 -51.59
C ALA C 447 13.39 6.58 -50.32
N LEU C 448 13.23 7.89 -50.45
CA LEU C 448 13.41 8.82 -49.34
C LEU C 448 12.05 9.39 -48.97
N LEU C 449 11.59 9.09 -47.76
CA LEU C 449 10.29 9.52 -47.29
C LEU C 449 10.43 10.54 -46.16
N GLN C 450 9.36 11.29 -45.94
CA GLN C 450 9.26 12.17 -44.79
C GLN C 450 8.78 11.37 -43.59
N ALA C 451 9.28 11.72 -42.41
CA ALA C 451 8.98 10.98 -41.19
C ALA C 451 8.48 11.94 -40.11
N ARG C 452 7.55 11.44 -39.30
CA ARG C 452 7.01 12.17 -38.16
C ARG C 452 7.46 11.46 -36.88
N VAL C 453 8.28 12.15 -36.09
CA VAL C 453 8.69 11.63 -34.78
C VAL C 453 7.46 11.56 -33.90
N ALA C 454 7.01 10.33 -33.60
CA ALA C 454 5.86 10.16 -32.72
C ALA C 454 6.27 9.92 -31.27
N ALA C 455 7.49 9.45 -31.04
CA ALA C 455 7.94 9.16 -29.68
C ALA C 455 9.47 9.14 -29.65
N ILE C 456 10.01 9.29 -28.45
CA ILE C 456 11.43 9.14 -28.18
C ILE C 456 11.58 8.30 -26.92
N ARG C 457 12.35 7.22 -27.02
CA ARG C 457 12.59 6.35 -25.88
C ARG C 457 13.94 6.65 -25.24
N ASP C 458 14.10 6.15 -24.01
CA ASP C 458 15.27 6.51 -23.21
C ASP C 458 16.48 5.66 -23.57
N ARG C 459 16.28 4.36 -23.80
CA ARG C 459 17.38 3.44 -24.07
C ARG C 459 17.29 2.75 -25.42
N LEU C 460 16.45 3.25 -26.33
CA LEU C 460 16.25 2.60 -27.61
C LEU C 460 17.37 2.95 -28.58
N ASN C 461 17.99 1.93 -29.17
CA ASN C 461 18.91 2.12 -30.29
C ASN C 461 18.49 1.24 -31.46
N ALA C 462 17.22 1.32 -31.81
CA ALA C 462 16.67 0.86 -33.07
C ALA C 462 15.85 1.98 -33.66
N VAL C 463 15.43 1.82 -34.92
CA VAL C 463 14.50 2.75 -35.57
C VAL C 463 13.24 1.96 -35.87
N VAL C 464 12.25 2.05 -34.98
CA VAL C 464 11.03 1.26 -35.08
C VAL C 464 10.04 1.99 -35.96
N VAL C 465 9.55 1.30 -37.00
CA VAL C 465 8.61 1.87 -37.96
C VAL C 465 7.54 0.84 -38.27
N ASN C 466 6.40 1.32 -38.74
CA ASN C 466 5.45 0.45 -39.41
C ASN C 466 5.98 0.11 -40.79
N GLN C 467 5.91 -1.17 -41.14
CA GLN C 467 6.50 -1.61 -42.41
C GLN C 467 5.57 -1.41 -43.60
N GLU C 468 4.26 -1.55 -43.40
CA GLU C 468 3.33 -1.37 -44.51
C GLU C 468 3.37 0.06 -45.03
N TYR C 469 3.69 1.02 -44.18
CA TYR C 469 3.82 2.41 -44.57
C TYR C 469 5.20 2.75 -45.12
N ALA C 470 6.14 1.82 -45.05
CA ALA C 470 7.48 2.01 -45.60
C ALA C 470 7.83 0.96 -46.65
N LYS C 471 6.85 0.21 -47.15
CA LYS C 471 7.09 -0.72 -48.25
C LYS C 471 7.58 -0.02 -49.50
N SER C 472 7.49 1.32 -49.56
CA SER C 472 8.03 2.07 -50.68
C SER C 472 9.55 2.21 -50.60
N THR C 473 10.15 1.98 -49.44
CA THR C 473 11.60 1.95 -49.30
C THR C 473 12.12 0.57 -48.97
N GLY C 474 11.25 -0.44 -48.97
CA GLY C 474 11.65 -1.84 -48.87
C GLY C 474 12.50 -2.19 -47.67
N VAL C 475 11.96 -2.02 -46.48
CA VAL C 475 12.67 -2.38 -45.25
C VAL C 475 12.25 -3.78 -44.83
N ASP C 476 13.23 -4.62 -44.53
CA ASP C 476 12.98 -5.94 -43.97
C ASP C 476 13.94 -6.15 -42.81
N PHE C 477 13.40 -6.53 -41.66
CA PHE C 477 14.07 -6.38 -40.38
C PHE C 477 15.08 -7.48 -40.08
N ASP C 478 15.77 -8.00 -41.09
CA ASP C 478 16.89 -8.91 -40.87
C ASP C 478 18.22 -8.18 -40.99
N GLY C 479 18.30 -7.05 -40.30
CA GLY C 479 19.50 -6.26 -40.20
C GLY C 479 19.46 -4.95 -40.95
N ASP C 480 18.40 -4.67 -41.70
CA ASP C 480 18.36 -3.44 -42.49
C ASP C 480 18.42 -2.21 -41.59
N THR C 481 19.22 -1.23 -42.00
CA THR C 481 19.43 0.00 -41.26
C THR C 481 18.70 1.16 -41.94
N LEU C 482 18.10 2.02 -41.11
CA LEU C 482 17.42 3.22 -41.58
C LEU C 482 18.16 4.44 -41.08
N VAL C 483 18.47 5.35 -42.00
CA VAL C 483 19.19 6.57 -41.70
C VAL C 483 18.19 7.67 -41.41
N VAL C 484 18.49 8.52 -40.44
CA VAL C 484 17.65 9.66 -40.11
C VAL C 484 18.49 10.93 -40.23
N LEU C 485 17.90 11.96 -40.82
CA LEU C 485 18.58 13.24 -41.00
C LEU C 485 17.83 14.34 -40.26
N PRO C 486 18.52 15.40 -39.84
CA PRO C 486 17.86 16.44 -39.03
C PRO C 486 16.74 17.13 -39.80
N LYS C 487 15.95 17.91 -39.06
CA LYS C 487 14.83 18.65 -39.59
C LYS C 487 15.20 19.69 -40.66
N GLY C 488 16.48 19.87 -40.99
CA GLY C 488 16.87 20.94 -41.89
C GLY C 488 16.27 20.92 -43.29
N LEU C 489 15.75 19.77 -43.69
CA LEU C 489 15.17 19.50 -45.00
C LEU C 489 15.91 20.20 -46.14
N PRO C 490 17.19 19.89 -46.38
CA PRO C 490 17.88 20.49 -47.53
C PRO C 490 17.80 19.62 -48.78
N VAL C 491 16.61 19.09 -49.08
CA VAL C 491 16.44 18.22 -50.23
C VAL C 491 14.98 18.18 -50.66
N ASP C 492 14.72 17.60 -51.83
CA ASP C 492 13.36 17.44 -52.35
C ASP C 492 12.90 16.02 -52.05
N PRO C 493 12.09 15.79 -51.02
CA PRO C 493 11.50 14.46 -50.83
C PRO C 493 10.41 14.23 -51.87
N HIS C 494 10.41 13.04 -52.44
CA HIS C 494 9.57 12.77 -53.60
C HIS C 494 8.16 12.41 -53.17
N ARG C 495 7.22 12.66 -54.09
CA ARG C 495 5.80 12.56 -53.83
C ARG C 495 5.33 11.11 -53.98
N LEU C 496 4.18 10.81 -53.38
CA LEU C 496 3.68 9.44 -53.37
C LEU C 496 3.39 8.96 -54.78
N GLU C 497 2.68 9.77 -55.58
CA GLU C 497 2.37 9.37 -56.95
C GLU C 497 3.63 9.06 -57.73
N VAL C 498 4.69 9.83 -57.51
CA VAL C 498 5.92 9.78 -58.30
C VAL C 498 6.54 8.39 -58.24
N PHE C 499 7.17 8.05 -57.11
CA PHE C 499 7.90 6.79 -57.04
C PHE C 499 6.96 5.59 -57.06
N GLN C 500 5.73 5.74 -56.57
CA GLN C 500 4.77 4.64 -56.64
C GLN C 500 4.38 4.33 -58.08
N THR C 501 4.41 5.34 -58.96
CA THR C 501 4.15 5.10 -60.38
C THR C 501 5.34 4.41 -61.03
N LEU C 502 6.56 4.89 -60.76
CA LEU C 502 7.75 4.28 -61.35
C LEU C 502 7.96 2.86 -60.85
N MSE C 503 7.75 2.62 -59.56
CA MSE C 503 7.92 1.31 -58.92
C MSE C 503 6.92 0.29 -59.49
O MSE C 503 7.06 -0.91 -59.28
CB MSE C 503 7.74 1.45 -57.41
CG MSE C 503 8.42 0.39 -56.55
SE MSE C 503 7.87 0.52 -54.68
CE MSE C 503 8.18 2.42 -54.39
N ALA C 504 5.88 0.81 -60.15
CA ALA C 504 4.85 -0.01 -60.78
C ALA C 504 5.10 -0.20 -62.27
N HIS C 505 5.65 0.81 -62.95
CA HIS C 505 6.05 0.67 -64.35
C HIS C 505 7.11 -0.41 -64.53
N ALA C 506 7.76 -0.84 -63.45
CA ALA C 506 8.79 -1.87 -63.51
C ALA C 506 8.39 -3.14 -62.78
N GLY C 507 7.11 -3.28 -62.41
CA GLY C 507 6.62 -4.52 -61.83
C GLY C 507 7.14 -4.85 -60.44
N LEU C 508 7.41 -3.85 -59.61
CA LEU C 508 7.89 -4.05 -58.25
C LEU C 508 6.85 -3.64 -57.21
N ALA C 509 5.61 -3.40 -57.61
CA ALA C 509 4.56 -2.96 -56.69
C ALA C 509 4.21 -4.05 -55.69
N VAL C 518 -2.53 -4.44 -59.70
CA VAL C 518 -2.30 -3.01 -59.63
C VAL C 518 -3.44 -2.25 -60.30
N GLU C 519 -4.32 -1.70 -59.47
CA GLU C 519 -5.53 -1.03 -59.92
C GLU C 519 -5.72 0.25 -59.11
N PRO C 520 -6.35 1.27 -59.70
CA PRO C 520 -6.48 2.55 -58.99
C PRO C 520 -7.47 2.46 -57.84
N SER C 521 -6.96 2.45 -56.62
CA SER C 521 -7.80 2.33 -55.45
C SER C 521 -7.58 3.52 -54.52
N PRO C 522 -8.64 4.17 -54.05
CA PRO C 522 -8.47 5.18 -53.00
C PRO C 522 -8.08 4.53 -51.68
N GLY C 523 -7.94 5.31 -50.63
CA GLY C 523 -7.49 4.82 -49.35
C GLY C 523 -8.63 4.44 -48.42
N GLU C 524 -8.25 4.10 -47.19
CA GLU C 524 -9.18 3.94 -46.07
C GLU C 524 -8.81 5.01 -45.04
N LEU C 525 -9.61 6.07 -44.98
CA LEU C 525 -9.32 7.17 -44.08
C LEU C 525 -9.42 6.70 -42.64
N ARG C 526 -8.40 7.02 -41.84
CA ARG C 526 -8.37 6.65 -40.43
C ARG C 526 -9.51 7.30 -39.65
N PHE C 527 -10.01 8.44 -40.11
CA PHE C 527 -11.06 9.18 -39.40
C PHE C 527 -12.27 9.41 -40.29
N LYS C 528 -12.69 8.37 -41.01
CA LYS C 528 -13.85 8.46 -41.89
C LYS C 528 -15.09 8.89 -41.12
N GLU C 529 -15.50 8.09 -40.13
CA GLU C 529 -16.78 8.35 -39.47
C GLU C 529 -16.72 9.60 -38.60
N GLN C 530 -15.56 9.90 -38.01
CA GLN C 530 -15.46 11.09 -37.19
C GLN C 530 -15.56 12.36 -38.03
N LEU C 531 -14.89 12.38 -39.19
CA LEU C 531 -14.91 13.57 -40.03
C LEU C 531 -16.28 13.81 -40.63
N GLU C 532 -17.00 12.74 -40.98
CA GLU C 532 -18.39 12.89 -41.41
C GLU C 532 -19.20 13.62 -40.34
N VAL C 533 -19.12 13.12 -39.10
CA VAL C 533 -19.90 13.71 -38.02
C VAL C 533 -19.47 15.15 -37.76
N TYR C 534 -18.18 15.44 -37.95
CA TYR C 534 -17.71 16.80 -37.75
C TYR C 534 -18.26 17.75 -38.81
N ASP C 535 -18.44 17.27 -40.04
CA ASP C 535 -18.88 18.15 -41.12
C ASP C 535 -20.37 18.48 -41.02
N LYS C 536 -21.18 17.59 -40.45
CA LYS C 536 -22.59 17.93 -40.24
C LYS C 536 -22.74 19.00 -39.17
N VAL C 537 -21.95 18.90 -38.09
CA VAL C 537 -21.99 19.92 -37.05
C VAL C 537 -21.45 21.24 -37.58
N LEU C 538 -20.41 21.18 -38.42
CA LEU C 538 -19.78 22.40 -38.93
C LEU C 538 -20.73 23.21 -39.79
N ALA C 539 -21.64 22.53 -40.52
CA ALA C 539 -22.65 23.25 -41.29
C ALA C 539 -23.46 24.18 -40.41
N ARG C 540 -23.82 23.73 -39.21
CA ARG C 540 -24.50 24.60 -38.26
C ARG C 540 -23.51 25.51 -37.53
N LEU C 541 -22.28 25.05 -37.32
CA LEU C 541 -21.29 25.85 -36.61
C LEU C 541 -20.89 27.08 -37.42
N SER C 542 -20.54 26.87 -38.70
CA SER C 542 -20.09 27.99 -39.53
C SER C 542 -21.15 29.07 -39.68
N LYS C 543 -22.41 28.75 -39.40
CA LYS C 543 -23.49 29.71 -39.45
C LYS C 543 -23.70 30.44 -38.13
N SER C 544 -23.20 29.90 -37.02
CA SER C 544 -23.50 30.42 -35.69
C SER C 544 -22.62 31.62 -35.34
N ARG C 545 -22.98 32.28 -34.23
CA ARG C 545 -22.18 33.39 -33.73
C ARG C 545 -20.79 32.94 -33.32
N LEU C 546 -20.69 31.73 -32.74
CA LEU C 546 -19.41 31.23 -32.26
C LEU C 546 -18.38 31.18 -33.38
N ALA C 547 -18.81 30.83 -34.60
CA ALA C 547 -17.90 30.84 -35.74
C ALA C 547 -17.33 32.23 -35.96
N ALA C 548 -18.16 33.26 -35.86
CA ALA C 548 -17.67 34.62 -35.97
C ALA C 548 -16.68 34.94 -34.85
N GLU C 549 -16.97 34.47 -33.63
CA GLU C 549 -16.05 34.67 -32.51
C GLU C 549 -14.69 34.07 -32.82
N LEU C 550 -14.68 32.86 -33.38
CA LEU C 550 -13.42 32.19 -33.70
C LEU C 550 -12.65 32.94 -34.77
N ARG C 551 -13.34 33.41 -35.81
CA ARG C 551 -12.67 34.10 -36.90
C ARG C 551 -12.18 35.48 -36.50
N ASN C 552 -12.69 36.04 -35.40
CA ASN C 552 -12.18 37.31 -34.89
C ASN C 552 -10.90 37.16 -34.09
N ALA C 553 -10.65 35.99 -33.50
CA ALA C 553 -9.43 35.76 -32.76
C ALA C 553 -8.28 35.24 -33.61
N GLY C 554 -8.50 35.03 -34.90
CA GLY C 554 -7.47 34.54 -35.80
C GLY C 554 -7.76 33.20 -36.45
N VAL C 555 -8.75 32.44 -35.99
CA VAL C 555 -9.06 31.12 -36.53
C VAL C 555 -10.08 31.29 -37.63
N GLU C 556 -9.61 31.35 -38.88
CA GLU C 556 -10.49 31.54 -40.03
C GLU C 556 -11.04 30.22 -40.58
N ASP C 557 -10.15 29.37 -41.08
CA ASP C 557 -10.55 28.08 -41.66
C ASP C 557 -11.01 27.14 -40.55
N LEU C 558 -12.33 27.01 -40.39
CA LEU C 558 -12.91 26.10 -39.42
C LEU C 558 -13.09 24.68 -39.97
N SER C 559 -12.42 24.35 -41.07
CA SER C 559 -12.55 23.02 -41.66
C SER C 559 -11.65 22.00 -40.98
N ASN C 560 -10.47 22.42 -40.54
CA ASN C 560 -9.52 21.51 -39.91
C ASN C 560 -9.69 21.54 -38.40
N PRO C 561 -10.38 20.55 -37.82
CA PRO C 561 -10.58 20.57 -36.36
C PRO C 561 -9.29 20.48 -35.58
N PHE C 562 -8.34 19.66 -36.04
CA PHE C 562 -7.03 19.58 -35.38
C PHE C 562 -6.34 20.93 -35.38
N GLU C 563 -6.54 21.73 -36.43
CA GLU C 563 -5.91 23.04 -36.50
C GLU C 563 -6.63 24.05 -35.61
N VAL C 564 -7.96 24.02 -35.59
CA VAL C 564 -8.71 24.95 -34.76
C VAL C 564 -8.34 24.77 -33.29
N VAL C 565 -8.20 23.53 -32.85
CA VAL C 565 -7.83 23.28 -31.46
C VAL C 565 -6.37 23.64 -31.21
N ARG C 566 -5.49 23.35 -32.19
CA ARG C 566 -4.08 23.68 -32.03
C ARG C 566 -3.87 25.19 -32.04
N GLN C 567 -4.46 25.89 -33.02
CA GLN C 567 -4.27 27.33 -33.12
C GLN C 567 -4.96 28.07 -31.97
N LEU C 568 -5.98 27.47 -31.37
CA LEU C 568 -6.64 28.09 -30.22
C LEU C 568 -5.74 28.03 -28.99
N GLU C 569 -5.41 26.83 -28.53
CA GLU C 569 -4.50 26.71 -27.39
C GLU C 569 -3.12 27.30 -27.70
N SER C 570 -2.86 27.66 -28.95
CA SER C 570 -1.61 28.31 -29.29
C SER C 570 -1.59 29.75 -28.77
N LEU C 571 -2.68 30.49 -28.98
CA LEU C 571 -2.72 31.90 -28.59
C LEU C 571 -3.75 32.19 -27.49
N GLY C 572 -3.60 31.56 -26.32
CA GLY C 572 -4.53 31.78 -25.23
C GLY C 572 -5.92 31.27 -25.52
N GLU C 573 -6.90 32.17 -25.52
CA GLU C 573 -8.28 31.89 -25.92
C GLU C 573 -8.79 30.60 -25.28
N GLU C 574 -8.54 30.47 -23.97
CA GLU C 574 -9.03 29.30 -23.23
C GLU C 574 -10.54 29.23 -23.28
N GLU C 575 -11.21 30.38 -23.25
CA GLU C 575 -12.67 30.40 -23.31
C GLU C 575 -13.16 29.94 -24.66
N LEU C 576 -12.60 30.49 -25.74
CA LEU C 576 -12.96 30.09 -27.10
C LEU C 576 -12.65 28.62 -27.39
N LEU C 577 -11.83 27.99 -26.55
CA LEU C 577 -11.61 26.55 -26.65
C LEU C 577 -12.68 25.77 -25.91
N LYS C 578 -13.07 26.20 -24.70
CA LYS C 578 -14.14 25.51 -23.99
C LYS C 578 -15.45 25.59 -24.76
N ALA C 579 -15.70 26.72 -25.43
CA ALA C 579 -16.90 26.83 -26.26
C ALA C 579 -16.81 25.91 -27.47
N PHE C 580 -15.65 25.87 -28.12
CA PHE C 580 -15.50 24.99 -29.29
C PHE C 580 -15.57 23.53 -28.91
N LYS C 581 -14.92 23.15 -27.79
CA LYS C 581 -15.04 21.79 -27.29
C LYS C 581 -16.46 21.50 -26.81
N GLY C 582 -17.10 22.49 -26.17
CA GLY C 582 -18.46 22.27 -25.69
C GLY C 582 -19.47 22.15 -26.83
N TYR C 583 -19.28 22.95 -27.88
CA TYR C 583 -20.17 22.87 -29.04
C TYR C 583 -20.07 21.51 -29.71
N LEU C 584 -18.84 21.04 -29.94
CA LEU C 584 -18.67 19.73 -30.56
C LEU C 584 -19.22 18.62 -29.68
N ARG C 585 -19.26 18.82 -28.35
CA ARG C 585 -19.93 17.87 -27.47
C ARG C 585 -21.42 17.80 -27.79
N LYS C 586 -22.12 18.92 -27.66
CA LYS C 586 -23.53 18.97 -28.01
C LYS C 586 -23.76 18.47 -29.43
N GLY C 587 -22.84 18.79 -30.34
CA GLY C 587 -22.98 18.37 -31.71
C GLY C 587 -22.80 16.87 -31.90
N PHE C 588 -21.72 16.32 -31.32
CA PHE C 588 -21.43 14.90 -31.53
C PHE C 588 -22.36 14.02 -30.70
N ALA C 589 -22.72 14.47 -29.49
CA ALA C 589 -23.75 13.76 -28.73
C ALA C 589 -25.07 13.77 -29.47
N LYS C 590 -25.36 14.84 -30.20
CA LYS C 590 -26.51 14.92 -31.07
C LYS C 590 -26.34 13.92 -32.22
N GLU C 591 -25.29 14.10 -33.01
CA GLU C 591 -25.14 13.34 -34.25
C GLU C 591 -24.99 11.84 -34.02
N LEU C 592 -24.69 11.42 -32.80
CA LEU C 592 -24.58 10.01 -32.45
C LEU C 592 -25.63 9.57 -31.45
N GLY C 593 -26.51 10.48 -31.03
CA GLY C 593 -27.64 10.11 -30.19
C GLY C 593 -27.28 9.78 -28.77
N LEU C 594 -26.20 10.36 -28.26
CA LEU C 594 -25.79 10.16 -26.88
C LEU C 594 -26.56 11.10 -25.97
N ASP C 595 -27.31 10.54 -25.01
CA ASP C 595 -27.95 11.37 -24.00
C ASP C 595 -26.87 12.03 -23.16
N LEU C 596 -26.76 13.35 -23.24
CA LEU C 596 -25.64 14.05 -22.63
C LEU C 596 -25.75 14.13 -21.11
N LYS C 597 -26.85 13.65 -20.51
CA LYS C 597 -26.99 13.62 -19.06
C LYS C 597 -26.47 12.32 -18.47
N SER C 598 -26.84 11.18 -19.06
CA SER C 598 -26.37 9.87 -18.60
C SER C 598 -24.84 9.86 -18.51
N GLU C 599 -24.33 9.71 -17.28
CA GLU C 599 -22.90 9.87 -17.04
C GLU C 599 -22.05 8.77 -17.66
N GLU C 600 -22.65 7.63 -18.00
CA GLU C 600 -21.94 6.63 -18.79
C GLU C 600 -22.11 6.88 -20.27
N ASP C 601 -23.20 7.55 -20.67
CA ASP C 601 -23.33 8.03 -22.04
C ASP C 601 -22.53 9.32 -22.24
N ARG C 602 -22.33 10.10 -21.18
CA ARG C 602 -21.45 11.26 -21.26
C ARG C 602 -19.99 10.82 -21.42
N ALA C 603 -19.58 9.78 -20.69
CA ALA C 603 -18.27 9.20 -20.91
C ALA C 603 -18.14 8.54 -22.27
N ARG C 604 -19.25 8.22 -22.93
CA ARG C 604 -19.22 7.77 -24.31
C ARG C 604 -18.91 8.92 -25.26
N LEU C 605 -19.08 10.17 -24.82
CA LEU C 605 -18.70 11.29 -25.69
C LEU C 605 -17.20 11.50 -25.61
N ASN C 606 -16.66 11.78 -24.42
CA ASN C 606 -15.24 12.05 -24.26
C ASN C 606 -14.35 10.90 -24.72
N GLN C 607 -14.91 9.71 -24.93
CA GLN C 607 -14.11 8.59 -25.41
C GLN C 607 -14.13 8.45 -26.93
N TYR C 608 -15.06 9.14 -27.61
CA TYR C 608 -15.13 9.13 -29.07
C TYR C 608 -14.54 10.41 -29.68
N LEU C 609 -14.94 11.57 -29.15
CA LEU C 609 -14.56 12.86 -29.69
C LEU C 609 -13.11 13.21 -29.40
N PHE C 610 -12.68 13.10 -28.14
CA PHE C 610 -11.30 13.43 -27.80
C PHE C 610 -10.40 12.21 -27.92
N GLU C 611 -10.71 11.14 -27.18
CA GLU C 611 -9.84 9.97 -27.12
C GLU C 611 -9.62 9.37 -28.51
N GLY C 612 -10.70 9.08 -29.22
CA GLY C 612 -10.63 8.47 -30.54
C GLY C 612 -10.43 9.41 -31.70
N PHE C 613 -10.42 10.72 -31.47
CA PHE C 613 -10.38 11.67 -32.58
C PHE C 613 -9.49 12.88 -32.27
N LEU C 614 -9.97 13.79 -31.40
CA LEU C 614 -9.34 15.10 -31.25
C LEU C 614 -7.92 14.98 -30.69
N ASP C 615 -7.71 14.06 -29.73
CA ASP C 615 -6.39 13.94 -29.11
C ASP C 615 -5.30 13.66 -30.13
N TYR C 616 -5.66 13.03 -31.24
CA TYR C 616 -4.72 12.72 -32.30
C TYR C 616 -4.23 13.95 -33.06
N ARG C 617 -4.55 15.16 -32.60
CA ARG C 617 -3.97 16.37 -33.19
C ARG C 617 -2.48 16.49 -32.90
N LYS C 618 -1.96 15.74 -31.93
CA LYS C 618 -0.54 15.79 -31.62
C LYS C 618 0.31 15.08 -32.68
N GLN C 619 -0.26 14.09 -33.37
CA GLN C 619 0.46 13.33 -34.39
C GLN C 619 0.20 13.84 -35.80
N PHE C 620 -1.04 14.18 -36.12
CA PHE C 620 -1.44 14.49 -37.48
C PHE C 620 -1.80 15.97 -37.62
N GLN C 621 -1.50 16.52 -38.79
CA GLN C 621 -1.80 17.91 -39.12
C GLN C 621 -3.22 18.06 -39.67
N ASP C 622 -3.59 17.21 -40.61
CA ASP C 622 -4.92 17.25 -41.21
C ASP C 622 -5.56 15.87 -41.09
N PRO C 623 -6.67 15.73 -40.36
CA PRO C 623 -7.33 14.42 -40.25
C PRO C 623 -7.98 13.97 -41.55
N ARG C 624 -8.22 14.87 -42.49
CA ARG C 624 -8.78 14.50 -43.78
C ARG C 624 -7.78 13.81 -44.70
N ARG C 625 -6.49 13.83 -44.37
CA ARG C 625 -5.46 13.24 -45.23
C ARG C 625 -4.71 12.10 -44.56
N VAL C 626 -5.15 11.61 -43.40
CA VAL C 626 -4.52 10.50 -42.72
C VAL C 626 -5.26 9.23 -43.09
N TYR C 627 -4.52 8.23 -43.56
CA TYR C 627 -5.08 7.00 -44.09
C TYR C 627 -4.72 5.81 -43.21
N LYS C 628 -5.68 4.92 -43.02
CA LYS C 628 -5.39 3.62 -42.41
C LYS C 628 -4.81 2.66 -43.46
N LYS C 629 -5.32 2.73 -44.69
CA LYS C 629 -4.74 2.04 -45.84
C LYS C 629 -4.47 3.10 -46.90
N LEU C 630 -3.20 3.23 -47.28
CA LEU C 630 -2.80 4.25 -48.25
C LEU C 630 -3.33 3.91 -49.64
N PRO C 631 -3.61 4.91 -50.47
CA PRO C 631 -4.22 4.63 -51.78
C PRO C 631 -3.19 4.22 -52.83
N LEU C 632 -3.73 3.73 -53.95
CA LEU C 632 -2.94 3.43 -55.15
C LEU C 632 -3.38 4.43 -56.22
N MSE C 633 -2.50 5.36 -56.55
CA MSE C 633 -2.80 6.39 -57.54
C MSE C 633 -3.12 5.77 -58.90
O MSE C 633 -2.53 4.77 -59.28
CB MSE C 633 -1.64 7.38 -57.67
CG MSE C 633 -1.30 8.11 -56.38
SE MSE C 633 -2.90 8.77 -55.48
CE MSE C 633 -2.07 9.60 -53.93
N PRO C 634 -4.07 6.38 -59.61
CA PRO C 634 -4.46 5.84 -60.92
C PRO C 634 -3.32 5.85 -61.94
N SER C 635 -2.33 6.73 -61.77
CA SER C 635 -1.19 6.73 -62.67
C SER C 635 -0.31 5.50 -62.48
N ALA C 636 -0.31 4.92 -61.27
CA ALA C 636 0.47 3.72 -61.02
C ALA C 636 -0.21 2.49 -61.57
N ALA C 637 -1.54 2.50 -61.66
CA ALA C 637 -2.27 1.38 -62.25
C ALA C 637 -2.16 1.39 -63.76
N LEU C 638 -2.19 2.57 -64.37
CA LEU C 638 -1.90 2.69 -65.79
C LEU C 638 -0.45 2.31 -66.07
N ALA C 639 0.47 2.63 -65.17
CA ALA C 639 1.89 2.48 -65.47
C ALA C 639 2.29 1.01 -65.55
N ALA C 640 1.53 0.13 -64.90
CA ALA C 640 1.85 -1.29 -64.87
C ALA C 640 1.13 -2.10 -65.94
N SER C 641 0.19 -1.49 -66.65
CA SER C 641 -0.43 -2.10 -67.82
C SER C 641 0.30 -1.80 -69.12
N LEU C 642 1.24 -0.85 -69.10
CA LEU C 642 1.99 -0.46 -70.29
C LEU C 642 3.26 -1.28 -70.47
N LEU C 643 3.97 -1.55 -69.38
CA LEU C 643 5.12 -2.44 -69.39
C LEU C 643 4.69 -3.74 -68.72
N GLN C 644 4.51 -4.80 -69.51
CA GLN C 644 4.05 -6.08 -68.97
C GLN C 644 5.23 -6.95 -68.53
N VAL C 645 6.07 -6.39 -67.67
CA VAL C 645 7.27 -7.05 -67.18
C VAL C 645 7.02 -7.56 -65.77
N GLU C 646 7.59 -8.72 -65.45
CA GLU C 646 7.43 -9.30 -64.12
C GLU C 646 8.62 -10.19 -63.81
N ALA C 647 8.80 -10.48 -62.52
CA ALA C 647 9.88 -11.33 -62.02
C ALA C 647 9.29 -12.66 -61.58
N HIS C 648 9.56 -13.71 -62.36
CA HIS C 648 8.95 -15.02 -62.16
C HIS C 648 9.80 -15.86 -61.22
N LYS C 649 9.16 -16.53 -60.26
CA LYS C 649 9.85 -17.26 -59.21
C LYS C 649 9.98 -18.73 -59.57
N LYS C 650 11.20 -19.27 -59.40
CA LYS C 650 11.48 -20.70 -59.55
C LYS C 650 12.65 -21.05 -58.63
N GLU C 651 12.52 -22.18 -57.94
CA GLU C 651 13.57 -22.64 -57.05
C GLU C 651 14.64 -23.39 -57.85
N TYR C 652 15.91 -23.15 -57.50
CA TYR C 652 16.98 -23.99 -58.04
C TYR C 652 16.73 -25.44 -57.67
N ASP C 653 17.24 -26.34 -58.50
CA ASP C 653 17.08 -27.77 -58.27
C ASP C 653 17.61 -28.14 -56.90
N PRO C 654 16.74 -28.52 -55.96
CA PRO C 654 17.21 -28.85 -54.60
C PRO C 654 18.01 -30.15 -54.54
N SER C 655 17.88 -31.02 -55.54
CA SER C 655 18.62 -32.28 -55.56
C SER C 655 20.06 -32.10 -56.06
N ASP C 656 20.27 -31.17 -56.99
CA ASP C 656 21.58 -30.98 -57.58
C ASP C 656 22.26 -29.77 -56.93
N PRO C 657 23.39 -29.94 -56.25
CA PRO C 657 23.97 -28.83 -55.47
C PRO C 657 24.68 -27.79 -56.30
N VAL C 658 24.90 -28.02 -57.59
CA VAL C 658 25.58 -27.02 -58.41
C VAL C 658 24.63 -25.87 -58.74
N ALA C 659 23.34 -26.17 -58.90
CA ALA C 659 22.38 -25.18 -59.38
C ALA C 659 22.39 -23.91 -58.54
N LEU C 660 22.50 -24.04 -57.22
CA LEU C 660 22.54 -22.86 -56.36
C LEU C 660 23.82 -22.06 -56.59
N ALA C 661 24.96 -22.73 -56.55
CA ALA C 661 26.24 -22.06 -56.76
C ALA C 661 26.35 -21.51 -58.17
N ALA C 662 25.94 -22.28 -59.17
CA ALA C 662 25.98 -21.79 -60.55
C ALA C 662 25.07 -20.59 -60.73
N GLY C 663 23.93 -20.58 -60.04
CA GLY C 663 23.08 -19.40 -60.08
C GLY C 663 23.71 -18.20 -59.39
N GLN C 664 24.43 -18.45 -58.29
CA GLN C 664 25.07 -17.34 -57.58
C GLN C 664 26.23 -16.76 -58.39
N LEU C 665 26.84 -17.55 -59.26
CA LEU C 665 27.86 -17.02 -60.15
C LEU C 665 27.27 -16.04 -61.15
N THR C 666 26.07 -16.34 -61.65
CA THR C 666 25.38 -15.48 -62.61
C THR C 666 25.00 -14.12 -62.01
N THR C 667 25.19 -13.93 -60.70
CA THR C 667 24.94 -12.65 -60.06
C THR C 667 26.14 -11.71 -60.13
N SER C 668 27.30 -12.19 -60.57
CA SER C 668 28.58 -11.48 -60.52
C SER C 668 28.63 -10.30 -61.48
N PHE C 669 27.56 -9.87 -62.14
CA PHE C 669 27.57 -8.63 -62.88
C PHE C 669 26.45 -7.70 -62.43
N LEU C 670 25.99 -7.86 -61.19
CA LEU C 670 24.96 -6.98 -60.64
C LEU C 670 25.38 -5.52 -60.70
N GLY C 671 26.70 -5.26 -60.68
CA GLY C 671 27.18 -3.89 -60.81
C GLY C 671 26.85 -3.28 -62.16
N LEU C 672 26.94 -4.08 -63.22
CA LEU C 672 26.60 -3.56 -64.54
C LEU C 672 25.11 -3.28 -64.67
N SER C 673 24.28 -4.00 -63.89
CA SER C 673 22.86 -3.68 -63.85
C SER C 673 22.60 -2.40 -63.07
N GLU C 674 23.44 -2.08 -62.08
CA GLU C 674 23.29 -0.85 -61.32
C GLU C 674 23.82 0.35 -62.09
N LYS C 675 24.97 0.19 -62.77
CA LYS C 675 25.47 1.25 -63.62
C LYS C 675 24.48 1.61 -64.71
N LEU C 676 23.73 0.61 -65.21
CA LEU C 676 22.72 0.88 -66.23
C LEU C 676 21.57 1.70 -65.67
N ALA C 677 21.29 1.56 -64.36
CA ALA C 677 20.25 2.37 -63.74
C ALA C 677 20.72 3.81 -63.53
N GLN C 678 21.95 3.97 -63.03
CA GLN C 678 22.47 5.32 -62.78
C GLN C 678 22.71 6.08 -64.07
N ASP C 679 23.34 5.42 -65.07
CA ASP C 679 23.60 6.08 -66.34
C ASP C 679 22.34 6.39 -67.13
N LEU C 680 21.20 5.82 -66.74
CA LEU C 680 19.94 6.05 -67.46
C LEU C 680 19.03 7.06 -66.79
N GLU C 681 19.00 7.12 -65.45
CA GLU C 681 18.12 8.06 -64.78
C GLU C 681 18.56 9.50 -64.96
N THR C 682 19.81 9.72 -65.40
CA THR C 682 20.27 11.06 -65.72
C THR C 682 19.54 11.66 -66.92
N SER C 683 18.90 10.82 -67.74
CA SER C 683 18.23 11.31 -68.95
C SER C 683 16.79 11.73 -68.71
N ILE C 684 16.08 11.03 -67.83
CA ILE C 684 14.64 11.24 -67.72
C ILE C 684 14.39 12.60 -67.06
N ASP C 685 13.59 13.43 -67.72
CA ASP C 685 13.22 14.72 -67.17
C ASP C 685 12.21 14.53 -66.04
N PHE C 686 12.72 14.32 -64.82
CA PHE C 686 11.83 14.20 -63.66
C PHE C 686 10.82 15.34 -63.54
N PRO C 687 11.12 16.60 -63.94
CA PRO C 687 10.04 17.61 -63.96
C PRO C 687 8.85 17.24 -64.81
N LYS C 688 9.06 16.99 -66.11
CA LYS C 688 7.96 16.65 -67.01
C LYS C 688 7.24 15.38 -66.57
N LEU C 689 7.98 14.41 -66.03
CA LEU C 689 7.37 13.16 -65.57
C LEU C 689 6.40 13.43 -64.43
N ALA C 690 6.82 14.20 -63.42
CA ALA C 690 5.98 14.43 -62.26
C ALA C 690 4.72 15.21 -62.63
N GLU C 691 4.86 16.22 -63.50
CA GLU C 691 3.69 16.97 -63.93
C GLU C 691 2.76 16.10 -64.77
N ALA C 692 3.33 15.23 -65.61
CA ALA C 692 2.51 14.30 -66.39
C ALA C 692 1.75 13.33 -65.50
N ILE C 693 2.28 13.05 -64.31
CA ILE C 693 1.60 12.15 -63.39
C ILE C 693 0.53 12.91 -62.60
N ARG C 694 0.95 13.96 -61.88
CA ARG C 694 -0.01 14.79 -61.15
C ARG C 694 -1.11 15.28 -62.07
N ALA C 695 -0.81 15.46 -63.36
CA ALA C 695 -1.88 15.70 -64.32
C ALA C 695 -2.87 14.54 -64.34
N TYR C 696 -2.38 13.32 -64.55
CA TYR C 696 -3.29 12.19 -64.76
C TYR C 696 -4.08 11.84 -63.51
N ASN C 697 -3.54 12.09 -62.32
CA ASN C 697 -4.23 11.67 -61.10
C ASN C 697 -5.37 12.62 -60.74
N GLN C 698 -5.11 13.92 -60.79
CA GLN C 698 -6.18 14.91 -60.65
C GLN C 698 -7.28 14.61 -61.65
N ALA C 699 -6.96 14.83 -62.93
CA ALA C 699 -7.69 14.38 -64.12
C ALA C 699 -8.60 13.20 -63.85
N TYR C 700 -8.05 12.11 -63.30
CA TYR C 700 -8.82 10.88 -63.09
C TYR C 700 -9.91 11.05 -62.03
N SER C 701 -9.56 11.67 -60.90
CA SER C 701 -10.46 11.78 -59.76
C SER C 701 -11.69 12.61 -60.11
N SER C 702 -11.51 13.92 -60.32
CA SER C 702 -12.63 14.82 -60.53
C SER C 702 -12.58 15.52 -61.89
N GLY C 703 -12.06 14.82 -62.90
CA GLY C 703 -12.14 15.28 -64.27
C GLY C 703 -13.40 14.75 -64.92
N ASN C 704 -13.43 14.85 -66.25
CA ASN C 704 -14.61 14.44 -67.01
C ASN C 704 -14.27 13.18 -67.82
N GLU C 705 -15.06 12.92 -68.86
CA GLU C 705 -14.80 11.78 -69.74
C GLU C 705 -13.71 12.09 -70.76
N GLU C 706 -13.55 13.35 -71.14
CA GLU C 706 -12.43 13.73 -71.99
C GLU C 706 -11.11 13.41 -71.31
N GLN C 707 -10.96 13.89 -70.07
CA GLN C 707 -9.63 13.98 -69.48
C GLN C 707 -9.11 12.61 -69.11
N VAL C 708 -10.01 11.68 -68.73
CA VAL C 708 -9.59 10.30 -68.46
C VAL C 708 -9.05 9.62 -69.72
N ALA C 709 -9.37 10.14 -70.90
CA ALA C 709 -8.81 9.65 -72.15
C ALA C 709 -7.55 10.41 -72.55
N LYS C 710 -7.57 11.74 -72.46
CA LYS C 710 -6.42 12.54 -72.87
C LYS C 710 -5.24 12.35 -71.92
N ALA C 711 -5.46 12.58 -70.63
CA ALA C 711 -4.40 12.36 -69.66
C ALA C 711 -3.93 10.91 -69.68
N ARG C 712 -4.80 9.98 -70.12
CA ARG C 712 -4.35 8.61 -70.32
C ARG C 712 -3.33 8.52 -71.44
N ALA C 713 -3.69 9.05 -72.62
CA ALA C 713 -2.81 8.93 -73.79
C ALA C 713 -1.49 9.67 -73.59
N GLU C 714 -1.50 10.81 -72.89
CA GLU C 714 -0.26 11.53 -72.63
C GLU C 714 0.69 10.71 -71.78
N LEU C 715 0.22 10.25 -70.61
CA LEU C 715 1.05 9.42 -69.76
C LEU C 715 1.43 8.13 -70.46
N VAL C 716 0.55 7.62 -71.34
CA VAL C 716 0.87 6.44 -72.13
C VAL C 716 2.07 6.72 -73.04
N LYS C 717 2.11 7.90 -73.66
CA LYS C 717 3.24 8.24 -74.52
C LYS C 717 4.50 8.53 -73.74
N VAL C 718 4.39 8.90 -72.47
CA VAL C 718 5.58 9.10 -71.64
C VAL C 718 6.18 7.75 -71.22
N LEU C 719 5.35 6.72 -71.04
CA LEU C 719 5.83 5.43 -70.58
C LEU C 719 6.11 4.44 -71.71
N ASN C 720 5.65 4.72 -72.93
CA ASN C 720 6.12 4.00 -74.11
C ASN C 720 7.40 4.61 -74.69
N ASP C 721 7.99 5.57 -73.99
CA ASP C 721 9.20 6.28 -74.37
C ASP C 721 10.44 5.43 -74.13
N PRO C 722 11.46 5.54 -75.00
CA PRO C 722 12.66 4.69 -74.86
C PRO C 722 13.42 4.86 -73.54
N THR C 723 13.95 6.06 -73.30
CA THR C 723 14.79 6.28 -72.12
C THR C 723 14.03 6.11 -70.81
N VAL C 724 12.71 6.04 -70.86
CA VAL C 724 11.92 5.76 -69.65
C VAL C 724 11.69 4.27 -69.48
N GLN C 725 11.51 3.54 -70.58
CA GLN C 725 11.30 2.10 -70.50
C GLN C 725 12.58 1.39 -70.09
N LYS C 726 13.73 1.84 -70.60
CA LYS C 726 14.99 1.18 -70.27
C LYS C 726 15.37 1.36 -68.82
N PHE C 727 15.04 2.52 -68.23
CA PHE C 727 15.38 2.76 -66.83
C PHE C 727 14.53 1.88 -65.91
N SER C 728 13.25 1.70 -66.22
CA SER C 728 12.42 0.82 -65.41
C SER C 728 12.84 -0.63 -65.56
N LEU C 729 13.16 -1.06 -66.79
CA LEU C 729 13.63 -2.43 -67.00
C LEU C 729 14.97 -2.68 -66.32
N SER C 730 15.85 -1.66 -66.28
CA SER C 730 17.09 -1.80 -65.54
C SER C 730 16.83 -1.97 -64.05
N ASN C 731 15.82 -1.26 -63.52
CA ASN C 731 15.48 -1.43 -62.11
C ASN C 731 14.89 -2.81 -61.83
N LEU C 732 14.26 -3.42 -62.82
CA LEU C 732 13.76 -4.79 -62.66
C LEU C 732 14.91 -5.79 -62.66
N LEU C 733 15.87 -5.62 -63.57
CA LEU C 733 16.95 -6.58 -63.69
C LEU C 733 17.80 -6.62 -62.42
N TYR C 734 18.02 -5.47 -61.79
CA TYR C 734 18.80 -5.42 -60.56
C TYR C 734 18.14 -6.25 -59.46
N GLN C 735 16.81 -6.23 -59.40
CA GLN C 735 16.10 -6.99 -58.38
C GLN C 735 16.10 -8.48 -58.71
N ILE C 736 15.92 -8.84 -59.99
CA ILE C 736 15.98 -10.24 -60.38
C ILE C 736 17.38 -10.79 -60.13
N ILE C 737 18.41 -10.04 -60.53
CA ILE C 737 19.79 -10.51 -60.36
C ILE C 737 20.10 -10.74 -58.88
N THR C 738 19.73 -9.77 -58.03
CA THR C 738 19.93 -9.94 -56.59
C THR C 738 19.17 -11.15 -56.07
N ASP C 739 17.96 -11.39 -56.59
CA ASP C 739 17.18 -12.51 -56.12
C ASP C 739 17.73 -13.84 -56.62
N ARG C 740 18.44 -13.83 -57.75
CA ARG C 740 19.04 -15.06 -58.26
C ARG C 740 20.13 -15.61 -57.35
N LYS C 741 20.57 -14.84 -56.36
CA LYS C 741 21.43 -15.35 -55.30
C LYS C 741 20.69 -16.30 -54.36
N LYS C 742 19.40 -16.51 -54.57
CA LYS C 742 18.57 -17.42 -53.77
C LYS C 742 17.81 -18.43 -54.61
N ARG C 743 17.21 -18.00 -55.70
CA ARG C 743 16.35 -18.86 -56.51
C ARG C 743 16.65 -18.65 -57.99
N ASP C 744 16.01 -19.46 -58.84
CA ASP C 744 16.21 -19.38 -60.30
C ASP C 744 15.18 -18.46 -60.93
N TYR C 745 15.14 -17.22 -60.41
CA TYR C 745 14.24 -16.21 -60.95
C TYR C 745 14.55 -15.94 -62.43
N SER C 746 13.55 -15.43 -63.13
CA SER C 746 13.66 -15.11 -64.55
C SER C 746 12.85 -13.86 -64.84
N LEU C 747 13.10 -13.28 -66.00
CA LEU C 747 12.38 -12.11 -66.47
C LEU C 747 11.36 -12.52 -67.52
N ARG C 748 10.15 -11.99 -67.39
CA ARG C 748 9.08 -12.24 -68.34
C ARG C 748 8.57 -10.91 -68.89
N VAL C 749 8.38 -10.85 -70.21
CA VAL C 749 8.00 -9.62 -70.90
C VAL C 749 6.93 -9.95 -71.92
N ARG C 750 5.76 -9.33 -71.79
CA ARG C 750 4.65 -9.50 -72.72
C ARG C 750 4.62 -8.31 -73.67
N THR C 751 4.88 -8.56 -74.95
CA THR C 751 5.13 -7.52 -75.93
C THR C 751 3.87 -7.20 -76.74
N GLU C 752 4.02 -6.36 -77.76
CA GLU C 752 2.91 -6.01 -78.64
C GLU C 752 2.49 -7.19 -79.52
N SER C 753 3.30 -8.24 -79.60
CA SER C 753 2.96 -9.44 -80.36
C SER C 753 1.94 -10.33 -79.65
N GLY C 754 1.50 -9.96 -78.46
CA GLY C 754 0.69 -10.82 -77.63
C GLY C 754 1.45 -11.92 -76.93
N LYS C 755 2.64 -12.26 -77.41
CA LYS C 755 3.48 -13.28 -76.83
C LYS C 755 4.20 -12.72 -75.60
N THR C 756 4.73 -13.64 -74.78
CA THR C 756 5.51 -13.29 -73.61
C THR C 756 6.85 -14.04 -73.68
N TYR C 757 7.94 -13.33 -73.44
CA TYR C 757 9.29 -13.88 -73.53
C TYR C 757 9.90 -14.06 -72.15
N GLU C 758 10.59 -15.17 -71.94
CA GLU C 758 11.24 -15.47 -70.68
C GLU C 758 12.76 -15.47 -70.87
N TYR C 759 13.48 -14.95 -69.89
CA TYR C 759 14.92 -14.75 -70.00
C TYR C 759 15.62 -15.23 -68.74
N ARG C 760 16.67 -16.04 -68.92
CA ARG C 760 17.59 -16.38 -67.83
C ARG C 760 19.04 -16.13 -68.25
N ASN C 761 19.25 -15.37 -69.33
CA ASN C 761 20.58 -14.91 -69.73
C ASN C 761 20.61 -13.39 -69.58
N LEU C 762 20.62 -12.93 -68.33
CA LEU C 762 20.42 -11.51 -68.06
C LEU C 762 21.64 -10.67 -68.40
N TYR C 763 22.82 -11.26 -68.53
CA TYR C 763 23.96 -10.51 -69.02
C TYR C 763 23.79 -10.15 -70.49
N ALA C 764 23.22 -11.05 -71.29
CA ALA C 764 22.90 -10.73 -72.67
C ALA C 764 21.80 -9.68 -72.75
N VAL C 765 20.82 -9.75 -71.85
CA VAL C 765 19.79 -8.72 -71.78
C VAL C 765 20.41 -7.39 -71.41
N LEU C 766 21.31 -7.40 -70.41
CA LEU C 766 22.01 -6.21 -70.01
C LEU C 766 22.83 -5.61 -71.16
N ASN C 767 23.39 -6.46 -72.02
CA ASN C 767 24.17 -5.97 -73.14
C ASN C 767 23.27 -5.34 -74.21
N ARG C 768 22.19 -6.03 -74.57
CA ARG C 768 21.28 -5.50 -75.58
C ARG C 768 20.66 -4.17 -75.16
N LEU C 769 20.42 -3.99 -73.87
CA LEU C 769 19.83 -2.73 -73.40
C LEU C 769 20.79 -1.56 -73.60
N MSE C 770 22.06 -1.76 -73.28
CA MSE C 770 23.07 -0.70 -73.40
C MSE C 770 23.20 -0.17 -74.83
O MSE C 770 23.02 1.01 -75.08
CB MSE C 770 24.42 -1.21 -72.90
CG MSE C 770 24.65 -0.98 -71.41
SE MSE C 770 25.50 -2.51 -70.55
CE MSE C 770 26.94 -2.81 -71.82
N GLN C 771 23.51 -1.08 -75.77
CA GLN C 771 23.70 -0.70 -77.16
C GLN C 771 22.39 -0.55 -77.92
N ASN C 772 21.25 -0.55 -77.21
CA ASN C 772 19.95 -0.21 -77.79
C ASN C 772 19.58 -1.15 -78.95
N LEU C 773 19.72 -2.44 -78.69
CA LEU C 773 19.42 -3.50 -79.65
C LEU C 773 18.10 -4.17 -79.30
N PRO C 774 17.45 -4.84 -80.26
CA PRO C 774 16.24 -5.60 -79.93
C PRO C 774 16.58 -6.75 -79.00
N VAL C 775 15.78 -6.88 -77.93
CA VAL C 775 16.13 -7.75 -76.81
C VAL C 775 15.54 -9.14 -76.93
N GLU C 776 14.81 -9.45 -78.00
CA GLU C 776 14.06 -10.69 -78.06
C GLU C 776 14.90 -11.89 -78.52
N GLU C 777 16.09 -11.66 -79.07
CA GLU C 777 16.83 -12.76 -79.67
C GLU C 777 17.54 -13.61 -78.62
N VAL C 778 17.94 -13.01 -77.50
CA VAL C 778 18.64 -13.74 -76.45
C VAL C 778 17.69 -14.45 -75.50
N ALA C 779 16.40 -14.43 -75.79
CA ALA C 779 15.43 -15.07 -74.90
C ALA C 779 15.72 -16.57 -74.78
N ASP C 780 15.13 -17.17 -73.76
CA ASP C 780 15.33 -18.58 -73.46
C ASP C 780 14.13 -19.44 -73.83
N THR C 781 12.91 -18.91 -73.70
CA THR C 781 11.69 -19.58 -74.10
C THR C 781 10.66 -18.53 -74.49
N VAL C 782 9.73 -18.90 -75.38
CA VAL C 782 8.70 -18.00 -75.88
C VAL C 782 7.34 -18.70 -75.77
N TYR C 783 6.31 -17.94 -75.43
CA TYR C 783 4.96 -18.46 -75.25
C TYR C 783 3.98 -17.69 -76.12
N ASP C 784 2.88 -18.35 -76.49
CA ASP C 784 1.90 -17.80 -77.42
C ASP C 784 0.68 -17.33 -76.62
N ALA C 785 0.78 -16.12 -76.06
CA ALA C 785 -0.30 -15.53 -75.28
C ALA C 785 -0.82 -16.51 -74.24
N SER C 786 -1.87 -17.26 -74.60
CA SER C 786 -2.34 -18.34 -73.74
C SER C 786 -1.50 -19.59 -73.94
N GLY C 787 -1.42 -20.08 -75.18
CA GLY C 787 -0.60 -21.21 -75.54
C GLY C 787 0.85 -21.01 -75.13
N GLN C 788 1.57 -22.11 -74.95
CA GLN C 788 2.87 -22.04 -74.31
C GLN C 788 3.85 -22.97 -75.03
N ALA C 789 5.13 -22.80 -74.72
CA ALA C 789 6.22 -23.64 -75.24
C ALA C 789 6.29 -23.60 -76.77
N VAL C 790 6.16 -22.40 -77.34
CA VAL C 790 6.29 -22.25 -78.79
C VAL C 790 7.72 -22.51 -79.23
N GLU C 791 8.68 -21.93 -78.53
CA GLU C 791 10.09 -22.09 -78.83
C GLU C 791 10.86 -22.24 -77.53
N GLU C 792 11.62 -23.33 -77.42
CA GLU C 792 12.40 -23.66 -76.24
C GLU C 792 13.87 -23.56 -76.65
N ARG C 793 14.43 -22.36 -76.54
CA ARG C 793 15.76 -22.05 -77.04
C ARG C 793 16.75 -21.96 -75.89
N VAL C 794 17.02 -23.10 -75.28
CA VAL C 794 18.05 -23.22 -74.25
C VAL C 794 18.88 -24.48 -74.47
N PRO C 795 18.28 -25.65 -74.76
CA PRO C 795 19.11 -26.83 -75.08
C PRO C 795 20.14 -26.57 -76.16
N LEU C 796 19.86 -25.65 -77.09
CA LEU C 796 20.85 -25.30 -78.11
C LEU C 796 22.00 -24.51 -77.49
N LYS C 797 21.67 -23.45 -76.75
CA LYS C 797 22.69 -22.63 -76.11
C LYS C 797 23.59 -23.45 -75.19
N GLN C 798 23.06 -24.52 -74.59
CA GLN C 798 23.86 -25.29 -73.63
C GLN C 798 24.93 -26.12 -74.34
N SER C 799 24.50 -27.01 -75.24
CA SER C 799 25.46 -27.88 -75.91
C SER C 799 26.40 -27.10 -76.82
N ALA C 800 25.96 -25.94 -77.33
CA ALA C 800 26.87 -25.08 -78.06
C ALA C 800 27.93 -24.49 -77.14
N THR C 801 27.56 -24.16 -75.91
CA THR C 801 28.52 -23.62 -74.95
C THR C 801 29.59 -24.64 -74.62
N ARG C 802 29.19 -25.87 -74.31
CA ARG C 802 30.16 -26.91 -74.03
C ARG C 802 31.03 -27.23 -75.24
N SER C 803 30.52 -27.03 -76.46
CA SER C 803 31.34 -27.24 -77.65
C SER C 803 32.41 -26.17 -77.77
N LEU C 804 32.01 -24.90 -77.64
CA LEU C 804 32.98 -23.81 -77.76
C LEU C 804 34.00 -23.82 -76.62
N VAL C 805 33.62 -24.30 -75.43
CA VAL C 805 34.57 -24.39 -74.33
C VAL C 805 35.63 -25.45 -74.64
N LYS C 806 35.22 -26.61 -75.13
CA LYS C 806 36.20 -27.59 -75.60
C LYS C 806 37.00 -27.06 -76.79
N GLY C 807 36.38 -26.23 -77.65
CA GLY C 807 37.12 -25.64 -78.74
C GLY C 807 38.14 -24.61 -78.26
N LEU C 808 37.70 -23.70 -77.39
CA LEU C 808 38.59 -22.65 -76.88
C LEU C 808 39.81 -23.22 -76.19
N LEU C 809 39.70 -24.42 -75.62
CA LEU C 809 40.76 -24.97 -74.78
C LEU C 809 41.83 -25.67 -75.60
N ASP C 810 41.48 -26.78 -76.26
CA ASP C 810 42.47 -27.56 -77.01
C ASP C 810 42.96 -26.85 -78.26
N LEU C 811 42.38 -25.71 -78.61
CA LEU C 811 42.91 -24.83 -79.64
C LEU C 811 43.95 -23.87 -79.09
N ALA C 812 43.72 -23.35 -77.87
CA ALA C 812 44.75 -22.57 -77.19
C ALA C 812 45.91 -23.43 -76.73
N SER C 813 45.74 -24.76 -76.68
CA SER C 813 46.82 -25.68 -76.37
C SER C 813 47.24 -26.48 -77.60
N GLY C 814 46.93 -26.00 -78.79
CA GLY C 814 47.35 -26.64 -80.02
C GLY C 814 46.56 -27.89 -80.37
N ASN D 24 -48.43 35.68 3.55
CA ASN D 24 -49.57 36.57 3.62
C ASN D 24 -50.44 36.27 4.84
N LYS D 25 -50.61 34.99 5.12
CA LYS D 25 -51.35 34.50 6.27
C LYS D 25 -50.62 33.30 6.84
N PRO D 26 -50.84 32.98 8.12
CA PRO D 26 -50.09 31.86 8.74
C PRO D 26 -50.25 30.57 7.96
N PHE D 27 -49.16 29.81 7.88
CA PHE D 27 -49.20 28.55 7.14
C PHE D 27 -50.14 27.53 7.77
N ALA D 28 -50.62 27.77 8.99
CA ALA D 28 -51.64 26.90 9.58
C ALA D 28 -52.97 27.06 8.85
N GLN D 29 -53.34 28.30 8.54
CA GLN D 29 -54.61 28.60 7.87
C GLN D 29 -54.52 28.48 6.36
N GLN D 30 -53.35 28.75 5.78
CA GLN D 30 -53.20 28.61 4.32
C GLN D 30 -53.27 27.17 3.86
N THR D 31 -53.00 26.20 4.74
CA THR D 31 -53.09 24.79 4.41
C THR D 31 -54.24 24.08 5.09
N GLY D 32 -54.81 24.65 6.16
CA GLY D 32 -55.92 24.03 6.84
C GLY D 32 -55.56 22.88 7.74
N ARG D 33 -54.27 22.66 8.02
CA ARG D 33 -53.87 21.58 8.91
C ARG D 33 -54.35 21.84 10.33
N PHE D 34 -54.20 23.07 10.81
CA PHE D 34 -54.55 23.43 12.17
C PHE D 34 -55.46 24.66 12.17
N HIS D 35 -56.33 24.71 13.17
CA HIS D 35 -57.13 25.89 13.44
C HIS D 35 -56.37 26.81 14.40
N THR D 36 -56.43 28.10 14.12
CA THR D 36 -55.63 29.08 14.84
C THR D 36 -56.52 29.99 15.67
N ILE D 37 -56.34 29.96 16.99
CA ILE D 37 -56.97 30.91 17.89
C ILE D 37 -55.86 31.72 18.54
N GLU D 38 -56.20 32.95 18.95
CA GLU D 38 -55.22 33.87 19.52
C GLU D 38 -55.19 33.75 21.04
N LEU D 39 -53.99 33.85 21.61
CA LEU D 39 -53.82 33.68 23.04
C LEU D 39 -53.92 35.00 23.80
N GLN D 40 -53.21 36.02 23.34
CA GLN D 40 -53.31 37.36 23.91
C GLN D 40 -54.24 38.18 23.03
N GLU D 41 -55.30 38.72 23.63
CA GLU D 41 -56.37 39.33 22.86
C GLU D 41 -55.97 40.75 22.42
N GLU D 42 -56.92 41.50 21.87
CA GLU D 42 -56.62 42.71 21.14
C GLU D 42 -56.17 43.82 22.09
N GLY D 43 -54.88 44.18 22.01
CA GLY D 43 -54.34 45.35 22.67
C GLY D 43 -54.28 45.25 24.19
N SER D 44 -54.93 44.22 24.73
CA SER D 44 -55.09 44.01 26.17
C SER D 44 -53.73 44.00 26.87
N PRO D 45 -53.68 44.30 28.17
CA PRO D 45 -52.38 44.46 28.83
C PRO D 45 -51.61 43.16 28.91
N ASP D 46 -50.28 43.29 28.79
CA ASP D 46 -49.37 42.16 28.98
C ASP D 46 -49.26 41.89 30.47
N GLU D 47 -50.00 40.89 30.97
CA GLU D 47 -49.98 40.58 32.39
C GLU D 47 -48.67 39.97 32.84
N PHE D 48 -47.86 39.44 31.92
CA PHE D 48 -46.59 38.84 32.32
C PHE D 48 -45.55 39.91 32.64
N GLN D 49 -45.49 40.98 31.83
CA GLN D 49 -44.62 42.10 32.14
C GLN D 49 -44.93 42.74 33.48
N GLU D 50 -46.17 42.58 33.97
CA GLU D 50 -46.59 43.06 35.28
C GLU D 50 -46.20 42.11 36.42
N LEU D 51 -46.31 40.80 36.20
CA LEU D 51 -45.79 39.87 37.19
C LEU D 51 -44.27 39.88 37.23
N LEU D 52 -43.63 40.49 36.22
CA LEU D 52 -42.18 40.49 36.14
C LEU D 52 -41.58 41.30 37.30
N ARG D 53 -42.22 42.40 37.69
CA ARG D 53 -41.69 43.22 38.77
C ARG D 53 -41.90 42.61 40.15
N LEU D 54 -42.47 41.40 40.23
CA LEU D 54 -42.29 40.63 41.45
C LEU D 54 -40.86 40.13 41.57
N GLN D 55 -40.21 39.87 40.43
CA GLN D 55 -38.79 39.51 40.45
C GLN D 55 -37.92 40.68 40.86
N ALA D 56 -38.35 41.91 40.60
CA ALA D 56 -37.56 43.08 40.94
C ALA D 56 -37.71 43.45 42.41
N SER D 57 -38.94 43.42 42.94
CA SER D 57 -39.14 43.74 44.35
C SER D 57 -38.55 42.67 45.26
N THR D 58 -38.54 41.42 44.79
CA THR D 58 -37.97 40.31 45.55
C THR D 58 -36.45 40.23 45.40
N GLN D 59 -35.84 41.12 44.61
CA GLN D 59 -34.42 41.09 44.33
C GLN D 59 -34.01 39.83 43.58
N GLY D 60 -34.97 39.21 42.89
CA GLY D 60 -34.68 38.05 42.08
C GLY D 60 -34.93 36.72 42.76
N HIS D 61 -35.94 36.64 43.63
CA HIS D 61 -36.23 35.42 44.38
C HIS D 61 -37.62 34.87 44.08
N VAL D 62 -38.09 35.06 42.85
CA VAL D 62 -39.22 34.30 42.34
C VAL D 62 -38.79 33.67 41.01
N ASP D 63 -39.51 32.63 40.62
CA ASP D 63 -39.16 31.85 39.43
C ASP D 63 -39.88 32.43 38.22
N GLU D 64 -39.12 32.76 37.17
CA GLU D 64 -39.71 33.41 36.01
C GLU D 64 -40.49 32.43 35.16
N THR D 65 -39.97 31.21 34.97
CA THR D 65 -40.68 30.27 34.11
C THR D 65 -41.99 29.82 34.74
N THR D 66 -42.09 29.80 36.09
CA THR D 66 -43.35 29.45 36.74
C THR D 66 -44.38 30.57 36.58
N LEU D 67 -43.96 31.82 36.76
CA LEU D 67 -44.83 32.94 36.41
C LEU D 67 -45.25 32.87 34.95
N ALA D 68 -44.43 32.27 34.10
CA ALA D 68 -44.80 32.12 32.70
C ALA D 68 -45.84 31.02 32.51
N ARG D 69 -45.76 29.95 33.29
CA ARG D 69 -46.74 28.87 33.16
C ARG D 69 -48.14 29.35 33.49
N LEU D 70 -48.28 30.09 34.60
CA LEU D 70 -49.59 30.56 35.03
C LEU D 70 -50.24 31.45 33.99
N VAL D 71 -49.45 32.32 33.35
CA VAL D 71 -49.98 33.15 32.28
C VAL D 71 -50.36 32.28 31.08
N VAL D 72 -49.53 31.28 30.77
CA VAL D 72 -49.82 30.40 29.64
C VAL D 72 -51.09 29.59 29.90
N GLN D 73 -51.28 29.15 31.15
CA GLN D 73 -52.46 28.35 31.46
C GLN D 73 -53.72 29.21 31.54
N LYS D 74 -53.60 30.51 31.81
CA LYS D 74 -54.78 31.36 31.83
C LYS D 74 -55.17 31.80 30.42
N ARG D 75 -54.22 32.33 29.66
CA ARG D 75 -54.53 32.81 28.31
C ARG D 75 -55.07 31.70 27.42
N ALA D 76 -54.54 30.49 27.55
CA ALA D 76 -55.02 29.37 26.75
C ALA D 76 -56.39 28.87 27.22
N THR D 77 -56.60 28.81 28.54
CA THR D 77 -57.89 28.37 29.06
C THR D 77 -59.01 29.28 28.58
N LYS D 78 -58.81 30.60 28.64
CA LYS D 78 -59.87 31.53 28.25
C LYS D 78 -60.09 31.57 26.75
N ALA D 79 -59.02 31.39 25.95
CA ALA D 79 -59.15 31.42 24.50
C ALA D 79 -59.86 30.18 23.97
N ILE D 80 -59.47 29.00 24.47
CA ILE D 80 -60.17 27.77 24.10
C ILE D 80 -61.62 27.83 24.55
N LEU D 81 -61.87 28.40 25.73
CA LEU D 81 -63.23 28.54 26.24
C LEU D 81 -64.06 29.47 25.37
N LYS D 82 -63.55 30.70 25.14
CA LYS D 82 -64.25 31.65 24.28
C LYS D 82 -64.56 31.03 22.92
N LYS D 83 -63.64 30.22 22.40
CA LYS D 83 -63.91 29.49 21.17
C LYS D 83 -64.97 28.41 21.40
N LEU D 84 -64.95 27.77 22.58
CA LEU D 84 -65.91 26.72 22.88
C LEU D 84 -67.35 27.23 23.02
N LEU D 85 -67.56 28.55 23.16
CA LEU D 85 -68.90 29.11 23.17
C LEU D 85 -69.32 29.72 21.84
N GLU D 86 -68.41 30.43 21.17
CA GLU D 86 -68.67 30.92 19.82
C GLU D 86 -68.86 29.78 18.83
N THR D 87 -68.52 28.55 19.22
CA THR D 87 -68.63 27.40 18.33
C THR D 87 -69.72 26.44 18.77
N ALA D 88 -70.63 26.88 19.65
CA ALA D 88 -71.85 26.09 19.89
C ALA D 88 -72.71 26.01 18.65
N ASP D 89 -72.46 26.87 17.66
CA ASP D 89 -73.27 26.97 16.46
C ASP D 89 -72.65 26.27 15.24
N ARG D 90 -71.32 26.18 15.17
CA ARG D 90 -70.66 25.27 14.23
C ARG D 90 -70.35 24.01 15.02
N PRO D 91 -71.36 23.20 15.35
CA PRO D 91 -71.17 22.22 16.43
C PRO D 91 -70.21 21.11 16.08
N GLU D 92 -70.04 20.81 14.79
CA GLU D 92 -69.07 19.82 14.38
C GLU D 92 -67.68 20.41 14.18
N GLU D 93 -67.58 21.73 14.01
CA GLU D 93 -66.30 22.41 14.09
C GLU D 93 -65.86 22.62 15.53
N GLN D 94 -66.80 22.54 16.48
CA GLN D 94 -66.47 22.69 17.89
C GLN D 94 -65.72 21.47 18.42
N ALA D 95 -66.03 20.30 17.88
CA ALA D 95 -65.54 19.06 18.48
C ALA D 95 -64.02 18.99 18.49
N VAL D 96 -63.35 19.67 17.57
CA VAL D 96 -61.89 19.63 17.54
C VAL D 96 -61.29 20.42 18.70
N TRP D 97 -61.93 21.52 19.10
CA TRP D 97 -61.46 22.28 20.25
C TRP D 97 -61.79 21.59 21.57
N ARG D 98 -62.71 20.63 21.57
CA ARG D 98 -63.00 19.87 22.78
C ARG D 98 -61.74 19.17 23.28
N ALA D 99 -61.09 18.40 22.41
CA ALA D 99 -59.98 17.56 22.85
C ALA D 99 -58.68 18.36 22.86
N ALA D 100 -58.77 19.63 23.24
CA ALA D 100 -57.58 20.40 23.55
C ALA D 100 -57.29 20.39 25.04
N ILE D 101 -58.33 20.34 25.86
CA ILE D 101 -58.22 20.17 27.31
C ILE D 101 -58.79 18.81 27.66
N GLU D 102 -58.09 18.07 28.52
CA GLU D 102 -58.60 16.80 29.01
C GLU D 102 -59.44 16.98 30.28
N ARG D 103 -58.84 17.55 31.32
CA ARG D 103 -59.45 17.67 32.64
C ARG D 103 -59.36 19.11 33.12
N LEU D 104 -60.45 19.62 33.69
CA LEU D 104 -60.50 21.00 34.18
C LEU D 104 -61.14 21.00 35.56
N VAL D 105 -60.36 21.32 36.58
CA VAL D 105 -60.87 21.46 37.95
C VAL D 105 -61.24 22.92 38.16
N ILE D 106 -62.53 23.19 38.26
CA ILE D 106 -63.02 24.54 38.52
C ILE D 106 -63.73 24.52 39.86
N GLY D 107 -63.15 25.19 40.86
CA GLY D 107 -63.68 25.10 42.20
C GLY D 107 -63.47 23.70 42.73
N ASN D 108 -64.56 23.08 43.21
CA ASN D 108 -64.51 21.69 43.66
C ASN D 108 -64.91 20.70 42.59
N THR D 109 -65.81 21.09 41.69
CA THR D 109 -66.18 20.22 40.58
C THR D 109 -65.06 20.14 39.57
N ALA D 110 -64.90 18.95 38.97
CA ALA D 110 -63.88 18.72 37.96
C ALA D 110 -64.55 18.24 36.68
N TYR D 111 -64.04 18.70 35.54
CA TYR D 111 -64.66 18.46 34.23
C TYR D 111 -63.71 17.64 33.35
N ASP D 112 -63.97 16.34 33.27
CA ASP D 112 -63.29 15.47 32.32
C ASP D 112 -64.01 15.60 30.99
N LEU D 113 -63.44 16.39 30.07
CA LEU D 113 -64.14 16.77 28.86
C LEU D 113 -64.41 15.59 27.93
N LYS D 114 -63.68 14.49 28.06
CA LYS D 114 -63.93 13.33 27.22
C LYS D 114 -65.30 12.71 27.48
N ASP D 115 -65.88 12.96 28.65
CA ASP D 115 -67.23 12.51 28.92
C ASP D 115 -68.23 13.37 28.15
N ASP D 116 -69.17 12.73 27.47
CA ASP D 116 -70.32 13.47 26.95
C ASP D 116 -71.08 14.13 28.08
N GLU D 117 -71.01 13.55 29.29
CA GLU D 117 -71.68 14.07 30.48
C GLU D 117 -71.05 15.36 30.97
N SER D 118 -69.80 15.27 31.43
CA SER D 118 -69.16 16.42 32.06
C SER D 118 -69.07 17.61 31.09
N PHE D 119 -68.76 17.34 29.82
CA PHE D 119 -68.65 18.44 28.86
C PHE D 119 -69.97 19.14 28.69
N ALA D 120 -71.09 18.43 28.84
CA ALA D 120 -72.40 19.07 28.80
C ALA D 120 -72.55 20.06 29.95
N LYS D 121 -72.17 19.65 31.16
CA LYS D 121 -72.21 20.57 32.29
C LYS D 121 -71.17 21.68 32.16
N LEU D 122 -70.06 21.40 31.46
CA LEU D 122 -69.04 22.43 31.26
C LEU D 122 -69.60 23.62 30.50
N ILE D 123 -70.15 23.38 29.31
CA ILE D 123 -70.77 24.44 28.52
C ILE D 123 -72.02 25.01 29.19
N GLU D 124 -72.58 24.31 30.17
CA GLU D 124 -73.76 24.81 30.87
C GLU D 124 -73.41 26.07 31.67
N LEU D 125 -72.43 25.97 32.57
CA LEU D 125 -72.03 27.15 33.32
C LEU D 125 -71.25 28.14 32.48
N ALA D 126 -70.83 27.76 31.26
CA ALA D 126 -70.11 28.67 30.40
C ALA D 126 -70.95 29.89 30.05
N LYS D 127 -72.21 29.68 29.66
CA LYS D 127 -73.10 30.79 29.34
C LYS D 127 -73.66 31.47 30.59
N LYS D 128 -73.81 30.74 31.70
CA LYS D 128 -74.46 31.29 32.88
C LYS D 128 -73.52 32.15 33.73
N HIS D 129 -72.22 32.12 33.47
CA HIS D 129 -71.25 32.94 34.18
C HIS D 129 -70.35 33.65 33.18
N PRO D 130 -69.94 34.88 33.48
CA PRO D 130 -69.06 35.61 32.55
C PRO D 130 -67.71 34.93 32.43
N LEU D 131 -67.03 35.23 31.33
CA LEU D 131 -65.80 34.52 30.98
C LEU D 131 -64.76 34.64 32.08
N GLU D 132 -64.38 35.87 32.45
CA GLU D 132 -63.33 36.04 33.44
C GLU D 132 -63.74 35.51 34.81
N LYS D 133 -65.03 35.41 35.10
CA LYS D 133 -65.45 34.77 36.34
C LYS D 133 -65.16 33.27 36.33
N VAL D 134 -65.20 32.66 35.16
CA VAL D 134 -64.96 31.22 35.07
C VAL D 134 -63.46 30.93 35.03
N VAL D 135 -62.67 31.81 34.40
CA VAL D 135 -61.24 31.59 34.33
C VAL D 135 -60.58 31.91 35.67
N LYS D 136 -61.16 32.86 36.41
CA LYS D 136 -60.67 33.20 37.74
C LYS D 136 -60.66 31.98 38.66
N ASN D 137 -61.54 31.01 38.42
CA ASN D 137 -61.76 29.90 39.33
C ASN D 137 -61.06 28.62 38.91
N VAL D 138 -60.35 28.59 37.78
CA VAL D 138 -59.77 27.33 37.32
C VAL D 138 -58.62 26.93 38.26
N ARG D 139 -58.79 25.78 38.93
CA ARG D 139 -57.75 25.32 39.84
C ARG D 139 -56.66 24.58 39.07
N GLU D 140 -57.05 23.54 38.33
CA GLU D 140 -56.15 22.77 37.49
C GLU D 140 -56.62 22.85 36.05
N VAL D 141 -55.70 22.53 35.14
CA VAL D 141 -56.04 22.34 33.74
C VAL D 141 -55.01 21.40 33.13
N GLN D 142 -55.49 20.41 32.38
CA GLN D 142 -54.62 19.42 31.76
C GLN D 142 -54.94 19.38 30.27
N PHE D 143 -53.93 19.65 29.44
CA PHE D 143 -54.12 19.74 28.01
C PHE D 143 -53.88 18.38 27.35
N SER D 144 -54.49 18.21 26.16
CA SER D 144 -54.28 16.99 25.41
C SER D 144 -52.92 17.03 24.71
N GLU D 145 -52.55 15.88 24.14
CA GLU D 145 -51.34 15.81 23.33
C GLU D 145 -51.57 16.37 21.93
N LYS D 146 -52.83 16.55 21.53
CA LYS D 146 -53.11 17.14 20.23
C LYS D 146 -52.69 18.62 20.18
N VAL D 147 -52.95 19.36 21.25
CA VAL D 147 -52.82 20.81 21.22
C VAL D 147 -51.35 21.19 21.33
N THR D 148 -50.96 22.26 20.63
CA THR D 148 -49.60 22.78 20.63
C THR D 148 -49.66 24.25 21.02
N LEU D 149 -49.10 24.58 22.19
CA LEU D 149 -49.17 25.92 22.74
C LEU D 149 -47.93 26.73 22.36
N SER D 150 -48.15 28.02 22.06
CA SER D 150 -47.08 28.94 21.73
C SER D 150 -47.33 30.25 22.45
N ASP D 151 -46.41 31.21 22.26
CA ASP D 151 -46.55 32.50 22.94
C ASP D 151 -47.64 33.37 22.35
N LYS D 152 -48.04 33.11 21.11
CA LYS D 152 -49.00 33.93 20.40
C LYS D 152 -50.28 33.21 20.03
N TYR D 153 -50.21 31.97 19.55
CA TYR D 153 -51.38 31.23 19.13
C TYR D 153 -51.53 29.94 19.93
N ALA D 154 -52.63 29.24 19.65
CA ALA D 154 -52.83 27.86 20.09
C ALA D 154 -53.37 27.07 18.90
N PHE D 155 -52.64 26.02 18.51
CA PHE D 155 -52.97 25.28 17.31
C PHE D 155 -53.53 23.91 17.69
N VAL D 156 -54.44 23.42 16.86
CA VAL D 156 -55.05 22.11 17.06
C VAL D 156 -55.31 21.47 15.69
N PRO D 157 -55.04 20.18 15.51
CA PRO D 157 -55.19 19.57 14.17
C PRO D 157 -56.63 19.65 13.68
N ALA D 158 -56.78 19.91 12.38
CA ALA D 158 -58.12 20.07 11.81
C ALA D 158 -58.93 18.78 11.92
N SER D 159 -58.42 17.71 11.33
CA SER D 159 -59.11 16.41 11.33
C SER D 159 -58.30 15.41 12.15
N ASN D 160 -58.96 14.77 13.11
CA ASN D 160 -58.34 13.70 13.88
C ASN D 160 -58.07 12.45 13.03
N GLN D 161 -58.56 12.41 11.79
CA GLN D 161 -58.32 11.28 10.91
C GLN D 161 -56.82 11.04 10.73
N GLY D 162 -56.13 12.01 10.11
CA GLY D 162 -54.71 11.87 9.90
C GLY D 162 -53.91 12.02 11.17
N ARG D 163 -52.66 11.58 11.10
CA ARG D 163 -51.72 11.70 12.20
C ARG D 163 -50.54 12.55 11.75
N ILE D 164 -50.02 13.35 12.66
CA ILE D 164 -49.02 14.37 12.35
C ILE D 164 -47.71 13.96 13.03
N PHE D 165 -46.72 13.61 12.22
CA PHE D 165 -45.50 12.96 12.70
C PHE D 165 -44.38 13.99 12.96
N LEU D 166 -44.64 14.94 13.86
CA LEU D 166 -43.59 15.85 14.32
C LEU D 166 -44.04 16.50 15.62
N SER D 167 -43.06 16.91 16.42
CA SER D 167 -43.30 17.30 17.81
C SER D 167 -43.89 18.71 17.91
N HIS D 168 -44.27 19.09 19.14
CA HIS D 168 -44.89 20.38 19.39
C HIS D 168 -44.00 21.53 18.95
N LEU D 169 -42.68 21.41 19.17
CA LEU D 169 -41.77 22.49 18.80
C LEU D 169 -41.72 22.69 17.30
N ARG D 170 -41.63 21.60 16.53
CA ARG D 170 -41.55 21.73 15.08
C ARG D 170 -42.88 22.12 14.46
N ARG D 171 -44.00 21.71 15.07
CA ARG D 171 -45.29 22.19 14.62
C ARG D 171 -45.35 23.71 14.67
N GLU D 172 -44.80 24.30 15.75
CA GLU D 172 -44.79 25.74 15.88
C GLU D 172 -43.78 26.38 14.93
N ASN D 173 -42.66 25.71 14.69
CA ASN D 173 -41.61 26.27 13.83
C ASN D 173 -42.11 26.50 12.41
N ILE D 174 -42.86 25.54 11.87
CA ILE D 174 -43.17 25.54 10.45
C ILE D 174 -44.48 26.26 10.16
N TYR D 175 -45.49 26.09 11.02
CA TYR D 175 -46.85 26.49 10.69
C TYR D 175 -47.22 27.90 11.13
N ARG D 176 -46.59 28.44 12.18
CA ARG D 176 -46.91 29.80 12.61
C ARG D 176 -46.38 30.87 11.65
N THR D 177 -45.44 30.52 10.79
CA THR D 177 -44.86 31.50 9.87
C THR D 177 -45.88 31.87 8.79
N PRO D 178 -46.08 33.17 8.51
CA PRO D 178 -46.99 33.56 7.43
C PRO D 178 -46.35 33.35 6.07
N THR D 179 -47.01 32.56 5.22
CA THR D 179 -46.60 32.36 3.82
C THR D 179 -47.76 32.68 2.91
N GLN D 180 -47.47 32.92 1.64
CA GLN D 180 -48.55 33.14 0.69
C GLN D 180 -49.12 31.78 0.23
N ARG D 181 -50.17 31.86 -0.59
CA ARG D 181 -51.01 30.69 -0.85
C ARG D 181 -50.18 29.50 -1.32
N PRO D 182 -50.39 28.31 -0.75
CA PRO D 182 -49.47 27.20 -0.97
C PRO D 182 -49.72 26.49 -2.30
N LEU D 183 -48.65 25.87 -2.79
CA LEU D 183 -48.66 25.10 -4.02
C LEU D 183 -48.75 23.61 -3.69
N SER D 184 -48.70 22.78 -4.73
CA SER D 184 -48.80 21.34 -4.55
C SER D 184 -47.97 20.66 -5.63
N LEU D 185 -46.93 19.95 -5.22
CA LEU D 185 -46.04 19.25 -6.13
C LEU D 185 -46.01 17.78 -5.80
N LYS D 186 -45.79 16.95 -6.82
CA LYS D 186 -45.83 15.50 -6.69
C LYS D 186 -44.48 14.97 -6.22
N VAL D 187 -44.54 13.96 -5.36
CA VAL D 187 -43.33 13.31 -4.85
C VAL D 187 -43.29 11.90 -5.40
N ALA D 188 -42.34 11.64 -6.30
CA ALA D 188 -42.12 10.32 -6.84
C ALA D 188 -40.63 10.14 -7.10
N GLU D 189 -40.22 8.89 -7.24
CA GLU D 189 -38.83 8.57 -7.52
C GLU D 189 -38.54 8.52 -9.01
N GLU D 190 -39.53 8.13 -9.82
CA GLU D 190 -39.38 8.05 -11.26
C GLU D 190 -40.61 8.68 -11.91
N GLY D 191 -40.38 9.59 -12.87
CA GLY D 191 -41.46 10.29 -13.52
C GLY D 191 -41.32 11.80 -13.35
N GLU D 192 -42.46 12.48 -13.33
CA GLU D 192 -42.49 13.92 -13.12
C GLU D 192 -42.87 14.20 -11.67
N GLY D 193 -42.06 15.02 -11.01
CA GLY D 193 -42.30 15.34 -9.61
C GLY D 193 -41.01 15.75 -8.92
N VAL D 194 -41.02 15.59 -7.61
CA VAL D 194 -39.88 15.95 -6.76
C VAL D 194 -39.32 14.68 -6.13
N ARG D 195 -37.99 14.56 -6.12
CA ARG D 195 -37.31 13.40 -5.57
C ARG D 195 -36.70 13.73 -4.22
N LEU D 196 -36.54 12.70 -3.40
CA LEU D 196 -36.13 12.82 -2.00
C LEU D 196 -34.81 12.08 -1.80
N LYS D 197 -33.70 12.76 -2.03
CA LYS D 197 -32.39 12.18 -1.81
C LYS D 197 -32.07 12.16 -0.31
N GLU D 198 -31.13 11.30 0.06
CA GLU D 198 -30.71 11.11 1.45
C GLU D 198 -29.22 11.42 1.55
N MSE D 199 -28.88 12.70 1.64
CA MSE D 199 -27.48 13.10 1.69
C MSE D 199 -26.99 13.34 3.10
O MSE D 199 -27.70 13.10 4.08
CB MSE D 199 -27.26 14.38 0.89
CG MSE D 199 -27.62 14.32 -0.57
SE MSE D 199 -27.31 16.04 -1.43
CE MSE D 199 -28.34 17.18 -0.23
N GLU D 200 -25.75 13.82 3.17
CA GLU D 200 -25.22 14.42 4.39
C GLU D 200 -26.19 15.47 4.90
N GLU D 201 -26.26 15.63 6.22
CA GLU D 201 -27.13 16.65 6.79
C GLU D 201 -26.53 18.03 6.55
N LYS D 202 -27.39 18.98 6.19
CA LYS D 202 -27.01 20.36 5.86
C LYS D 202 -26.12 20.44 4.63
N ALA D 203 -26.18 19.43 3.75
CA ALA D 203 -25.22 19.35 2.65
C ALA D 203 -25.30 20.57 1.73
N LEU D 204 -26.48 21.16 1.59
CA LEU D 204 -26.65 22.37 0.78
C LEU D 204 -26.45 23.64 1.61
N GLY D 205 -25.86 23.51 2.79
CA GLY D 205 -25.85 24.60 3.75
C GLY D 205 -26.80 24.34 4.90
N ASP D 206 -26.62 25.11 5.98
CA ASP D 206 -27.36 24.91 7.21
C ASP D 206 -28.86 25.04 6.95
N GLY D 207 -29.31 26.26 6.69
CA GLY D 207 -30.72 26.53 6.51
C GLY D 207 -31.25 26.23 5.13
N ALA D 208 -30.54 25.42 4.36
CA ALA D 208 -30.93 25.04 3.01
C ALA D 208 -31.35 23.57 2.98
N LEU D 209 -32.44 23.28 2.26
CA LEU D 209 -32.97 21.92 2.27
C LEU D 209 -33.40 21.40 0.89
N GLY D 210 -33.04 22.08 -0.19
CA GLY D 210 -33.42 21.58 -1.51
C GLY D 210 -33.13 22.50 -2.68
N ILE D 211 -32.95 21.90 -3.85
CA ILE D 211 -32.76 22.63 -5.10
C ILE D 211 -33.87 22.20 -6.05
N LEU D 212 -34.68 23.15 -6.49
CA LEU D 212 -35.70 22.90 -7.50
C LEU D 212 -35.69 24.05 -8.51
N ARG D 213 -36.50 23.90 -9.56
CA ARG D 213 -36.56 24.81 -10.70
C ARG D 213 -37.60 25.90 -10.49
N PRO D 214 -37.35 27.10 -11.05
CA PRO D 214 -38.32 28.19 -10.86
C PRO D 214 -39.66 27.91 -11.50
N GLN D 215 -39.68 27.16 -12.60
CA GLN D 215 -40.92 26.84 -13.28
C GLN D 215 -41.75 25.80 -12.54
N SER D 216 -41.15 25.04 -11.61
CA SER D 216 -41.90 23.99 -10.93
C SER D 216 -42.72 24.54 -9.77
N LEU D 217 -42.27 25.61 -9.12
CA LEU D 217 -43.09 26.32 -8.15
C LEU D 217 -43.57 27.66 -8.70
N GLY D 218 -43.81 27.72 -10.01
CA GLY D 218 -44.52 28.84 -10.61
C GLY D 218 -43.85 30.19 -10.46
N LEU D 219 -42.54 30.23 -10.41
CA LEU D 219 -41.88 31.52 -10.36
C LEU D 219 -41.77 32.10 -11.77
N PRO D 220 -41.68 33.43 -11.90
CA PRO D 220 -41.41 34.02 -13.22
C PRO D 220 -40.21 33.36 -13.87
N GLU D 221 -40.26 33.25 -15.20
CA GLU D 221 -39.35 32.42 -15.99
C GLU D 221 -37.90 32.55 -15.54
N ASP D 222 -37.22 31.40 -15.44
CA ASP D 222 -35.78 31.28 -15.21
C ASP D 222 -35.27 32.19 -14.09
N TYR D 223 -35.99 32.20 -12.96
CA TYR D 223 -35.45 32.80 -11.75
C TYR D 223 -34.23 32.03 -11.29
N THR D 224 -33.23 32.77 -10.77
CA THR D 224 -31.97 32.16 -10.35
C THR D 224 -31.56 32.79 -9.01
N GLY D 225 -32.03 32.20 -7.92
CA GLY D 225 -31.68 32.66 -6.60
C GLY D 225 -32.04 31.68 -5.51
N VAL D 226 -32.76 32.14 -4.49
CA VAL D 226 -33.12 31.31 -3.35
C VAL D 226 -34.41 31.86 -2.76
N VAL D 227 -35.30 30.96 -2.33
CA VAL D 227 -36.60 31.36 -1.81
C VAL D 227 -36.87 30.61 -0.51
N GLN D 228 -37.37 31.34 0.49
CA GLN D 228 -37.66 30.81 1.82
C GLN D 228 -39.08 30.27 1.88
N VAL D 229 -39.22 29.04 2.36
CA VAL D 229 -40.48 28.30 2.29
C VAL D 229 -40.83 27.72 3.65
N ARG D 230 -42.03 27.14 3.72
CA ARG D 230 -42.55 26.43 4.91
C ARG D 230 -43.46 25.33 4.36
N GLY D 231 -42.88 24.16 4.09
CA GLY D 231 -43.58 23.09 3.42
C GLY D 231 -43.79 21.85 4.27
N GLU D 232 -44.68 20.99 3.80
CA GLU D 232 -44.99 19.73 4.45
C GLU D 232 -45.01 18.61 3.43
N LEU D 233 -44.91 17.37 3.92
CA LEU D 233 -44.84 16.17 3.10
C LEU D 233 -45.94 15.23 3.55
N ALA D 234 -47.04 15.21 2.80
CA ALA D 234 -48.27 14.54 3.23
C ALA D 234 -48.74 13.53 2.19
N ASP D 235 -49.83 12.84 2.53
CA ASP D 235 -50.51 11.90 1.66
C ASP D 235 -51.97 12.34 1.53
N PRO D 236 -52.74 11.77 0.59
CA PRO D 236 -54.17 12.12 0.52
C PRO D 236 -54.94 11.87 1.80
N GLU D 237 -54.53 10.90 2.63
CA GLU D 237 -55.31 10.50 3.80
C GLU D 237 -55.15 11.45 4.98
N GLY D 238 -54.34 12.50 4.87
CA GLY D 238 -54.22 13.47 5.94
C GLY D 238 -53.07 13.25 6.90
N ASN D 239 -52.30 12.19 6.73
CA ASN D 239 -51.05 12.05 7.47
C ASN D 239 -49.99 12.95 6.87
N VAL D 240 -49.16 13.53 7.73
CA VAL D 240 -48.02 14.34 7.30
C VAL D 240 -46.78 13.77 7.98
N TYR D 241 -45.84 13.27 7.17
CA TYR D 241 -44.70 12.53 7.69
C TYR D 241 -43.48 13.40 7.94
N ALA D 242 -43.38 14.55 7.29
CA ALA D 242 -42.26 15.44 7.52
C ALA D 242 -42.66 16.86 7.14
N GLY D 243 -42.15 17.81 7.92
CA GLY D 243 -42.28 19.21 7.57
C GLY D 243 -40.90 19.78 7.28
N LEU D 244 -40.85 20.88 6.54
CA LEU D 244 -39.58 21.50 6.18
C LEU D 244 -39.65 22.99 6.48
N LYS D 245 -38.59 23.49 7.13
CA LYS D 245 -38.43 24.89 7.44
C LYS D 245 -37.06 25.35 6.97
N GLY D 246 -37.03 26.33 6.09
CA GLY D 246 -35.79 26.85 5.56
C GLY D 246 -35.99 27.36 4.15
N THR D 247 -34.90 27.36 3.39
CA THR D 247 -34.89 27.89 2.03
C THR D 247 -34.61 26.77 1.04
N VAL D 248 -35.07 26.98 -0.18
CA VAL D 248 -34.69 26.15 -1.32
C VAL D 248 -33.92 27.01 -2.30
N ILE D 249 -33.03 26.37 -3.07
CA ILE D 249 -32.23 27.05 -4.06
C ILE D 249 -32.87 26.85 -5.43
N VAL D 250 -33.31 27.95 -6.03
CA VAL D 250 -34.00 27.93 -7.32
C VAL D 250 -32.98 28.20 -8.43
N ASP D 251 -33.00 27.35 -9.47
CA ASP D 251 -32.08 27.48 -10.59
C ASP D 251 -32.54 26.57 -11.72
N PRO D 252 -32.80 27.12 -12.91
CA PRO D 252 -33.15 26.27 -14.05
C PRO D 252 -32.03 25.35 -14.50
N ARG D 253 -30.80 25.61 -14.07
CA ARG D 253 -29.62 24.86 -14.50
C ARG D 253 -29.53 23.48 -13.89
N ALA D 254 -30.26 23.19 -12.82
CA ALA D 254 -30.34 21.84 -12.28
C ALA D 254 -31.45 21.07 -12.97
N LYS D 255 -31.29 19.75 -13.05
CA LYS D 255 -32.25 18.94 -13.78
C LYS D 255 -33.54 18.75 -13.00
N GLU D 256 -33.45 18.13 -11.83
CA GLU D 256 -34.60 17.63 -11.12
C GLU D 256 -34.91 18.47 -9.89
N ASP D 257 -36.20 18.67 -9.62
CA ASP D 257 -36.64 19.17 -8.33
C ASP D 257 -36.39 18.10 -7.28
N PHE D 258 -35.55 18.40 -6.30
CA PHE D 258 -35.18 17.41 -5.32
C PHE D 258 -35.05 18.06 -3.95
N LEU D 259 -35.37 17.28 -2.92
CA LEU D 259 -35.35 17.69 -1.53
C LEU D 259 -34.43 16.77 -0.75
N ASN D 260 -33.71 17.33 0.22
CA ASN D 260 -32.85 16.54 1.10
C ASN D 260 -33.66 16.09 2.30
N LEU D 261 -33.79 14.77 2.47
CA LEU D 261 -34.61 14.24 3.56
C LEU D 261 -34.00 14.55 4.92
N ASN D 262 -32.69 14.32 5.07
CA ASN D 262 -32.05 14.51 6.37
C ASN D 262 -32.08 15.95 6.87
N ASP D 263 -32.50 16.89 6.03
CA ASP D 263 -32.65 18.29 6.42
C ASP D 263 -34.07 18.66 6.80
N LEU D 264 -35.02 17.73 6.65
CA LEU D 264 -36.40 17.95 7.06
C LEU D 264 -36.58 17.56 8.53
N TYR D 265 -37.61 18.15 9.14
CA TYR D 265 -37.97 17.81 10.51
C TYR D 265 -38.96 16.64 10.47
N ARG D 266 -38.60 15.55 11.14
CA ARG D 266 -39.38 14.33 11.06
C ARG D 266 -39.22 13.53 12.34
N GLY D 267 -40.26 12.76 12.68
CA GLY D 267 -40.26 11.87 13.81
C GLY D 267 -40.02 12.57 15.13
N ASP D 268 -39.53 11.79 16.08
CA ASP D 268 -39.20 12.26 17.43
C ASP D 268 -40.43 12.82 18.14
N THR D 269 -41.51 12.04 18.11
CA THR D 269 -42.77 12.45 18.74
C THR D 269 -43.56 11.19 19.13
N VAL D 270 -44.72 11.41 19.74
CA VAL D 270 -45.56 10.34 20.24
C VAL D 270 -46.90 10.41 19.54
N VAL D 271 -47.16 9.46 18.65
CA VAL D 271 -48.44 9.36 17.97
C VAL D 271 -49.10 8.06 18.42
N ASP D 272 -50.26 8.20 19.07
CA ASP D 272 -51.03 7.06 19.58
C ASP D 272 -50.25 6.25 20.61
N GLY D 273 -49.37 6.92 21.37
CA GLY D 273 -48.68 6.31 22.48
C GLY D 273 -47.25 5.89 22.21
N LYS D 274 -46.93 5.56 20.96
CA LYS D 274 -45.60 5.06 20.61
C LYS D 274 -44.73 6.21 20.12
N LYS D 275 -43.45 6.14 20.47
CA LYS D 275 -42.47 7.12 20.01
C LYS D 275 -41.91 6.63 18.68
N TYR D 276 -42.20 7.36 17.61
CA TYR D 276 -41.63 7.08 16.30
C TYR D 276 -40.36 7.90 16.15
N THR D 277 -39.22 7.24 16.08
CA THR D 277 -37.96 7.95 15.95
C THR D 277 -37.83 8.58 14.57
N LYS D 278 -36.81 9.43 14.43
CA LYS D 278 -36.50 10.04 13.14
C LYS D 278 -36.38 8.96 12.05
N GLU D 279 -35.76 7.83 12.39
CA GLU D 279 -35.59 6.76 11.43
C GLU D 279 -36.86 5.94 11.23
N GLU D 280 -37.72 5.83 12.25
CA GLU D 280 -38.95 5.07 12.10
C GLU D 280 -39.88 5.73 11.10
N VAL D 281 -39.95 7.06 11.12
CA VAL D 281 -40.77 7.77 10.15
C VAL D 281 -40.09 7.77 8.78
N ASP D 282 -38.76 7.71 8.75
CA ASP D 282 -38.04 7.67 7.48
C ASP D 282 -38.41 6.43 6.68
N ALA D 283 -38.69 5.31 7.34
CA ALA D 283 -39.08 4.10 6.62
C ALA D 283 -40.49 4.24 6.06
N LEU D 284 -41.36 4.99 6.74
CA LEU D 284 -42.74 5.16 6.28
C LEU D 284 -42.81 5.98 5.00
N ILE D 285 -41.87 6.91 4.82
CA ILE D 285 -41.89 7.79 3.65
C ILE D 285 -41.47 7.02 2.40
N ARG D 286 -40.40 6.22 2.51
CA ARG D 286 -39.90 5.46 1.37
C ARG D 286 -40.97 4.55 0.79
N GLU D 287 -41.90 4.09 1.62
CA GLU D 287 -42.96 3.19 1.16
C GLU D 287 -44.04 3.94 0.41
N LYS D 288 -44.53 5.05 1.00
CA LYS D 288 -45.52 5.87 0.31
C LYS D 288 -44.96 6.46 -0.98
N LEU D 289 -43.68 6.80 -0.98
CA LEU D 289 -43.03 7.36 -2.17
C LEU D 289 -43.03 6.36 -3.33
N LYS D 290 -42.78 5.09 -3.03
CA LYS D 290 -42.76 4.07 -4.08
C LYS D 290 -44.15 3.86 -4.68
N THR D 291 -45.20 3.99 -3.87
CA THR D 291 -46.57 3.79 -4.32
C THR D 291 -47.13 5.01 -5.07
N GLY D 292 -46.31 6.02 -5.33
CA GLY D 292 -46.78 7.22 -6.01
C GLY D 292 -47.89 7.92 -5.26
N ALA D 293 -47.94 7.69 -3.94
CA ALA D 293 -48.95 8.30 -3.09
C ALA D 293 -48.29 9.18 -2.03
N LEU D 294 -47.53 10.17 -2.48
CA LEU D 294 -46.85 11.12 -1.60
C LEU D 294 -46.75 12.44 -2.33
N GLN D 295 -47.20 13.52 -1.69
CA GLN D 295 -47.19 14.85 -2.27
C GLN D 295 -46.33 15.79 -1.44
N LEU D 296 -46.26 17.05 -1.88
CA LEU D 296 -45.51 18.09 -1.18
C LEU D 296 -46.32 19.38 -1.26
N ASN D 297 -46.80 19.86 -0.12
CA ASN D 297 -47.50 21.12 -0.05
C ASN D 297 -46.53 22.17 0.50
N LEU D 298 -46.22 23.18 -0.30
CA LEU D 298 -45.18 24.15 0.00
C LEU D 298 -45.74 25.56 -0.08
N GLY D 299 -45.36 26.41 0.87
CA GLY D 299 -45.78 27.79 0.87
C GLY D 299 -44.60 28.74 0.86
N ILE D 300 -44.60 29.67 -0.10
CA ILE D 300 -43.49 30.61 -0.24
C ILE D 300 -43.63 31.73 0.78
N HIS D 301 -42.57 31.99 1.53
CA HIS D 301 -42.54 33.04 2.53
C HIS D 301 -41.85 34.31 2.04
N ARG D 302 -40.73 34.20 1.35
CA ARG D 302 -40.06 35.36 0.79
C ARG D 302 -39.17 34.92 -0.37
N VAL D 303 -39.27 35.62 -1.49
CA VAL D 303 -38.39 35.41 -2.63
C VAL D 303 -37.27 36.45 -2.57
N SER D 304 -36.04 36.02 -2.90
CA SER D 304 -34.85 36.85 -2.70
C SER D 304 -34.72 37.85 -3.85
N THR D 305 -35.15 39.08 -3.61
CA THR D 305 -34.83 40.19 -4.49
C THR D 305 -33.49 40.78 -4.10
N VAL D 306 -32.99 41.67 -4.94
CA VAL D 306 -31.82 42.49 -4.61
C VAL D 306 -32.33 43.90 -4.39
N GLU D 307 -32.38 44.32 -3.13
CA GLU D 307 -32.97 45.59 -2.76
C GLU D 307 -31.98 46.38 -1.90
N GLU D 308 -32.16 47.70 -1.91
CA GLU D 308 -31.23 48.62 -1.27
C GLU D 308 -31.58 48.85 0.19
N ALA D 309 -30.64 49.47 0.91
CA ALA D 309 -30.81 49.74 2.33
C ALA D 309 -30.20 51.09 2.72
N GLU D 377 -24.90 53.64 1.33
CA GLU D 377 -26.15 53.11 0.81
C GLU D 377 -26.26 51.61 1.07
N GLY D 378 -25.71 50.83 0.13
CA GLY D 378 -25.66 49.39 0.26
C GLY D 378 -26.90 48.70 -0.29
N GLN D 379 -26.72 47.41 -0.60
CA GLN D 379 -27.79 46.55 -1.11
C GLN D 379 -27.67 45.19 -0.45
N TYR D 380 -28.74 44.39 -0.54
CA TYR D 380 -28.74 43.11 0.16
C TYR D 380 -29.63 42.10 -0.56
N SER D 381 -29.38 40.84 -0.27
CA SER D 381 -30.25 39.73 -0.67
C SER D 381 -29.90 38.54 0.22
N MSE D 382 -30.58 37.42 -0.02
CA MSE D 382 -30.38 36.24 0.82
C MSE D 382 -29.05 35.54 0.57
O MSE D 382 -28.36 35.83 -0.41
CB MSE D 382 -31.52 35.23 0.63
CG MSE D 382 -32.82 35.62 1.32
SE MSE D 382 -34.07 34.13 1.43
CE MSE D 382 -35.62 35.09 2.11
N ALA D 383 -28.68 34.63 1.45
CA ALA D 383 -27.39 33.95 1.42
C ALA D 383 -27.57 32.47 1.13
N ALA D 384 -26.79 31.96 0.18
CA ALA D 384 -26.71 30.55 -0.12
C ALA D 384 -25.32 30.04 0.21
N SER D 385 -25.23 28.75 0.49
CA SER D 385 -23.95 28.10 0.75
C SER D 385 -23.30 27.69 -0.56
N HIS D 386 -21.98 27.84 -0.64
CA HIS D 386 -21.27 27.43 -1.85
C HIS D 386 -21.31 25.92 -2.03
N THR D 387 -21.58 25.16 -0.97
CA THR D 387 -21.65 23.71 -1.08
C THR D 387 -22.81 23.27 -1.96
N ALA D 388 -23.86 24.10 -2.06
CA ALA D 388 -25.01 23.77 -2.88
C ALA D 388 -24.80 24.08 -4.35
N TYR D 389 -23.57 24.38 -4.76
CA TYR D 389 -23.25 24.64 -6.15
C TYR D 389 -22.20 23.69 -6.69
N LYS D 390 -21.76 22.69 -5.92
CA LYS D 390 -20.84 21.69 -6.43
C LYS D 390 -21.43 21.00 -7.65
N GLU D 391 -22.74 20.79 -7.64
CA GLU D 391 -23.47 20.24 -8.77
C GLU D 391 -23.53 21.28 -9.88
N LEU D 392 -24.45 22.24 -9.75
CA LEU D 392 -24.70 23.26 -10.76
C LEU D 392 -23.81 24.46 -10.50
N ASP D 393 -23.07 24.87 -11.54
CA ASP D 393 -22.06 25.93 -11.49
C ASP D 393 -20.96 25.53 -10.53
N PRO D 394 -20.16 24.51 -10.86
CA PRO D 394 -19.10 24.06 -9.93
C PRO D 394 -17.96 25.06 -9.79
N GLU D 395 -17.87 26.05 -10.67
CA GLU D 395 -16.88 27.10 -10.50
C GLU D 395 -17.16 27.88 -9.22
N ILE D 396 -18.43 28.18 -8.95
CA ILE D 396 -18.82 28.87 -7.72
C ILE D 396 -18.39 28.06 -6.50
N TYR D 397 -18.60 26.75 -6.53
CA TYR D 397 -18.15 25.90 -5.44
C TYR D 397 -16.64 25.91 -5.32
N ARG D 398 -15.95 25.63 -6.44
CA ARG D 398 -14.50 25.53 -6.42
C ARG D 398 -13.84 26.84 -6.01
N LEU D 399 -14.50 27.97 -6.31
CA LEU D 399 -13.94 29.28 -5.95
C LEU D 399 -13.87 29.45 -4.44
N LEU D 400 -15.02 29.35 -3.77
CA LEU D 400 -15.11 29.67 -2.35
C LEU D 400 -14.58 28.56 -1.45
N GLU D 401 -14.18 27.42 -2.02
CA GLU D 401 -13.63 26.34 -1.22
C GLU D 401 -12.14 26.49 -0.97
N GLU D 402 -11.44 27.30 -1.78
CA GLU D 402 -9.99 27.36 -1.78
C GLU D 402 -9.43 28.36 -0.79
N GLY D 403 -10.20 28.72 0.24
CA GLY D 403 -9.64 29.38 1.41
C GLY D 403 -9.91 30.88 1.44
N VAL D 404 -9.33 31.47 2.49
CA VAL D 404 -9.41 32.90 2.74
C VAL D 404 -8.02 33.40 3.12
N GLU D 405 -7.79 34.69 2.90
CA GLU D 405 -6.51 35.30 3.21
C GLU D 405 -6.69 36.46 4.20
N LEU D 406 -5.85 36.48 5.22
CA LEU D 406 -5.71 37.65 6.08
C LEU D 406 -4.87 38.68 5.35
N ASP D 407 -5.30 39.95 5.37
CA ASP D 407 -4.50 40.98 4.73
C ASP D 407 -3.32 41.32 5.62
N ALA D 408 -2.70 42.49 5.40
CA ALA D 408 -1.51 42.84 6.15
C ALA D 408 -1.80 43.13 7.61
N GLU D 409 -3.02 43.51 7.96
CA GLU D 409 -3.38 43.88 9.33
C GLU D 409 -4.16 42.80 10.05
N GLY D 410 -4.41 41.66 9.41
CA GLY D 410 -5.18 40.59 10.02
C GLY D 410 -6.67 40.64 9.76
N ARG D 411 -7.14 41.56 8.92
CA ARG D 411 -8.55 41.64 8.57
C ARG D 411 -8.85 40.62 7.48
N PRO D 412 -9.66 39.59 7.78
CA PRO D 412 -9.90 38.55 6.78
C PRO D 412 -10.69 39.09 5.60
N ILE D 413 -10.41 38.53 4.43
CA ILE D 413 -11.05 38.93 3.18
C ILE D 413 -11.66 37.66 2.58
N VAL D 414 -12.99 37.57 2.61
CA VAL D 414 -13.68 36.32 2.28
C VAL D 414 -14.19 36.36 0.85
N PRO D 415 -14.24 35.22 0.15
CA PRO D 415 -14.77 35.21 -1.22
C PRO D 415 -16.28 35.07 -1.26
N ILE D 416 -16.94 35.91 -2.05
CA ILE D 416 -18.38 35.85 -2.25
C ILE D 416 -18.65 35.80 -3.75
N VAL D 417 -19.88 35.45 -4.10
CA VAL D 417 -20.34 35.46 -5.48
C VAL D 417 -21.66 36.21 -5.53
N ILE D 418 -21.68 37.29 -6.30
CA ILE D 418 -22.88 38.13 -6.40
C ILE D 418 -23.42 38.04 -7.81
N GLY D 419 -24.55 38.71 -8.06
CA GLY D 419 -25.16 38.74 -9.37
C GLY D 419 -24.90 40.02 -10.12
N LYS D 420 -25.61 40.18 -11.23
CA LYS D 420 -25.40 41.31 -12.12
C LYS D 420 -26.01 42.59 -11.56
N GLU D 421 -27.28 42.53 -11.14
CA GLU D 421 -27.96 43.71 -10.61
C GLU D 421 -27.16 44.36 -9.48
N MSE D 422 -26.75 43.57 -8.50
CA MSE D 422 -26.03 44.09 -7.36
C MSE D 422 -24.66 44.63 -7.75
O MSE D 422 -24.25 45.70 -7.30
CB MSE D 422 -25.88 43.00 -6.29
CG MSE D 422 -25.07 43.43 -5.08
SE MSE D 422 -25.28 42.20 -3.58
CE MSE D 422 -27.16 42.54 -3.17
N ALA D 423 -23.96 43.90 -8.63
CA ALA D 423 -22.64 44.32 -9.08
C ALA D 423 -22.70 45.69 -9.75
N ALA D 424 -23.84 46.02 -10.34
CA ALA D 424 -24.03 47.33 -10.95
C ALA D 424 -24.25 48.39 -9.88
N LYS D 425 -25.31 48.22 -9.07
CA LYS D 425 -25.74 49.31 -8.19
C LYS D 425 -24.69 49.67 -7.16
N LEU D 426 -23.83 48.72 -6.79
CA LEU D 426 -22.76 48.96 -5.84
C LEU D 426 -21.41 49.21 -6.52
N GLY D 427 -21.39 49.27 -7.86
CA GLY D 427 -20.21 49.60 -8.62
C GLY D 427 -19.06 48.64 -8.39
N LEU D 428 -19.29 47.35 -8.61
CA LEU D 428 -18.31 46.31 -8.33
C LEU D 428 -18.15 45.39 -9.52
N LYS D 429 -16.89 45.08 -9.86
CA LYS D 429 -16.53 44.09 -10.86
C LYS D 429 -15.71 42.99 -10.19
N GLU D 430 -15.44 41.94 -10.95
CA GLU D 430 -14.74 40.78 -10.42
C GLU D 430 -13.36 41.18 -9.90
N GLY D 431 -13.10 40.86 -8.63
CA GLY D 431 -11.85 41.19 -7.98
C GLY D 431 -11.94 42.34 -6.99
N ASP D 432 -13.00 43.13 -7.04
CA ASP D 432 -13.14 44.27 -6.13
C ASP D 432 -13.29 43.82 -4.69
N ILE D 433 -12.73 44.60 -3.77
CA ILE D 433 -12.89 44.38 -2.33
C ILE D 433 -14.09 45.21 -1.86
N ALA D 434 -15.09 44.53 -1.32
CA ALA D 434 -16.26 45.16 -0.73
C ALA D 434 -16.37 44.73 0.73
N PHE D 435 -17.45 45.13 1.38
CA PHE D 435 -17.71 44.79 2.76
C PHE D 435 -19.07 44.13 2.86
N THR D 436 -19.27 43.35 3.92
CA THR D 436 -20.49 42.59 4.04
C THR D 436 -20.74 42.24 5.50
N PHE D 437 -22.02 42.09 5.83
CA PHE D 437 -22.46 41.82 7.19
C PHE D 437 -23.90 41.33 7.14
N ARG D 438 -24.28 40.60 8.18
CA ARG D 438 -25.64 40.05 8.31
C ARG D 438 -26.54 41.08 8.98
N ASN D 439 -27.74 41.26 8.44
CA ASN D 439 -28.71 42.23 8.94
C ASN D 439 -28.97 42.14 10.45
N ALA D 447 -20.83 40.95 13.11
CA ALA D 447 -19.48 41.27 12.70
C ALA D 447 -19.43 41.75 11.26
N LEU D 448 -18.47 42.63 10.96
CA LEU D 448 -18.31 43.22 9.64
C LEU D 448 -16.98 42.77 9.06
N LEU D 449 -17.03 42.10 7.92
CA LEU D 449 -15.85 41.52 7.30
C LEU D 449 -15.61 42.10 5.91
N GLN D 450 -14.35 42.13 5.50
CA GLN D 450 -14.00 42.49 4.14
C GLN D 450 -14.36 41.35 3.19
N ALA D 451 -14.90 41.70 2.02
CA ALA D 451 -15.35 40.72 1.05
C ALA D 451 -14.61 40.90 -0.27
N ARG D 452 -14.21 39.80 -0.87
CA ARG D 452 -13.53 39.78 -2.16
C ARG D 452 -14.45 39.18 -3.20
N VAL D 453 -14.76 39.96 -4.23
CA VAL D 453 -15.61 39.47 -5.32
C VAL D 453 -14.83 38.45 -6.12
N ALA D 454 -15.25 37.19 -6.07
CA ALA D 454 -14.60 36.12 -6.82
C ALA D 454 -15.31 35.80 -8.14
N ALA D 455 -16.56 36.22 -8.30
CA ALA D 455 -17.31 35.97 -9.51
C ALA D 455 -18.52 36.89 -9.56
N ILE D 456 -18.94 37.23 -10.78
CA ILE D 456 -20.18 37.96 -11.03
C ILE D 456 -21.01 37.13 -11.99
N ARG D 457 -22.21 36.77 -11.56
CA ARG D 457 -23.13 35.99 -12.38
C ARG D 457 -24.14 36.89 -13.07
N ASP D 458 -24.78 36.33 -14.09
CA ASP D 458 -25.70 37.12 -14.90
C ASP D 458 -27.08 37.21 -14.26
N ARG D 459 -27.56 36.13 -13.67
CA ARG D 459 -28.93 36.05 -13.16
C ARG D 459 -29.01 35.77 -11.66
N LEU D 460 -27.93 36.00 -10.92
CA LEU D 460 -27.91 35.69 -9.50
C LEU D 460 -28.48 36.85 -8.68
N ASN D 461 -29.41 36.55 -7.78
CA ASN D 461 -29.86 37.50 -6.76
C ASN D 461 -29.81 36.87 -5.39
N ALA D 462 -28.75 36.12 -5.15
CA ALA D 462 -28.34 35.70 -3.82
C ALA D 462 -26.88 36.13 -3.63
N VAL D 463 -26.42 36.08 -2.38
CA VAL D 463 -25.03 36.36 -2.06
C VAL D 463 -24.41 35.04 -1.63
N VAL D 464 -23.69 34.39 -2.55
CA VAL D 464 -23.15 33.06 -2.32
C VAL D 464 -21.80 33.20 -1.62
N VAL D 465 -21.68 32.61 -0.43
CA VAL D 465 -20.46 32.68 0.36
C VAL D 465 -20.14 31.30 0.93
N ASN D 466 -18.90 31.14 1.37
CA ASN D 466 -18.52 29.97 2.15
C ASN D 466 -18.83 30.24 3.61
N GLN D 467 -19.58 29.34 4.25
CA GLN D 467 -20.05 29.62 5.60
C GLN D 467 -18.95 29.49 6.64
N GLU D 468 -18.07 28.49 6.50
CA GLU D 468 -17.01 28.29 7.47
C GLU D 468 -16.08 29.51 7.55
N TYR D 469 -16.06 30.34 6.51
CA TYR D 469 -15.28 31.57 6.52
C TYR D 469 -16.09 32.77 7.03
N ALA D 470 -17.41 32.67 7.03
CA ALA D 470 -18.29 33.70 7.58
C ALA D 470 -18.94 33.27 8.89
N LYS D 471 -18.39 32.25 9.55
CA LYS D 471 -18.94 31.84 10.84
C LYS D 471 -18.79 32.92 11.90
N SER D 472 -17.92 33.90 11.67
CA SER D 472 -17.78 35.01 12.60
C SER D 472 -18.95 35.99 12.54
N THR D 473 -19.76 35.92 11.48
CA THR D 473 -20.97 36.74 11.38
C THR D 473 -22.24 35.91 11.48
N GLY D 474 -22.13 34.63 11.84
CA GLY D 474 -23.26 33.79 12.16
C GLY D 474 -24.36 33.74 11.11
N VAL D 475 -24.01 33.35 9.89
CA VAL D 475 -24.97 33.26 8.80
C VAL D 475 -25.50 31.84 8.73
N ASP D 476 -26.82 31.69 8.89
CA ASP D 476 -27.50 30.42 8.67
C ASP D 476 -28.52 30.64 7.57
N PHE D 477 -28.48 29.80 6.54
CA PHE D 477 -29.16 30.09 5.28
C PHE D 477 -30.66 29.84 5.33
N ASP D 478 -31.25 29.97 6.51
CA ASP D 478 -32.71 29.88 6.66
C ASP D 478 -33.31 31.29 6.66
N GLY D 479 -33.09 31.98 5.55
CA GLY D 479 -33.65 33.30 5.35
C GLY D 479 -32.72 34.46 5.66
N ASP D 480 -31.49 34.19 6.10
CA ASP D 480 -30.58 35.28 6.44
C ASP D 480 -30.20 36.07 5.19
N THR D 481 -30.06 37.39 5.36
CA THR D 481 -29.76 38.30 4.26
C THR D 481 -28.41 38.97 4.49
N LEU D 482 -27.58 39.00 3.44
CA LEU D 482 -26.26 39.61 3.50
C LEU D 482 -26.28 40.95 2.78
N VAL D 483 -25.71 41.97 3.41
CA VAL D 483 -25.64 43.31 2.84
C VAL D 483 -24.25 43.52 2.28
N VAL D 484 -24.16 44.15 1.11
CA VAL D 484 -22.88 44.50 0.51
C VAL D 484 -22.86 46.00 0.28
N LEU D 485 -21.67 46.57 0.33
CA LEU D 485 -21.48 48.00 0.19
C LEU D 485 -20.37 48.27 -0.80
N PRO D 486 -20.36 49.44 -1.45
CA PRO D 486 -19.36 49.70 -2.50
C PRO D 486 -17.94 49.73 -1.94
N LYS D 487 -16.99 49.82 -2.86
CA LYS D 487 -15.56 49.82 -2.55
C LYS D 487 -15.10 51.07 -1.79
N GLY D 488 -15.98 51.98 -1.41
CA GLY D 488 -15.54 53.23 -0.81
C GLY D 488 -14.79 53.09 0.52
N LEU D 489 -14.94 51.94 1.16
CA LEU D 489 -14.43 51.60 2.49
C LEU D 489 -14.38 52.80 3.42
N PRO D 490 -15.54 53.40 3.80
CA PRO D 490 -15.53 54.52 4.74
C PRO D 490 -15.73 54.10 6.19
N VAL D 491 -14.99 53.06 6.61
CA VAL D 491 -15.12 52.53 7.98
C VAL D 491 -13.89 51.71 8.34
N ASP D 492 -13.76 51.39 9.62
CA ASP D 492 -12.69 50.55 10.15
C ASP D 492 -13.22 49.13 10.29
N PRO D 493 -12.88 48.22 9.38
CA PRO D 493 -13.24 46.81 9.58
C PRO D 493 -12.32 46.20 10.62
N HIS D 494 -12.91 45.37 11.48
CA HIS D 494 -12.19 44.86 12.64
C HIS D 494 -11.30 43.68 12.27
N ARG D 495 -10.22 43.56 13.03
CA ARG D 495 -9.20 42.54 12.78
C ARG D 495 -9.66 41.19 13.34
N LEU D 496 -9.05 40.12 12.81
CA LEU D 496 -9.45 38.77 13.21
C LEU D 496 -9.23 38.54 14.69
N GLU D 497 -8.24 39.18 15.28
CA GLU D 497 -7.94 38.96 16.70
C GLU D 497 -8.96 39.63 17.61
N VAL D 498 -9.59 40.71 17.15
CA VAL D 498 -10.43 41.53 18.04
C VAL D 498 -11.73 40.82 18.39
N PHE D 499 -12.60 40.61 17.40
CA PHE D 499 -13.92 40.05 17.69
C PHE D 499 -13.86 38.57 18.03
N GLN D 500 -12.96 37.81 17.40
CA GLN D 500 -12.84 36.38 17.72
C GLN D 500 -12.48 36.18 19.18
N THR D 501 -11.61 37.03 19.72
CA THR D 501 -11.30 36.98 21.15
C THR D 501 -12.52 37.40 21.97
N LEU D 502 -13.21 38.45 21.54
CA LEU D 502 -14.40 38.90 22.26
C LEU D 502 -15.49 37.84 22.23
N MSE D 503 -15.76 37.30 21.03
CA MSE D 503 -16.75 36.24 20.84
C MSE D 503 -16.41 35.02 21.71
O MSE D 503 -17.31 34.28 22.14
CB MSE D 503 -16.80 35.83 19.36
CG MSE D 503 -18.18 35.46 18.85
SE MSE D 503 -18.10 34.77 17.03
CE MSE D 503 -16.98 36.16 16.23
N ALA D 504 -15.12 34.82 21.95
CA ALA D 504 -14.68 33.70 22.77
C ALA D 504 -14.81 34.00 24.25
N HIS D 505 -14.50 35.23 24.66
CA HIS D 505 -14.70 35.64 26.05
C HIS D 505 -16.17 35.57 26.45
N ALA D 506 -17.08 35.59 25.47
CA ALA D 506 -18.49 35.39 25.73
C ALA D 506 -18.95 33.97 25.46
N GLY D 507 -18.02 33.02 25.34
CA GLY D 507 -18.38 31.63 25.14
C GLY D 507 -19.14 31.33 23.86
N LEU D 508 -18.92 32.11 22.79
CA LEU D 508 -19.62 31.93 21.53
C LEU D 508 -18.70 31.46 20.40
N ALA D 509 -17.55 30.88 20.74
CA ALA D 509 -16.60 30.42 19.74
C ALA D 509 -17.10 29.15 19.06
N VAL D 518 -11.45 25.49 23.00
CA VAL D 518 -10.85 26.74 22.58
C VAL D 518 -9.36 26.78 22.95
N GLU D 519 -8.51 26.58 21.95
CA GLU D 519 -7.09 26.41 22.14
C GLU D 519 -6.33 27.06 21.00
N PRO D 520 -5.13 27.59 21.26
CA PRO D 520 -4.39 28.30 20.21
C PRO D 520 -3.85 27.35 19.15
N SER D 521 -4.43 27.43 17.94
CA SER D 521 -3.98 26.59 16.84
C SER D 521 -3.67 27.50 15.65
N PRO D 522 -2.50 27.35 15.03
CA PRO D 522 -2.27 28.00 13.74
C PRO D 522 -3.22 27.45 12.69
N GLY D 523 -3.34 28.18 11.60
CA GLY D 523 -4.23 27.78 10.54
C GLY D 523 -3.70 26.59 9.76
N GLU D 524 -4.40 26.29 8.66
CA GLU D 524 -3.93 25.35 7.65
C GLU D 524 -3.71 26.17 6.38
N LEU D 525 -2.45 26.43 6.06
CA LEU D 525 -2.14 27.27 4.91
C LEU D 525 -2.56 26.58 3.63
N ARG D 526 -3.28 27.32 2.79
CA ARG D 526 -3.74 26.77 1.52
C ARG D 526 -2.57 26.37 0.63
N PHE D 527 -1.43 27.03 0.78
CA PHE D 527 -0.28 26.81 -0.10
C PHE D 527 0.96 26.41 0.69
N LYS D 528 0.77 25.58 1.73
CA LYS D 528 1.88 25.23 2.62
C LYS D 528 3.00 24.53 1.86
N GLU D 529 2.69 23.39 1.23
CA GLU D 529 3.73 22.61 0.56
C GLU D 529 4.31 23.39 -0.63
N GLN D 530 3.48 24.14 -1.35
CA GLN D 530 3.96 24.87 -2.52
C GLN D 530 4.91 25.99 -2.14
N LEU D 531 4.67 26.65 -1.00
CA LEU D 531 5.53 27.75 -0.61
C LEU D 531 6.85 27.28 -0.02
N GLU D 532 6.86 26.12 0.66
CA GLU D 532 8.12 25.52 1.09
C GLU D 532 9.04 25.30 -0.09
N VAL D 533 8.49 24.76 -1.18
CA VAL D 533 9.27 24.55 -2.40
C VAL D 533 9.77 25.89 -2.93
N TYR D 534 8.89 26.89 -2.95
CA TYR D 534 9.29 28.19 -3.48
C TYR D 534 10.39 28.82 -2.66
N ASP D 535 10.42 28.57 -1.36
CA ASP D 535 11.45 29.16 -0.51
C ASP D 535 12.79 28.45 -0.65
N LYS D 536 12.77 27.12 -0.88
CA LYS D 536 14.03 26.42 -1.14
C LYS D 536 14.64 26.86 -2.46
N VAL D 537 13.82 27.15 -3.46
CA VAL D 537 14.33 27.68 -4.72
C VAL D 537 14.74 29.14 -4.57
N LEU D 538 14.04 29.92 -3.74
CA LEU D 538 14.32 31.36 -3.63
C LEU D 538 15.70 31.63 -3.05
N ALA D 539 16.21 30.73 -2.20
CA ALA D 539 17.56 30.87 -1.67
C ALA D 539 18.59 30.91 -2.80
N ARG D 540 18.37 30.10 -3.84
CA ARG D 540 19.27 30.10 -4.98
C ARG D 540 18.94 31.23 -5.95
N LEU D 541 17.65 31.47 -6.20
CA LEU D 541 17.26 32.51 -7.15
C LEU D 541 17.73 33.88 -6.72
N SER D 542 17.52 34.21 -5.43
CA SER D 542 17.96 35.50 -4.90
C SER D 542 19.46 35.72 -5.06
N LYS D 543 20.23 34.64 -5.21
CA LYS D 543 21.67 34.70 -5.42
C LYS D 543 22.06 34.76 -6.89
N SER D 544 21.13 34.51 -7.81
CA SER D 544 21.42 34.32 -9.22
C SER D 544 21.42 35.65 -9.99
N ARG D 545 21.91 35.59 -11.23
CA ARG D 545 21.88 36.76 -12.09
C ARG D 545 20.46 37.15 -12.46
N LEU D 546 19.57 36.15 -12.60
CA LEU D 546 18.19 36.43 -12.98
C LEU D 546 17.49 37.30 -11.95
N ALA D 547 17.86 37.19 -10.67
CA ALA D 547 17.26 38.03 -9.64
C ALA D 547 17.65 39.49 -9.83
N ALA D 548 18.89 39.74 -10.23
CA ALA D 548 19.31 41.12 -10.49
C ALA D 548 18.59 41.67 -11.73
N GLU D 549 18.37 40.81 -12.73
CA GLU D 549 17.60 41.22 -13.91
C GLU D 549 16.20 41.68 -13.52
N LEU D 550 15.53 40.95 -12.63
CA LEU D 550 14.20 41.33 -12.17
C LEU D 550 14.27 42.60 -11.31
N ARG D 551 15.28 42.71 -10.45
CA ARG D 551 15.37 43.88 -9.57
C ARG D 551 15.70 45.15 -10.31
N ASN D 552 16.17 45.05 -11.56
CA ASN D 552 16.36 46.20 -12.43
C ASN D 552 15.20 46.44 -13.36
N ALA D 553 14.16 45.61 -13.30
CA ALA D 553 13.00 45.74 -14.19
C ALA D 553 11.73 46.19 -13.49
N GLY D 554 11.64 46.06 -12.17
CA GLY D 554 10.47 46.55 -11.47
C GLY D 554 10.08 45.76 -10.24
N VAL D 555 10.76 44.62 -10.01
CA VAL D 555 10.42 43.70 -8.93
C VAL D 555 11.61 43.61 -8.00
N GLU D 556 11.50 44.21 -6.81
CA GLU D 556 12.55 44.18 -5.80
C GLU D 556 12.36 43.11 -4.74
N ASP D 557 11.12 42.88 -4.30
CA ASP D 557 10.81 41.84 -3.34
C ASP D 557 10.35 40.59 -4.09
N LEU D 558 11.24 39.59 -4.16
CA LEU D 558 10.94 38.33 -4.82
C LEU D 558 10.29 37.31 -3.91
N SER D 559 10.00 37.68 -2.66
CA SER D 559 9.40 36.73 -1.73
C SER D 559 7.97 36.38 -2.11
N ASN D 560 7.24 37.33 -2.69
CA ASN D 560 5.86 37.06 -3.07
C ASN D 560 5.82 36.66 -4.55
N PRO D 561 5.68 35.37 -4.85
CA PRO D 561 5.67 34.96 -6.26
C PRO D 561 4.48 35.50 -7.02
N PHE D 562 3.32 35.58 -6.36
CA PHE D 562 2.14 36.16 -6.99
C PHE D 562 2.38 37.62 -7.35
N GLU D 563 3.19 38.32 -6.56
CA GLU D 563 3.52 39.71 -6.85
C GLU D 563 4.61 39.82 -7.92
N VAL D 564 5.56 38.90 -7.94
CA VAL D 564 6.59 38.92 -8.97
C VAL D 564 5.98 38.65 -10.33
N VAL D 565 5.03 37.72 -10.40
CA VAL D 565 4.41 37.38 -11.69
C VAL D 565 3.44 38.47 -12.12
N ARG D 566 2.70 39.04 -11.16
CA ARG D 566 1.76 40.11 -11.49
C ARG D 566 2.50 41.38 -11.90
N GLN D 567 3.51 41.78 -11.12
CA GLN D 567 4.24 43.01 -11.41
C GLN D 567 5.09 42.93 -12.68
N LEU D 568 5.30 41.73 -13.22
CA LEU D 568 6.01 41.59 -14.49
C LEU D 568 5.07 41.75 -15.68
N GLU D 569 3.99 40.98 -15.72
CA GLU D 569 3.00 41.14 -16.79
C GLU D 569 2.32 42.50 -16.76
N SER D 570 2.49 43.27 -15.69
CA SER D 570 1.92 44.60 -15.62
C SER D 570 2.75 45.61 -16.41
N LEU D 571 4.07 45.59 -16.23
CA LEU D 571 4.94 46.52 -16.94
C LEU D 571 5.75 45.80 -18.02
N GLY D 572 5.07 44.99 -18.84
CA GLY D 572 5.71 44.32 -19.96
C GLY D 572 6.57 43.12 -19.57
N GLU D 573 7.87 43.22 -19.80
CA GLU D 573 8.86 42.24 -19.37
C GLU D 573 8.39 40.81 -19.64
N GLU D 574 7.95 40.57 -20.88
CA GLU D 574 7.61 39.21 -21.28
C GLU D 574 8.83 38.30 -21.22
N GLU D 575 10.02 38.87 -21.43
CA GLU D 575 11.24 38.07 -21.40
C GLU D 575 11.67 37.74 -19.98
N LEU D 576 11.61 38.73 -19.08
CA LEU D 576 11.87 38.44 -17.67
C LEU D 576 10.75 37.66 -17.02
N LEU D 577 9.58 37.57 -17.66
CA LEU D 577 8.51 36.70 -17.18
C LEU D 577 8.75 35.25 -17.61
N LYS D 578 9.22 35.05 -18.84
CA LYS D 578 9.56 33.71 -19.29
C LYS D 578 10.80 33.18 -18.57
N ALA D 579 11.72 34.07 -18.16
CA ALA D 579 12.90 33.63 -17.44
C ALA D 579 12.57 33.28 -15.99
N PHE D 580 11.70 34.07 -15.35
CA PHE D 580 11.28 33.75 -13.99
C PHE D 580 10.34 32.54 -13.96
N LYS D 581 9.40 32.47 -14.90
CA LYS D 581 8.56 31.28 -14.99
C LYS D 581 9.39 30.06 -15.40
N GLY D 582 10.34 30.24 -16.30
CA GLY D 582 11.24 29.15 -16.65
C GLY D 582 12.16 28.76 -15.53
N TYR D 583 12.57 29.72 -14.70
CA TYR D 583 13.44 29.40 -13.58
C TYR D 583 12.71 28.55 -12.55
N LEU D 584 11.47 28.92 -12.22
CA LEU D 584 10.70 28.17 -11.23
C LEU D 584 10.33 26.78 -11.72
N ARG D 585 10.29 26.56 -13.03
CA ARG D 585 10.08 25.21 -13.54
C ARG D 585 11.25 24.31 -13.18
N LYS D 586 12.47 24.74 -13.51
CA LYS D 586 13.65 23.94 -13.19
C LYS D 586 13.81 23.75 -11.69
N GLY D 587 13.46 24.77 -10.91
CA GLY D 587 13.60 24.65 -9.46
C GLY D 587 12.59 23.68 -8.87
N PHE D 588 11.32 23.79 -9.27
CA PHE D 588 10.28 22.91 -8.73
C PHE D 588 10.49 21.48 -9.20
N ALA D 589 10.68 21.28 -10.51
CA ALA D 589 10.91 19.93 -11.05
C ALA D 589 12.06 19.25 -10.33
N LYS D 590 13.14 19.99 -10.09
CA LYS D 590 14.20 19.55 -9.21
C LYS D 590 13.61 19.20 -7.85
N GLU D 591 13.01 20.20 -7.21
CA GLU D 591 12.60 20.08 -5.80
C GLU D 591 11.62 18.95 -5.55
N LEU D 592 10.99 18.40 -6.59
CA LEU D 592 10.00 17.35 -6.43
C LEU D 592 10.41 16.04 -7.10
N GLY D 593 11.62 15.97 -7.67
CA GLY D 593 12.11 14.72 -8.22
C GLY D 593 11.45 14.31 -9.51
N LEU D 594 11.00 15.26 -10.31
CA LEU D 594 10.39 14.96 -11.60
C LEU D 594 11.45 15.07 -12.71
N ASP D 595 11.41 14.11 -13.63
CA ASP D 595 12.25 14.16 -14.81
C ASP D 595 11.59 15.08 -15.84
N LEU D 596 12.23 16.22 -16.12
CA LEU D 596 11.59 17.27 -16.91
C LEU D 596 11.42 16.92 -18.39
N LYS D 597 12.04 15.84 -18.87
CA LYS D 597 11.89 15.46 -20.27
C LYS D 597 10.64 14.62 -20.51
N SER D 598 10.35 13.66 -19.62
CA SER D 598 9.15 12.83 -19.70
C SER D 598 7.91 13.71 -19.83
N GLU D 599 7.28 13.68 -21.01
CA GLU D 599 6.23 14.66 -21.31
C GLU D 599 4.98 14.46 -20.44
N GLU D 600 4.81 13.29 -19.85
CA GLU D 600 3.76 13.11 -18.85
C GLU D 600 4.24 13.46 -17.45
N ASP D 601 5.54 13.37 -17.20
CA ASP D 601 6.10 13.95 -16.00
C ASP D 601 6.17 15.47 -16.10
N ARG D 602 6.42 15.99 -17.31
CA ARG D 602 6.47 17.44 -17.51
C ARG D 602 5.10 18.07 -17.32
N ALA D 603 4.06 17.48 -17.92
CA ALA D 603 2.71 17.97 -17.75
C ALA D 603 2.27 17.94 -16.29
N ARG D 604 2.93 17.13 -15.46
CA ARG D 604 2.67 17.15 -14.03
C ARG D 604 3.27 18.39 -13.36
N LEU D 605 4.29 19.01 -13.97
CA LEU D 605 4.85 20.24 -13.42
C LEU D 605 3.83 21.37 -13.54
N ASN D 606 3.48 21.72 -14.78
CA ASN D 606 2.55 22.82 -15.03
C ASN D 606 1.22 22.60 -14.35
N GLN D 607 0.93 21.37 -13.92
CA GLN D 607 -0.27 21.07 -13.15
C GLN D 607 -0.11 21.49 -11.68
N TYR D 608 1.10 21.37 -11.13
CA TYR D 608 1.37 21.71 -9.73
C TYR D 608 1.76 23.17 -9.56
N LEU D 609 2.68 23.66 -10.40
CA LEU D 609 3.24 24.99 -10.21
C LEU D 609 2.29 26.09 -10.66
N PHE D 610 1.56 25.88 -11.77
CA PHE D 610 0.67 26.90 -12.31
C PHE D 610 -0.79 26.65 -11.92
N GLU D 611 -1.36 25.54 -12.38
CA GLU D 611 -2.78 25.27 -12.17
C GLU D 611 -3.13 25.24 -10.68
N GLY D 612 -2.19 24.79 -9.85
CA GLY D 612 -2.46 24.64 -8.43
C GLY D 612 -1.82 25.71 -7.56
N PHE D 613 -1.02 26.60 -8.15
CA PHE D 613 -0.31 27.60 -7.36
C PHE D 613 -0.32 28.98 -8.00
N LEU D 614 0.46 29.17 -9.07
CA LEU D 614 0.70 30.52 -9.57
C LEU D 614 -0.54 31.14 -10.19
N ASP D 615 -1.43 30.32 -10.76
CA ASP D 615 -2.64 30.87 -11.37
C ASP D 615 -3.52 31.58 -10.36
N TYR D 616 -3.42 31.22 -9.08
CA TYR D 616 -4.27 31.82 -8.06
C TYR D 616 -3.85 33.25 -7.69
N ARG D 617 -2.89 33.82 -8.42
CA ARG D 617 -2.54 35.21 -8.21
C ARG D 617 -3.70 36.13 -8.56
N LYS D 618 -4.71 35.62 -9.27
CA LYS D 618 -5.88 36.43 -9.63
C LYS D 618 -6.79 36.64 -8.44
N GLN D 619 -6.89 35.68 -7.53
CA GLN D 619 -7.77 35.79 -6.38
C GLN D 619 -7.09 36.38 -5.16
N PHE D 620 -5.82 36.05 -4.95
CA PHE D 620 -5.11 36.37 -3.71
C PHE D 620 -3.95 37.33 -3.97
N GLN D 621 -3.70 38.19 -2.99
CA GLN D 621 -2.60 39.15 -3.05
C GLN D 621 -1.30 38.57 -2.54
N ASP D 622 -1.35 37.78 -1.46
CA ASP D 622 -0.16 37.16 -0.89
C ASP D 622 -0.45 35.71 -0.53
N PRO D 623 0.24 34.75 -1.16
CA PRO D 623 -0.03 33.33 -0.84
C PRO D 623 0.43 32.91 0.54
N ARG D 624 1.26 33.70 1.20
CA ARG D 624 1.72 33.36 2.55
C ARG D 624 0.68 33.64 3.62
N ARG D 625 -0.41 34.32 3.27
CA ARG D 625 -1.43 34.70 4.24
C ARG D 625 -2.79 34.10 3.93
N VAL D 626 -2.90 33.23 2.94
CA VAL D 626 -4.17 32.60 2.60
C VAL D 626 -4.26 31.26 3.33
N TYR D 627 -5.35 31.06 4.06
CA TYR D 627 -5.54 29.89 4.89
C TYR D 627 -6.66 29.03 4.36
N LYS D 628 -6.54 27.72 4.57
CA LYS D 628 -7.62 26.79 4.29
C LYS D 628 -8.53 26.63 5.50
N LYS D 629 -7.95 26.36 6.66
CA LYS D 629 -8.64 26.50 7.94
C LYS D 629 -8.07 27.73 8.64
N LEU D 630 -8.92 28.70 8.92
CA LEU D 630 -8.46 29.92 9.56
C LEU D 630 -7.98 29.63 10.99
N PRO D 631 -6.95 30.31 11.46
CA PRO D 631 -6.37 29.97 12.76
C PRO D 631 -7.21 30.49 13.93
N LEU D 632 -6.82 30.05 15.12
CA LEU D 632 -7.39 30.53 16.39
C LEU D 632 -6.29 31.27 17.14
N MSE D 633 -6.43 32.59 17.25
CA MSE D 633 -5.43 33.41 17.92
C MSE D 633 -5.35 33.07 19.41
O MSE D 633 -6.38 32.87 20.06
CB MSE D 633 -5.74 34.90 17.73
CG MSE D 633 -5.84 35.32 16.27
SE MSE D 633 -4.25 34.82 15.25
CE MSE D 633 -4.76 35.54 13.51
N PRO D 634 -4.13 33.02 19.95
CA PRO D 634 -3.96 32.64 21.36
C PRO D 634 -4.65 33.57 22.34
N SER D 635 -4.95 34.80 21.95
CA SER D 635 -5.68 35.69 22.84
C SER D 635 -7.11 35.21 23.06
N ALA D 636 -7.73 34.61 22.05
CA ALA D 636 -9.07 34.09 22.21
C ALA D 636 -9.09 32.87 23.12
N ALA D 637 -8.12 31.97 22.96
CA ALA D 637 -8.01 30.82 23.86
C ALA D 637 -7.77 31.27 25.30
N LEU D 638 -6.89 32.27 25.49
CA LEU D 638 -6.74 32.90 26.79
C LEU D 638 -8.07 33.49 27.25
N ALA D 639 -8.73 34.23 26.35
CA ALA D 639 -9.97 34.92 26.73
C ALA D 639 -11.04 33.94 27.19
N ALA D 640 -11.06 32.73 26.62
CA ALA D 640 -12.08 31.76 26.98
C ALA D 640 -11.77 31.01 28.28
N SER D 641 -10.54 31.11 28.77
CA SER D 641 -10.17 30.52 30.05
C SER D 641 -10.33 31.49 31.22
N LEU D 642 -10.63 32.75 30.95
CA LEU D 642 -10.86 33.76 31.97
C LEU D 642 -12.33 33.87 32.39
N LEU D 643 -13.26 33.81 31.43
CA LEU D 643 -14.68 33.79 31.73
C LEU D 643 -15.17 32.38 31.43
N GLN D 644 -15.56 31.66 32.48
CA GLN D 644 -16.07 30.30 32.31
C GLN D 644 -17.59 30.29 32.12
N VAL D 645 -18.04 31.06 31.14
CA VAL D 645 -19.46 31.23 30.86
C VAL D 645 -19.82 30.40 29.63
N GLU D 646 -20.96 29.71 29.69
CA GLU D 646 -21.40 28.88 28.58
C GLU D 646 -22.92 28.79 28.59
N ALA D 647 -23.47 28.33 27.47
CA ALA D 647 -24.92 28.17 27.30
C ALA D 647 -25.24 26.68 27.25
N HIS D 648 -25.83 26.16 28.32
CA HIS D 648 -26.15 24.75 28.44
C HIS D 648 -27.48 24.43 27.78
N LYS D 649 -27.53 23.31 27.06
CA LYS D 649 -28.69 22.93 26.27
C LYS D 649 -29.54 21.89 27.00
N LYS D 650 -30.86 22.06 26.92
CA LYS D 650 -31.82 21.11 27.44
C LYS D 650 -33.15 21.37 26.75
N GLU D 651 -33.83 20.30 26.34
CA GLU D 651 -35.08 20.44 25.60
C GLU D 651 -36.25 20.73 26.54
N TYR D 652 -37.19 21.54 26.04
CA TYR D 652 -38.47 21.68 26.71
C TYR D 652 -39.19 20.34 26.75
N ASP D 653 -40.02 20.15 27.78
CA ASP D 653 -40.80 18.93 27.94
C ASP D 653 -41.71 18.74 26.73
N PRO D 654 -41.47 17.69 25.92
CA PRO D 654 -42.34 17.48 24.75
C PRO D 654 -43.74 17.04 25.11
N SER D 655 -43.92 16.34 26.24
CA SER D 655 -45.25 15.87 26.65
C SER D 655 -46.13 17.01 27.14
N ASP D 656 -45.56 18.00 27.81
CA ASP D 656 -46.34 19.14 28.31
C ASP D 656 -46.29 20.25 27.28
N PRO D 657 -47.42 20.63 26.67
CA PRO D 657 -47.40 21.72 25.68
C PRO D 657 -47.19 23.09 26.30
N VAL D 658 -47.50 23.25 27.59
CA VAL D 658 -47.30 24.52 28.27
C VAL D 658 -45.82 24.89 28.27
N ALA D 659 -44.94 23.89 28.46
CA ALA D 659 -43.52 24.17 28.66
C ALA D 659 -42.92 24.98 27.51
N LEU D 660 -43.31 24.67 26.27
CA LEU D 660 -42.79 25.40 25.13
C LEU D 660 -43.26 26.86 25.15
N ALA D 661 -44.56 27.06 25.37
CA ALA D 661 -45.11 28.40 25.39
C ALA D 661 -44.57 29.21 26.57
N ALA D 662 -44.53 28.59 27.76
CA ALA D 662 -44.02 29.28 28.94
C ALA D 662 -42.58 29.72 28.74
N GLY D 663 -41.79 28.95 28.00
CA GLY D 663 -40.43 29.37 27.71
C GLY D 663 -40.38 30.55 26.77
N GLN D 664 -41.26 30.59 25.78
CA GLN D 664 -41.24 31.70 24.83
C GLN D 664 -41.69 33.00 25.48
N LEU D 665 -42.53 32.92 26.52
CA LEU D 665 -42.90 34.12 27.27
C LEU D 665 -41.68 34.70 27.98
N THR D 666 -40.80 33.84 28.50
CA THR D 666 -39.56 34.27 29.12
C THR D 666 -38.58 34.92 28.14
N THR D 667 -38.97 35.07 26.87
CA THR D 667 -38.15 35.76 25.86
C THR D 667 -38.54 37.22 25.68
N SER D 668 -39.63 37.67 26.30
CA SER D 668 -40.21 38.99 26.08
C SER D 668 -39.44 40.13 26.76
N PHE D 669 -38.18 39.90 27.13
CA PHE D 669 -37.34 41.01 27.57
C PHE D 669 -35.96 40.98 26.91
N LEU D 670 -35.85 40.35 25.73
CA LEU D 670 -34.60 40.34 24.98
C LEU D 670 -34.11 41.74 24.64
N GLY D 671 -35.02 42.74 24.61
CA GLY D 671 -34.60 44.09 24.31
C GLY D 671 -33.76 44.71 25.41
N LEU D 672 -34.09 44.40 26.68
CA LEU D 672 -33.26 44.88 27.77
C LEU D 672 -31.90 44.21 27.77
N SER D 673 -31.84 42.94 27.39
CA SER D 673 -30.56 42.27 27.19
C SER D 673 -29.76 42.94 26.08
N GLU D 674 -30.45 43.50 25.09
CA GLU D 674 -29.77 44.20 24.01
C GLU D 674 -29.36 45.60 24.43
N LYS D 675 -30.25 46.33 25.10
CA LYS D 675 -29.88 47.64 25.64
C LYS D 675 -28.74 47.51 26.66
N LEU D 676 -28.65 46.39 27.36
CA LEU D 676 -27.51 46.18 28.25
C LEU D 676 -26.22 46.07 27.47
N ALA D 677 -26.26 45.40 26.32
CA ALA D 677 -25.07 45.28 25.47
C ALA D 677 -24.72 46.62 24.85
N GLN D 678 -25.71 47.36 24.35
CA GLN D 678 -25.44 48.63 23.70
C GLN D 678 -24.90 49.65 24.69
N ASP D 679 -25.54 49.78 25.85
CA ASP D 679 -25.08 50.71 26.87
C ASP D 679 -23.72 50.33 27.42
N LEU D 680 -23.28 49.08 27.23
CA LEU D 680 -22.02 48.64 27.81
C LEU D 680 -20.83 48.95 26.91
N GLU D 681 -20.97 48.76 25.60
CA GLU D 681 -19.81 48.87 24.71
C GLU D 681 -19.36 50.31 24.50
N THR D 682 -20.14 51.30 24.90
CA THR D 682 -19.68 52.68 24.78
C THR D 682 -18.56 52.98 25.78
N SER D 683 -18.38 52.13 26.79
CA SER D 683 -17.36 52.37 27.82
C SER D 683 -16.03 51.70 27.50
N ILE D 684 -16.07 50.49 26.93
CA ILE D 684 -14.83 49.76 26.70
C ILE D 684 -13.98 50.49 25.66
N ASP D 685 -12.69 50.61 25.96
CA ASP D 685 -11.75 51.29 25.07
C ASP D 685 -11.22 50.27 24.06
N PHE D 686 -11.91 50.16 22.93
CA PHE D 686 -11.47 49.27 21.87
C PHE D 686 -10.04 49.50 21.40
N PRO D 687 -9.50 50.74 21.37
CA PRO D 687 -8.07 50.91 21.10
C PRO D 687 -7.16 50.09 22.02
N LYS D 688 -7.28 50.28 23.34
CA LYS D 688 -6.46 49.51 24.26
C LYS D 688 -6.70 48.01 24.11
N LEU D 689 -7.97 47.61 23.93
CA LEU D 689 -8.30 46.21 23.73
C LEU D 689 -7.55 45.64 22.53
N ALA D 690 -7.63 46.32 21.38
CA ALA D 690 -7.01 45.80 20.16
C ALA D 690 -5.51 45.67 20.31
N GLU D 691 -4.87 46.67 20.93
CA GLU D 691 -3.42 46.62 21.11
C GLU D 691 -3.04 45.56 22.14
N ALA D 692 -3.75 45.51 23.27
CA ALA D 692 -3.45 44.50 24.28
C ALA D 692 -3.61 43.09 23.74
N ILE D 693 -4.47 42.92 22.73
CA ILE D 693 -4.57 41.64 22.05
C ILE D 693 -3.40 41.45 21.10
N ARG D 694 -3.25 42.37 20.14
CA ARG D 694 -2.16 42.27 19.16
C ARG D 694 -0.81 42.19 19.84
N ALA D 695 -0.70 42.71 21.07
CA ALA D 695 0.51 42.52 21.85
C ALA D 695 0.68 41.05 22.22
N TYR D 696 -0.33 40.46 22.84
CA TYR D 696 -0.19 39.08 23.32
C TYR D 696 0.00 38.11 22.18
N ASN D 697 -0.65 38.34 21.04
CA ASN D 697 -0.52 37.41 19.92
C ASN D 697 0.87 37.47 19.31
N GLN D 698 1.46 38.66 19.27
CA GLN D 698 2.83 38.79 18.78
C GLN D 698 3.81 38.08 19.69
N ALA D 699 3.78 38.41 20.99
CA ALA D 699 4.74 37.85 21.93
C ALA D 699 4.57 36.35 22.11
N TYR D 700 3.37 35.81 21.87
CA TYR D 700 3.18 34.37 21.99
C TYR D 700 3.90 33.64 20.88
N SER D 701 3.80 34.15 19.65
CA SER D 701 4.35 33.50 18.47
C SER D 701 5.87 33.39 18.56
N SER D 702 6.54 34.55 18.56
CA SER D 702 8.00 34.59 18.50
C SER D 702 8.51 35.66 19.46
N GLY D 703 8.13 35.52 20.74
CA GLY D 703 8.51 36.49 21.75
C GLY D 703 9.20 35.83 22.93
N ASN D 704 9.89 36.67 23.70
CA ASN D 704 10.63 36.21 24.86
C ASN D 704 9.68 35.81 25.99
N GLU D 705 10.25 35.11 26.98
CA GLU D 705 9.44 34.57 28.08
C GLU D 705 8.94 35.68 29.00
N GLU D 706 9.64 36.81 29.07
CA GLU D 706 9.19 37.89 29.94
C GLU D 706 7.85 38.46 29.51
N GLN D 707 7.56 38.46 28.22
CA GLN D 707 6.36 39.12 27.69
C GLN D 707 5.15 38.20 27.58
N VAL D 708 5.34 36.90 27.38
CA VAL D 708 4.24 35.95 27.45
C VAL D 708 3.61 35.95 28.85
N ALA D 709 4.31 36.51 29.83
CA ALA D 709 3.74 36.77 31.15
C ALA D 709 3.15 38.18 31.26
N LYS D 710 3.85 39.18 30.73
CA LYS D 710 3.39 40.56 30.89
C LYS D 710 2.18 40.84 30.00
N ALA D 711 2.26 40.49 28.71
CA ALA D 711 1.11 40.65 27.83
C ALA D 711 -0.07 39.82 28.30
N ARG D 712 0.19 38.68 28.94
CA ARG D 712 -0.88 37.95 29.60
C ARG D 712 -1.49 38.78 30.71
N ALA D 713 -0.65 39.30 31.61
CA ALA D 713 -1.16 40.07 32.74
C ALA D 713 -1.84 41.35 32.29
N GLU D 714 -1.43 41.91 31.13
CA GLU D 714 -2.08 43.12 30.63
C GLU D 714 -3.46 42.81 30.05
N LEU D 715 -3.52 41.84 29.12
CA LEU D 715 -4.79 41.48 28.52
C LEU D 715 -5.77 40.97 29.57
N VAL D 716 -5.26 40.28 30.61
CA VAL D 716 -6.12 39.75 31.65
C VAL D 716 -6.78 40.87 32.45
N LYS D 717 -6.05 41.96 32.69
CA LYS D 717 -6.58 43.08 33.46
C LYS D 717 -7.59 43.91 32.66
N VAL D 718 -7.54 43.85 31.33
CA VAL D 718 -8.60 44.49 30.57
C VAL D 718 -9.84 43.60 30.52
N LEU D 719 -9.66 42.29 30.66
CA LEU D 719 -10.76 41.34 30.55
C LEU D 719 -11.51 41.15 31.87
N ASN D 720 -10.81 41.17 32.99
CA ASN D 720 -11.47 41.13 34.29
C ASN D 720 -12.01 42.48 34.73
N ASP D 721 -11.82 43.51 33.92
CA ASP D 721 -12.39 44.81 34.21
C ASP D 721 -13.92 44.69 34.25
N PRO D 722 -14.60 45.42 35.14
CA PRO D 722 -16.04 45.21 35.29
C PRO D 722 -16.85 45.52 34.02
N THR D 723 -16.49 46.59 33.29
CA THR D 723 -17.26 46.97 32.10
C THR D 723 -17.04 46.00 30.94
N VAL D 724 -15.96 45.24 30.95
CA VAL D 724 -15.70 44.28 29.87
C VAL D 724 -16.36 42.93 30.14
N GLN D 725 -16.27 42.46 31.39
CA GLN D 725 -16.90 41.19 31.74
C GLN D 725 -18.41 41.24 31.53
N LYS D 726 -19.05 42.34 31.93
CA LYS D 726 -20.50 42.46 31.79
C LYS D 726 -20.94 42.69 30.36
N PHE D 727 -20.06 43.22 29.51
CA PHE D 727 -20.40 43.36 28.09
C PHE D 727 -20.43 42.00 27.41
N SER D 728 -19.39 41.19 27.61
CA SER D 728 -19.38 39.84 27.04
C SER D 728 -20.52 39.00 27.61
N LEU D 729 -20.83 39.18 28.89
CA LEU D 729 -21.94 38.45 29.48
C LEU D 729 -23.27 38.94 28.94
N SER D 730 -23.40 40.25 28.71
CA SER D 730 -24.61 40.77 28.07
C SER D 730 -24.80 40.16 26.69
N ASN D 731 -23.71 39.96 25.95
CA ASN D 731 -23.82 39.33 24.64
C ASN D 731 -24.23 37.87 24.75
N LEU D 732 -23.72 37.16 25.75
CA LEU D 732 -24.14 35.79 25.99
C LEU D 732 -25.63 35.73 26.35
N LEU D 733 -26.08 36.64 27.20
CA LEU D 733 -27.49 36.64 27.60
C LEU D 733 -28.40 36.91 26.42
N TYR D 734 -27.96 37.77 25.48
CA TYR D 734 -28.75 38.02 24.28
C TYR D 734 -28.94 36.74 23.48
N GLN D 735 -27.94 35.87 23.46
CA GLN D 735 -28.01 34.65 22.66
C GLN D 735 -28.82 33.57 23.37
N ILE D 736 -28.63 33.39 24.68
CA ILE D 736 -29.40 32.40 25.40
C ILE D 736 -30.88 32.74 25.36
N ILE D 737 -31.22 34.02 25.61
CA ILE D 737 -32.61 34.45 25.55
C ILE D 737 -33.19 34.19 24.16
N THR D 738 -32.41 34.50 23.12
CA THR D 738 -32.88 34.25 21.75
C THR D 738 -33.16 32.77 21.53
N ASP D 739 -32.30 31.90 22.04
CA ASP D 739 -32.45 30.46 21.83
C ASP D 739 -33.50 29.82 22.71
N ARG D 740 -33.86 30.47 23.82
CA ARG D 740 -34.89 29.93 24.70
C ARG D 740 -36.26 30.03 24.02
N LYS D 741 -36.31 30.63 22.85
CA LYS D 741 -37.44 30.55 21.95
C LYS D 741 -37.54 29.23 21.24
N LYS D 742 -36.68 28.28 21.60
CA LYS D 742 -36.68 26.94 21.04
C LYS D 742 -36.52 25.85 22.09
N ARG D 743 -35.62 26.03 23.06
CA ARG D 743 -35.31 24.99 24.04
C ARG D 743 -35.09 25.64 25.40
N ASP D 744 -34.95 24.79 26.42
CA ASP D 744 -34.80 25.23 27.81
C ASP D 744 -33.33 25.51 28.12
N TYR D 745 -32.82 26.56 27.48
CA TYR D 745 -31.43 26.93 27.62
C TYR D 745 -31.19 27.65 28.95
N SER D 746 -29.98 27.48 29.48
CA SER D 746 -29.59 28.07 30.74
C SER D 746 -28.19 28.66 30.61
N LEU D 747 -27.86 29.54 31.55
CA LEU D 747 -26.52 30.10 31.67
C LEU D 747 -25.75 29.33 32.74
N ARG D 748 -24.52 28.95 32.41
CA ARG D 748 -23.64 28.28 33.36
C ARG D 748 -22.37 29.09 33.52
N VAL D 749 -21.95 29.30 34.77
CA VAL D 749 -20.80 30.14 35.10
C VAL D 749 -19.98 29.45 36.17
N ARG D 750 -18.67 29.31 35.92
CA ARG D 750 -17.74 28.69 36.85
C ARG D 750 -16.87 29.79 37.46
N THR D 751 -16.91 29.93 38.78
CA THR D 751 -16.27 31.03 39.49
C THR D 751 -14.95 30.56 40.12
N GLU D 752 -14.32 31.47 40.86
CA GLU D 752 -13.06 31.15 41.54
C GLU D 752 -13.27 30.17 42.69
N SER D 753 -14.50 30.02 43.17
CA SER D 753 -14.81 29.03 44.19
C SER D 753 -14.65 27.60 43.69
N GLY D 754 -14.36 27.42 42.40
CA GLY D 754 -14.40 26.11 41.78
C GLY D 754 -15.79 25.63 41.42
N LYS D 755 -16.82 26.18 42.07
CA LYS D 755 -18.19 25.79 41.82
C LYS D 755 -18.66 26.33 40.46
N THR D 756 -19.82 25.86 40.03
CA THR D 756 -20.46 26.33 38.81
C THR D 756 -21.91 26.64 39.10
N TYR D 757 -22.37 27.82 38.67
CA TYR D 757 -23.74 28.27 38.91
C TYR D 757 -24.55 28.22 37.63
N GLU D 758 -25.82 27.80 37.75
CA GLU D 758 -26.73 27.67 36.63
C GLU D 758 -27.93 28.61 36.79
N TYR D 759 -28.31 29.27 35.71
CA TYR D 759 -29.33 30.32 35.74
C TYR D 759 -30.38 30.06 34.68
N ARG D 760 -31.64 29.94 35.11
CA ARG D 760 -32.80 30.04 34.22
C ARG D 760 -33.71 31.19 34.61
N ASN D 761 -33.26 32.06 35.52
CA ASN D 761 -33.95 33.30 35.85
C ASN D 761 -33.13 34.46 35.28
N LEU D 762 -33.11 34.55 33.94
CA LEU D 762 -32.23 35.49 33.26
C LEU D 762 -32.72 36.93 33.35
N TYR D 763 -33.93 37.17 33.84
CA TYR D 763 -34.32 38.55 34.08
C TYR D 763 -33.81 39.04 35.43
N ALA D 764 -33.81 38.16 36.43
CA ALA D 764 -33.14 38.47 37.69
C ALA D 764 -31.64 38.63 37.50
N VAL D 765 -31.05 37.84 36.59
CA VAL D 765 -29.64 38.02 36.23
C VAL D 765 -29.43 39.37 35.55
N LEU D 766 -30.33 39.74 34.64
CA LEU D 766 -30.19 40.99 33.90
C LEU D 766 -30.29 42.21 34.81
N ASN D 767 -31.14 42.14 35.85
CA ASN D 767 -31.21 43.22 36.83
C ASN D 767 -29.92 43.31 37.63
N ARG D 768 -29.44 42.17 38.14
CA ARG D 768 -28.21 42.16 38.94
C ARG D 768 -27.05 42.76 38.17
N LEU D 769 -26.93 42.43 36.87
CA LEU D 769 -25.92 43.06 36.04
C LEU D 769 -26.16 44.57 35.93
N MSE D 770 -27.43 44.98 35.89
CA MSE D 770 -27.78 46.36 35.66
C MSE D 770 -27.46 47.28 36.83
O MSE D 770 -26.95 48.38 36.64
CB MSE D 770 -29.27 46.46 35.31
CG MSE D 770 -29.57 47.31 34.09
SE MSE D 770 -31.41 47.06 33.48
CE MSE D 770 -32.34 47.34 35.16
N GLN D 771 -27.75 46.83 38.05
CA GLN D 771 -27.43 47.59 39.24
C GLN D 771 -26.15 47.12 39.93
N ASN D 772 -25.29 46.40 39.20
CA ASN D 772 -23.96 46.00 39.67
C ASN D 772 -24.04 45.24 40.99
N LEU D 773 -24.97 44.33 41.09
CA LEU D 773 -25.11 43.46 42.24
C LEU D 773 -24.48 42.10 41.93
N PRO D 774 -24.04 41.36 42.95
CA PRO D 774 -23.52 40.01 42.70
C PRO D 774 -24.61 39.11 42.17
N VAL D 775 -24.24 38.30 41.18
CA VAL D 775 -25.23 37.56 40.42
C VAL D 775 -25.51 36.18 41.00
N GLU D 776 -24.82 35.78 42.07
CA GLU D 776 -24.85 34.39 42.48
C GLU D 776 -26.15 34.00 43.19
N GLU D 777 -26.95 34.97 43.62
CA GLU D 777 -28.11 34.66 44.48
C GLU D 777 -29.38 34.35 43.69
N VAL D 778 -29.45 34.78 42.44
CA VAL D 778 -30.61 34.53 41.60
C VAL D 778 -30.44 33.24 40.83
N ALA D 779 -29.40 32.47 41.17
CA ALA D 779 -29.17 31.19 40.54
C ALA D 779 -30.26 30.19 40.89
N ASP D 780 -30.31 29.11 40.11
CA ASP D 780 -31.33 28.09 40.28
C ASP D 780 -30.79 26.78 40.85
N THR D 781 -29.55 26.41 40.53
CA THR D 781 -28.91 25.21 41.06
C THR D 781 -27.40 25.45 41.12
N VAL D 782 -26.74 24.83 42.09
CA VAL D 782 -25.31 24.99 42.31
C VAL D 782 -24.64 23.62 42.32
N TYR D 783 -23.45 23.54 41.73
CA TYR D 783 -22.70 22.30 41.61
C TYR D 783 -21.31 22.49 42.23
N ASP D 784 -20.78 21.42 42.82
CA ASP D 784 -19.51 21.47 43.54
C ASP D 784 -18.41 20.91 42.64
N ALA D 785 -17.99 21.75 41.69
CA ALA D 785 -16.93 21.41 40.74
C ALA D 785 -17.21 20.08 40.08
N SER D 786 -16.73 18.97 40.66
CA SER D 786 -17.05 17.65 40.15
C SER D 786 -18.43 17.20 40.64
N GLY D 787 -18.58 17.08 41.96
CA GLY D 787 -19.86 16.78 42.56
C GLY D 787 -20.94 17.74 42.13
N GLN D 788 -22.19 17.30 42.19
CA GLN D 788 -23.29 18.05 41.60
C GLN D 788 -24.45 18.16 42.58
N ALA D 789 -25.34 19.11 42.29
CA ALA D 789 -26.60 19.28 43.00
C ALA D 789 -26.40 19.51 44.50
N VAL D 790 -25.55 20.48 44.82
CA VAL D 790 -25.36 20.88 46.22
C VAL D 790 -26.54 21.71 46.70
N GLU D 791 -26.85 22.78 45.97
CA GLU D 791 -28.05 23.57 46.19
C GLU D 791 -28.97 23.40 44.99
N GLU D 792 -30.24 23.10 45.25
CA GLU D 792 -31.23 22.93 44.21
C GLU D 792 -32.38 23.91 44.52
N ARG D 793 -32.20 25.17 44.10
CA ARG D 793 -33.16 26.21 44.41
C ARG D 793 -34.39 26.16 43.54
N VAL D 794 -34.40 25.37 42.46
CA VAL D 794 -35.54 25.40 41.53
C VAL D 794 -36.84 24.98 42.21
N PRO D 795 -36.91 23.84 42.93
CA PRO D 795 -38.20 23.45 43.53
C PRO D 795 -38.74 24.45 44.55
N LEU D 796 -37.86 25.14 45.30
CA LEU D 796 -38.33 26.15 46.25
C LEU D 796 -39.00 27.32 45.53
N LYS D 797 -38.34 27.84 44.49
CA LYS D 797 -38.86 29.02 43.79
C LYS D 797 -40.24 28.76 43.19
N GLN D 798 -40.55 27.52 42.85
CA GLN D 798 -41.80 27.22 42.15
C GLN D 798 -43.00 27.34 43.08
N SER D 799 -43.00 26.56 44.17
CA SER D 799 -44.15 26.57 45.07
C SER D 799 -44.28 27.90 45.81
N ALA D 800 -43.16 28.59 46.06
CA ALA D 800 -43.25 29.92 46.65
C ALA D 800 -43.93 30.90 45.70
N THR D 801 -43.64 30.79 44.41
CA THR D 801 -44.35 31.60 43.42
C THR D 801 -45.84 31.24 43.40
N ARG D 802 -46.15 29.95 43.43
CA ARG D 802 -47.54 29.51 43.52
C ARG D 802 -48.20 29.93 44.82
N SER D 803 -47.43 30.20 45.86
CA SER D 803 -47.99 30.72 47.10
C SER D 803 -48.14 32.24 47.03
N LEU D 804 -47.11 32.91 46.48
CA LEU D 804 -47.16 34.36 46.33
C LEU D 804 -48.34 34.78 45.46
N VAL D 805 -48.59 34.05 44.38
CA VAL D 805 -49.66 34.43 43.45
C VAL D 805 -51.02 34.28 44.10
N LYS D 806 -51.24 33.18 44.82
CA LYS D 806 -52.47 33.03 45.58
C LYS D 806 -52.62 34.14 46.61
N GLY D 807 -51.51 34.51 47.26
CA GLY D 807 -51.51 35.63 48.19
C GLY D 807 -51.88 36.93 47.51
N LEU D 808 -51.14 37.28 46.45
CA LEU D 808 -51.41 38.51 45.71
C LEU D 808 -52.86 38.60 45.26
N LEU D 809 -53.48 37.47 44.95
CA LEU D 809 -54.81 37.49 44.33
C LEU D 809 -55.91 37.72 45.36
N ASP D 810 -55.99 36.87 46.39
CA ASP D 810 -57.05 37.04 47.37
C ASP D 810 -56.69 38.03 48.47
N LEU D 811 -55.45 38.56 48.46
CA LEU D 811 -55.20 39.82 49.15
C LEU D 811 -55.77 40.99 48.35
N ALA D 812 -55.68 40.91 47.02
CA ALA D 812 -56.33 41.87 46.11
C ALA D 812 -57.80 41.56 45.87
N SER D 813 -58.40 40.66 46.67
CA SER D 813 -59.84 40.45 46.63
C SER D 813 -60.45 40.40 48.04
N GLY D 814 -59.74 40.85 49.07
CA GLY D 814 -60.28 40.89 50.41
C GLY D 814 -60.20 39.59 51.17
MG MG E . -9.01 -32.26 17.45
MG MG F . 28.22 9.80 13.28
MG MG G . 17.19 -7.48 -45.96
MG MG H . -32.56 32.03 11.57
#